data_8F9M
#
_entry.id   8F9M
#
_cell.length_a   1.00
_cell.length_b   1.00
_cell.length_c   1.00
_cell.angle_alpha   90.00
_cell.angle_beta   90.00
_cell.angle_gamma   90.00
#
_symmetry.space_group_name_H-M   'P 1'
#
loop_
_entity.id
_entity.type
_entity.pdbx_description
1 polymer 'BG505_MD64_N332-GT5 gp120'
2 polymer 'RM20A3 Fab Heavy Chain'
3 polymer 'RM20A3 Fab Light Chain'
4 polymer 'BG505_MD64_N332-GT5 gp41'
5 polymer 'V3-glycan epitope polyclonal Fab heavy chain'
6 polymer 'V3-glycan epitope polyclonal Fab light chain'
7 branched 2-acetamido-2-deoxy-beta-D-glucopyranose-(1-4)-2-acetamido-2-deoxy-beta-D-glucopyranose
8 branched alpha-D-mannopyranose-(1-3)-beta-D-mannopyranose-(1-4)-2-acetamido-2-deoxy-beta-D-glucopyranose-(1-4)-2-acetamido-2-deoxy-beta-D-glucopyranose
9 non-polymer 2-acetamido-2-deoxy-beta-D-glucopyranose
#
loop_
_entity_poly.entity_id
_entity_poly.type
_entity_poly.pdbx_seq_one_letter_code
_entity_poly.pdbx_strand_id
1 'polypeptide(L)'
;AENLWVTVYYGVPVWKDAETTLFCASDAKAYETEKHNVWATHACVPTDPNPQEIHLENVTEEFNMWKNNMVEQMHEDIIS
LWDQSLKPCVKLTPLCVTLQCTNYAPKLRSMMRGEIKNCSFNMTTELRDKKQKVYSLFYRLDVVQINENQGNRSNNSNKE
YRLINCNTSAITQACPKVSFEPIPIHYCAPAGFAILKCKDKKFNGTGPCPSVSTVQCTHGIKPVVSTQLLLNGSLAEEEV
IIRSENITNNAKNILVQLNTPVQINCTRPSNNTVKSIRIGPGQAFYYFGDVLGHVRMAHCNISKATWNETLGKVVKQLRK
HFGNNTIIRFAQSSGGDLEVTTHSFNCGGEFFYCNTSGLFNSTWISNTSVQGSNSTGSNDSLILPCWIKQIINMWQRIGQ
AMYAPPIQGVIRCVSNITGLILTRDGGSTNSTTETFRPGGGDMRDNWRSELYKYKVVKIEPLGVAPTRCKRRVVGRRRRR
R
;
A,E,F
2 'polypeptide(L)'
;EVQLVETGGGLVQPGGSLKLSCRASGYTFSSFAMSWVRQAPGKGLEWVSLINDRGGLTFYVDSVKGRFTISRDNSKNTLS
LQMHSLRDGDTAVYYCATGGMSSALQSSKYYFDFWGQGALVTVSS
;
C,J,K
3 'polypeptide(L)'
;ALTQPPSVSGSPGQSVTISCTGTSSDIGSYNYVSWYQQHPGKAPKLMIYDVTQRPSGVSDRFSGSKSGNTASLTISGLQA
DDEADYYCSAYAGRQTFYIFGGGTRLTVLGQPKASPTVTLFPPSSEEL
;
D,M,N
4 'polypeptide(L)'
;AVGIGAVSLGFLGAAGSTMGAASMTLTVQARNLLSGIVQQQSNLLRAPEPQQHLLKDTHWGIKQLQARVLAVEHYLRDQQ
LLGIWGCSGKLICCTNVPWNSSWSNRNLSEIWDNMTWLQWDKEISNYTQIIYGLLEESQNQQEKNEQDLLALDGTKHHHH
HH
;
B,G,I
5 'polypeptide(L)'
;(UNK)(UNK)(UNK)(UNK)(UNK)(UNK)(UNK)(UNK)(UNK)(UNK)(UNK)(UNK)(UNK)(UNK)(UNK)(UNK)
(UNK)(UNK)(UNK)(UNK)(UNK)(UNK)(UNK)(UNK)(UNK)(UNK)(UNK)(UNK)(UNK)(UNK)(UNK)(UNK)
(UNK)(UNK)(UNK)(UNK)(UNK)(UNK)(UNK)(UNK)(UNK)(UNK)(UNK)(UNK)(UNK)(UNK)(UNK)(UNK)
(UNK)(UNK)(UNK)(UNK)(UNK)(UNK)(UNK)(UNK)(UNK)(UNK)(UNK)(UNK)(UNK)(UNK)(UNK)(UNK)
(UNK)(UNK)(UNK)(UNK)(UNK)(UNK)(UNK)(UNK)(UNK)(UNK)(UNK)(UNK)(UNK)(UNK)(UNK)(UNK)
(UNK)(UNK)(UNK)(UNK)(UNK)(UNK)(UNK)(UNK)(UNK)(UNK)(UNK)(UNK)(UNK)(UNK)(UNK)(UNK)
(UNK)(UNK)(UNK)(UNK)(UNK)(UNK)(UNK)(UNK)(UNK)(UNK)(UNK)(UNK)(UNK)(UNK)(UNK)(UNK)
(UNK)
;
H
6 'polypeptide(L)'
;(UNK)(UNK)(UNK)(UNK)(UNK)(UNK)(UNK)(UNK)(UNK)(UNK)(UNK)(UNK)(UNK)(UNK)(UNK)(UNK)
(UNK)(UNK)(UNK)(UNK)(UNK)(UNK)(UNK)(UNK)(UNK)(UNK)(UNK)(UNK)(UNK)(UNK)(UNK)(UNK)
(UNK)(UNK)(UNK)(UNK)(UNK)(UNK)(UNK)(UNK)(UNK)(UNK)(UNK)(UNK)(UNK)(UNK)(UNK)(UNK)
(UNK)(UNK)(UNK)(UNK)(UNK)(UNK)(UNK)(UNK)(UNK)(UNK)(UNK)(UNK)(UNK)(UNK)(UNK)(UNK)
(UNK)(UNK)(UNK)(UNK)(UNK)(UNK)(UNK)(UNK)(UNK)(UNK)(UNK)(UNK)(UNK)(UNK)(UNK)(UNK)
(UNK)(UNK)(UNK)(UNK)(UNK)(UNK)(UNK)(UNK)(UNK)(UNK)(UNK)(UNK)(UNK)(UNK)(UNK)(UNK)
(UNK)(UNK)(UNK)(UNK)(UNK)(UNK)(UNK)(UNK)(UNK)(UNK)(UNK)(UNK)(UNK)(UNK)
;
L
#
loop_
_chem_comp.id
_chem_comp.type
_chem_comp.name
_chem_comp.formula
BMA D-saccharide, beta linking beta-D-mannopyranose 'C6 H12 O6'
MAN D-saccharide, alpha linking alpha-D-mannopyranose 'C6 H12 O6'
NAG D-saccharide, beta linking 2-acetamido-2-deoxy-beta-D-glucopyranose 'C8 H15 N O6'
#
# COMPACT_ATOMS: atom_id res chain seq x y z
N ASN A 3 -17.59 -38.40 -1.80
CA ASN A 3 -16.30 -39.02 -1.53
C ASN A 3 -15.24 -37.94 -1.23
N LEU A 4 -14.69 -37.32 -2.27
CA LEU A 4 -13.70 -36.26 -2.09
C LEU A 4 -14.40 -34.92 -1.94
N TRP A 5 -13.83 -34.05 -1.11
CA TRP A 5 -14.40 -32.74 -0.82
C TRP A 5 -13.35 -31.66 -1.07
N VAL A 6 -13.82 -30.47 -1.41
CA VAL A 6 -12.94 -29.33 -1.67
C VAL A 6 -12.46 -28.75 -0.35
N THR A 7 -11.14 -28.61 -0.22
CA THR A 7 -10.51 -27.95 0.91
C THR A 7 -9.68 -26.78 0.39
N VAL A 8 -9.85 -25.63 1.04
CA VAL A 8 -9.19 -24.38 0.66
C VAL A 8 -7.93 -24.23 1.50
N TYR A 9 -6.82 -23.95 0.84
CA TYR A 9 -5.51 -23.77 1.45
C TYR A 9 -5.02 -22.36 1.18
N TYR A 10 -4.58 -21.67 2.23
CA TYR A 10 -4.06 -20.32 2.15
C TYR A 10 -2.57 -20.36 2.47
N GLY A 11 -1.77 -19.75 1.60
CA GLY A 11 -0.34 -19.84 1.67
C GLY A 11 0.23 -20.84 0.70
N VAL A 12 -0.50 -21.12 -0.37
CA VAL A 12 -0.13 -22.14 -1.36
C VAL A 12 1.07 -21.64 -2.17
N PRO A 13 2.12 -22.48 -2.37
CA PRO A 13 3.32 -22.03 -3.11
C PRO A 13 3.13 -22.01 -4.63
N VAL A 14 2.25 -21.12 -5.09
CA VAL A 14 1.95 -20.97 -6.51
C VAL A 14 2.13 -19.50 -6.86
N TRP A 15 2.63 -19.25 -8.07
CA TRP A 15 2.89 -17.90 -8.51
C TRP A 15 2.70 -17.78 -10.02
N LYS A 16 2.54 -16.53 -10.46
CA LYS A 16 2.49 -16.18 -11.86
C LYS A 16 3.23 -14.88 -12.05
N ASP A 17 3.86 -14.70 -13.20
CA ASP A 17 4.54 -13.43 -13.43
C ASP A 17 3.53 -12.31 -13.65
N ALA A 18 3.89 -11.12 -13.21
CA ALA A 18 3.07 -9.93 -13.39
C ALA A 18 3.95 -8.69 -13.26
N GLU A 19 3.50 -7.61 -13.88
CA GLU A 19 4.20 -6.33 -13.75
C GLU A 19 4.02 -5.78 -12.34
N THR A 20 5.10 -5.26 -11.76
CA THR A 20 5.01 -4.65 -10.43
C THR A 20 6.18 -3.69 -10.22
N THR A 21 5.95 -2.73 -9.32
CA THR A 21 6.99 -1.79 -8.90
C THR A 21 7.91 -2.45 -7.88
N LEU A 22 9.22 -2.31 -8.08
CA LEU A 22 10.21 -2.82 -7.15
C LEU A 22 10.80 -1.70 -6.30
N PHE A 23 11.23 -2.06 -5.10
CA PHE A 23 11.86 -1.12 -4.17
C PHE A 23 13.33 -0.93 -4.47
N CYS A 24 13.80 0.31 -4.28
CA CYS A 24 15.22 0.61 -4.29
C CYS A 24 15.80 0.23 -2.94
N ALA A 25 16.93 -0.49 -2.94
CA ALA A 25 17.67 -0.73 -1.71
C ALA A 25 19.16 -0.56 -1.97
N SER A 26 19.85 0.09 -1.04
CA SER A 26 21.29 0.31 -1.19
C SER A 26 21.88 0.59 0.19
N ASP A 27 23.00 -0.09 0.49
CA ASP A 27 23.75 0.01 1.74
C ASP A 27 22.94 0.37 3.00
N HIS A 36 28.74 13.23 -1.61
CA HIS A 36 27.39 13.07 -2.16
C HIS A 36 27.50 12.47 -3.56
N ASN A 37 26.57 11.56 -3.89
CA ASN A 37 26.58 10.83 -5.14
C ASN A 37 25.31 11.11 -5.94
N VAL A 38 25.46 11.13 -7.26
CA VAL A 38 24.32 11.42 -8.13
C VAL A 38 23.30 10.28 -8.09
N TRP A 39 23.76 9.04 -7.94
CA TRP A 39 22.85 7.91 -7.97
C TRP A 39 22.23 7.66 -6.60
N ALA A 40 22.93 8.00 -5.53
CA ALA A 40 22.40 7.83 -4.19
C ALA A 40 21.20 8.73 -3.98
N THR A 41 20.22 8.22 -3.26
CA THR A 41 19.02 9.00 -2.93
C THR A 41 18.51 8.57 -1.57
N HIS A 42 17.79 9.48 -0.91
CA HIS A 42 17.17 9.14 0.36
C HIS A 42 15.91 8.30 0.18
N ALA A 43 15.35 8.27 -1.03
CA ALA A 43 14.17 7.46 -1.32
C ALA A 43 14.60 6.05 -1.71
N CYS A 44 15.27 5.40 -0.76
CA CYS A 44 15.87 4.08 -0.99
C CYS A 44 16.20 3.52 0.38
N VAL A 45 15.86 2.26 0.61
CA VAL A 45 16.01 1.64 1.93
C VAL A 45 17.41 1.06 2.13
N PRO A 46 18.04 1.20 3.30
CA PRO A 46 19.30 0.48 3.53
C PRO A 46 19.12 -1.03 3.38
N THR A 47 20.18 -1.69 2.95
CA THR A 47 20.16 -3.13 2.71
C THR A 47 20.49 -3.89 3.98
N ASP A 48 20.15 -5.18 3.95
CA ASP A 48 20.54 -6.11 5.00
C ASP A 48 21.83 -6.78 4.52
N PRO A 49 23.00 -6.56 5.17
CA PRO A 49 24.25 -7.18 4.69
C PRO A 49 24.19 -8.69 4.52
N ASN A 50 23.28 -9.35 5.24
CA ASN A 50 23.15 -10.80 5.17
C ASN A 50 22.07 -11.13 4.13
N PRO A 51 22.41 -11.77 3.00
CA PRO A 51 21.36 -12.09 2.02
C PRO A 51 20.53 -13.28 2.49
N GLN A 52 19.32 -13.35 1.95
CA GLN A 52 18.45 -14.51 2.17
C GLN A 52 17.96 -15.01 0.82
N GLU A 53 18.27 -16.26 0.53
CA GLU A 53 17.84 -16.94 -0.68
C GLU A 53 17.65 -18.41 -0.34
N ILE A 54 16.78 -19.09 -1.07
CA ILE A 54 16.62 -20.53 -0.91
C ILE A 54 16.53 -21.21 -2.27
N HIS A 55 17.32 -22.26 -2.46
CA HIS A 55 17.28 -23.06 -3.68
C HIS A 55 15.97 -23.83 -3.77
N LEU A 56 15.36 -23.81 -4.95
CA LEU A 56 14.12 -24.55 -5.20
C LEU A 56 14.47 -25.83 -5.95
N GLU A 57 14.45 -26.96 -5.24
CA GLU A 57 14.74 -28.23 -5.88
C GLU A 57 13.55 -28.67 -6.72
N ASN A 58 13.82 -29.29 -7.86
CA ASN A 58 12.80 -29.86 -8.72
C ASN A 58 11.79 -28.81 -9.18
N VAL A 59 12.26 -27.61 -9.47
CA VAL A 59 11.45 -26.53 -10.02
C VAL A 59 12.09 -26.09 -11.33
N THR A 60 11.32 -26.13 -12.42
CA THR A 60 11.82 -25.85 -13.76
C THR A 60 11.09 -24.63 -14.34
N GLU A 61 11.44 -23.45 -13.87
CA GLU A 61 10.79 -22.22 -14.32
C GLU A 61 11.37 -21.77 -15.66
N GLU A 62 10.50 -21.28 -16.53
CA GLU A 62 10.91 -20.71 -17.82
C GLU A 62 11.13 -19.21 -17.69
N PHE A 63 12.28 -18.74 -18.15
CA PHE A 63 12.66 -17.33 -18.12
C PHE A 63 12.76 -16.77 -19.52
N ASN A 64 12.56 -15.45 -19.63
CA ASN A 64 12.74 -14.76 -20.91
C ASN A 64 13.29 -13.37 -20.59
N MET A 65 14.60 -13.18 -20.80
CA MET A 65 15.22 -11.91 -20.44
C MET A 65 14.73 -10.74 -21.29
N TRP A 66 14.14 -11.00 -22.46
CA TRP A 66 13.71 -9.93 -23.35
C TRP A 66 12.27 -9.49 -23.10
N LYS A 67 11.57 -10.13 -22.16
CA LYS A 67 10.21 -9.78 -21.78
C LYS A 67 10.15 -9.34 -20.33
N ASN A 68 11.32 -9.18 -19.68
CA ASN A 68 11.41 -8.87 -18.26
C ASN A 68 11.12 -7.40 -18.04
N ASN A 69 10.19 -7.10 -17.15
CA ASN A 69 9.83 -5.70 -16.90
C ASN A 69 10.79 -5.03 -15.94
N MET A 70 11.80 -5.74 -15.44
CA MET A 70 12.78 -5.12 -14.57
C MET A 70 13.70 -4.21 -15.34
N VAL A 71 13.86 -4.45 -16.65
CA VAL A 71 14.74 -3.63 -17.45
C VAL A 71 14.13 -2.25 -17.62
N GLU A 72 12.82 -2.20 -17.87
CA GLU A 72 12.14 -0.92 -18.03
C GLU A 72 12.18 -0.14 -16.72
N GLN A 73 12.02 -0.81 -15.59
CA GLN A 73 12.11 -0.11 -14.32
C GLN A 73 13.53 0.37 -14.05
N MET A 74 14.53 -0.43 -14.42
CA MET A 74 15.92 -0.01 -14.25
C MET A 74 16.18 1.26 -15.06
N HIS A 75 15.73 1.26 -16.32
CA HIS A 75 15.95 2.40 -17.20
C HIS A 75 15.23 3.63 -16.67
N GLU A 76 13.94 3.49 -16.34
CA GLU A 76 13.16 4.62 -15.86
C GLU A 76 13.72 5.16 -14.55
N ASP A 77 14.13 4.28 -13.64
CA ASP A 77 14.64 4.74 -12.37
C ASP A 77 15.97 5.44 -12.52
N ILE A 78 16.85 4.92 -13.38
CA ILE A 78 18.15 5.57 -13.58
C ILE A 78 17.98 6.94 -14.21
N ILE A 79 17.12 7.04 -15.23
CA ILE A 79 16.92 8.35 -15.85
C ILE A 79 16.26 9.31 -14.84
N SER A 80 15.35 8.79 -14.01
CA SER A 80 14.73 9.64 -12.99
C SER A 80 15.77 10.15 -12.01
N LEU A 81 16.66 9.28 -11.55
CA LEU A 81 17.70 9.70 -10.63
C LEU A 81 18.61 10.73 -11.27
N TRP A 82 18.97 10.52 -12.54
CA TRP A 82 19.82 11.47 -13.25
C TRP A 82 19.15 12.83 -13.33
N ASP A 83 17.90 12.86 -13.79
CA ASP A 83 17.22 14.13 -14.00
C ASP A 83 16.97 14.85 -12.68
N GLN A 84 16.55 14.12 -11.65
CA GLN A 84 16.24 14.73 -10.37
C GLN A 84 17.49 15.24 -9.68
N SER A 85 18.59 14.49 -9.78
CA SER A 85 19.81 14.87 -9.07
C SER A 85 20.42 16.15 -9.63
N LEU A 86 20.16 16.46 -10.90
CA LEU A 86 20.72 17.65 -11.54
C LEU A 86 19.72 18.81 -11.60
N LYS A 87 18.57 18.72 -10.93
CA LYS A 87 17.68 19.89 -10.89
C LYS A 87 18.28 21.03 -10.08
N PRO A 88 18.77 20.84 -8.84
CA PRO A 88 19.28 21.99 -8.08
C PRO A 88 20.71 22.36 -8.45
N CYS A 89 20.92 22.72 -9.71
CA CYS A 89 22.25 23.02 -10.24
C CYS A 89 22.12 24.24 -11.14
N VAL A 90 23.27 24.75 -11.59
CA VAL A 90 23.30 25.99 -12.35
C VAL A 90 22.96 25.70 -13.81
N LYS A 91 21.94 26.37 -14.33
CA LYS A 91 21.60 26.28 -15.74
C LYS A 91 22.44 27.28 -16.52
N LEU A 92 23.15 26.81 -17.55
CA LEU A 92 24.11 27.66 -18.26
C LEU A 92 23.45 28.40 -19.42
N THR A 93 22.50 29.26 -19.07
CA THR A 93 21.91 30.16 -20.06
C THR A 93 22.94 31.07 -20.72
N PRO A 94 23.83 31.77 -20.00
CA PRO A 94 24.74 32.71 -20.67
C PRO A 94 25.80 32.09 -21.56
N LEU A 95 25.88 30.77 -21.71
CA LEU A 95 26.87 30.19 -22.62
C LEU A 95 26.41 30.15 -24.06
N CYS A 96 25.13 30.34 -24.35
CA CYS A 96 24.66 30.33 -25.73
C CYS A 96 24.79 31.75 -26.28
N VAL A 97 26.04 32.09 -26.56
CA VAL A 97 26.48 33.42 -26.97
C VAL A 97 27.40 33.26 -28.18
N THR A 98 27.74 34.38 -28.80
CA THR A 98 28.71 34.33 -29.87
C THR A 98 30.08 34.10 -29.27
N LEU A 99 30.77 33.07 -29.75
CA LEU A 99 32.05 32.65 -29.23
C LEU A 99 33.14 32.96 -30.24
N GLN A 100 34.28 33.48 -29.79
CA GLN A 100 35.42 33.76 -30.65
C GLN A 100 36.57 32.84 -30.28
N CYS A 101 37.01 31.97 -31.20
CA CYS A 101 37.98 30.93 -30.86
C CYS A 101 39.20 30.97 -31.76
N THR A 102 40.31 30.53 -31.18
CA THR A 102 41.57 30.28 -31.89
C THR A 102 42.09 28.92 -31.45
N ASN A 103 43.25 28.53 -32.00
CA ASN A 103 43.87 27.25 -31.68
C ASN A 103 44.67 27.39 -30.38
N TYR A 104 44.30 26.60 -29.36
CA TYR A 104 45.00 26.64 -28.09
C TYR A 104 46.49 26.35 -28.25
N ALA A 105 46.85 25.38 -29.09
CA ALA A 105 48.22 24.93 -29.28
C ALA A 105 48.53 24.96 -30.78
N PRO A 106 49.02 26.09 -31.29
CA PRO A 106 49.27 26.17 -32.74
C PRO A 106 50.28 25.17 -33.29
N LYS A 107 51.19 24.61 -32.47
CA LYS A 107 52.20 23.67 -32.97
C LYS A 107 52.36 22.49 -32.02
N LEU A 108 51.93 21.32 -32.50
CA LEU A 108 52.02 20.04 -31.82
C LEU A 108 51.60 18.98 -32.82
N ARG A 109 52.18 17.79 -32.69
CA ARG A 109 51.91 16.67 -33.58
C ARG A 109 51.52 15.43 -32.80
N SER A 110 50.74 15.62 -31.73
CA SER A 110 50.31 14.55 -30.85
C SER A 110 48.89 14.09 -31.17
N MET A 111 48.39 14.45 -32.35
CA MET A 111 47.03 14.22 -32.84
C MET A 111 46.02 15.10 -32.12
N MET A 112 46.47 16.07 -31.32
CA MET A 112 45.62 17.06 -30.67
C MET A 112 45.63 18.41 -31.39
N ARG A 113 46.25 18.49 -32.57
CA ARG A 113 46.41 19.74 -33.30
C ARG A 113 45.06 20.18 -33.86
N GLY A 114 44.27 20.80 -32.98
CA GLY A 114 42.92 21.24 -33.27
C GLY A 114 41.86 20.60 -32.40
N GLU A 115 42.23 19.76 -31.43
CA GLU A 115 41.23 19.16 -30.54
C GLU A 115 40.77 20.14 -29.47
N ILE A 116 41.66 21.04 -29.03
CA ILE A 116 41.35 22.00 -27.98
C ILE A 116 41.44 23.39 -28.57
N LYS A 117 40.37 24.16 -28.42
CA LYS A 117 40.27 25.55 -28.86
C LYS A 117 40.34 26.46 -27.64
N ASN A 118 40.91 27.65 -27.85
CA ASN A 118 40.97 28.71 -26.86
C ASN A 118 39.96 29.77 -27.28
N CYS A 119 38.84 29.83 -26.56
CA CYS A 119 37.69 30.63 -26.92
C CYS A 119 37.44 31.73 -25.90
N SER A 120 36.81 32.82 -26.36
CA SER A 120 36.42 33.93 -25.51
C SER A 120 34.98 34.35 -25.78
N PHE A 121 34.33 34.92 -24.76
CA PHE A 121 32.95 35.34 -24.93
C PHE A 121 32.62 36.41 -23.90
N ASN A 122 31.52 37.14 -24.17
CA ASN A 122 31.12 38.27 -23.33
C ASN A 122 30.54 37.84 -21.98
N MET A 123 29.73 36.78 -21.96
CA MET A 123 29.21 36.22 -20.71
C MET A 123 28.34 37.28 -20.01
N THR A 124 27.98 37.06 -18.75
CA THR A 124 27.20 37.94 -17.90
C THR A 124 27.91 37.94 -16.55
N THR A 125 27.38 38.69 -15.58
CA THR A 125 28.02 38.76 -14.26
C THR A 125 26.95 38.83 -13.19
N GLU A 126 27.40 38.95 -11.93
CA GLU A 126 26.49 38.97 -10.80
C GLU A 126 25.47 40.09 -10.93
N LEU A 127 25.89 41.24 -11.46
CA LEU A 127 24.99 42.36 -11.71
C LEU A 127 24.66 42.39 -13.20
N ARG A 128 23.40 42.68 -13.51
CA ARG A 128 22.96 42.70 -14.90
C ARG A 128 23.62 43.81 -15.72
N ASP A 129 24.11 44.86 -15.07
CA ASP A 129 24.66 45.98 -15.81
C ASP A 129 26.09 45.72 -16.26
N LYS A 130 26.82 44.87 -15.55
CA LYS A 130 28.22 44.59 -15.84
C LYS A 130 28.35 43.29 -16.60
N LYS A 131 29.14 43.31 -17.67
CA LYS A 131 29.51 42.12 -18.42
C LYS A 131 31.00 41.89 -18.22
N GLN A 132 31.41 40.62 -18.23
CA GLN A 132 32.81 40.26 -18.04
C GLN A 132 33.27 39.37 -19.18
N LYS A 133 34.24 39.85 -19.95
CA LYS A 133 34.83 39.03 -21.00
C LYS A 133 35.64 37.93 -20.35
N VAL A 134 35.41 36.68 -20.76
CA VAL A 134 36.10 35.53 -20.18
C VAL A 134 36.66 34.66 -21.28
N TYR A 135 37.83 34.08 -21.02
CA TYR A 135 38.52 33.14 -21.88
C TYR A 135 38.51 31.77 -21.21
N SER A 136 38.31 30.74 -22.02
CA SER A 136 38.30 29.36 -21.52
C SER A 136 38.61 28.44 -22.69
N LEU A 137 38.93 27.19 -22.36
CA LEU A 137 39.23 26.18 -23.37
C LEU A 137 38.05 25.23 -23.56
N PHE A 138 37.82 24.84 -24.81
CA PHE A 138 36.78 23.90 -25.18
C PHE A 138 37.36 22.85 -26.12
N TYR A 139 36.70 21.70 -26.20
CA TYR A 139 37.08 20.67 -27.16
C TYR A 139 36.37 20.92 -28.48
N ARG A 140 37.00 20.48 -29.58
CA ARG A 140 36.41 20.67 -30.90
C ARG A 140 35.07 19.96 -31.07
N LEU A 141 34.76 19.01 -30.20
CA LEU A 141 33.50 18.28 -30.31
C LEU A 141 32.33 19.06 -29.71
N ASP A 142 32.60 20.06 -28.88
CA ASP A 142 31.57 20.87 -28.25
C ASP A 142 31.31 22.17 -28.99
N VAL A 143 32.35 22.73 -29.61
CA VAL A 143 32.29 24.02 -30.29
C VAL A 143 32.22 23.77 -31.79
N VAL A 144 31.22 24.35 -32.45
CA VAL A 144 31.03 24.21 -33.89
C VAL A 144 30.99 25.60 -34.52
N GLN A 145 31.53 25.71 -35.73
CA GLN A 145 31.56 26.99 -36.42
C GLN A 145 30.16 27.40 -36.84
N ILE A 146 29.84 28.69 -36.67
CA ILE A 146 28.52 29.18 -37.05
C ILE A 146 28.38 29.20 -38.57
N ASN A 147 29.42 29.64 -39.27
CA ASN A 147 29.48 29.73 -40.74
C ASN A 147 28.70 30.95 -41.22
N LYS A 159 37.94 32.58 -35.30
CA LYS A 159 36.67 32.71 -36.00
C LYS A 159 35.49 32.65 -35.02
N GLU A 160 34.28 32.85 -35.55
CA GLU A 160 33.08 32.81 -34.75
C GLU A 160 32.55 31.38 -34.68
N TYR A 161 32.15 30.99 -33.47
CA TYR A 161 31.66 29.66 -33.16
C TYR A 161 30.49 29.76 -32.20
N ARG A 162 29.74 28.66 -32.11
CA ARG A 162 28.68 28.49 -31.13
C ARG A 162 28.81 27.10 -30.53
N LEU A 163 28.16 26.90 -29.38
CA LEU A 163 28.11 25.57 -28.80
C LEU A 163 27.04 24.75 -29.52
N ILE A 164 27.31 23.45 -29.65
CA ILE A 164 26.39 22.57 -30.37
C ILE A 164 25.02 22.51 -29.71
N ASN A 165 24.97 22.64 -28.37
CA ASN A 165 23.68 22.53 -27.68
C ASN A 165 22.68 23.57 -28.15
N CYS A 166 23.15 24.72 -28.63
CA CYS A 166 22.24 25.77 -29.07
C CYS A 166 21.44 25.35 -30.30
N ASN A 167 21.83 24.25 -30.96
CA ASN A 167 21.09 23.78 -32.12
C ASN A 167 19.76 23.16 -31.75
N THR A 168 19.68 22.49 -30.60
CA THR A 168 18.47 21.77 -30.20
C THR A 168 17.99 21.97 -28.77
N SER A 169 18.83 22.38 -27.83
CA SER A 169 18.38 22.37 -26.44
C SER A 169 19.23 23.27 -25.55
N ALA A 170 18.68 23.58 -24.38
CA ALA A 170 19.44 24.25 -23.33
C ALA A 170 20.39 23.27 -22.68
N ILE A 171 21.48 23.80 -22.11
CA ILE A 171 22.49 22.99 -21.44
C ILE A 171 22.54 23.41 -19.98
N THR A 172 22.58 22.43 -19.08
CA THR A 172 22.62 22.63 -17.64
C THR A 172 23.94 22.11 -17.09
N GLN A 173 24.56 22.90 -16.20
CA GLN A 173 25.79 22.47 -15.54
C GLN A 173 25.45 21.51 -14.42
N ALA A 174 26.14 20.37 -14.38
CA ALA A 174 25.93 19.45 -13.27
C ALA A 174 26.56 20.04 -12.01
N CYS A 175 25.99 19.71 -10.87
CA CYS A 175 26.51 20.23 -9.62
C CYS A 175 27.94 19.70 -9.40
N PRO A 176 28.93 20.58 -9.14
CA PRO A 176 30.30 20.10 -8.99
C PRO A 176 30.54 19.24 -7.76
N LYS A 177 29.63 19.25 -6.79
CA LYS A 177 29.79 18.50 -5.55
C LYS A 177 29.05 17.17 -5.55
N VAL A 178 28.47 16.77 -6.68
CA VAL A 178 27.71 15.53 -6.78
C VAL A 178 28.53 14.58 -7.67
N SER A 179 28.96 13.47 -7.08
CA SER A 179 29.78 12.48 -7.78
C SER A 179 28.95 11.64 -8.74
N PHE A 180 29.62 11.16 -9.79
CA PHE A 180 29.04 10.26 -10.78
C PHE A 180 29.50 8.83 -10.58
N GLU A 181 30.21 8.53 -9.50
CA GLU A 181 30.73 7.19 -9.26
C GLU A 181 29.59 6.19 -9.13
N PRO A 182 29.55 5.10 -9.92
CA PRO A 182 28.43 4.17 -9.80
C PRO A 182 28.40 3.49 -8.45
N ILE A 183 27.21 3.38 -7.89
CA ILE A 183 26.96 2.69 -6.62
C ILE A 183 26.01 1.55 -6.92
N PRO A 184 26.32 0.30 -6.56
CA PRO A 184 25.41 -0.81 -6.88
C PRO A 184 24.03 -0.60 -6.26
N ILE A 185 23.00 -0.78 -7.08
CA ILE A 185 21.61 -0.61 -6.66
C ILE A 185 20.94 -1.98 -6.63
N HIS A 186 20.22 -2.25 -5.54
CA HIS A 186 19.50 -3.49 -5.35
C HIS A 186 18.02 -3.22 -5.60
N TYR A 187 17.34 -4.17 -6.23
CA TYR A 187 15.89 -4.12 -6.40
C TYR A 187 15.25 -5.21 -5.55
N CYS A 188 14.42 -4.77 -4.59
CA CYS A 188 13.78 -5.66 -3.63
C CYS A 188 12.32 -5.77 -3.99
N ALA A 189 11.80 -6.99 -4.00
CA ALA A 189 10.40 -7.17 -4.32
C ALA A 189 9.51 -6.68 -3.18
N PRO A 190 8.33 -6.13 -3.48
CA PRO A 190 7.40 -5.78 -2.40
C PRO A 190 6.82 -7.05 -1.81
N ALA A 191 6.26 -6.91 -0.60
CA ALA A 191 5.60 -8.05 0.03
C ALA A 191 4.52 -8.59 -0.89
N GLY A 192 4.46 -9.91 -1.02
CA GLY A 192 3.54 -10.56 -1.92
C GLY A 192 4.16 -10.96 -3.24
N PHE A 193 5.40 -10.52 -3.50
CA PHE A 193 6.14 -10.83 -4.72
C PHE A 193 7.50 -11.38 -4.33
N ALA A 194 8.12 -12.11 -5.26
CA ALA A 194 9.46 -12.64 -5.03
C ALA A 194 10.23 -12.64 -6.34
N ILE A 195 11.56 -12.73 -6.24
CA ILE A 195 12.43 -12.69 -7.40
C ILE A 195 13.08 -14.07 -7.55
N LEU A 196 13.02 -14.60 -8.76
CA LEU A 196 13.61 -15.88 -9.10
C LEU A 196 14.92 -15.64 -9.82
N LYS A 197 15.97 -16.35 -9.39
CA LYS A 197 17.29 -16.30 -9.99
C LYS A 197 17.56 -17.66 -10.62
N CYS A 198 17.91 -17.69 -11.91
CA CYS A 198 18.18 -18.96 -12.56
C CYS A 198 19.37 -19.67 -11.91
N LYS A 199 20.48 -18.96 -11.73
CA LYS A 199 21.73 -19.57 -11.26
C LYS A 199 22.06 -20.81 -12.08
N ASP A 200 21.83 -20.72 -13.39
CA ASP A 200 21.91 -21.85 -14.31
C ASP A 200 23.03 -21.61 -15.30
N LYS A 201 24.10 -22.37 -15.15
CA LYS A 201 25.26 -22.22 -16.02
C LYS A 201 24.88 -22.51 -17.46
N LYS A 202 25.39 -21.68 -18.37
CA LYS A 202 25.16 -21.75 -19.81
C LYS A 202 23.74 -21.35 -20.21
N PHE A 203 22.99 -20.69 -19.33
CA PHE A 203 21.66 -20.22 -19.70
C PHE A 203 21.77 -19.12 -20.75
N ASN A 204 21.05 -19.28 -21.86
CA ASN A 204 21.14 -18.36 -22.98
C ASN A 204 20.15 -17.21 -22.91
N GLY A 205 19.49 -17.00 -21.77
CA GLY A 205 18.57 -15.91 -21.60
C GLY A 205 17.11 -16.22 -21.86
N THR A 206 16.79 -17.40 -22.41
CA THR A 206 15.42 -17.78 -22.68
C THR A 206 15.24 -19.27 -22.43
N GLY A 207 14.00 -19.66 -22.12
CA GLY A 207 13.67 -21.04 -21.88
C GLY A 207 13.87 -21.49 -20.44
N PRO A 208 13.68 -22.79 -20.21
CA PRO A 208 13.88 -23.32 -18.85
C PRO A 208 15.31 -23.14 -18.37
N CYS A 209 15.44 -22.92 -17.06
CA CYS A 209 16.73 -22.79 -16.39
C CYS A 209 16.66 -23.57 -15.07
N PRO A 210 16.62 -24.91 -15.14
CA PRO A 210 16.16 -25.69 -13.98
C PRO A 210 17.16 -25.78 -12.82
N SER A 211 17.54 -24.59 -12.31
CA SER A 211 18.37 -24.42 -11.14
C SER A 211 17.84 -23.29 -10.28
N VAL A 212 16.63 -22.80 -10.56
CA VAL A 212 16.07 -21.60 -9.96
C VAL A 212 16.07 -21.64 -8.44
N SER A 213 16.48 -20.53 -7.86
CA SER A 213 16.41 -20.26 -6.43
C SER A 213 15.61 -18.97 -6.25
N THR A 214 15.00 -18.81 -5.07
CA THR A 214 14.27 -17.58 -4.78
C THR A 214 15.14 -16.65 -3.96
N VAL A 215 14.86 -15.36 -4.10
CA VAL A 215 15.47 -14.30 -3.30
C VAL A 215 14.43 -13.21 -3.10
N GLN A 216 14.45 -12.57 -1.92
CA GLN A 216 13.59 -11.43 -1.70
C GLN A 216 14.09 -10.20 -2.45
N CYS A 217 15.42 -10.03 -2.57
CA CYS A 217 16.00 -8.85 -3.17
C CYS A 217 17.25 -9.24 -3.95
N THR A 218 17.46 -8.58 -5.09
CA THR A 218 18.58 -8.91 -5.96
C THR A 218 19.89 -8.42 -5.36
N HIS A 219 21.00 -8.88 -5.95
CA HIS A 219 22.27 -8.30 -5.57
C HIS A 219 22.37 -6.95 -6.26
N GLY A 220 23.45 -6.22 -5.97
CA GLY A 220 23.56 -4.88 -6.51
C GLY A 220 23.98 -4.90 -7.97
N ILE A 221 23.40 -3.98 -8.73
CA ILE A 221 23.73 -3.76 -10.13
C ILE A 221 24.37 -2.39 -10.23
N LYS A 222 25.56 -2.33 -10.79
CA LYS A 222 26.21 -1.03 -10.89
C LYS A 222 25.63 -0.27 -12.08
N PRO A 223 25.12 0.98 -11.89
CA PRO A 223 24.55 1.69 -13.05
C PRO A 223 25.65 2.31 -13.92
N VAL A 224 26.46 1.45 -14.52
CA VAL A 224 27.58 1.90 -15.36
C VAL A 224 27.04 2.17 -16.75
N VAL A 225 27.35 3.35 -17.28
CA VAL A 225 26.89 3.76 -18.60
C VAL A 225 28.05 3.64 -19.57
N SER A 226 27.88 2.79 -20.58
CA SER A 226 28.89 2.61 -21.61
C SER A 226 28.19 2.09 -22.86
N THR A 227 28.90 2.17 -23.98
CA THR A 227 28.45 1.63 -25.25
C THR A 227 29.48 0.64 -25.78
N GLN A 228 28.99 -0.32 -26.56
CA GLN A 228 29.79 -1.30 -27.30
C GLN A 228 30.50 -2.33 -26.43
N LEU A 229 31.16 -1.90 -25.35
CA LEU A 229 31.81 -2.79 -24.40
C LEU A 229 31.13 -2.70 -23.05
N LEU A 230 30.76 -3.83 -22.48
CA LEU A 230 30.08 -3.87 -21.19
C LEU A 230 31.13 -3.87 -20.09
N LEU A 231 31.11 -2.86 -19.23
CA LEU A 231 32.12 -2.68 -18.19
C LEU A 231 31.55 -2.95 -16.80
N ASN A 232 32.42 -3.47 -15.92
CA ASN A 232 32.11 -3.63 -14.49
C ASN A 232 30.81 -4.40 -14.27
N GLY A 233 30.57 -5.42 -15.10
CA GLY A 233 29.40 -6.26 -14.99
C GLY A 233 29.70 -7.63 -14.41
N SER A 234 28.81 -8.57 -14.70
CA SER A 234 28.97 -9.95 -14.26
C SER A 234 29.67 -10.78 -15.32
N LEU A 235 30.29 -11.87 -14.88
CA LEU A 235 30.94 -12.82 -15.77
C LEU A 235 30.15 -14.13 -15.81
N ALA A 236 30.30 -14.85 -16.92
CA ALA A 236 29.73 -16.19 -17.08
C ALA A 236 30.81 -17.20 -16.72
N GLU A 237 30.69 -17.82 -15.55
CA GLU A 237 31.75 -18.70 -15.05
C GLU A 237 31.93 -19.94 -15.92
N GLU A 238 30.85 -20.52 -16.42
CA GLU A 238 30.96 -21.80 -17.12
C GLU A 238 31.52 -21.64 -18.52
N GLU A 239 30.99 -20.68 -19.29
CA GLU A 239 31.45 -20.47 -20.65
C GLU A 239 31.01 -19.07 -21.07
N VAL A 240 31.58 -18.61 -22.19
CA VAL A 240 31.10 -17.37 -22.79
C VAL A 240 29.68 -17.62 -23.27
N ILE A 241 28.77 -16.68 -23.00
CA ILE A 241 27.35 -16.87 -23.34
C ILE A 241 26.92 -15.78 -24.31
N ILE A 242 26.31 -16.20 -25.42
CA ILE A 242 25.82 -15.31 -26.47
C ILE A 242 24.30 -15.20 -26.35
N ARG A 243 23.82 -13.98 -26.12
CA ARG A 243 22.40 -13.68 -25.94
C ARG A 243 21.90 -12.95 -27.18
N SER A 244 20.76 -13.39 -27.71
CA SER A 244 20.10 -12.63 -28.76
C SER A 244 18.64 -13.01 -28.79
N GLU A 245 17.78 -12.00 -29.00
CA GLU A 245 16.35 -12.28 -29.17
C GLU A 245 16.12 -13.18 -30.38
N ASN A 246 16.85 -12.96 -31.47
CA ASN A 246 16.70 -13.77 -32.68
C ASN A 246 18.03 -13.79 -33.42
N ILE A 247 18.74 -14.91 -33.31
CA ILE A 247 20.04 -15.06 -33.98
C ILE A 247 19.86 -14.93 -35.49
N THR A 248 18.77 -15.50 -36.01
CA THR A 248 18.50 -15.44 -37.45
C THR A 248 18.38 -14.00 -37.94
N ASN A 249 17.78 -13.12 -37.15
CA ASN A 249 17.56 -11.74 -37.55
C ASN A 249 18.80 -10.94 -37.18
N ASN A 250 19.56 -10.53 -38.20
CA ASN A 250 20.84 -9.87 -37.99
C ASN A 250 20.70 -8.51 -37.32
N ALA A 251 19.51 -7.91 -37.36
CA ALA A 251 19.30 -6.58 -36.80
C ALA A 251 19.18 -6.57 -35.29
N LYS A 252 19.04 -7.73 -34.65
CA LYS A 252 18.96 -7.78 -33.19
C LYS A 252 20.34 -7.64 -32.60
N ASN A 253 20.42 -7.00 -31.43
CA ASN A 253 21.69 -6.84 -30.75
C ASN A 253 22.10 -8.14 -30.08
N ILE A 254 23.39 -8.46 -30.21
CA ILE A 254 23.98 -9.67 -29.64
C ILE A 254 24.79 -9.25 -28.41
N LEU A 255 24.45 -9.81 -27.25
CA LEU A 255 25.12 -9.50 -25.99
C LEU A 255 25.97 -10.70 -25.59
N VAL A 256 27.26 -10.49 -25.37
CA VAL A 256 28.20 -11.57 -25.09
C VAL A 256 28.77 -11.38 -23.69
N GLN A 257 28.58 -12.36 -22.82
CA GLN A 257 29.14 -12.35 -21.46
C GLN A 257 30.37 -13.25 -21.44
N LEU A 258 31.46 -12.74 -20.87
CA LEU A 258 32.76 -13.41 -20.85
C LEU A 258 33.03 -14.19 -19.57
N ASN A 259 34.00 -15.11 -19.67
CA ASN A 259 34.47 -15.88 -18.52
C ASN A 259 35.50 -15.15 -17.67
N THR A 260 36.34 -14.36 -18.31
CA THR A 260 37.34 -13.55 -17.63
C THR A 260 37.18 -12.13 -18.11
N PRO A 261 37.59 -11.13 -17.32
CA PRO A 261 37.40 -9.76 -17.75
C PRO A 261 38.65 -9.20 -18.39
N VAL A 262 38.51 -8.30 -19.37
CA VAL A 262 39.70 -7.66 -19.93
C VAL A 262 40.06 -6.49 -19.03
N GLN A 263 41.36 -6.20 -18.93
CA GLN A 263 41.86 -5.17 -18.03
C GLN A 263 42.19 -3.97 -18.89
N ILE A 264 41.20 -3.09 -19.03
CA ILE A 264 41.31 -1.87 -19.82
C ILE A 264 41.88 -0.76 -18.96
N ASN A 265 42.90 -0.07 -19.47
CA ASN A 265 43.52 1.02 -18.73
C ASN A 265 43.32 2.27 -19.57
N CYS A 266 42.67 3.28 -19.02
CA CYS A 266 42.29 4.46 -19.79
C CYS A 266 42.75 5.70 -19.05
N THR A 267 43.15 6.72 -19.81
CA THR A 267 43.62 7.94 -19.18
C THR A 267 43.40 9.16 -20.05
N ARG A 268 43.35 10.30 -19.35
CA ARG A 268 43.34 11.66 -19.87
C ARG A 268 44.67 12.21 -19.37
N PRO A 269 45.75 12.10 -20.16
CA PRO A 269 47.09 12.43 -19.64
C PRO A 269 47.31 13.90 -19.36
N SER A 270 46.44 14.79 -19.83
CA SER A 270 46.65 16.22 -19.66
C SER A 270 46.31 16.64 -18.23
N ASN A 271 47.22 17.38 -17.60
CA ASN A 271 47.04 17.85 -16.24
C ASN A 271 46.18 19.11 -16.28
N ASN A 272 44.90 18.89 -16.58
CA ASN A 272 43.96 19.99 -16.74
C ASN A 272 43.67 20.63 -15.40
N THR A 273 43.58 21.96 -15.40
CA THR A 273 43.20 22.68 -14.19
C THR A 273 41.72 23.04 -14.27
N VAL A 274 41.22 23.57 -13.16
CA VAL A 274 39.82 23.93 -13.01
C VAL A 274 39.77 25.37 -12.53
N LYS A 275 38.98 26.19 -13.20
CA LYS A 275 38.79 27.58 -12.80
C LYS A 275 37.31 27.79 -12.57
N SER A 276 36.98 28.80 -11.77
CA SER A 276 35.57 29.08 -11.53
C SER A 276 35.36 30.58 -11.35
N ILE A 277 34.15 30.99 -11.70
CA ILE A 277 33.70 32.37 -11.61
C ILE A 277 32.28 32.43 -11.06
N ARG A 278 31.91 33.59 -10.54
CA ARG A 278 30.53 33.88 -10.20
C ARG A 278 29.87 34.46 -11.45
N ILE A 279 28.66 34.00 -11.76
CA ILE A 279 27.94 34.44 -12.95
C ILE A 279 26.59 35.07 -12.64
N GLY A 280 26.09 35.00 -11.42
CA GLY A 280 24.79 35.54 -11.12
C GLY A 280 24.47 35.50 -9.63
N PRO A 281 23.23 35.85 -9.30
CA PRO A 281 22.86 35.94 -7.88
C PRO A 281 22.73 34.56 -7.25
N GLY A 282 23.87 33.95 -6.95
CA GLY A 282 23.91 32.58 -6.45
C GLY A 282 24.21 31.54 -7.51
N GLN A 283 24.85 31.94 -8.60
CA GLN A 283 25.20 31.04 -9.70
C GLN A 283 26.69 31.17 -9.98
N ALA A 284 27.32 30.07 -10.33
CA ALA A 284 28.74 30.07 -10.64
C ALA A 284 29.00 29.11 -11.80
N PHE A 285 30.03 29.44 -12.58
CA PHE A 285 30.43 28.66 -13.75
C PHE A 285 31.86 28.17 -13.61
N TYR A 286 32.06 26.88 -13.88
CA TYR A 286 33.35 26.22 -13.83
C TYR A 286 33.82 25.94 -15.25
N TYR A 287 35.12 26.11 -15.51
CA TYR A 287 35.64 25.89 -16.84
C TYR A 287 37.07 25.37 -16.81
N PHE A 288 37.45 24.85 -17.99
CA PHE A 288 38.77 24.27 -18.25
C PHE A 288 39.78 25.39 -18.47
N GLY A 289 40.79 25.44 -17.61
CA GLY A 289 41.83 26.45 -17.69
C GLY A 289 43.00 25.95 -18.50
N ASP A 290 44.16 26.58 -18.30
CA ASP A 290 45.33 26.22 -19.08
C ASP A 290 45.80 24.80 -18.73
N VAL A 291 46.51 24.19 -19.67
CA VAL A 291 47.07 22.87 -19.47
C VAL A 291 48.41 23.01 -18.77
N LEU A 292 48.56 22.33 -17.63
CA LEU A 292 49.77 22.42 -16.82
C LEU A 292 50.77 21.33 -17.24
N GLY A 293 51.21 21.43 -18.49
CA GLY A 293 52.11 20.44 -19.07
C GLY A 293 51.84 20.31 -20.55
N HIS A 294 52.35 19.22 -21.12
CA HIS A 294 52.17 18.99 -22.55
C HIS A 294 50.75 18.51 -22.81
N VAL A 295 50.25 18.80 -24.01
CA VAL A 295 48.93 18.35 -24.42
C VAL A 295 49.09 17.01 -25.11
N ARG A 296 48.38 16.00 -24.61
CA ARG A 296 48.38 14.65 -25.15
C ARG A 296 46.94 14.19 -25.27
N MET A 297 46.71 13.23 -26.16
CA MET A 297 45.37 12.72 -26.36
C MET A 297 45.05 11.62 -25.36
N ALA A 298 43.78 11.60 -24.91
CA ALA A 298 43.32 10.53 -24.04
C ALA A 298 43.39 9.21 -24.80
N HIS A 299 43.67 8.13 -24.09
CA HIS A 299 43.80 6.85 -24.78
C HIS A 299 43.54 5.70 -23.83
N CYS A 300 43.31 4.53 -24.42
CA CYS A 300 43.08 3.30 -23.67
C CYS A 300 43.95 2.15 -24.15
N ASN A 301 44.54 1.44 -23.19
CA ASN A 301 45.43 0.31 -23.41
C ASN A 301 44.71 -0.99 -23.13
N ILE A 302 44.70 -1.87 -24.13
CA ILE A 302 44.07 -3.19 -24.07
C ILE A 302 45.18 -4.22 -24.31
N SER A 303 45.37 -5.13 -23.37
CA SER A 303 46.40 -6.15 -23.56
C SER A 303 46.07 -7.01 -24.77
N LYS A 304 47.06 -7.25 -25.63
CA LYS A 304 46.81 -7.97 -26.88
C LYS A 304 46.49 -9.44 -26.65
N ALA A 305 47.24 -10.11 -25.77
CA ALA A 305 47.05 -11.55 -25.61
C ALA A 305 45.68 -11.89 -25.05
N THR A 306 45.21 -11.13 -24.07
CA THR A 306 43.92 -11.46 -23.46
C THR A 306 42.80 -11.13 -24.42
N TRP A 307 42.97 -10.07 -25.21
CA TRP A 307 41.96 -9.72 -26.20
C TRP A 307 41.88 -10.81 -27.27
N ASN A 308 43.04 -11.32 -27.69
CA ASN A 308 43.05 -12.38 -28.69
C ASN A 308 42.39 -13.64 -28.16
N GLU A 309 42.63 -13.97 -26.89
CA GLU A 309 41.97 -15.15 -26.32
C GLU A 309 40.46 -14.93 -26.24
N THR A 310 40.05 -13.73 -25.84
CA THR A 310 38.63 -13.41 -25.73
C THR A 310 37.96 -13.54 -27.10
N LEU A 311 38.61 -12.99 -28.12
CA LEU A 311 38.05 -13.08 -29.47
C LEU A 311 38.02 -14.53 -29.92
N GLY A 312 39.06 -15.31 -29.61
CA GLY A 312 39.05 -16.71 -30.01
C GLY A 312 37.86 -17.46 -29.44
N LYS A 313 37.55 -17.22 -28.16
CA LYS A 313 36.41 -17.90 -27.56
C LYS A 313 35.09 -17.43 -28.16
N VAL A 314 34.97 -16.12 -28.37
CA VAL A 314 33.73 -15.58 -28.95
C VAL A 314 33.55 -16.13 -30.35
N VAL A 315 34.63 -16.17 -31.12
CA VAL A 315 34.57 -16.68 -32.49
C VAL A 315 34.18 -18.15 -32.50
N LYS A 316 34.76 -18.96 -31.60
CA LYS A 316 34.38 -20.37 -31.55
C LYS A 316 32.88 -20.52 -31.29
N GLN A 317 32.32 -19.71 -30.39
CA GLN A 317 30.89 -19.83 -30.13
C GLN A 317 30.07 -19.29 -31.30
N LEU A 318 30.53 -18.22 -31.94
CA LEU A 318 29.83 -17.71 -33.10
C LEU A 318 29.82 -18.75 -34.22
N ARG A 319 30.91 -19.49 -34.37
CA ARG A 319 30.93 -20.57 -35.35
C ARG A 319 29.98 -21.69 -34.94
N LYS A 320 29.94 -21.99 -33.65
CA LYS A 320 28.99 -22.99 -33.15
C LYS A 320 27.57 -22.62 -33.54
N HIS A 321 27.22 -21.35 -33.45
CA HIS A 321 25.89 -20.91 -33.83
C HIS A 321 25.70 -20.84 -35.34
N PHE A 322 26.72 -20.41 -36.09
CA PHE A 322 26.63 -20.16 -37.53
C PHE A 322 27.36 -21.19 -38.39
N GLY A 323 27.91 -22.24 -37.80
CA GLY A 323 28.57 -23.30 -38.58
C GLY A 323 30.07 -23.33 -38.41
N ASN A 324 30.62 -24.54 -38.32
CA ASN A 324 32.05 -24.73 -38.11
C ASN A 324 32.88 -24.22 -39.29
N ASN A 325 32.31 -24.21 -40.50
CA ASN A 325 33.03 -23.85 -41.71
C ASN A 325 32.78 -22.42 -42.18
N THR A 326 32.11 -21.59 -41.37
CA THR A 326 31.82 -20.23 -41.75
C THR A 326 32.96 -19.31 -41.31
N ILE A 327 33.40 -18.45 -42.22
CA ILE A 327 34.45 -17.47 -41.99
C ILE A 327 33.76 -16.18 -41.61
N ILE A 328 34.23 -15.53 -40.55
CA ILE A 328 33.58 -14.30 -40.08
C ILE A 328 34.57 -13.14 -40.03
N ARG A 329 33.99 -11.93 -40.10
CA ARG A 329 34.74 -10.68 -40.12
C ARG A 329 34.35 -9.83 -38.93
N PHE A 330 35.31 -9.04 -38.43
CA PHE A 330 35.06 -7.99 -37.48
C PHE A 330 35.42 -6.66 -38.13
N ALA A 331 34.56 -5.67 -37.91
CA ALA A 331 34.69 -4.33 -38.46
C ALA A 331 34.13 -3.36 -37.43
N GLN A 332 34.52 -2.09 -37.55
CA GLN A 332 33.99 -1.07 -36.67
C GLN A 332 32.57 -0.69 -37.12
N SER A 333 31.95 0.24 -36.38
CA SER A 333 30.59 0.65 -36.69
C SER A 333 30.50 1.27 -38.07
N SER A 334 29.38 1.00 -38.75
CA SER A 334 29.16 1.52 -40.10
C SER A 334 28.91 3.02 -40.13
N GLY A 335 28.58 3.63 -39.00
CA GLY A 335 28.32 5.06 -38.98
C GLY A 335 27.35 5.40 -37.86
N GLY A 336 26.93 6.65 -37.85
CA GLY A 336 26.05 7.20 -36.84
C GLY A 336 26.76 8.27 -36.03
N ASP A 337 26.07 8.71 -34.98
CA ASP A 337 26.61 9.76 -34.14
C ASP A 337 27.82 9.24 -33.36
N LEU A 338 28.69 10.19 -32.97
CA LEU A 338 29.89 9.84 -32.21
C LEU A 338 29.54 9.06 -30.95
N GLU A 339 28.49 9.47 -30.25
CA GLU A 339 28.10 8.79 -29.02
C GLU A 339 27.67 7.35 -29.25
N VAL A 340 27.34 6.99 -30.49
CA VAL A 340 26.94 5.64 -30.84
C VAL A 340 28.05 4.92 -31.61
N THR A 341 28.71 5.63 -32.53
CA THR A 341 29.74 5.01 -33.35
C THR A 341 30.91 4.53 -32.50
N THR A 342 31.30 5.35 -31.51
CA THR A 342 32.42 5.06 -30.64
C THR A 342 31.98 4.45 -29.31
N HIS A 343 32.96 3.91 -28.61
CA HIS A 343 32.81 3.48 -27.23
C HIS A 343 32.77 4.73 -26.36
N SER A 344 32.00 4.67 -25.29
CA SER A 344 31.92 5.79 -24.36
C SER A 344 31.92 5.27 -22.93
N PHE A 345 32.50 6.06 -22.03
CA PHE A 345 32.53 5.68 -20.62
C PHE A 345 32.79 6.94 -19.81
N ASN A 346 32.71 6.79 -18.48
CA ASN A 346 32.96 7.88 -17.55
C ASN A 346 33.95 7.46 -16.48
N CYS A 347 35.07 8.19 -16.39
CA CYS A 347 36.09 7.96 -15.37
C CYS A 347 36.42 9.30 -14.71
N GLY A 348 36.42 9.32 -13.37
CA GLY A 348 36.78 10.53 -12.68
C GLY A 348 35.71 11.60 -12.74
N GLY A 349 34.55 11.27 -13.31
CA GLY A 349 33.52 12.22 -13.61
C GLY A 349 33.60 12.76 -15.02
N GLU A 350 34.72 12.51 -15.71
CA GLU A 350 34.89 12.98 -17.07
C GLU A 350 34.35 11.94 -18.04
N PHE A 351 33.86 12.41 -19.19
CA PHE A 351 33.27 11.56 -20.23
C PHE A 351 34.25 11.33 -21.37
N PHE A 352 34.60 10.06 -21.58
CA PHE A 352 35.60 9.65 -22.56
C PHE A 352 34.91 8.94 -23.72
N TYR A 353 35.41 9.17 -24.94
CA TYR A 353 34.95 8.48 -26.15
C TYR A 353 36.15 7.90 -26.88
N CYS A 354 36.08 6.63 -27.29
CA CYS A 354 37.19 5.93 -27.93
C CYS A 354 36.76 5.24 -29.22
N ASN A 355 37.61 5.32 -30.25
CA ASN A 355 37.28 4.76 -31.57
C ASN A 355 37.04 3.25 -31.55
N THR A 356 37.87 2.49 -30.83
CA THR A 356 37.79 1.02 -30.76
C THR A 356 38.16 0.28 -32.04
N SER A 357 38.39 1.00 -33.14
CA SER A 357 38.52 0.33 -34.44
C SER A 357 39.66 -0.67 -34.46
N GLY A 358 40.69 -0.46 -33.64
CA GLY A 358 41.80 -1.41 -33.58
C GLY A 358 41.42 -2.75 -32.98
N LEU A 359 40.32 -2.81 -32.22
CA LEU A 359 39.86 -4.05 -31.59
C LEU A 359 38.85 -4.81 -32.43
N PHE A 360 38.33 -4.23 -33.51
CA PHE A 360 37.28 -4.83 -34.32
C PHE A 360 37.63 -4.70 -35.79
N ASN A 361 38.79 -5.24 -36.18
CA ASN A 361 39.27 -5.21 -37.56
C ASN A 361 40.00 -6.53 -37.78
N SER A 362 39.27 -7.59 -38.14
CA SER A 362 39.92 -8.89 -38.22
C SER A 362 39.10 -9.85 -39.07
N THR A 363 39.77 -10.92 -39.51
CA THR A 363 39.11 -12.01 -40.23
C THR A 363 39.47 -13.31 -39.52
N TRP A 364 38.44 -14.11 -39.21
CA TRP A 364 38.60 -15.39 -38.52
C TRP A 364 38.15 -16.52 -39.44
N ILE A 365 39.09 -17.42 -39.73
CA ILE A 365 38.91 -18.57 -40.61
C ILE A 365 39.17 -19.82 -39.78
N SER A 366 38.24 -20.77 -39.81
CA SER A 366 38.27 -22.09 -39.16
C SER A 366 39.62 -22.56 -38.59
N ASP A 380 53.17 -4.85 -27.00
CA ASP A 380 52.55 -5.69 -25.99
C ASP A 380 51.04 -5.46 -25.94
N SER A 381 50.65 -4.19 -25.81
CA SER A 381 49.25 -3.79 -25.73
C SER A 381 48.89 -2.91 -26.92
N LEU A 382 47.60 -2.92 -27.26
CA LEU A 382 47.04 -2.07 -28.30
C LEU A 382 46.50 -0.82 -27.64
N ILE A 383 46.76 0.33 -28.26
CA ILE A 383 46.34 1.62 -27.70
C ILE A 383 45.32 2.24 -28.65
N LEU A 384 44.16 2.58 -28.10
CA LEU A 384 43.08 3.25 -28.80
C LEU A 384 43.14 4.75 -28.54
N PRO A 385 42.93 5.60 -29.55
CA PRO A 385 42.79 7.04 -29.29
C PRO A 385 41.45 7.35 -28.67
N CYS A 386 41.42 8.36 -27.80
CA CYS A 386 40.16 8.79 -27.21
C CYS A 386 40.09 10.31 -27.16
N TRP A 387 38.88 10.80 -26.96
CA TRP A 387 38.57 12.22 -26.92
C TRP A 387 37.65 12.52 -25.73
N ILE A 388 37.71 13.77 -25.30
CA ILE A 388 36.94 14.28 -24.16
C ILE A 388 35.92 15.29 -24.68
N LYS A 389 34.70 15.21 -24.13
CA LYS A 389 33.63 16.16 -24.45
C LYS A 389 33.08 16.76 -23.17
N GLN A 390 32.73 18.05 -23.23
CA GLN A 390 32.08 18.75 -22.13
C GLN A 390 30.56 18.78 -22.27
N ILE A 391 30.03 18.69 -23.48
CA ILE A 391 28.59 18.72 -23.72
C ILE A 391 28.12 17.28 -23.81
N ILE A 392 27.30 16.88 -22.85
CA ILE A 392 26.89 15.50 -22.64
C ILE A 392 25.42 15.34 -22.99
N ASN A 393 25.10 14.33 -23.82
CA ASN A 393 23.73 14.01 -24.23
C ASN A 393 23.53 12.50 -24.08
N MET A 394 23.19 12.07 -22.86
CA MET A 394 23.05 10.66 -22.55
C MET A 394 21.66 10.12 -22.92
N TRP A 395 21.60 8.80 -23.09
CA TRP A 395 20.38 8.04 -23.38
C TRP A 395 19.72 8.45 -24.71
N GLN A 396 20.45 9.13 -25.59
CA GLN A 396 19.92 9.56 -26.89
C GLN A 396 18.62 10.34 -26.75
N ARG A 397 18.53 11.17 -25.71
CA ARG A 397 17.35 11.99 -25.45
C ARG A 397 17.60 13.41 -25.90
N ILE A 398 16.60 14.00 -26.55
CA ILE A 398 16.67 15.35 -27.09
C ILE A 398 16.00 16.30 -26.12
N GLY A 399 16.65 17.43 -25.85
CA GLY A 399 16.10 18.51 -25.04
C GLY A 399 16.78 18.75 -23.72
N GLN A 400 17.56 17.79 -23.22
CA GLN A 400 18.27 17.93 -21.94
C GLN A 400 19.76 17.66 -22.13
N ALA A 401 20.52 18.73 -22.37
CA ALA A 401 21.97 18.63 -22.50
C ALA A 401 22.58 18.91 -21.14
N MET A 402 23.74 18.29 -20.88
CA MET A 402 24.46 18.51 -19.63
C MET A 402 25.90 18.93 -19.92
N TYR A 403 26.41 19.86 -19.12
CA TYR A 403 27.77 20.35 -19.21
C TYR A 403 28.64 19.65 -18.18
N ALA A 404 29.60 18.87 -18.65
CA ALA A 404 30.43 18.09 -17.73
C ALA A 404 31.31 19.04 -16.91
N PRO A 405 31.31 18.96 -15.59
CA PRO A 405 32.23 19.80 -14.81
C PRO A 405 33.68 19.50 -15.16
N PRO A 406 34.56 20.51 -15.20
CA PRO A 406 35.99 20.22 -15.37
C PRO A 406 36.53 19.39 -14.23
N ILE A 407 37.46 18.48 -14.55
CA ILE A 407 38.13 17.62 -13.59
C ILE A 407 39.59 18.05 -13.52
N GLN A 408 40.07 18.31 -12.31
CA GLN A 408 41.43 18.78 -12.11
C GLN A 408 42.45 17.64 -12.21
N GLY A 409 43.54 17.91 -12.92
CA GLY A 409 44.66 16.97 -13.00
C GLY A 409 44.50 15.90 -14.07
N VAL A 410 45.34 14.88 -13.94
CA VAL A 410 45.41 13.77 -14.87
C VAL A 410 44.43 12.71 -14.43
N ILE A 411 43.65 12.18 -15.38
CA ILE A 411 42.65 11.16 -15.07
C ILE A 411 43.21 9.81 -15.50
N ARG A 412 43.18 8.84 -14.59
CA ARG A 412 43.55 7.47 -14.91
C ARG A 412 42.57 6.54 -14.24
N CYS A 413 42.14 5.52 -14.98
CA CYS A 413 41.21 4.53 -14.45
C CYS A 413 41.51 3.19 -15.10
N VAL A 414 41.09 2.13 -14.42
CA VAL A 414 41.16 0.78 -14.95
C VAL A 414 39.79 0.14 -14.81
N SER A 415 39.25 -0.37 -15.92
CA SER A 415 37.95 -1.03 -15.94
C SER A 415 38.08 -2.47 -16.40
N ASN A 416 37.09 -3.27 -15.99
CA ASN A 416 36.96 -4.67 -16.37
C ASN A 416 35.91 -4.80 -17.47
N ILE A 417 36.30 -5.25 -18.66
CA ILE A 417 35.27 -5.56 -19.66
C ILE A 417 34.75 -6.94 -19.32
N THR A 418 33.47 -7.01 -18.98
CA THR A 418 32.81 -8.25 -18.61
C THR A 418 31.91 -8.76 -19.73
N GLY A 419 31.75 -7.99 -20.80
CA GLY A 419 30.97 -8.42 -21.95
C GLY A 419 31.08 -7.42 -23.07
N LEU A 420 30.50 -7.82 -24.21
CA LEU A 420 30.53 -7.05 -25.45
C LEU A 420 29.14 -6.97 -26.04
N ILE A 421 28.91 -5.93 -26.85
CA ILE A 421 27.75 -5.81 -27.72
C ILE A 421 28.26 -5.96 -29.15
N LEU A 422 27.60 -6.82 -29.92
CA LEU A 422 27.90 -7.02 -31.33
C LEU A 422 26.63 -6.91 -32.15
N THR A 423 26.78 -6.43 -33.38
CA THR A 423 25.70 -6.39 -34.36
C THR A 423 26.16 -7.15 -35.59
N ARG A 424 25.30 -8.02 -36.10
CA ARG A 424 25.60 -8.83 -37.27
C ARG A 424 25.06 -8.14 -38.52
N ASP A 425 25.82 -8.23 -39.61
CA ASP A 425 25.45 -7.62 -40.89
C ASP A 425 25.29 -8.69 -41.97
N SER A 431 25.37 -17.74 -47.19
CA SER A 431 26.43 -16.73 -47.17
C SER A 431 27.76 -17.36 -46.82
N THR A 432 28.77 -17.10 -47.65
CA THR A 432 30.10 -17.64 -47.38
C THR A 432 30.72 -16.98 -46.17
N THR A 433 30.54 -15.67 -46.02
CA THR A 433 31.14 -14.90 -44.94
C THR A 433 30.09 -14.08 -44.21
N GLU A 434 30.48 -13.60 -43.03
CA GLU A 434 29.64 -12.71 -42.23
C GLU A 434 30.52 -11.68 -41.53
N THR A 435 29.93 -10.53 -41.23
CA THR A 435 30.64 -9.43 -40.57
C THR A 435 29.88 -9.00 -39.32
N PHE A 436 30.63 -8.77 -38.25
CA PHE A 436 30.10 -8.32 -36.97
C PHE A 436 30.66 -6.93 -36.66
N ARG A 437 29.82 -6.07 -36.08
CA ARG A 437 30.19 -4.72 -35.68
C ARG A 437 29.78 -4.47 -34.23
N PRO A 438 30.53 -3.66 -33.47
CA PRO A 438 30.13 -3.39 -32.07
C PRO A 438 28.70 -2.91 -31.88
N GLY A 439 28.17 -2.11 -32.80
CA GLY A 439 26.81 -1.61 -32.66
C GLY A 439 26.63 -0.84 -31.36
N GLY A 440 25.57 -1.17 -30.62
CA GLY A 440 25.32 -0.53 -29.34
C GLY A 440 24.52 0.75 -29.47
N GLY A 441 24.44 1.47 -28.34
CA GLY A 441 23.76 2.74 -28.25
C GLY A 441 22.42 2.72 -27.52
N ASP A 442 21.81 1.55 -27.33
CA ASP A 442 20.54 1.45 -26.60
C ASP A 442 20.88 0.98 -25.20
N MET A 443 20.76 1.88 -24.22
CA MET A 443 21.22 1.57 -22.87
C MET A 443 20.45 0.45 -22.20
N ARG A 444 19.21 0.17 -22.64
CA ARG A 444 18.49 -0.92 -21.98
C ARG A 444 19.15 -2.26 -22.25
N ASP A 445 19.98 -2.34 -23.29
CA ASP A 445 20.65 -3.59 -23.58
C ASP A 445 21.67 -3.88 -22.50
N ASN A 446 22.23 -2.85 -21.88
CA ASN A 446 23.18 -3.12 -20.81
C ASN A 446 22.42 -3.57 -19.57
N TRP A 447 21.26 -2.95 -19.32
CA TRP A 447 20.52 -3.29 -18.11
C TRP A 447 19.99 -4.70 -18.22
N ARG A 448 19.50 -5.05 -19.41
CA ARG A 448 19.00 -6.39 -19.65
C ARG A 448 20.13 -7.39 -19.46
N SER A 449 21.34 -7.03 -19.89
CA SER A 449 22.48 -7.93 -19.74
C SER A 449 22.70 -8.27 -18.27
N GLU A 450 22.57 -7.27 -17.40
CA GLU A 450 22.72 -7.53 -15.97
C GLU A 450 21.52 -8.26 -15.41
N LEU A 451 20.32 -7.99 -15.94
CA LEU A 451 19.08 -8.52 -15.40
C LEU A 451 18.63 -9.83 -16.04
N TYR A 452 19.48 -10.45 -16.88
CA TYR A 452 19.07 -11.66 -17.58
C TYR A 452 18.65 -12.78 -16.64
N LYS A 453 19.23 -12.85 -15.44
CA LYS A 453 18.97 -13.94 -14.51
C LYS A 453 17.74 -13.76 -13.64
N TYR A 454 17.09 -12.60 -13.65
CA TYR A 454 16.02 -12.30 -12.71
C TYR A 454 14.65 -12.32 -13.37
N LYS A 455 13.68 -12.88 -12.63
CA LYS A 455 12.27 -12.84 -12.99
C LYS A 455 11.48 -12.45 -11.74
N VAL A 456 10.42 -11.66 -11.91
CA VAL A 456 9.59 -11.20 -10.80
C VAL A 456 8.27 -11.95 -10.89
N VAL A 457 7.87 -12.61 -9.78
CA VAL A 457 6.64 -13.38 -9.75
C VAL A 457 5.75 -12.93 -8.59
N LYS A 458 4.44 -12.92 -8.86
CA LYS A 458 3.39 -12.64 -7.90
C LYS A 458 2.96 -13.95 -7.27
N ILE A 459 2.85 -13.95 -5.95
CA ILE A 459 2.47 -15.13 -5.18
C ILE A 459 0.95 -15.19 -5.11
N GLU A 460 0.39 -16.40 -5.26
CA GLU A 460 -1.04 -16.66 -5.22
C GLU A 460 -1.30 -17.57 -4.01
N PRO A 461 -1.45 -17.00 -2.81
CA PRO A 461 -1.52 -17.84 -1.61
C PRO A 461 -2.73 -18.77 -1.54
N LEU A 462 -3.77 -18.54 -2.34
CA LEU A 462 -4.98 -19.34 -2.27
C LEU A 462 -4.98 -20.46 -3.28
N GLY A 463 -5.54 -21.59 -2.88
CA GLY A 463 -5.73 -22.71 -3.78
C GLY A 463 -6.70 -23.69 -3.15
N VAL A 464 -7.11 -24.68 -3.95
CA VAL A 464 -8.07 -25.68 -3.52
C VAL A 464 -7.52 -27.05 -3.86
N ALA A 465 -8.02 -28.06 -3.18
CA ALA A 465 -7.62 -29.42 -3.50
C ALA A 465 -8.66 -30.40 -2.97
N PRO A 466 -8.80 -31.58 -3.59
CA PRO A 466 -9.68 -32.60 -3.01
C PRO A 466 -9.02 -33.24 -1.81
N THR A 467 -9.85 -33.60 -0.83
CA THR A 467 -9.38 -34.39 0.31
C THR A 467 -10.58 -34.98 1.01
N ARG A 468 -10.33 -36.03 1.79
CA ARG A 468 -11.38 -36.69 2.56
C ARG A 468 -11.60 -35.95 3.88
N CYS A 469 -12.17 -34.76 3.79
CA CYS A 469 -12.42 -33.91 4.94
C CYS A 469 -13.73 -33.15 4.75
N LYS A 470 -14.59 -33.18 5.76
CA LYS A 470 -15.90 -32.55 5.71
C LYS A 470 -16.14 -31.69 6.94
N ARG A 471 -16.95 -30.64 6.77
CA ARG A 471 -17.43 -29.87 7.90
C ARG A 471 -18.66 -30.55 8.50
N ARG A 472 -18.96 -30.21 9.75
CA ARG A 472 -20.19 -30.66 10.38
C ARG A 472 -21.40 -30.16 9.58
N GLU B 1 8.25 -58.42 3.75
CA GLU B 1 8.09 -57.00 3.36
C GLU B 1 8.08 -56.13 4.61
N VAL B 2 7.09 -56.37 5.48
CA VAL B 2 6.93 -55.64 6.74
C VAL B 2 6.91 -56.67 7.86
N GLN B 3 7.67 -56.40 8.93
CA GLN B 3 7.70 -57.26 10.10
C GLN B 3 7.44 -56.43 11.35
N LEU B 4 6.54 -56.91 12.21
CA LEU B 4 6.20 -56.26 13.46
C LEU B 4 6.59 -57.20 14.61
N VAL B 5 7.38 -56.70 15.55
CA VAL B 5 7.87 -57.49 16.69
C VAL B 5 7.49 -56.75 17.97
N GLU B 6 6.85 -57.46 18.89
CA GLU B 6 6.38 -56.89 20.16
C GLU B 6 7.18 -57.47 21.31
N THR B 7 7.58 -56.59 22.23
CA THR B 7 8.29 -56.94 23.45
C THR B 7 7.49 -56.43 24.64
N GLY B 8 7.30 -57.29 25.64
CA GLY B 8 6.55 -56.88 26.80
C GLY B 8 6.57 -57.93 27.88
N GLY B 9 5.75 -57.70 28.90
CA GLY B 9 5.70 -58.57 30.06
C GLY B 9 4.80 -59.78 29.87
N GLY B 10 4.74 -60.58 30.92
CA GLY B 10 3.95 -61.80 30.95
C GLY B 10 2.92 -61.77 32.05
N LEU B 11 3.11 -62.59 33.08
CA LEU B 11 2.18 -62.63 34.21
C LEU B 11 2.56 -61.54 35.20
N VAL B 12 1.61 -60.67 35.50
CA VAL B 12 1.80 -59.55 36.42
C VAL B 12 0.67 -59.53 37.43
N GLN B 13 0.98 -59.11 38.65
CA GLN B 13 0.00 -59.03 39.71
C GLN B 13 -1.08 -57.99 39.38
N PRO B 14 -2.34 -58.22 39.75
CA PRO B 14 -3.37 -57.18 39.57
C PRO B 14 -2.99 -55.89 40.29
N GLY B 15 -3.35 -54.76 39.67
CA GLY B 15 -3.09 -53.45 40.23
C GLY B 15 -1.79 -52.78 39.81
N GLY B 16 -0.95 -53.45 39.03
CA GLY B 16 0.32 -52.88 38.60
C GLY B 16 0.20 -52.11 37.30
N SER B 17 1.27 -52.15 36.51
CA SER B 17 1.33 -51.43 35.25
C SER B 17 2.26 -52.16 34.30
N LEU B 18 1.89 -52.20 33.01
CA LEU B 18 2.74 -52.80 31.98
C LEU B 18 2.85 -51.88 30.78
N LYS B 19 3.97 -51.99 30.07
CA LYS B 19 4.18 -51.30 28.80
C LYS B 19 4.59 -52.33 27.75
N LEU B 20 3.79 -52.45 26.70
CA LEU B 20 4.05 -53.36 25.58
C LEU B 20 4.54 -52.51 24.42
N SER B 21 5.73 -52.82 23.89
CA SER B 21 6.38 -52.00 22.87
C SER B 21 6.55 -52.77 21.56
N CYS B 22 6.02 -52.19 20.48
CA CYS B 22 6.09 -52.74 19.14
C CYS B 22 7.13 -51.99 18.32
N ARG B 23 8.05 -52.74 17.73
CA ARG B 23 9.07 -52.25 16.82
C ARG B 23 8.77 -52.87 15.47
N ALA B 24 9.18 -52.21 14.38
CA ALA B 24 8.87 -52.78 13.08
C ALA B 24 9.86 -52.37 12.01
N SER B 25 9.89 -53.19 10.97
CA SER B 25 10.66 -52.98 9.75
C SER B 25 9.73 -52.99 8.55
N GLY B 26 10.20 -52.38 7.46
CA GLY B 26 9.53 -52.39 6.18
C GLY B 26 8.74 -51.14 5.83
N TYR B 27 8.52 -50.25 6.80
CA TYR B 27 7.80 -49.01 6.51
C TYR B 27 8.20 -47.98 7.56
N THR B 28 7.94 -46.72 7.24
CA THR B 28 8.13 -45.62 8.19
C THR B 28 6.85 -45.44 8.99
N PHE B 29 7.00 -45.37 10.32
CA PHE B 29 5.84 -45.25 11.20
C PHE B 29 5.03 -43.99 10.90
N SER B 30 5.72 -42.89 10.59
CA SER B 30 5.06 -41.62 10.35
C SER B 30 4.15 -41.63 9.14
N SER B 31 4.26 -42.63 8.26
CA SER B 31 3.41 -42.71 7.07
C SER B 31 2.15 -43.53 7.27
N PHE B 32 2.03 -44.28 8.38
CA PHE B 32 0.90 -45.17 8.58
C PHE B 32 0.38 -45.08 10.01
N ALA B 33 -0.94 -45.18 10.14
CA ALA B 33 -1.57 -45.32 11.44
C ALA B 33 -1.38 -46.74 11.95
N MET B 34 -1.38 -46.90 13.27
CA MET B 34 -1.21 -48.23 13.86
C MET B 34 -2.16 -48.43 15.02
N SER B 35 -2.38 -49.70 15.35
CA SER B 35 -3.35 -50.08 16.36
C SER B 35 -2.85 -51.26 17.17
N TRP B 36 -3.53 -51.45 18.30
CA TRP B 36 -3.41 -52.63 19.12
C TRP B 36 -4.77 -53.32 19.10
N VAL B 37 -4.75 -54.62 18.75
CA VAL B 37 -5.93 -55.46 18.68
C VAL B 37 -5.59 -56.72 19.47
N ARG B 38 -6.53 -57.22 20.27
CA ARG B 38 -6.25 -58.37 21.11
C ARG B 38 -7.16 -59.57 20.82
N GLN B 39 -6.57 -60.74 21.01
CA GLN B 39 -7.21 -62.04 20.88
C GLN B 39 -7.61 -62.52 22.27
N ALA B 40 -8.91 -62.63 22.50
CA ALA B 40 -9.40 -63.18 23.75
C ALA B 40 -8.86 -64.60 23.89
N PRO B 41 -8.38 -65.01 25.07
CA PRO B 41 -7.78 -66.36 25.20
C PRO B 41 -8.61 -67.50 24.63
N GLY B 42 -9.93 -67.46 24.79
CA GLY B 42 -10.82 -68.50 24.28
C GLY B 42 -11.75 -68.10 23.16
N LYS B 43 -11.62 -66.91 22.59
CA LYS B 43 -12.56 -66.44 21.57
C LYS B 43 -11.83 -65.70 20.45
N GLY B 44 -12.38 -64.57 19.97
CA GLY B 44 -11.89 -63.92 18.76
C GLY B 44 -11.08 -62.67 18.99
N LEU B 45 -11.13 -61.76 18.02
CA LEU B 45 -10.32 -60.54 18.03
C LEU B 45 -11.16 -59.37 18.51
N GLU B 46 -10.52 -58.48 19.27
CA GLU B 46 -11.14 -57.24 19.73
C GLU B 46 -10.15 -56.11 19.56
N TRP B 47 -10.59 -55.02 18.95
CA TRP B 47 -9.74 -53.84 18.80
C TRP B 47 -9.66 -53.12 20.13
N VAL B 48 -8.43 -52.71 20.48
CA VAL B 48 -8.14 -52.04 21.75
C VAL B 48 -7.90 -50.56 21.54
N SER B 49 -6.97 -50.20 20.66
CA SER B 49 -6.62 -48.79 20.50
C SER B 49 -6.07 -48.51 19.12
N LEU B 50 -6.19 -47.26 18.69
CA LEU B 50 -5.70 -46.80 17.39
C LEU B 50 -5.03 -45.45 17.55
N ILE B 51 -3.86 -45.30 16.93
CA ILE B 51 -3.10 -44.06 16.94
C ILE B 51 -2.84 -43.62 15.50
N ASN B 52 -2.94 -42.32 15.28
CA ASN B 52 -2.78 -41.69 13.98
C ASN B 52 -1.31 -41.72 13.53
N ASP B 53 -1.13 -41.57 12.21
CA ASP B 53 0.19 -41.59 11.61
C ASP B 53 1.17 -40.68 12.35
N ARG B 54 0.76 -39.45 12.65
CA ARG B 54 1.63 -38.50 13.34
C ARG B 54 1.68 -38.73 14.85
N GLY B 55 0.74 -39.50 15.41
CA GLY B 55 0.68 -39.68 16.85
C GLY B 55 -0.14 -38.66 17.59
N GLY B 56 -0.65 -37.63 16.91
CA GLY B 56 -1.40 -36.58 17.58
C GLY B 56 -2.71 -37.04 18.18
N LEU B 57 -3.37 -38.02 17.55
CA LEU B 57 -4.68 -38.49 17.95
C LEU B 57 -4.62 -39.94 18.42
N THR B 58 -5.33 -40.22 19.52
CA THR B 58 -5.43 -41.56 20.07
C THR B 58 -6.91 -41.89 20.27
N PHE B 59 -7.27 -43.14 20.02
CA PHE B 59 -8.65 -43.62 20.19
C PHE B 59 -8.64 -44.95 20.90
N TYR B 60 -9.67 -45.17 21.73
CA TYR B 60 -9.79 -46.38 22.54
C TYR B 60 -11.25 -46.83 22.54
N VAL B 61 -11.46 -48.12 22.82
CA VAL B 61 -12.81 -48.56 23.18
C VAL B 61 -13.09 -48.09 24.60
N ASP B 62 -14.37 -47.84 24.88
CA ASP B 62 -14.75 -47.31 26.19
C ASP B 62 -14.35 -48.24 27.33
N SER B 63 -14.32 -49.55 27.09
CA SER B 63 -13.96 -50.51 28.13
C SER B 63 -12.48 -50.45 28.51
N VAL B 64 -11.63 -49.78 27.73
CA VAL B 64 -10.21 -49.71 28.01
C VAL B 64 -9.71 -48.28 28.20
N LYS B 65 -10.49 -47.28 27.80
CA LYS B 65 -10.07 -45.88 27.83
C LYS B 65 -9.47 -45.47 29.17
N GLY B 66 -10.04 -45.97 30.27
CA GLY B 66 -9.54 -45.60 31.58
C GLY B 66 -8.30 -46.34 32.04
N ARG B 67 -7.87 -47.36 31.29
CA ARG B 67 -6.71 -48.17 31.65
C ARG B 67 -5.57 -48.15 30.65
N PHE B 68 -5.84 -47.94 29.37
CA PHE B 68 -4.85 -48.07 28.30
C PHE B 68 -4.56 -46.74 27.62
N THR B 69 -3.28 -46.49 27.34
CA THR B 69 -2.81 -45.34 26.59
C THR B 69 -1.92 -45.83 25.45
N ILE B 70 -2.17 -45.33 24.24
CA ILE B 70 -1.38 -45.65 23.06
C ILE B 70 -0.48 -44.46 22.74
N SER B 71 0.81 -44.73 22.51
CA SER B 71 1.81 -43.68 22.30
C SER B 71 2.74 -44.09 21.16
N ARG B 72 3.28 -43.09 20.47
CA ARG B 72 4.12 -43.29 19.31
C ARG B 72 5.39 -42.44 19.39
N ASP B 73 6.49 -43.00 18.90
CA ASP B 73 7.76 -42.28 18.73
C ASP B 73 8.30 -42.64 17.35
N ASN B 74 8.14 -41.73 16.39
CA ASN B 74 8.57 -42.01 15.02
C ASN B 74 10.08 -42.03 14.89
N SER B 75 10.79 -41.24 15.70
CA SER B 75 12.25 -41.20 15.59
C SER B 75 12.85 -42.53 16.01
N LYS B 76 12.25 -43.17 17.01
CA LYS B 76 12.69 -44.49 17.47
C LYS B 76 11.97 -45.62 16.77
N ASN B 77 11.04 -45.33 15.86
CA ASN B 77 10.22 -46.33 15.19
C ASN B 77 9.59 -47.27 16.22
N THR B 78 9.02 -46.68 17.26
CA THR B 78 8.47 -47.42 18.39
C THR B 78 7.02 -47.02 18.65
N LEU B 79 6.17 -48.02 18.78
CA LEU B 79 4.78 -47.88 19.20
C LEU B 79 4.69 -48.52 20.56
N SER B 80 3.93 -47.93 21.49
CA SER B 80 3.78 -48.57 22.79
C SER B 80 2.37 -48.41 23.34
N LEU B 81 2.00 -49.37 24.16
CA LEU B 81 0.72 -49.41 24.85
C LEU B 81 1.00 -49.54 26.34
N GLN B 82 0.62 -48.51 27.11
CA GLN B 82 0.78 -48.52 28.56
C GLN B 82 -0.58 -48.88 29.15
N MET B 83 -0.59 -49.89 30.02
CA MET B 83 -1.82 -50.36 30.65
C MET B 83 -1.71 -50.29 32.17
N HIS B 84 -2.76 -49.74 32.79
CA HIS B 84 -2.84 -49.50 34.22
C HIS B 84 -4.09 -50.14 34.80
N SER B 85 -4.06 -50.38 36.10
CA SER B 85 -5.09 -51.01 36.92
C SER B 85 -5.17 -52.53 36.73
N LEU B 86 -4.85 -53.02 35.54
CA LEU B 86 -4.63 -54.44 35.27
C LEU B 86 -5.79 -55.32 35.74
N ARG B 87 -7.00 -54.98 35.31
CA ARG B 87 -8.14 -55.83 35.62
C ARG B 87 -7.93 -57.20 34.98
N ASP B 88 -8.27 -58.26 35.71
CA ASP B 88 -7.97 -59.61 35.25
C ASP B 88 -8.80 -59.99 34.01
N GLY B 89 -9.70 -59.13 33.55
CA GLY B 89 -10.36 -59.29 32.27
C GLY B 89 -9.53 -58.76 31.10
N ASP B 90 -8.27 -58.41 31.33
CA ASP B 90 -7.36 -57.92 30.31
C ASP B 90 -6.41 -59.00 29.81
N THR B 91 -6.59 -60.25 30.25
CA THR B 91 -5.75 -61.33 29.73
C THR B 91 -6.08 -61.55 28.27
N ALA B 92 -5.06 -61.52 27.41
CA ALA B 92 -5.27 -61.69 25.98
C ALA B 92 -3.91 -61.72 25.29
N VAL B 93 -3.93 -62.17 24.03
CA VAL B 93 -2.76 -62.00 23.16
C VAL B 93 -2.93 -60.68 22.44
N TYR B 94 -2.01 -59.74 22.69
CA TYR B 94 -2.09 -58.41 22.11
C TYR B 94 -1.22 -58.35 20.86
N TYR B 95 -1.85 -58.02 19.74
CA TYR B 95 -1.20 -57.91 18.44
C TYR B 95 -1.02 -56.44 18.07
N CYS B 96 0.13 -56.16 17.45
CA CYS B 96 0.46 -54.89 16.84
C CYS B 96 0.06 -54.96 15.38
N ALA B 97 -0.68 -53.95 14.89
CA ALA B 97 -1.13 -53.96 13.51
C ALA B 97 -1.06 -52.56 12.94
N THR B 98 -0.88 -52.48 11.62
CA THR B 98 -0.88 -51.21 10.90
C THR B 98 -2.25 -50.93 10.32
N GLY B 99 -2.50 -49.66 10.01
CA GLY B 99 -3.75 -49.25 9.40
C GLY B 99 -4.75 -48.76 10.41
N GLY B 100 -6.02 -48.77 9.99
CA GLY B 100 -7.14 -48.31 10.77
C GLY B 100 -7.62 -46.91 10.45
N MET B 101 -6.82 -46.09 9.78
CA MET B 101 -7.23 -44.73 9.43
C MET B 101 -6.20 -44.12 8.51
N SER B 102 -6.51 -42.93 8.01
CA SER B 102 -5.57 -42.13 7.22
C SER B 102 -5.70 -40.67 7.65
N SER B 103 -4.87 -39.82 7.06
CA SER B 103 -4.82 -38.39 7.37
C SER B 103 -5.47 -37.54 6.28
N ALA B 104 -6.35 -38.12 5.47
CA ALA B 104 -7.13 -37.45 4.44
C ALA B 104 -6.31 -37.02 3.22
N LEU B 105 -4.99 -37.23 3.22
CA LEU B 105 -4.15 -37.02 2.06
C LEU B 105 -3.85 -38.33 1.33
N GLN B 106 -4.37 -39.43 1.84
CA GLN B 106 -4.29 -40.76 1.26
C GLN B 106 -5.70 -41.32 1.38
N SER B 107 -6.07 -42.22 0.46
CA SER B 107 -7.43 -42.74 0.53
C SER B 107 -7.61 -43.44 1.86
N SER B 108 -8.79 -43.25 2.46
CA SER B 108 -9.06 -43.83 3.76
C SER B 108 -8.96 -45.35 3.70
N LYS B 109 -8.28 -45.91 4.71
CA LYS B 109 -8.10 -47.35 4.78
C LYS B 109 -9.27 -48.00 5.51
N TYR B 110 -9.44 -47.66 6.79
CA TYR B 110 -10.48 -48.24 7.64
C TYR B 110 -10.37 -49.77 7.71
N TYR B 111 -9.16 -50.30 7.62
CA TYR B 111 -8.93 -51.73 7.84
C TYR B 111 -7.48 -51.91 8.25
N PHE B 112 -7.19 -53.07 8.82
CA PHE B 112 -5.84 -53.40 9.23
C PHE B 112 -5.27 -54.39 8.23
N ASP B 113 -3.97 -54.29 7.94
CA ASP B 113 -3.33 -55.15 6.94
C ASP B 113 -2.16 -55.96 7.44
N PHE B 114 -1.07 -55.34 7.90
CA PHE B 114 0.07 -56.08 8.42
C PHE B 114 -0.11 -56.38 9.90
N TRP B 115 0.26 -57.60 10.29
CA TRP B 115 0.12 -58.05 11.66
C TRP B 115 1.44 -58.61 12.17
N GLY B 116 1.67 -58.42 13.47
CA GLY B 116 2.78 -59.04 14.17
C GLY B 116 2.38 -60.39 14.70
N GLN B 117 3.25 -60.95 15.54
CA GLN B 117 3.00 -62.26 16.13
C GLN B 117 2.35 -62.17 17.50
N GLY B 118 2.32 -60.98 18.10
CA GLY B 118 1.60 -60.76 19.34
C GLY B 118 2.40 -61.14 20.56
N ALA B 119 1.87 -60.75 21.72
CA ALA B 119 2.45 -61.08 23.00
C ALA B 119 1.31 -61.45 23.94
N LEU B 120 1.50 -62.51 24.74
CA LEU B 120 0.45 -62.95 25.65
C LEU B 120 0.63 -62.24 26.98
N VAL B 121 -0.38 -61.46 27.36
CA VAL B 121 -0.39 -60.74 28.62
C VAL B 121 -1.44 -61.40 29.50
N THR B 122 -1.04 -61.80 30.71
CA THR B 122 -1.92 -62.48 31.65
C THR B 122 -1.89 -61.73 32.98
N VAL B 123 -2.97 -61.89 33.74
CA VAL B 123 -3.11 -61.26 35.04
C VAL B 123 -3.81 -62.25 35.96
N ALA C 1 -21.46 -55.90 18.89
CA ALA C 1 -20.75 -57.03 18.30
C ALA C 1 -21.40 -57.47 16.99
N LEU C 2 -20.66 -58.23 16.20
CA LEU C 2 -21.17 -58.80 14.95
C LEU C 2 -21.44 -60.27 15.17
N THR C 3 -22.47 -60.79 14.48
CA THR C 3 -22.73 -62.21 14.55
C THR C 3 -21.92 -62.91 13.46
N GLN C 4 -21.67 -64.20 13.69
CA GLN C 4 -20.92 -64.96 12.70
C GLN C 4 -21.12 -66.43 13.04
N PRO C 5 -21.29 -67.34 12.07
CA PRO C 5 -21.49 -68.74 12.44
C PRO C 5 -20.26 -69.30 13.15
N PRO C 6 -20.43 -70.03 14.26
CA PRO C 6 -19.27 -70.65 14.90
C PRO C 6 -18.43 -71.53 14.00
N SER C 7 -19.04 -72.20 13.02
CA SER C 7 -18.27 -73.05 12.13
C SER C 7 -19.05 -73.30 10.84
N VAL C 8 -18.30 -73.71 9.82
CA VAL C 8 -18.84 -74.19 8.55
C VAL C 8 -18.16 -75.52 8.24
N SER C 9 -18.66 -76.20 7.22
CA SER C 9 -18.07 -77.46 6.75
C SER C 9 -17.79 -77.38 5.25
N GLY C 10 -16.52 -77.18 4.92
CA GLY C 10 -16.09 -77.11 3.54
C GLY C 10 -15.73 -78.47 2.99
N SER C 11 -15.57 -78.55 1.67
CA SER C 11 -15.15 -79.79 1.04
C SER C 11 -14.53 -79.47 -0.30
N PRO C 12 -13.63 -80.33 -0.82
CA PRO C 12 -13.01 -80.06 -2.13
C PRO C 12 -14.03 -79.89 -3.25
N GLY C 13 -13.80 -78.89 -4.09
CA GLY C 13 -14.64 -78.64 -5.24
C GLY C 13 -15.88 -77.82 -4.97
N GLN C 14 -16.18 -77.50 -3.71
CA GLN C 14 -17.36 -76.75 -3.33
C GLN C 14 -16.97 -75.33 -2.93
N SER C 15 -17.96 -74.45 -2.97
CA SER C 15 -17.83 -73.10 -2.44
C SER C 15 -18.49 -73.02 -1.07
N VAL C 16 -17.90 -72.20 -0.20
CA VAL C 16 -18.42 -71.97 1.14
C VAL C 16 -18.61 -70.47 1.32
N THR C 17 -19.70 -70.11 1.99
CA THR C 17 -20.04 -68.73 2.33
C THR C 17 -20.01 -68.60 3.85
N ILE C 18 -19.22 -67.66 4.34
CA ILE C 18 -19.13 -67.33 5.76
C ILE C 18 -19.86 -66.02 5.94
N SER C 19 -20.98 -66.05 6.64
CA SER C 19 -21.81 -64.86 6.83
C SER C 19 -21.37 -64.04 8.04
N CYS C 20 -21.80 -62.78 8.04
CA CYS C 20 -21.58 -61.85 9.14
C CYS C 20 -22.75 -60.88 9.14
N THR C 21 -23.37 -60.66 10.30
CA THR C 21 -24.48 -59.73 10.43
C THR C 21 -24.24 -58.81 11.62
N GLY C 22 -24.41 -57.51 11.39
CA GLY C 22 -24.26 -56.51 12.44
C GLY C 22 -25.40 -55.51 12.45
N THR C 23 -25.22 -54.41 13.17
CA THR C 23 -26.23 -53.36 13.22
C THR C 23 -26.37 -52.74 11.84
N SER C 24 -27.62 -52.57 11.39
CA SER C 24 -27.87 -52.04 10.05
C SER C 24 -27.35 -50.62 9.89
N SER C 25 -27.35 -49.82 10.95
CA SER C 25 -26.85 -48.46 10.83
C SER C 25 -25.34 -48.46 10.56
N ASP C 26 -24.59 -49.25 11.32
CA ASP C 26 -23.14 -49.22 11.19
C ASP C 26 -22.69 -49.90 9.90
N ILE C 27 -23.32 -51.01 9.52
CA ILE C 27 -22.92 -51.72 8.33
C ILE C 27 -23.37 -50.96 7.08
N GLY C 28 -24.62 -50.50 7.06
CA GLY C 28 -25.09 -49.75 5.92
C GLY C 28 -24.39 -48.42 5.72
N SER C 29 -24.14 -47.69 6.82
CA SER C 29 -23.49 -46.39 6.71
C SER C 29 -22.03 -46.51 6.30
N TYR C 30 -21.30 -47.44 6.89
CA TYR C 30 -19.86 -47.57 6.70
C TYR C 30 -19.59 -48.83 5.88
N ASN C 31 -19.28 -48.64 4.59
CA ASN C 31 -19.03 -49.76 3.69
C ASN C 31 -17.55 -50.17 3.75
N TYR C 32 -17.12 -50.50 4.97
CA TYR C 32 -15.74 -50.90 5.25
C TYR C 32 -15.80 -52.18 6.08
N VAL C 33 -16.11 -53.28 5.42
CA VAL C 33 -16.25 -54.59 6.05
C VAL C 33 -15.12 -55.46 5.52
N SER C 34 -14.17 -55.79 6.39
CA SER C 34 -13.01 -56.59 6.04
C SER C 34 -13.14 -57.99 6.64
N TRP C 35 -12.38 -58.93 6.05
CA TRP C 35 -12.28 -60.30 6.51
C TRP C 35 -10.83 -60.68 6.69
N TYR C 36 -10.56 -61.45 7.74
CA TYR C 36 -9.22 -61.94 8.09
C TYR C 36 -9.26 -63.45 8.23
N GLN C 37 -8.14 -64.09 7.87
CA GLN C 37 -7.93 -65.52 8.08
C GLN C 37 -6.86 -65.71 9.15
N GLN C 38 -7.25 -66.30 10.28
CA GLN C 38 -6.36 -66.56 11.40
C GLN C 38 -6.07 -68.06 11.46
N HIS C 39 -4.89 -68.44 10.99
CA HIS C 39 -4.47 -69.82 11.10
C HIS C 39 -4.23 -70.13 12.57
N PRO C 40 -4.63 -71.31 13.07
CA PRO C 40 -4.35 -71.63 14.47
C PRO C 40 -2.88 -71.51 14.79
N GLY C 41 -2.59 -70.85 15.91
CA GLY C 41 -1.22 -70.63 16.33
C GLY C 41 -0.55 -69.43 15.69
N LYS C 42 -1.22 -68.75 14.77
CA LYS C 42 -0.66 -67.61 14.05
C LYS C 42 -1.57 -66.40 14.18
N ALA C 43 -0.99 -65.23 13.92
CA ALA C 43 -1.73 -63.99 13.87
C ALA C 43 -2.68 -63.95 12.67
N PRO C 44 -3.77 -63.18 12.75
CA PRO C 44 -4.67 -63.08 11.60
C PRO C 44 -4.00 -62.41 10.40
N LYS C 45 -4.32 -62.94 9.22
CA LYS C 45 -3.89 -62.37 7.95
C LYS C 45 -5.08 -61.73 7.26
N LEU C 46 -4.90 -60.50 6.77
CA LEU C 46 -5.97 -59.85 6.03
C LEU C 46 -6.20 -60.60 4.72
N MET C 47 -7.45 -60.95 4.47
CA MET C 47 -7.85 -61.62 3.24
C MET C 47 -8.67 -60.74 2.33
N ILE C 48 -9.60 -59.97 2.87
CA ILE C 48 -10.46 -59.10 2.09
C ILE C 48 -10.62 -57.79 2.85
N TYR C 49 -10.71 -56.69 2.10
CA TYR C 49 -11.03 -55.40 2.67
C TYR C 49 -11.97 -54.71 1.71
N ASP C 50 -12.72 -53.74 2.23
CA ASP C 50 -13.77 -53.06 1.47
C ASP C 50 -14.82 -54.13 1.15
N VAL C 51 -15.87 -53.81 0.40
CA VAL C 51 -16.86 -54.83 0.08
C VAL C 51 -16.29 -55.81 -0.94
N THR C 52 -15.67 -55.30 -2.01
CA THR C 52 -15.17 -56.15 -3.10
C THR C 52 -13.67 -56.06 -3.37
N GLN C 53 -12.88 -55.45 -2.49
CA GLN C 53 -11.45 -55.30 -2.76
C GLN C 53 -10.66 -56.43 -2.10
N ARG C 54 -9.47 -56.68 -2.64
CA ARG C 54 -8.59 -57.76 -2.19
C ARG C 54 -7.15 -57.26 -2.09
N PRO C 55 -6.40 -57.63 -1.05
CA PRO C 55 -5.00 -57.21 -0.97
C PRO C 55 -4.11 -58.07 -1.85
N SER C 56 -2.90 -57.55 -2.10
CA SER C 56 -1.88 -58.34 -2.78
C SER C 56 -1.52 -59.55 -1.91
N GLY C 57 -1.25 -60.68 -2.57
CA GLY C 57 -0.89 -61.90 -1.89
C GLY C 57 -2.04 -62.86 -1.68
N VAL C 58 -3.27 -62.44 -1.95
CA VAL C 58 -4.46 -63.27 -1.78
C VAL C 58 -5.08 -63.47 -3.17
N SER C 59 -5.33 -64.73 -3.52
CA SER C 59 -5.83 -65.04 -4.85
C SER C 59 -7.32 -64.73 -4.96
N ASP C 60 -7.81 -64.73 -6.20
CA ASP C 60 -9.17 -64.35 -6.52
C ASP C 60 -10.24 -65.30 -5.99
N ARG C 61 -9.86 -66.47 -5.46
CA ARG C 61 -10.88 -67.37 -4.94
C ARG C 61 -11.58 -66.81 -3.70
N PHE C 62 -11.02 -65.79 -3.07
CA PHE C 62 -11.61 -65.14 -1.90
C PHE C 62 -12.32 -63.90 -2.39
N SER C 63 -13.62 -63.78 -2.09
CA SER C 63 -14.36 -62.62 -2.55
C SER C 63 -15.40 -62.21 -1.52
N GLY C 64 -15.48 -60.91 -1.24
CA GLY C 64 -16.44 -60.39 -0.30
C GLY C 64 -17.75 -60.04 -0.95
N SER C 65 -18.76 -59.86 -0.12
CA SER C 65 -20.08 -59.45 -0.57
C SER C 65 -20.77 -58.69 0.55
N LYS C 66 -21.64 -57.76 0.19
CA LYS C 66 -22.40 -56.99 1.16
C LYS C 66 -23.82 -56.82 0.63
N SER C 67 -24.80 -56.92 1.53
CA SER C 67 -26.19 -56.67 1.17
C SER C 67 -26.96 -56.35 2.44
N GLY C 68 -27.75 -55.28 2.39
CA GLY C 68 -28.54 -54.91 3.57
C GLY C 68 -27.61 -54.62 4.72
N ASN C 69 -27.86 -55.29 5.84
CA ASN C 69 -27.05 -55.18 7.05
C ASN C 69 -26.15 -56.39 7.23
N THR C 70 -25.93 -57.17 6.17
CA THR C 70 -25.11 -58.37 6.21
C THR C 70 -23.96 -58.29 5.23
N ALA C 71 -22.99 -59.17 5.44
CA ALA C 71 -21.82 -59.28 4.59
C ALA C 71 -21.40 -60.74 4.60
N SER C 72 -20.62 -61.13 3.61
CA SER C 72 -20.15 -62.51 3.58
C SER C 72 -18.82 -62.60 2.85
N LEU C 73 -18.12 -63.70 3.12
CA LEU C 73 -16.91 -64.10 2.41
C LEU C 73 -17.19 -65.40 1.69
N THR C 74 -17.00 -65.41 0.37
CA THR C 74 -17.20 -66.59 -0.45
C THR C 74 -15.83 -67.11 -0.86
N ILE C 75 -15.60 -68.40 -0.61
CA ILE C 75 -14.34 -69.07 -0.94
C ILE C 75 -14.67 -70.30 -1.78
N SER C 76 -14.03 -70.42 -2.93
CA SER C 76 -14.19 -71.56 -3.83
C SER C 76 -12.82 -72.23 -4.00
N GLY C 77 -12.83 -73.49 -4.39
CA GLY C 77 -11.57 -74.17 -4.62
C GLY C 77 -10.81 -74.38 -3.34
N LEU C 78 -11.50 -74.78 -2.27
CA LEU C 78 -10.91 -74.89 -0.95
C LEU C 78 -9.70 -75.81 -0.93
N GLN C 79 -8.63 -75.33 -0.31
CA GLN C 79 -7.36 -76.02 -0.18
C GLN C 79 -7.16 -76.48 1.26
N ALA C 80 -6.27 -77.44 1.46
CA ALA C 80 -5.93 -77.90 2.79
C ALA C 80 -5.41 -76.75 3.66
N ASP C 81 -4.70 -75.80 3.05
CA ASP C 81 -4.12 -74.68 3.79
C ASP C 81 -5.11 -73.58 4.09
N ASP C 82 -6.37 -73.71 3.65
CA ASP C 82 -7.41 -72.73 3.88
C ASP C 82 -8.21 -72.99 5.16
N GLU C 83 -7.92 -74.08 5.87
CA GLU C 83 -8.69 -74.47 7.05
C GLU C 83 -8.18 -73.66 8.23
N ALA C 84 -8.87 -72.56 8.53
CA ALA C 84 -8.45 -71.61 9.54
C ALA C 84 -9.69 -70.89 10.07
N ASP C 85 -9.49 -70.10 11.12
CA ASP C 85 -10.59 -69.33 11.71
C ASP C 85 -10.75 -68.01 10.97
N TYR C 86 -11.89 -67.81 10.31
CA TYR C 86 -12.16 -66.58 9.60
C TYR C 86 -12.92 -65.61 10.50
N TYR C 87 -12.59 -64.32 10.39
CA TYR C 87 -13.23 -63.27 11.17
C TYR C 87 -13.69 -62.15 10.26
N CYS C 88 -14.84 -61.55 10.60
CA CYS C 88 -15.33 -60.33 9.98
C CYS C 88 -15.13 -59.15 10.93
N SER C 89 -14.91 -57.97 10.35
CA SER C 89 -14.76 -56.74 11.11
C SER C 89 -15.32 -55.59 10.31
N ALA C 90 -15.98 -54.64 10.99
CA ALA C 90 -16.57 -53.50 10.29
C ALA C 90 -16.40 -52.21 11.06
N TYR C 91 -16.29 -51.11 10.31
CA TYR C 91 -16.18 -49.77 10.89
C TYR C 91 -17.49 -49.33 11.53
N ALA C 92 -17.40 -48.77 12.74
CA ALA C 92 -18.58 -48.30 13.49
C ALA C 92 -18.64 -46.78 13.70
N GLY C 93 -17.78 -46.00 13.07
CA GLY C 93 -17.80 -44.56 13.28
C GLY C 93 -16.80 -44.07 14.30
N ARG C 94 -17.07 -42.87 14.81
CA ARG C 94 -16.13 -42.17 15.68
C ARG C 94 -16.23 -42.60 17.14
N GLN C 95 -17.40 -43.02 17.61
CA GLN C 95 -17.54 -43.36 19.02
C GLN C 95 -16.91 -44.71 19.32
N THR C 96 -17.09 -45.65 18.39
CA THR C 96 -16.47 -46.97 18.41
C THR C 96 -15.93 -47.13 17.00
N PHE C 97 -14.68 -47.57 16.89
CA PHE C 97 -14.11 -47.66 15.55
C PHE C 97 -14.40 -48.99 14.86
N TYR C 98 -14.21 -50.13 15.53
CA TYR C 98 -14.42 -51.41 14.88
C TYR C 98 -15.24 -52.38 15.71
N ILE C 99 -16.07 -53.15 15.02
CA ILE C 99 -16.91 -54.19 15.62
C ILE C 99 -16.38 -55.50 15.05
N PHE C 100 -16.14 -56.47 15.92
CA PHE C 100 -15.62 -57.78 15.53
C PHE C 100 -16.59 -58.89 15.90
N GLY C 101 -16.60 -59.91 15.04
CA GLY C 101 -17.32 -61.14 15.30
C GLY C 101 -16.40 -62.21 15.87
N GLY C 102 -16.94 -63.41 16.00
CA GLY C 102 -16.18 -64.56 16.46
C GLY C 102 -15.52 -65.24 15.28
N GLY C 103 -14.91 -66.39 15.56
CA GLY C 103 -14.22 -67.15 14.52
C GLY C 103 -15.07 -68.27 13.95
N THR C 104 -14.89 -68.50 12.66
CA THR C 104 -15.55 -69.59 11.94
C THR C 104 -14.48 -70.56 11.47
N ARG C 105 -14.53 -71.80 11.98
CA ARG C 105 -13.59 -72.81 11.54
C ARG C 105 -14.15 -73.46 10.28
N LEU C 106 -13.32 -73.51 9.24
CA LEU C 106 -13.72 -74.12 7.96
C LEU C 106 -14.20 -75.55 8.16
N GLY D 10 11.93 -22.03 4.70
CA GLY D 10 12.12 -20.78 4.00
C GLY D 10 10.97 -20.44 3.08
N PHE D 11 10.93 -19.19 2.62
CA PHE D 11 9.85 -18.73 1.76
C PHE D 11 9.91 -19.47 0.43
N LEU D 12 8.81 -20.12 0.05
CA LEU D 12 8.71 -20.94 -1.15
C LEU D 12 9.65 -22.14 -1.14
N GLY D 13 10.25 -22.47 0.01
CA GLY D 13 11.18 -23.60 0.04
C GLY D 13 10.53 -24.90 -0.36
N ALA D 14 9.25 -25.06 -0.05
CA ALA D 14 8.50 -26.27 -0.38
C ALA D 14 7.87 -26.20 -1.77
N ALA D 15 8.13 -25.12 -2.52
CA ALA D 15 7.48 -24.93 -3.82
C ALA D 15 7.73 -26.11 -4.75
N GLY D 16 8.90 -26.71 -4.69
CA GLY D 16 9.21 -27.85 -5.50
C GLY D 16 8.91 -29.18 -4.87
N SER D 17 8.41 -29.18 -3.64
CA SER D 17 8.08 -30.39 -2.92
C SER D 17 6.67 -30.84 -3.32
N THR D 18 6.29 -32.03 -2.87
CA THR D 18 4.97 -32.51 -3.20
C THR D 18 3.93 -31.74 -2.40
N MET D 19 2.67 -31.83 -2.84
CA MET D 19 1.60 -31.06 -2.21
C MET D 19 1.46 -31.42 -0.73
N GLY D 20 1.58 -32.71 -0.40
CA GLY D 20 1.46 -33.11 0.99
C GLY D 20 2.51 -32.47 1.86
N ALA D 21 3.78 -32.57 1.47
CA ALA D 21 4.85 -31.94 2.23
C ALA D 21 4.69 -30.43 2.26
N ALA D 22 4.29 -29.85 1.13
CA ALA D 22 4.14 -28.40 1.05
C ALA D 22 3.05 -27.89 1.97
N SER D 23 2.04 -28.72 2.26
CA SER D 23 0.96 -28.29 3.14
C SER D 23 1.42 -27.97 4.55
N MET D 24 2.61 -28.43 4.95
CA MET D 24 3.14 -28.19 6.28
C MET D 24 3.95 -26.90 6.40
N THR D 25 4.14 -26.16 5.31
CA THR D 25 4.92 -24.93 5.30
C THR D 25 4.09 -23.69 4.99
N LEU D 26 2.76 -23.79 5.05
CA LEU D 26 1.90 -22.66 4.69
C LEU D 26 2.13 -21.45 5.57
N THR D 27 2.56 -21.66 6.82
CA THR D 27 2.73 -20.55 7.75
C THR D 27 3.83 -19.58 7.34
N VAL D 28 4.95 -20.09 6.82
CA VAL D 28 6.04 -19.17 6.52
C VAL D 28 5.68 -18.34 5.29
N GLN D 29 4.99 -18.96 4.34
CA GLN D 29 4.63 -18.27 3.12
C GLN D 29 3.55 -17.24 3.40
N ALA D 30 2.60 -17.57 4.28
CA ALA D 30 1.57 -16.62 4.66
C ALA D 30 2.13 -15.44 5.43
N ARG D 31 3.08 -15.68 6.34
CA ARG D 31 3.61 -14.60 7.16
C ARG D 31 4.42 -13.59 6.35
N ASN D 32 4.99 -14.01 5.23
CA ASN D 32 5.82 -13.15 4.39
C ASN D 32 5.01 -12.41 3.32
N LEU D 33 3.68 -12.46 3.36
CA LEU D 33 2.86 -11.75 2.39
C LEU D 33 2.69 -10.28 2.74
N LEU D 34 2.87 -9.91 4.01
CA LEU D 34 2.78 -8.52 4.43
C LEU D 34 4.12 -7.83 4.56
N SER D 35 5.18 -8.59 4.89
CA SER D 35 6.57 -8.15 5.13
C SER D 35 6.87 -6.64 5.11
N GLY D 61 8.98 7.79 -5.28
CA GLY D 61 8.37 7.87 -3.97
C GLY D 61 6.92 7.41 -3.97
N ILE D 62 6.15 7.95 -4.92
CA ILE D 62 4.74 7.59 -5.01
C ILE D 62 4.55 6.14 -5.45
N LYS D 63 5.43 5.64 -6.33
CA LYS D 63 5.25 4.31 -6.89
C LYS D 63 5.41 3.21 -5.84
N GLN D 64 6.36 3.37 -4.92
CA GLN D 64 6.51 2.32 -3.90
C GLN D 64 5.33 2.34 -2.93
N LEU D 65 4.76 3.52 -2.70
CA LEU D 65 3.59 3.60 -1.83
C LEU D 65 2.41 2.93 -2.52
N GLN D 66 2.32 3.11 -3.85
CA GLN D 66 1.29 2.43 -4.62
C GLN D 66 1.48 0.92 -4.53
N ALA D 67 2.74 0.47 -4.57
CA ALA D 67 3.01 -0.95 -4.46
C ALA D 67 2.56 -1.49 -3.11
N ARG D 68 2.80 -0.74 -2.04
CA ARG D 68 2.37 -1.20 -0.72
C ARG D 68 0.85 -1.27 -0.65
N VAL D 69 0.17 -0.27 -1.22
CA VAL D 69 -1.29 -0.29 -1.19
C VAL D 69 -1.82 -1.47 -2.00
N LEU D 70 -1.21 -1.73 -3.18
CA LEU D 70 -1.68 -2.84 -4.00
C LEU D 70 -1.48 -4.16 -3.28
N ALA D 71 -0.34 -4.33 -2.61
CA ALA D 71 -0.11 -5.56 -1.86
C ALA D 71 -1.15 -5.73 -0.75
N VAL D 72 -1.48 -4.64 -0.08
CA VAL D 72 -2.51 -4.70 0.96
C VAL D 72 -3.85 -5.07 0.34
N GLU D 73 -4.19 -4.48 -0.79
CA GLU D 73 -5.46 -4.78 -1.44
C GLU D 73 -5.55 -6.26 -1.82
N HIS D 74 -4.45 -6.83 -2.33
CA HIS D 74 -4.47 -8.24 -2.70
C HIS D 74 -4.61 -9.11 -1.47
N TYR D 75 -3.91 -8.75 -0.38
CA TYR D 75 -4.03 -9.51 0.85
C TYR D 75 -5.47 -9.50 1.34
N LEU D 76 -6.09 -8.32 1.34
CA LEU D 76 -7.47 -8.21 1.82
C LEU D 76 -8.43 -8.92 0.88
N ARG D 77 -8.15 -8.95 -0.42
CA ARG D 77 -8.99 -9.72 -1.33
C ARG D 77 -8.96 -11.19 -0.94
N ASP D 78 -7.77 -11.70 -0.60
CA ASP D 78 -7.68 -13.10 -0.21
C ASP D 78 -8.38 -13.34 1.12
N GLN D 79 -8.25 -12.40 2.05
CA GLN D 79 -8.91 -12.56 3.35
C GLN D 79 -10.42 -12.51 3.20
N GLN D 80 -10.92 -11.67 2.31
CA GLN D 80 -12.36 -11.59 2.10
C GLN D 80 -12.87 -12.85 1.40
N LEU D 81 -12.09 -13.39 0.47
CA LEU D 81 -12.50 -14.63 -0.16
C LEU D 81 -12.61 -15.74 0.87
N LEU D 82 -11.65 -15.79 1.80
CA LEU D 82 -11.76 -16.77 2.88
C LEU D 82 -12.97 -16.47 3.77
N GLY D 83 -13.25 -15.19 3.99
CA GLY D 83 -14.39 -14.80 4.80
C GLY D 83 -15.71 -15.30 4.25
N ILE D 84 -15.97 -15.01 2.97
CA ILE D 84 -17.26 -15.39 2.39
C ILE D 84 -17.43 -16.90 2.33
N TRP D 85 -16.33 -17.65 2.37
CA TRP D 85 -16.35 -19.11 2.45
C TRP D 85 -16.39 -19.62 3.88
N GLY D 86 -16.31 -18.74 4.88
CA GLY D 86 -16.27 -19.17 6.26
C GLY D 86 -14.94 -19.72 6.71
N CYS D 87 -13.85 -19.34 6.04
CA CYS D 87 -12.52 -19.86 6.30
C CYS D 87 -11.56 -18.79 6.84
N SER D 88 -12.09 -17.67 7.34
CA SER D 88 -11.24 -16.56 7.74
C SER D 88 -10.33 -16.88 8.92
N GLY D 89 -10.68 -17.86 9.74
CA GLY D 89 -9.92 -18.13 10.95
C GLY D 89 -8.80 -19.15 10.87
N LYS D 90 -8.50 -19.73 9.71
CA LYS D 90 -7.49 -20.78 9.65
C LYS D 90 -6.87 -20.84 8.28
N LEU D 91 -5.71 -21.51 8.20
CA LEU D 91 -5.00 -21.70 6.94
C LEU D 91 -5.50 -22.90 6.15
N ILE D 92 -5.97 -23.94 6.84
CA ILE D 92 -6.48 -25.15 6.19
C ILE D 92 -7.94 -25.26 6.60
N CYS D 93 -8.84 -25.02 5.64
CA CYS D 93 -10.27 -24.94 5.89
C CYS D 93 -11.01 -25.96 5.02
N CYS D 94 -11.60 -26.97 5.66
CA CYS D 94 -12.39 -27.96 4.96
C CYS D 94 -13.78 -27.38 4.73
N THR D 95 -14.38 -27.70 3.58
CA THR D 95 -15.69 -27.19 3.22
C THR D 95 -16.65 -28.33 2.92
N ASN D 96 -17.91 -27.96 2.64
CA ASN D 96 -18.98 -28.89 2.35
C ASN D 96 -19.28 -29.05 0.85
N VAL D 97 -18.40 -28.57 -0.02
CA VAL D 97 -18.60 -28.69 -1.47
C VAL D 97 -17.93 -29.99 -1.93
N PRO D 98 -18.65 -30.92 -2.56
CA PRO D 98 -18.01 -32.15 -3.02
C PRO D 98 -17.14 -31.89 -4.24
N TRP D 99 -16.21 -32.80 -4.46
CA TRP D 99 -15.37 -32.74 -5.66
C TRP D 99 -16.17 -33.23 -6.86
N ASN D 100 -16.14 -32.44 -7.94
CA ASN D 100 -16.93 -32.75 -9.12
C ASN D 100 -16.39 -33.96 -9.86
N SER D 101 -15.07 -34.15 -9.86
CA SER D 101 -14.31 -35.18 -10.56
C SER D 101 -14.15 -34.84 -12.04
N SER D 102 -14.91 -33.90 -12.60
CA SER D 102 -14.69 -33.46 -13.97
C SER D 102 -13.57 -32.44 -14.03
N TRP D 103 -13.33 -31.76 -12.92
CA TRP D 103 -12.24 -30.79 -12.82
C TRP D 103 -10.91 -31.50 -12.96
N SER D 104 -10.78 -32.67 -12.32
CA SER D 104 -9.60 -33.50 -12.38
C SER D 104 -10.02 -34.88 -11.92
N ASN D 105 -9.64 -35.91 -12.69
CA ASN D 105 -9.97 -37.29 -12.36
C ASN D 105 -8.79 -38.06 -11.81
N ARG D 106 -7.76 -37.36 -11.34
CA ARG D 106 -6.63 -38.03 -10.72
C ARG D 106 -7.04 -38.52 -9.34
N ASN D 107 -6.42 -39.60 -8.90
CA ASN D 107 -6.77 -40.11 -7.57
C ASN D 107 -6.09 -39.27 -6.50
N LEU D 108 -6.58 -39.42 -5.26
CA LEU D 108 -6.10 -38.61 -4.16
C LEU D 108 -4.61 -38.81 -3.93
N SER D 109 -4.14 -40.06 -4.01
CA SER D 109 -2.73 -40.34 -3.79
C SER D 109 -1.88 -39.68 -4.86
N GLU D 110 -2.32 -39.74 -6.11
CA GLU D 110 -1.58 -39.11 -7.20
C GLU D 110 -1.48 -37.61 -6.98
N ILE D 111 -2.60 -36.98 -6.61
CA ILE D 111 -2.62 -35.52 -6.47
C ILE D 111 -1.70 -35.07 -5.35
N TRP D 112 -1.73 -35.75 -4.20
CA TRP D 112 -0.94 -35.27 -3.07
C TRP D 112 0.49 -35.77 -3.02
N ASP D 113 0.79 -36.97 -3.51
CA ASP D 113 2.13 -37.53 -3.40
C ASP D 113 3.01 -37.35 -4.63
N ASN D 114 2.43 -37.18 -5.82
CA ASN D 114 3.23 -37.03 -7.03
C ASN D 114 3.30 -35.61 -7.57
N MET D 115 2.18 -34.89 -7.62
CA MET D 115 2.16 -33.56 -8.22
C MET D 115 2.61 -32.48 -7.25
N THR D 116 3.14 -31.40 -7.81
CA THR D 116 3.51 -30.21 -7.09
C THR D 116 2.35 -29.22 -7.18
N TRP D 117 2.41 -28.16 -6.36
CA TRP D 117 1.32 -27.19 -6.36
C TRP D 117 1.26 -26.41 -7.67
N LEU D 118 2.39 -26.19 -8.34
CA LEU D 118 2.34 -25.50 -9.62
C LEU D 118 1.63 -26.36 -10.66
N GLN D 119 1.91 -27.66 -10.64
CA GLN D 119 1.26 -28.56 -11.57
C GLN D 119 -0.22 -28.65 -11.26
N TRP D 120 -0.58 -28.66 -9.98
CA TRP D 120 -1.99 -28.69 -9.61
C TRP D 120 -2.70 -27.42 -10.07
N ASP D 121 -2.07 -26.26 -9.87
CA ASP D 121 -2.66 -25.01 -10.32
C ASP D 121 -2.92 -25.03 -11.81
N LYS D 122 -1.98 -25.56 -12.58
CA LYS D 122 -2.21 -25.69 -14.02
C LYS D 122 -3.35 -26.68 -14.29
N GLU D 123 -3.38 -27.78 -13.54
CA GLU D 123 -4.36 -28.84 -13.75
C GLU D 123 -5.80 -28.33 -13.67
N ILE D 124 -6.09 -27.42 -12.75
CA ILE D 124 -7.45 -26.92 -12.54
C ILE D 124 -7.57 -25.41 -12.79
N SER D 125 -6.68 -24.83 -13.60
CA SER D 125 -6.73 -23.39 -13.83
C SER D 125 -8.04 -22.95 -14.48
N ASN D 126 -8.70 -23.83 -15.23
CA ASN D 126 -9.95 -23.50 -15.92
C ASN D 126 -11.20 -23.60 -15.06
N TYR D 127 -11.10 -24.03 -13.81
CA TYR D 127 -12.27 -24.30 -12.97
C TYR D 127 -12.36 -23.42 -11.73
N THR D 128 -11.39 -22.52 -11.52
CA THR D 128 -11.34 -21.74 -10.28
C THR D 128 -12.60 -20.89 -10.10
N GLN D 129 -13.08 -20.26 -11.18
CA GLN D 129 -14.24 -19.38 -11.05
C GLN D 129 -15.52 -20.14 -10.74
N ILE D 130 -15.55 -21.45 -10.99
CA ILE D 130 -16.72 -22.27 -10.66
C ILE D 130 -16.63 -22.71 -9.22
N ILE D 131 -15.44 -23.14 -8.81
CA ILE D 131 -15.22 -23.66 -7.47
C ILE D 131 -15.50 -22.55 -6.46
N TYR D 132 -14.98 -21.35 -6.72
CA TYR D 132 -15.20 -20.24 -5.79
C TYR D 132 -16.68 -19.91 -5.66
N GLY D 133 -17.41 -19.91 -6.78
CA GLY D 133 -18.84 -19.65 -6.71
C GLY D 133 -19.58 -20.70 -5.91
N LEU D 134 -19.20 -21.96 -6.09
CA LEU D 134 -19.87 -23.02 -5.33
C LEU D 134 -19.56 -22.88 -3.85
N LEU D 135 -18.33 -22.50 -3.51
CA LEU D 135 -17.97 -22.31 -2.11
C LEU D 135 -18.79 -21.18 -1.50
N GLU D 136 -18.99 -20.11 -2.28
CA GLU D 136 -19.80 -18.99 -1.82
C GLU D 136 -21.22 -19.43 -1.53
N GLU D 137 -21.82 -20.19 -2.47
CA GLU D 137 -23.19 -20.63 -2.27
C GLU D 137 -23.29 -21.57 -1.07
N SER D 138 -22.29 -22.45 -0.91
CA SER D 138 -22.31 -23.40 0.20
C SER D 138 -22.25 -22.66 1.52
N GLN D 139 -21.37 -21.66 1.63
CA GLN D 139 -21.28 -20.93 2.89
C GLN D 139 -22.56 -20.15 3.15
N ASN D 140 -23.19 -19.61 2.11
CA ASN D 140 -24.43 -18.87 2.32
C ASN D 140 -25.51 -19.80 2.86
N GLN D 141 -25.58 -21.01 2.33
CA GLN D 141 -26.58 -21.95 2.81
C GLN D 141 -26.25 -22.40 4.23
N GLN D 142 -24.96 -22.57 4.53
CA GLN D 142 -24.56 -22.97 5.86
C GLN D 142 -24.95 -21.91 6.89
N GLU D 143 -24.72 -20.63 6.56
CA GLU D 143 -25.05 -19.58 7.51
C GLU D 143 -26.55 -19.48 7.71
N LYS D 144 -27.33 -19.64 6.62
CA LYS D 144 -28.78 -19.57 6.79
C LYS D 144 -29.26 -20.73 7.65
N ASN D 145 -28.67 -21.92 7.44
CA ASN D 145 -29.05 -23.08 8.25
C ASN D 145 -28.70 -22.84 9.71
N GLU D 146 -27.55 -22.22 9.97
CA GLU D 146 -27.19 -21.93 11.35
C GLU D 146 -28.19 -20.98 11.98
N GLN D 147 -28.64 -19.98 11.21
CA GLN D 147 -29.62 -19.05 11.76
C GLN D 147 -30.92 -19.77 12.08
N ASP D 148 -31.32 -20.71 11.23
CA ASP D 148 -32.56 -21.43 11.50
C ASP D 148 -32.41 -22.38 12.68
N LEU D 149 -31.23 -22.98 12.85
CA LEU D 149 -31.01 -23.86 13.99
C LEU D 149 -30.97 -23.09 15.30
N LEU D 150 -30.36 -21.90 15.28
CA LEU D 150 -30.32 -21.09 16.50
C LEU D 150 -31.71 -20.63 16.90
N ALA D 151 -32.62 -20.49 15.95
CA ALA D 151 -33.97 -20.05 16.24
C ALA D 151 -34.76 -21.06 17.05
N LEU D 152 -34.33 -22.32 17.10
CA LEU D 152 -35.10 -23.33 17.82
C LEU D 152 -34.95 -23.09 19.32
N ASP D 153 -36.08 -23.04 20.02
CA ASP D 153 -36.07 -22.82 21.45
C ASP D 153 -35.48 -24.01 22.19
N ASN E 3 1.54 -26.20 35.11
CA ASN E 3 0.09 -26.06 35.21
C ASN E 3 -0.41 -24.71 34.72
N LEU E 4 0.42 -23.97 33.99
CA LEU E 4 0.06 -22.69 33.41
C LEU E 4 0.24 -22.75 31.90
N TRP E 5 -0.62 -22.00 31.18
CA TRP E 5 -0.58 -21.95 29.73
C TRP E 5 -0.59 -20.50 29.25
N VAL E 6 -0.09 -20.30 28.04
CA VAL E 6 -0.03 -18.98 27.44
C VAL E 6 -1.43 -18.52 27.06
N THR E 7 -1.76 -17.28 27.40
CA THR E 7 -2.97 -16.62 26.92
C THR E 7 -2.54 -15.34 26.21
N VAL E 8 -3.09 -15.14 25.01
CA VAL E 8 -2.75 -14.02 24.15
C VAL E 8 -3.79 -12.92 24.34
N TYR E 9 -3.32 -11.70 24.57
CA TYR E 9 -4.16 -10.53 24.79
C TYR E 9 -3.86 -9.52 23.69
N TYR E 10 -4.92 -9.05 23.03
CA TYR E 10 -4.82 -8.07 21.96
C TYR E 10 -5.50 -6.78 22.42
N GLY E 11 -4.74 -5.69 22.36
CA GLY E 11 -5.17 -4.41 22.88
C GLY E 11 -4.50 -4.07 24.19
N VAL E 12 -3.39 -4.71 24.49
CA VAL E 12 -2.68 -4.55 25.76
C VAL E 12 -2.10 -3.13 25.86
N PRO E 13 -2.31 -2.39 26.98
CA PRO E 13 -1.81 -1.00 27.06
C PRO E 13 -0.29 -0.91 27.30
N VAL E 14 0.48 -1.35 26.30
CA VAL E 14 1.93 -1.33 26.34
C VAL E 14 2.41 -0.57 25.11
N TRP E 15 3.50 0.17 25.26
CA TRP E 15 4.05 0.95 24.16
C TRP E 15 5.57 0.97 24.22
N LYS E 16 6.15 1.34 23.08
CA LYS E 16 7.59 1.48 22.90
C LYS E 16 7.89 2.87 22.36
N ASP E 17 9.10 3.34 22.62
CA ASP E 17 9.53 4.61 22.02
C ASP E 17 9.47 4.48 20.51
N ALA E 18 8.98 5.52 19.85
CA ALA E 18 8.86 5.49 18.39
C ALA E 18 9.12 6.85 17.78
N GLU E 19 9.60 6.83 16.54
CA GLU E 19 9.87 8.01 15.73
C GLU E 19 9.04 7.89 14.45
N THR E 20 7.88 8.55 14.40
CA THR E 20 7.01 8.49 13.23
C THR E 20 6.54 9.88 12.81
N THR E 21 5.84 9.90 11.67
CA THR E 21 5.31 11.12 11.09
C THR E 21 4.02 11.53 11.80
N LEU E 22 3.92 12.81 12.15
CA LEU E 22 2.74 13.37 12.79
C LEU E 22 1.92 14.18 11.80
N PHE E 23 0.62 14.27 12.07
CA PHE E 23 -0.34 15.01 11.25
C PHE E 23 -0.47 16.46 11.71
N CYS E 24 -0.70 17.34 10.73
CA CYS E 24 -1.03 18.72 11.00
C CYS E 24 -2.50 18.82 11.39
N ALA E 25 -2.79 19.57 12.44
CA ALA E 25 -4.17 19.93 12.76
C ALA E 25 -4.20 21.40 13.15
N SER E 26 -5.20 22.12 12.63
CA SER E 26 -5.34 23.54 12.90
C SER E 26 -6.78 23.94 12.64
N ASP E 27 -7.34 24.74 13.54
CA ASP E 27 -8.71 25.22 13.39
C ASP E 27 -8.83 26.16 12.20
N HIS E 36 -4.44 35.88 3.20
CA HIS E 36 -3.78 34.61 3.39
C HIS E 36 -2.67 34.72 4.43
N ASN E 37 -2.40 33.61 5.13
CA ASN E 37 -1.33 33.50 6.11
C ASN E 37 -0.29 32.51 5.62
N VAL E 38 0.98 32.86 5.79
CA VAL E 38 2.07 31.99 5.32
C VAL E 38 2.01 30.63 5.99
N TRP E 39 1.45 30.54 7.19
CA TRP E 39 1.41 29.28 7.93
C TRP E 39 0.16 28.47 7.63
N ALA E 40 -0.78 29.01 6.86
CA ALA E 40 -1.98 28.26 6.52
C ALA E 40 -1.59 27.04 5.70
N THR E 41 -2.11 25.88 6.09
CA THR E 41 -1.77 24.61 5.45
C THR E 41 -3.04 23.98 4.92
N HIS E 42 -3.02 23.64 3.63
CA HIS E 42 -4.18 23.00 3.02
C HIS E 42 -4.27 21.54 3.42
N ALA E 43 -3.13 20.84 3.47
CA ALA E 43 -3.08 19.45 3.89
C ALA E 43 -3.01 19.40 5.42
N CYS E 44 -4.09 19.86 6.04
CA CYS E 44 -4.16 20.01 7.49
C CYS E 44 -5.63 19.93 7.86
N VAL E 45 -5.94 19.21 8.93
CA VAL E 45 -7.31 18.91 9.32
C VAL E 45 -7.80 19.83 10.45
N PRO E 46 -9.08 20.22 10.49
CA PRO E 46 -9.58 20.95 11.66
C PRO E 46 -9.34 20.17 12.95
N THR E 47 -9.08 20.90 14.02
CA THR E 47 -8.77 20.29 15.31
C THR E 47 -10.03 19.74 15.96
N ASP E 48 -9.81 18.93 16.98
CA ASP E 48 -10.90 18.36 17.76
C ASP E 48 -11.56 19.47 18.58
N PRO E 49 -12.86 19.73 18.43
CA PRO E 49 -13.50 20.76 19.29
C PRO E 49 -13.39 20.47 20.78
N ASN E 50 -13.21 19.22 21.17
CA ASN E 50 -13.13 18.82 22.58
C ASN E 50 -11.98 17.84 22.75
N PRO E 51 -10.73 18.33 22.71
CA PRO E 51 -9.57 17.42 22.77
C PRO E 51 -9.59 16.56 24.03
N GLN E 52 -9.18 15.30 23.88
CA GLN E 52 -9.19 14.35 24.97
C GLN E 52 -7.80 14.24 25.61
N GLU E 53 -7.80 14.15 26.94
CA GLU E 53 -6.59 13.92 27.73
C GLU E 53 -6.97 12.90 28.80
N ILE E 54 -6.16 11.84 28.93
CA ILE E 54 -6.42 10.81 29.93
C ILE E 54 -5.20 10.72 30.84
N HIS E 55 -5.37 11.10 32.11
CA HIS E 55 -4.29 10.99 33.07
C HIS E 55 -3.99 9.52 33.32
N LEU E 56 -2.69 9.18 33.34
CA LEU E 56 -2.25 7.81 33.61
C LEU E 56 -1.83 7.73 35.08
N GLU E 57 -2.68 7.13 35.90
CA GLU E 57 -2.40 7.02 37.33
C GLU E 57 -1.29 6.01 37.56
N ASN E 58 -0.39 6.34 38.50
CA ASN E 58 0.68 5.43 38.92
C ASN E 58 1.53 4.97 37.75
N VAL E 59 1.81 5.88 36.81
CA VAL E 59 2.69 5.60 35.67
C VAL E 59 3.81 6.62 35.69
N THR E 60 5.04 6.13 35.78
CA THR E 60 6.25 6.94 35.74
C THR E 60 7.03 6.53 34.50
N GLU E 61 7.41 7.51 33.67
CA GLU E 61 8.10 7.20 32.42
C GLU E 61 9.21 8.21 32.16
N GLU E 62 10.31 7.72 31.58
CA GLU E 62 11.43 8.60 31.25
C GLU E 62 11.14 9.40 30.00
N PHE E 63 11.34 10.71 30.09
CA PHE E 63 11.22 11.64 28.98
C PHE E 63 12.58 12.24 28.70
N ASN E 64 12.80 12.62 27.44
CA ASN E 64 14.07 13.26 27.06
C ASN E 64 13.79 14.25 25.94
N MET E 65 13.85 15.54 26.26
CA MET E 65 13.56 16.56 25.25
C MET E 65 14.68 16.65 24.24
N TRP E 66 15.91 16.35 24.67
CA TRP E 66 17.08 16.51 23.82
C TRP E 66 17.09 15.51 22.68
N LYS E 67 16.46 14.36 22.87
CA LYS E 67 16.38 13.31 21.84
C LYS E 67 14.99 13.23 21.24
N ASN E 68 14.13 14.21 21.50
CA ASN E 68 12.76 14.19 21.01
C ASN E 68 12.77 14.32 19.49
N ASN E 69 12.05 13.42 18.81
CA ASN E 69 12.04 13.41 17.35
C ASN E 69 11.03 14.38 16.76
N MET E 70 10.25 15.08 17.59
CA MET E 70 9.28 16.03 17.06
C MET E 70 9.91 17.37 16.71
N VAL E 71 11.13 17.62 17.19
CA VAL E 71 11.81 18.86 16.84
C VAL E 71 12.22 18.80 15.37
N GLU E 72 12.69 17.62 14.94
CA GLU E 72 13.09 17.46 13.55
C GLU E 72 11.89 17.63 12.63
N GLN E 73 10.74 17.06 13.02
CA GLN E 73 9.54 17.23 12.22
C GLN E 73 9.08 18.68 12.25
N MET E 74 9.23 19.34 13.39
CA MET E 74 8.82 20.74 13.50
C MET E 74 9.57 21.62 12.53
N HIS E 75 10.92 21.55 12.52
CA HIS E 75 11.62 22.44 11.60
C HIS E 75 11.44 21.99 10.16
N GLU E 76 11.33 20.68 9.90
CA GLU E 76 11.13 20.24 8.53
C GLU E 76 9.81 20.75 7.99
N ASP E 77 8.76 20.69 8.81
CA ASP E 77 7.45 21.12 8.36
C ASP E 77 7.41 22.63 8.19
N ILE E 78 8.03 23.36 9.11
CA ILE E 78 8.01 24.82 9.02
C ILE E 78 8.79 25.28 7.79
N ILE E 79 9.95 24.68 7.53
CA ILE E 79 10.75 25.11 6.39
C ILE E 79 10.06 24.74 5.09
N SER E 80 9.53 23.51 4.99
CA SER E 80 8.85 23.10 3.77
C SER E 80 7.63 23.97 3.51
N LEU E 81 6.84 24.26 4.56
CA LEU E 81 5.66 25.11 4.40
C LEU E 81 6.07 26.50 3.93
N TRP E 82 7.10 27.06 4.57
CA TRP E 82 7.62 28.37 4.17
C TRP E 82 7.99 28.39 2.69
N ASP E 83 8.78 27.41 2.26
CA ASP E 83 9.24 27.40 0.88
C ASP E 83 8.07 27.22 -0.08
N GLN E 84 7.12 26.36 0.27
CA GLN E 84 5.97 26.14 -0.60
C GLN E 84 5.13 27.41 -0.73
N SER E 85 5.01 28.17 0.36
CA SER E 85 4.27 29.42 0.30
C SER E 85 5.01 30.48 -0.50
N LEU E 86 6.34 30.52 -0.39
CA LEU E 86 7.12 31.54 -1.08
C LEU E 86 7.30 31.28 -2.58
N LYS E 87 7.43 30.02 -2.99
CA LYS E 87 7.63 29.70 -4.42
C LYS E 87 6.64 30.39 -5.35
N PRO E 88 5.31 30.32 -5.15
CA PRO E 88 4.39 30.96 -6.10
C PRO E 88 4.26 32.47 -5.89
N CYS E 89 5.38 33.17 -6.03
CA CYS E 89 5.43 34.62 -5.86
C CYS E 89 6.44 35.16 -6.86
N VAL E 90 6.54 36.49 -6.92
CA VAL E 90 7.39 37.15 -7.92
C VAL E 90 8.85 36.97 -7.55
N LYS E 91 9.65 36.50 -8.51
CA LYS E 91 11.09 36.39 -8.34
C LYS E 91 11.76 37.65 -8.87
N LEU E 92 12.54 38.32 -8.02
CA LEU E 92 13.12 39.62 -8.38
C LEU E 92 14.47 39.46 -9.08
N THR E 93 14.44 38.84 -10.25
CA THR E 93 15.68 38.67 -11.01
C THR E 93 16.24 40.00 -11.54
N PRO E 94 15.44 40.97 -12.00
CA PRO E 94 16.05 42.19 -12.54
C PRO E 94 16.42 43.23 -11.49
N LEU E 95 16.39 42.88 -10.20
CA LEU E 95 16.75 43.80 -9.13
C LEU E 95 18.18 43.65 -8.66
N CYS E 96 18.90 42.62 -9.11
CA CYS E 96 20.31 42.44 -8.79
C CYS E 96 21.14 43.24 -9.81
N VAL E 97 21.10 44.56 -9.61
CA VAL E 97 21.67 45.54 -10.51
C VAL E 97 22.59 46.47 -9.71
N THR E 98 23.39 47.25 -10.43
CA THR E 98 24.24 48.24 -9.77
C THR E 98 23.37 49.37 -9.25
N LEU E 99 23.62 49.78 -8.00
CA LEU E 99 22.91 50.87 -7.37
C LEU E 99 23.84 52.08 -7.23
N GLN E 100 23.30 53.27 -7.47
CA GLN E 100 23.99 54.54 -7.24
C GLN E 100 23.25 55.25 -6.12
N CYS E 101 23.88 55.37 -4.95
CA CYS E 101 23.19 55.76 -3.73
C CYS E 101 23.81 57.01 -3.11
N THR E 102 22.94 57.75 -2.42
CA THR E 102 23.26 58.87 -1.56
C THR E 102 22.51 58.71 -0.24
N ASN E 103 22.74 59.63 0.70
CA ASN E 103 22.03 59.60 1.96
C ASN E 103 20.63 60.20 1.82
N TYR E 104 19.64 59.53 2.40
CA TYR E 104 18.26 60.03 2.32
C TYR E 104 18.11 61.37 3.02
N ALA E 105 18.60 61.49 4.25
CA ALA E 105 18.47 62.70 5.06
C ALA E 105 19.83 63.06 5.64
N PRO E 106 20.71 63.70 4.84
CA PRO E 106 22.09 63.90 5.27
C PRO E 106 22.26 64.73 6.55
N LYS E 107 21.25 65.50 6.97
CA LYS E 107 21.39 66.39 8.12
C LYS E 107 20.86 65.80 9.43
N LEU E 108 20.44 64.55 9.45
CA LEU E 108 19.97 63.96 10.70
C LEU E 108 21.12 63.77 11.68
N ARG E 109 20.85 64.04 12.96
CA ARG E 109 21.79 63.79 14.04
C ARG E 109 21.30 62.71 14.99
N SER E 110 20.23 62.00 14.64
CA SER E 110 19.67 60.93 15.44
C SER E 110 20.42 59.63 15.15
N MET E 111 20.03 58.55 15.82
CA MET E 111 20.69 57.27 15.58
C MET E 111 20.34 56.68 14.22
N MET E 112 19.44 57.30 13.45
CA MET E 112 19.11 56.87 12.10
C MET E 112 20.01 57.51 11.05
N ARG E 113 20.99 58.31 11.47
CA ARG E 113 21.91 58.96 10.54
C ARG E 113 22.68 57.89 9.78
N GLY E 114 22.55 57.90 8.45
CA GLY E 114 23.24 56.94 7.62
C GLY E 114 22.57 55.59 7.52
N GLU E 115 21.47 55.37 8.22
CA GLU E 115 20.82 54.06 8.22
C GLU E 115 20.03 53.81 6.95
N ILE E 116 19.50 54.86 6.32
CA ILE E 116 18.66 54.74 5.13
C ILE E 116 19.34 55.47 3.99
N LYS E 117 19.52 54.77 2.87
CA LYS E 117 20.15 55.32 1.68
C LYS E 117 19.16 55.35 0.52
N ASN E 118 19.26 56.39 -0.30
CA ASN E 118 18.43 56.60 -1.49
C ASN E 118 19.23 56.19 -2.72
N CYS E 119 18.83 55.05 -3.31
CA CYS E 119 19.54 54.38 -4.38
C CYS E 119 18.76 54.42 -5.69
N SER E 120 19.45 54.77 -6.78
CA SER E 120 18.92 54.78 -8.13
C SER E 120 19.45 53.60 -8.93
N PHE E 121 18.60 53.04 -9.81
CA PHE E 121 19.02 52.01 -10.74
C PHE E 121 18.12 52.00 -11.96
N ASN E 122 18.67 51.48 -13.07
CA ASN E 122 17.89 51.25 -14.28
C ASN E 122 17.25 49.86 -14.20
N MET E 123 15.94 49.81 -14.42
CA MET E 123 15.13 48.63 -14.18
C MET E 123 14.41 48.20 -15.45
N THR E 124 14.42 46.89 -15.74
CA THR E 124 13.68 46.38 -16.89
C THR E 124 12.20 46.70 -16.71
N THR E 125 11.46 46.71 -17.83
CA THR E 125 10.03 47.01 -17.81
C THR E 125 9.26 45.88 -18.47
N GLU E 126 7.93 46.05 -18.55
CA GLU E 126 7.08 45.02 -19.13
C GLU E 126 7.48 44.75 -20.58
N LEU E 127 7.71 45.81 -21.34
CA LEU E 127 8.27 45.66 -22.67
C LEU E 127 9.78 45.46 -22.53
N ARG E 128 10.31 44.46 -23.24
CA ARG E 128 11.74 44.22 -23.20
C ARG E 128 12.51 45.42 -23.75
N ASP E 129 11.95 46.10 -24.74
CA ASP E 129 12.61 47.22 -25.38
C ASP E 129 12.80 48.42 -24.46
N LYS E 130 11.99 48.56 -23.41
CA LYS E 130 11.97 49.76 -22.60
C LYS E 130 12.54 49.50 -21.21
N LYS E 131 13.27 50.50 -20.70
CA LYS E 131 13.87 50.52 -19.37
C LYS E 131 13.36 51.74 -18.62
N GLN E 132 13.32 51.65 -17.29
CA GLN E 132 12.82 52.74 -16.45
C GLN E 132 13.72 52.94 -15.24
N LYS E 133 14.29 54.14 -15.12
CA LYS E 133 15.08 54.48 -13.95
C LYS E 133 14.15 54.54 -12.74
N VAL E 134 14.57 53.93 -11.64
CA VAL E 134 13.79 53.89 -10.41
C VAL E 134 14.68 54.34 -9.26
N TYR E 135 14.08 55.09 -8.33
CA TYR E 135 14.72 55.52 -7.09
C TYR E 135 13.98 54.89 -5.93
N SER E 136 14.70 54.42 -4.92
CA SER E 136 14.05 53.85 -3.75
C SER E 136 14.98 53.96 -2.56
N LEU E 137 14.41 53.79 -1.36
CA LEU E 137 15.19 53.79 -0.13
C LEU E 137 15.40 52.38 0.39
N PHE E 138 16.60 52.14 0.94
CA PHE E 138 16.97 50.87 1.54
C PHE E 138 17.66 51.12 2.88
N TYR E 139 17.64 50.11 3.73
CA TYR E 139 18.38 50.16 4.98
C TYR E 139 19.86 49.89 4.73
N ARG E 140 20.71 50.45 5.59
CA ARG E 140 22.15 50.26 5.45
C ARG E 140 22.60 48.80 5.59
N LEU E 141 21.77 47.93 6.17
CA LEU E 141 22.17 46.54 6.35
C LEU E 141 21.91 45.68 5.13
N ASP E 142 21.06 46.12 4.21
CA ASP E 142 20.74 45.36 3.01
C ASP E 142 21.61 45.78 1.82
N VAL E 143 22.04 47.03 1.80
CA VAL E 143 22.80 47.62 0.71
C VAL E 143 24.25 47.76 1.16
N VAL E 144 25.18 47.15 0.41
CA VAL E 144 26.59 47.09 0.76
C VAL E 144 27.44 47.74 -0.32
N GLN E 145 28.43 48.50 0.11
CA GLN E 145 29.30 49.26 -0.79
C GLN E 145 30.12 48.34 -1.68
N ILE E 146 30.24 48.73 -2.95
CA ILE E 146 30.99 47.94 -3.93
C ILE E 146 32.48 48.31 -3.89
N ASN E 147 32.77 49.61 -3.92
CA ASN E 147 34.15 50.10 -3.95
C ASN E 147 34.40 51.08 -2.80
N ASN E 158 28.36 60.75 -5.20
CA ASN E 158 27.60 59.67 -4.61
C ASN E 158 28.46 58.41 -4.58
N LYS E 159 27.95 57.31 -4.03
CA LYS E 159 28.69 56.06 -3.95
C LYS E 159 27.91 54.92 -4.60
N GLU E 160 28.65 53.91 -5.08
CA GLU E 160 28.05 52.74 -5.70
C GLU E 160 27.90 51.60 -4.69
N TYR E 161 26.74 50.96 -4.73
CA TYR E 161 26.39 49.86 -3.82
C TYR E 161 25.70 48.76 -4.59
N ARG E 162 25.63 47.59 -3.97
CA ARG E 162 24.86 46.46 -4.47
C ARG E 162 24.03 45.87 -3.34
N LEU E 163 23.00 45.13 -3.70
CA LEU E 163 22.24 44.40 -2.71
C LEU E 163 23.05 43.21 -2.22
N ILE E 164 23.01 42.96 -0.91
CA ILE E 164 23.79 41.89 -0.32
C ILE E 164 23.46 40.53 -0.93
N ASN E 165 22.20 40.31 -1.33
CA ASN E 165 21.83 39.01 -1.87
C ASN E 165 22.63 38.64 -3.09
N CYS E 166 23.09 39.64 -3.87
CA CYS E 166 23.85 39.36 -5.07
C CYS E 166 25.17 38.65 -4.74
N ASN E 167 25.62 38.78 -3.49
CA ASN E 167 26.83 38.13 -3.04
C ASN E 167 26.66 36.62 -2.93
N THR E 168 25.44 36.14 -2.61
CA THR E 168 25.22 34.69 -2.43
C THR E 168 23.97 34.11 -3.08
N SER E 169 22.87 34.85 -3.28
CA SER E 169 21.64 34.18 -3.71
C SER E 169 20.68 35.12 -4.41
N ALA E 170 19.73 34.51 -5.12
CA ALA E 170 18.63 35.23 -5.75
C ALA E 170 17.54 35.55 -4.74
N ILE E 171 16.75 36.58 -5.06
CA ILE E 171 15.67 37.06 -4.21
C ILE E 171 14.32 36.72 -4.81
N THR E 172 13.45 36.14 -3.97
CA THR E 172 12.04 35.97 -4.27
C THR E 172 11.28 37.06 -3.52
N GLN E 173 10.37 37.74 -4.20
CA GLN E 173 9.51 38.71 -3.55
C GLN E 173 8.37 37.95 -2.88
N ALA E 174 8.25 38.10 -1.56
CA ALA E 174 7.15 37.42 -0.88
C ALA E 174 5.85 38.08 -1.31
N CYS E 175 4.80 37.27 -1.45
CA CYS E 175 3.52 37.81 -1.88
C CYS E 175 2.97 38.76 -0.83
N PRO E 176 2.66 40.03 -1.15
CA PRO E 176 2.14 40.95 -0.12
C PRO E 176 0.85 40.50 0.53
N LYS E 177 0.09 39.62 -0.10
CA LYS E 177 -1.19 39.18 0.45
C LYS E 177 -1.03 38.14 1.56
N VAL E 178 0.17 37.63 1.77
CA VAL E 178 0.43 36.55 2.71
C VAL E 178 0.87 37.16 4.03
N SER E 179 0.15 36.82 5.11
CA SER E 179 0.46 37.27 6.46
C SER E 179 1.45 36.33 7.14
N PHE E 180 2.29 36.90 8.01
CA PHE E 180 3.30 36.15 8.75
C PHE E 180 2.95 35.93 10.21
N GLU E 181 1.73 36.25 10.64
CA GLU E 181 1.36 36.10 12.04
C GLU E 181 1.36 34.63 12.43
N PRO E 182 2.15 34.19 13.44
CA PRO E 182 2.13 32.77 13.81
C PRO E 182 0.75 32.29 14.21
N ILE E 183 0.36 31.14 13.66
CA ILE E 183 -0.89 30.44 13.96
C ILE E 183 -0.54 29.18 14.75
N PRO E 184 -1.11 28.94 15.94
CA PRO E 184 -0.77 27.72 16.67
C PRO E 184 -1.07 26.48 15.83
N ILE E 185 -0.08 25.60 15.72
CA ILE E 185 -0.18 24.35 14.95
C ILE E 185 -0.17 23.19 15.91
N HIS E 186 -1.13 22.29 15.74
CA HIS E 186 -1.25 21.08 16.55
C HIS E 186 -0.64 19.91 15.79
N TYR E 187 0.12 19.08 16.48
CA TYR E 187 0.70 17.87 15.91
C TYR E 187 0.00 16.65 16.51
N CYS E 188 -0.68 15.89 15.66
CA CYS E 188 -1.52 14.78 16.08
C CYS E 188 -0.85 13.46 15.72
N ALA E 189 -0.98 12.48 16.60
CA ALA E 189 -0.40 11.18 16.34
C ALA E 189 -1.14 10.46 15.22
N PRO E 190 -0.45 9.65 14.42
CA PRO E 190 -1.16 8.73 13.52
C PRO E 190 -1.79 7.60 14.32
N ALA E 191 -2.79 6.96 13.71
CA ALA E 191 -3.44 5.83 14.36
C ALA E 191 -2.41 4.76 14.68
N GLY E 192 -2.56 4.14 15.85
CA GLY E 192 -1.61 3.17 16.34
C GLY E 192 -0.52 3.76 17.21
N PHE E 193 -0.46 5.09 17.30
CA PHE E 193 0.55 5.81 18.07
C PHE E 193 -0.16 6.78 19.00
N ALA E 194 0.56 7.24 20.02
CA ALA E 194 0.01 8.17 20.98
C ALA E 194 1.09 9.14 21.42
N ILE E 195 0.68 10.30 21.94
CA ILE E 195 1.60 11.30 22.45
C ILE E 195 1.38 11.36 23.95
N LEU E 196 2.47 11.28 24.70
CA LEU E 196 2.43 11.35 26.14
C LEU E 196 2.92 12.74 26.56
N LYS E 197 2.25 13.31 27.55
CA LYS E 197 2.57 14.63 28.08
C LYS E 197 3.03 14.47 29.52
N CYS E 198 4.21 15.00 29.82
CA CYS E 198 4.75 14.86 31.16
C CYS E 198 3.86 15.53 32.20
N LYS E 199 3.46 16.78 31.94
CA LYS E 199 2.54 17.54 32.79
C LYS E 199 2.99 17.51 34.25
N ASP E 200 4.28 17.74 34.46
CA ASP E 200 4.90 17.68 35.79
C ASP E 200 5.64 18.98 36.02
N LYS E 201 5.13 19.80 36.94
CA LYS E 201 5.75 21.08 37.22
C LYS E 201 7.14 20.86 37.79
N LYS E 202 8.09 21.69 37.35
CA LYS E 202 9.51 21.62 37.70
C LYS E 202 10.23 20.47 37.00
N PHE E 203 9.63 19.90 35.96
CA PHE E 203 10.33 18.91 35.15
C PHE E 203 11.40 19.60 34.32
N ASN E 204 12.62 19.07 34.39
CA ASN E 204 13.78 19.70 33.76
C ASN E 204 14.08 19.14 32.38
N GLY E 205 13.09 18.53 31.72
CA GLY E 205 13.24 18.08 30.35
C GLY E 205 13.90 16.73 30.18
N THR E 206 14.24 16.04 31.26
CA THR E 206 14.92 14.76 31.16
C THR E 206 14.58 13.90 32.37
N GLY E 207 14.69 12.59 32.20
CA GLY E 207 14.48 11.66 33.29
C GLY E 207 13.04 11.29 33.56
N PRO E 208 12.83 10.52 34.63
CA PRO E 208 11.47 10.06 34.97
C PRO E 208 10.50 11.20 35.20
N CYS E 209 9.26 10.98 34.75
CA CYS E 209 8.14 11.91 34.92
C CYS E 209 7.01 11.10 35.53
N PRO E 210 6.55 11.40 36.75
CA PRO E 210 5.47 10.61 37.36
C PRO E 210 4.06 11.06 37.05
N SER E 211 3.86 12.11 36.25
CA SER E 211 2.57 12.72 36.00
C SER E 211 2.11 12.54 34.57
N VAL E 212 2.62 11.51 33.89
CA VAL E 212 2.40 11.33 32.46
C VAL E 212 0.92 11.11 32.18
N SER E 213 0.42 11.81 31.15
CA SER E 213 -0.94 11.65 30.67
C SER E 213 -0.87 11.36 29.17
N THR E 214 -1.89 10.66 28.66
CA THR E 214 -1.99 10.34 27.25
C THR E 214 -2.86 11.36 26.53
N VAL E 215 -2.35 11.89 25.41
CA VAL E 215 -3.08 12.78 24.53
C VAL E 215 -3.00 12.22 23.11
N GLN E 216 -4.10 12.37 22.38
CA GLN E 216 -4.12 12.02 20.97
C GLN E 216 -3.34 13.05 20.16
N CYS E 217 -3.41 14.32 20.56
CA CYS E 217 -2.82 15.41 19.80
C CYS E 217 -2.40 16.50 20.77
N THR E 218 -1.32 17.19 20.44
CA THR E 218 -0.80 18.26 21.27
C THR E 218 -1.64 19.52 21.12
N HIS E 219 -1.39 20.47 22.02
CA HIS E 219 -1.98 21.79 21.90
C HIS E 219 -1.27 22.53 20.76
N GLY E 220 -1.73 23.74 20.45
CA GLY E 220 -1.16 24.46 19.34
C GLY E 220 0.19 25.04 19.71
N ILE E 221 1.13 24.96 18.76
CA ILE E 221 2.45 25.55 18.89
C ILE E 221 2.56 26.59 17.79
N LYS E 222 2.81 27.83 18.18
CA LYS E 222 2.96 28.88 17.18
C LYS E 222 4.35 28.80 16.55
N PRO E 223 4.49 29.00 15.22
CA PRO E 223 5.83 29.08 14.63
C PRO E 223 6.47 30.44 14.85
N VAL E 224 6.72 30.78 16.11
CA VAL E 224 7.33 32.05 16.46
C VAL E 224 8.83 31.95 16.21
N VAL E 225 9.38 32.92 15.49
CA VAL E 225 10.79 32.93 15.12
C VAL E 225 11.45 34.04 15.92
N SER E 226 12.42 33.65 16.74
CA SER E 226 13.17 34.61 17.53
C SER E 226 14.50 33.98 17.93
N THR E 227 15.43 34.83 18.35
CA THR E 227 16.69 34.39 18.92
C THR E 227 16.88 35.08 20.26
N GLN E 228 17.77 34.51 21.08
CA GLN E 228 18.17 35.03 22.38
C GLN E 228 17.08 35.02 23.45
N LEU E 229 15.87 35.49 23.12
CA LEU E 229 14.73 35.48 24.02
C LEU E 229 13.62 34.65 23.41
N LEU E 230 12.94 33.87 24.24
CA LEU E 230 11.86 33.00 23.78
C LEU E 230 10.54 33.75 23.99
N LEU E 231 9.85 34.03 22.89
CA LEU E 231 8.62 34.80 22.90
C LEU E 231 7.39 33.91 22.79
N ASN E 232 6.32 34.31 23.47
CA ASN E 232 4.99 33.69 23.36
C ASN E 232 5.05 32.18 23.58
N GLY E 233 5.85 31.76 24.56
CA GLY E 233 5.97 30.36 24.91
C GLY E 233 5.22 30.01 26.19
N SER E 234 5.27 28.74 26.54
CA SER E 234 4.62 28.28 27.76
C SER E 234 5.36 28.78 28.99
N LEU E 235 4.60 29.08 30.03
CA LEU E 235 5.14 29.51 31.31
C LEU E 235 5.19 28.33 32.28
N ALA E 236 6.28 28.27 33.05
CA ALA E 236 6.45 27.25 34.10
C ALA E 236 5.84 27.80 35.38
N GLU E 237 4.64 27.34 35.73
CA GLU E 237 3.89 27.97 36.82
C GLU E 237 4.62 27.85 38.16
N GLU E 238 5.25 26.71 38.43
CA GLU E 238 5.80 26.50 39.76
C GLU E 238 7.06 27.33 40.01
N GLU E 239 7.94 27.43 39.01
CA GLU E 239 9.24 28.08 39.19
C GLU E 239 9.96 28.10 37.85
N VAL E 240 11.00 28.93 37.77
CA VAL E 240 11.82 29.00 36.57
C VAL E 240 12.55 27.67 36.41
N ILE E 241 12.50 27.12 35.19
CA ILE E 241 13.09 25.81 34.90
C ILE E 241 14.30 26.01 33.99
N ILE E 242 15.46 25.54 34.46
CA ILE E 242 16.73 25.61 33.75
C ILE E 242 16.97 24.25 33.11
N ARG E 243 17.03 24.20 31.76
CA ARG E 243 17.17 22.95 31.04
C ARG E 243 18.45 22.96 30.20
N SER E 244 19.20 21.87 30.24
CA SER E 244 20.40 21.73 29.42
C SER E 244 20.67 20.24 29.16
N GLU E 245 21.32 19.97 28.03
CA GLU E 245 21.79 18.61 27.78
C GLU E 245 22.81 18.19 28.84
N ASN E 246 23.69 19.12 29.21
CA ASN E 246 24.72 18.89 30.20
C ASN E 246 25.00 20.25 30.80
N ILE E 247 24.56 20.47 32.04
CA ILE E 247 24.61 21.81 32.62
C ILE E 247 26.04 22.29 32.84
N THR E 248 27.03 21.40 32.79
CA THR E 248 28.43 21.79 32.94
C THR E 248 29.21 21.73 31.63
N ASN E 249 28.54 21.49 30.50
CA ASN E 249 29.17 21.47 29.18
C ASN E 249 28.91 22.81 28.52
N ASN E 250 29.95 23.62 28.36
CA ASN E 250 29.78 24.98 27.87
C ASN E 250 29.47 25.04 26.37
N ALA E 251 29.51 23.90 25.66
CA ALA E 251 29.20 23.87 24.24
C ALA E 251 27.70 23.80 23.93
N LYS E 252 26.85 23.65 24.95
CA LYS E 252 25.42 23.49 24.76
C LYS E 252 24.70 24.72 25.30
N ASN E 253 23.50 24.98 24.78
CA ASN E 253 22.69 26.09 25.23
C ASN E 253 21.86 25.71 26.45
N ILE E 254 21.58 26.71 27.27
CA ILE E 254 20.73 26.59 28.45
C ILE E 254 19.40 27.26 28.11
N LEU E 255 18.33 26.49 28.21
CA LEU E 255 16.99 26.95 27.88
C LEU E 255 16.26 27.23 29.19
N VAL E 256 15.89 28.48 29.40
CA VAL E 256 15.28 28.94 30.65
C VAL E 256 13.81 29.20 30.38
N GLN E 257 12.94 28.51 31.12
CA GLN E 257 11.51 28.72 31.03
C GLN E 257 11.07 29.52 32.25
N LEU E 258 10.51 30.70 32.01
CA LEU E 258 10.18 31.62 33.09
C LEU E 258 8.84 31.25 33.72
N ASN E 259 8.68 31.65 34.99
CA ASN E 259 7.44 31.48 35.72
C ASN E 259 6.61 32.77 35.78
N THR E 260 7.05 33.82 35.10
CA THR E 260 6.31 35.07 35.00
C THR E 260 6.51 35.56 33.58
N PRO E 261 5.49 36.15 32.95
CA PRO E 261 5.72 36.76 31.63
C PRO E 261 6.39 38.11 31.80
N VAL E 262 7.17 38.50 30.80
CA VAL E 262 7.68 39.87 30.70
C VAL E 262 7.09 40.50 29.46
N GLN E 263 6.33 41.58 29.63
CA GLN E 263 5.71 42.22 28.48
C GLN E 263 6.76 43.11 27.81
N ILE E 264 6.83 43.02 26.48
CA ILE E 264 7.74 43.82 25.67
C ILE E 264 6.94 44.51 24.57
N ASN E 265 7.13 45.83 24.44
CA ASN E 265 6.45 46.63 23.43
C ASN E 265 7.46 47.12 22.40
N CYS E 266 7.43 46.58 21.19
CA CYS E 266 8.40 46.92 20.16
C CYS E 266 7.69 47.69 19.05
N THR E 267 8.40 48.65 18.45
CA THR E 267 7.78 49.45 17.42
C THR E 267 8.80 49.98 16.40
N ARG E 268 8.24 50.32 15.23
CA ARG E 268 8.90 51.00 14.13
C ARG E 268 8.12 52.32 14.03
N PRO E 269 8.55 53.35 14.76
CA PRO E 269 7.75 54.57 14.90
C PRO E 269 7.59 55.39 13.63
N SER E 270 8.47 55.22 12.63
CA SER E 270 8.38 56.02 11.42
C SER E 270 7.12 55.69 10.62
N ASN E 271 6.52 56.73 10.03
CA ASN E 271 5.37 56.59 9.16
C ASN E 271 5.91 56.49 7.73
N ASN E 272 6.06 55.26 7.24
CA ASN E 272 6.77 55.02 5.99
C ASN E 272 5.81 54.95 4.81
N THR E 273 6.26 55.49 3.68
CA THR E 273 5.50 55.41 2.44
C THR E 273 5.82 54.09 1.75
N VAL E 274 4.81 53.54 1.07
CA VAL E 274 4.94 52.32 0.29
C VAL E 274 4.54 52.61 -1.14
N LYS E 275 5.39 52.20 -2.08
CA LYS E 275 5.17 52.37 -3.51
C LYS E 275 5.18 50.99 -4.14
N SER E 276 4.58 50.89 -5.33
CA SER E 276 4.62 49.64 -6.07
C SER E 276 4.72 49.95 -7.54
N ILE E 277 5.40 49.06 -8.25
CA ILE E 277 5.62 49.15 -9.68
C ILE E 277 5.47 47.79 -10.33
N ARG E 278 5.18 47.80 -11.64
CA ARG E 278 5.22 46.58 -12.44
C ARG E 278 6.58 46.45 -13.11
N ILE E 279 7.21 45.27 -12.95
CA ILE E 279 8.56 45.04 -13.46
C ILE E 279 8.59 44.05 -14.62
N GLY E 280 7.50 43.34 -14.89
CA GLY E 280 7.43 42.38 -15.97
C GLY E 280 6.01 41.90 -16.11
N PRO E 281 5.71 41.12 -17.17
CA PRO E 281 4.32 40.69 -17.38
C PRO E 281 3.77 39.95 -16.17
N GLY E 282 2.85 40.60 -15.48
CA GLY E 282 2.25 40.04 -14.28
C GLY E 282 3.12 40.12 -13.05
N GLN E 283 4.34 40.65 -13.18
CA GLN E 283 5.29 40.72 -12.08
C GLN E 283 5.33 42.14 -11.56
N ALA E 284 5.36 42.30 -10.24
CA ALA E 284 5.44 43.62 -9.64
C ALA E 284 6.40 43.59 -8.47
N PHE E 285 7.07 44.71 -8.28
CA PHE E 285 8.00 44.93 -7.18
C PHE E 285 7.43 46.04 -6.29
N TYR E 286 7.47 45.81 -4.98
CA TYR E 286 6.98 46.73 -3.98
C TYR E 286 8.19 47.26 -3.22
N TYR E 287 8.19 48.57 -2.90
CA TYR E 287 9.37 49.13 -2.26
C TYR E 287 9.06 50.30 -1.35
N PHE E 288 10.03 50.54 -0.49
CA PHE E 288 10.01 51.61 0.49
C PHE E 288 10.06 52.95 -0.23
N GLY E 289 9.16 53.86 0.12
CA GLY E 289 9.07 55.18 -0.44
C GLY E 289 9.68 56.22 0.47
N ASP E 290 9.12 57.43 0.46
CA ASP E 290 9.67 58.47 1.30
C ASP E 290 9.09 58.31 2.71
N VAL E 291 9.51 59.18 3.63
CA VAL E 291 9.07 59.15 5.01
C VAL E 291 8.11 60.32 5.21
N LEU E 292 6.94 60.05 5.78
CA LEU E 292 5.87 61.04 5.90
C LEU E 292 5.93 61.82 7.20
N GLY E 293 6.96 61.62 8.02
CA GLY E 293 7.11 62.33 9.27
C GLY E 293 8.56 62.32 9.68
N HIS E 294 8.81 62.72 10.93
CA HIS E 294 10.18 62.74 11.42
C HIS E 294 10.72 61.31 11.45
N VAL E 295 11.98 61.17 11.06
CA VAL E 295 12.61 59.85 11.05
C VAL E 295 12.99 59.48 12.49
N ARG E 296 12.51 58.34 12.94
CA ARG E 296 12.76 57.82 14.28
C ARG E 296 13.22 56.38 14.17
N MET E 297 14.06 55.96 15.10
CA MET E 297 14.59 54.60 15.10
C MET E 297 13.63 53.62 15.77
N ALA E 298 13.56 52.41 15.24
CA ALA E 298 12.76 51.36 15.86
C ALA E 298 13.36 51.03 17.22
N HIS E 299 12.51 50.64 18.16
CA HIS E 299 13.00 50.36 19.51
C HIS E 299 12.00 49.48 20.25
N CYS E 300 12.48 48.90 21.36
CA CYS E 300 11.63 48.10 22.25
C CYS E 300 11.66 48.62 23.68
N ASN E 301 10.47 48.70 24.28
CA ASN E 301 10.23 49.13 25.65
C ASN E 301 10.04 47.91 26.54
N ILE E 302 10.98 47.70 27.46
CA ILE E 302 10.95 46.60 28.42
C ILE E 302 10.92 47.21 29.82
N SER E 303 9.97 46.77 30.65
CA SER E 303 9.89 47.27 32.01
C SER E 303 11.12 46.84 32.80
N LYS E 304 11.75 47.80 33.48
CA LYS E 304 12.95 47.47 34.25
C LYS E 304 12.64 46.65 35.50
N ALA E 305 11.55 46.96 36.21
CA ALA E 305 11.25 46.23 37.44
C ALA E 305 10.93 44.76 37.16
N THR E 306 10.17 44.51 36.09
CA THR E 306 9.80 43.14 35.76
C THR E 306 11.04 42.35 35.38
N TRP E 307 11.91 42.95 34.56
CA TRP E 307 13.15 42.30 34.18
C TRP E 307 14.01 42.05 35.40
N ASN E 308 14.06 43.01 36.34
CA ASN E 308 14.85 42.85 37.56
C ASN E 308 14.38 41.62 38.34
N GLU E 309 13.06 41.44 38.45
CA GLU E 309 12.54 40.25 39.13
C GLU E 309 12.88 38.98 38.35
N THR E 310 12.79 39.05 37.02
CA THR E 310 13.11 37.90 36.20
C THR E 310 14.57 37.51 36.39
N LEU E 311 15.45 38.50 36.43
CA LEU E 311 16.86 38.26 36.65
C LEU E 311 17.07 37.62 38.01
N GLY E 312 16.35 38.08 39.02
CA GLY E 312 16.51 37.49 40.35
C GLY E 312 16.16 36.01 40.35
N LYS E 313 15.05 35.65 39.70
CA LYS E 313 14.67 34.24 39.68
C LYS E 313 15.68 33.40 38.89
N VAL E 314 16.16 33.93 37.76
CA VAL E 314 17.12 33.19 36.96
C VAL E 314 18.40 33.00 37.75
N VAL E 315 18.85 34.05 38.44
CA VAL E 315 20.09 33.99 39.19
C VAL E 315 19.99 32.98 40.33
N LYS E 316 18.86 32.96 41.05
CA LYS E 316 18.77 31.96 42.12
C LYS E 316 18.75 30.54 41.56
N GLN E 317 18.14 30.33 40.37
CA GLN E 317 18.15 28.98 39.83
C GLN E 317 19.54 28.60 39.33
N LEU E 318 20.26 29.56 38.76
CA LEU E 318 21.62 29.30 38.32
C LEU E 318 22.52 29.00 39.51
N ARG E 319 22.33 29.72 40.62
CA ARG E 319 23.09 29.42 41.82
C ARG E 319 22.79 28.01 42.31
N LYS E 320 21.52 27.61 42.29
CA LYS E 320 21.18 26.25 42.71
C LYS E 320 21.89 25.21 41.85
N HIS E 321 22.03 25.47 40.55
CA HIS E 321 22.69 24.50 39.68
C HIS E 321 24.23 24.57 39.76
N PHE E 322 24.80 25.75 39.96
CA PHE E 322 26.25 25.94 39.94
C PHE E 322 26.88 26.24 41.30
N GLY E 323 26.09 26.29 42.37
CA GLY E 323 26.63 26.58 43.69
C GLY E 323 26.15 27.94 44.19
N ASN E 324 25.79 27.99 45.47
CA ASN E 324 25.25 29.21 46.06
C ASN E 324 26.30 30.29 46.34
N ASN E 325 27.59 29.96 46.21
CA ASN E 325 28.67 30.90 46.44
C ASN E 325 29.29 31.46 45.16
N THR E 326 28.69 31.17 44.00
CA THR E 326 29.23 31.61 42.72
C THR E 326 28.68 32.97 42.33
N ILE E 327 29.55 33.81 41.78
CA ILE E 327 29.19 35.13 41.28
C ILE E 327 28.74 34.94 39.84
N ILE E 328 27.60 35.54 39.48
CA ILE E 328 27.00 35.39 38.15
C ILE E 328 27.07 36.71 37.41
N ARG E 329 27.50 36.67 36.14
CA ARG E 329 27.57 37.87 35.31
C ARG E 329 26.86 37.65 33.99
N PHE E 330 26.04 38.63 33.59
CA PHE E 330 25.43 38.67 32.27
C PHE E 330 26.15 39.74 31.46
N ALA E 331 26.41 39.40 30.19
CA ALA E 331 27.14 40.22 29.24
C ALA E 331 26.52 40.05 27.86
N GLN E 332 26.87 40.98 26.97
CA GLN E 332 26.37 40.95 25.60
C GLN E 332 27.11 39.87 24.81
N SER E 333 26.46 39.41 23.73
CA SER E 333 27.03 38.38 22.87
C SER E 333 28.41 38.79 22.36
N SER E 334 29.35 37.84 22.37
CA SER E 334 30.73 38.13 22.02
C SER E 334 31.00 38.12 20.53
N GLY E 335 30.13 37.54 19.71
CA GLY E 335 30.40 37.49 18.29
C GLY E 335 29.32 36.74 17.54
N GLY E 336 29.52 36.65 16.23
CA GLY E 336 28.58 36.02 15.32
C GLY E 336 27.89 37.06 14.45
N ASP E 337 26.93 36.58 13.67
CA ASP E 337 26.20 37.46 12.76
C ASP E 337 25.08 38.16 13.54
N LEU E 338 24.33 39.03 12.85
CA LEU E 338 23.29 39.80 13.53
C LEU E 338 22.22 38.91 14.11
N GLU E 339 21.91 37.79 13.44
CA GLU E 339 20.91 36.86 13.96
C GLU E 339 21.34 36.20 15.25
N VAL E 340 22.64 36.20 15.55
CA VAL E 340 23.17 35.56 16.75
C VAL E 340 23.54 36.59 17.81
N THR E 341 24.14 37.71 17.39
CA THR E 341 24.59 38.72 18.34
C THR E 341 23.46 39.58 18.87
N THR E 342 22.36 39.70 18.12
CA THR E 342 21.21 40.49 18.54
C THR E 342 19.95 39.63 18.59
N HIS E 343 18.95 40.17 19.29
CA HIS E 343 17.63 39.57 19.31
C HIS E 343 16.94 39.86 17.99
N SER E 344 16.17 38.90 17.47
CA SER E 344 15.43 39.09 16.23
C SER E 344 13.98 38.68 16.43
N PHE E 345 13.08 39.33 15.70
CA PHE E 345 11.68 38.93 15.75
C PHE E 345 10.92 39.49 14.57
N ASN E 346 9.74 38.91 14.33
CA ASN E 346 8.81 39.38 13.31
C ASN E 346 7.56 40.01 13.94
N CYS E 347 7.21 41.20 13.46
CA CYS E 347 5.97 41.89 13.83
C CYS E 347 5.25 42.32 12.56
N GLY E 348 4.20 41.58 12.20
CA GLY E 348 3.35 41.98 11.10
C GLY E 348 4.02 41.94 9.74
N GLY E 349 5.02 41.08 9.58
CA GLY E 349 5.79 41.02 8.36
C GLY E 349 7.06 41.85 8.38
N GLU E 350 7.25 42.70 9.39
CA GLU E 350 8.48 43.47 9.52
C GLU E 350 9.44 42.70 10.40
N PHE E 351 10.71 42.69 10.02
CA PHE E 351 11.75 41.92 10.72
C PHE E 351 12.66 42.87 11.48
N PHE E 352 12.62 42.77 12.81
CA PHE E 352 13.33 43.66 13.71
C PHE E 352 14.52 42.93 14.31
N TYR E 353 15.61 43.68 14.52
CA TYR E 353 16.79 43.20 15.24
C TYR E 353 17.09 44.21 16.33
N CYS E 354 17.26 43.75 17.57
CA CYS E 354 17.44 44.65 18.71
C CYS E 354 18.66 44.25 19.52
N ASN E 355 19.39 45.27 20.00
CA ASN E 355 20.69 45.05 20.63
C ASN E 355 20.62 44.22 21.90
N THR E 356 19.61 44.45 22.75
CA THR E 356 19.49 43.83 24.07
C THR E 356 20.63 44.17 25.02
N SER E 357 21.47 45.16 24.67
CA SER E 357 22.67 45.45 25.46
C SER E 357 22.34 45.82 26.90
N GLY E 358 21.15 46.36 27.16
CA GLY E 358 20.75 46.73 28.49
C GLY E 358 20.05 45.66 29.29
N LEU E 359 19.89 44.46 28.74
CA LEU E 359 19.23 43.35 29.43
C LEU E 359 20.22 42.38 30.07
N PHE E 360 21.37 42.17 29.44
CA PHE E 360 22.38 41.23 29.89
C PHE E 360 23.64 41.99 30.28
N ASN E 361 23.49 42.92 31.22
CA ASN E 361 24.57 43.80 31.67
C ASN E 361 24.49 43.87 33.20
N SER E 362 25.04 42.87 33.88
CA SER E 362 24.92 42.92 35.34
C SER E 362 25.79 41.84 35.98
N THR E 363 26.30 42.12 37.18
CA THR E 363 27.01 41.13 37.98
C THR E 363 26.36 41.02 39.35
N TRP E 364 26.05 39.78 39.75
CA TRP E 364 25.43 39.45 41.03
C TRP E 364 26.46 38.76 41.91
N ILE E 365 26.76 39.38 43.04
CA ILE E 365 27.72 38.89 44.03
C ILE E 365 26.95 38.69 45.32
N SER E 366 27.02 37.48 45.87
CA SER E 366 26.31 37.16 47.11
C SER E 366 26.78 35.83 47.68
N ASP E 380 13.02 53.50 34.97
CA ASP E 380 12.02 52.47 35.23
C ASP E 380 11.65 51.67 33.97
N SER E 381 12.10 52.13 32.81
CA SER E 381 11.80 51.49 31.53
C SER E 381 13.04 51.55 30.66
N LEU E 382 13.43 50.40 30.11
CA LEU E 382 14.60 50.30 29.25
C LEU E 382 14.16 50.34 27.80
N ILE E 383 14.84 51.16 27.00
CA ILE E 383 14.60 51.28 25.57
C ILE E 383 15.79 50.63 24.87
N LEU E 384 15.50 49.63 24.03
CA LEU E 384 16.53 48.96 23.23
C LEU E 384 16.50 49.54 21.82
N PRO E 385 17.62 50.00 21.26
CA PRO E 385 17.64 50.36 19.83
C PRO E 385 17.40 49.15 18.96
N CYS E 386 16.65 49.35 17.87
CA CYS E 386 16.40 48.29 16.91
C CYS E 386 16.66 48.76 15.48
N TRP E 387 17.10 47.81 14.65
CA TRP E 387 17.42 47.96 13.25
C TRP E 387 16.49 47.08 12.43
N ILE E 388 16.25 47.48 11.17
CA ILE E 388 15.38 46.76 10.26
C ILE E 388 16.22 46.26 9.08
N LYS E 389 16.05 44.99 8.73
CA LYS E 389 16.65 44.38 7.55
C LYS E 389 15.54 43.91 6.62
N GLN E 390 15.48 44.49 5.43
CA GLN E 390 14.43 44.14 4.48
C GLN E 390 14.69 42.78 3.85
N ILE E 391 15.96 42.42 3.66
CA ILE E 391 16.38 41.15 3.05
C ILE E 391 16.96 40.30 4.17
N ILE E 392 16.43 39.08 4.32
CA ILE E 392 16.80 38.19 5.41
C ILE E 392 17.16 36.79 4.89
N ASN E 393 17.87 36.04 5.75
CA ASN E 393 18.24 34.65 5.51
C ASN E 393 17.80 33.84 6.73
N MET E 394 16.60 33.26 6.66
CA MET E 394 16.02 32.57 7.79
C MET E 394 16.59 31.15 7.95
N TRP E 395 16.59 30.68 9.21
CA TRP E 395 16.99 29.33 9.57
C TRP E 395 18.42 28.97 9.15
N GLN E 396 19.32 29.96 9.20
CA GLN E 396 20.73 29.76 8.93
C GLN E 396 21.01 29.21 7.53
N ARG E 397 20.08 29.35 6.59
CA ARG E 397 20.25 28.82 5.24
C ARG E 397 21.02 29.81 4.37
N ILE E 398 22.08 29.33 3.73
CA ILE E 398 22.92 30.12 2.84
C ILE E 398 22.67 29.61 1.43
N GLY E 399 22.41 30.54 0.51
CA GLY E 399 22.07 30.23 -0.86
C GLY E 399 20.62 30.51 -1.19
N GLN E 400 19.81 30.83 -0.19
CA GLN E 400 18.42 31.22 -0.34
C GLN E 400 18.20 32.51 0.43
N ALA E 401 17.33 33.37 -0.10
CA ALA E 401 17.04 34.63 0.57
C ALA E 401 15.65 35.09 0.15
N MET E 402 15.03 35.89 1.02
CA MET E 402 13.70 36.42 0.80
C MET E 402 13.71 37.92 1.04
N TYR E 403 12.99 38.65 0.18
CA TYR E 403 12.81 40.09 0.33
C TYR E 403 11.38 40.33 0.82
N ALA E 404 11.27 40.82 2.05
CA ALA E 404 9.95 41.06 2.60
C ALA E 404 9.33 42.28 1.91
N PRO E 405 8.02 42.34 1.79
CA PRO E 405 7.41 43.58 1.32
C PRO E 405 7.50 44.65 2.40
N PRO E 406 7.45 45.92 2.03
CA PRO E 406 7.29 46.97 3.04
C PRO E 406 5.86 46.99 3.56
N ILE E 407 5.70 47.54 4.76
CA ILE E 407 4.39 47.75 5.37
C ILE E 407 4.18 49.24 5.63
N GLN E 408 2.95 49.68 5.41
CA GLN E 408 2.61 51.09 5.49
C GLN E 408 2.60 51.62 6.92
N GLY E 409 2.92 52.91 7.05
CA GLY E 409 2.72 53.61 8.31
C GLY E 409 3.67 53.24 9.42
N VAL E 410 3.11 53.24 10.63
CA VAL E 410 3.84 53.02 11.88
C VAL E 410 3.35 51.69 12.43
N ILE E 411 4.28 50.81 12.80
CA ILE E 411 3.90 49.49 13.33
C ILE E 411 4.34 49.38 14.79
N ARG E 412 3.43 48.90 15.63
CA ARG E 412 3.71 48.58 17.02
C ARG E 412 3.16 47.19 17.31
N CYS E 413 3.91 46.43 18.09
CA CYS E 413 3.55 45.08 18.49
C CYS E 413 3.90 44.89 19.95
N VAL E 414 3.08 44.07 20.62
CA VAL E 414 3.25 43.74 22.03
C VAL E 414 3.32 42.23 22.14
N SER E 415 4.30 41.73 22.87
CA SER E 415 4.48 40.29 23.04
C SER E 415 4.96 40.01 24.44
N ASN E 416 4.94 38.73 24.81
CA ASN E 416 5.46 38.27 26.10
C ASN E 416 6.75 37.51 25.89
N ILE E 417 7.72 37.79 26.75
CA ILE E 417 8.95 37.01 26.84
C ILE E 417 8.69 35.99 27.93
N THR E 418 8.70 34.72 27.56
CA THR E 418 8.42 33.61 28.47
C THR E 418 9.62 32.70 28.66
N GLY E 419 10.75 32.99 28.03
CA GLY E 419 11.94 32.18 28.23
C GLY E 419 13.16 32.89 27.70
N LEU E 420 14.31 32.36 28.10
CA LEU E 420 15.61 32.91 27.76
C LEU E 420 16.51 31.81 27.21
N ILE E 421 17.49 32.23 26.40
CA ILE E 421 18.59 31.38 25.96
C ILE E 421 19.85 31.93 26.60
N LEU E 422 20.61 31.05 27.26
CA LEU E 422 21.88 31.44 27.84
C LEU E 422 22.97 30.46 27.42
N THR E 423 24.19 30.97 27.29
CA THR E 423 25.38 30.15 27.06
C THR E 423 26.44 30.57 28.06
N ARG E 424 27.14 29.59 28.62
CA ARG E 424 28.15 29.83 29.64
C ARG E 424 29.55 29.81 29.02
N ASP E 425 30.40 30.71 29.49
CA ASP E 425 31.82 30.82 29.13
C ASP E 425 32.50 29.51 28.77
N SER E 431 37.44 30.87 37.39
CA SER E 431 36.32 29.98 37.67
C SER E 431 35.44 30.48 38.82
N THR E 432 35.85 31.58 39.46
CA THR E 432 35.05 32.12 40.55
C THR E 432 33.73 32.68 40.03
N THR E 433 33.75 33.37 38.90
CA THR E 433 32.58 34.00 38.31
C THR E 433 32.26 33.34 36.98
N GLU E 434 31.00 32.93 36.81
CA GLU E 434 30.51 32.33 35.58
C GLU E 434 29.75 33.40 34.80
N THR E 435 30.23 33.70 33.60
CA THR E 435 29.65 34.74 32.75
C THR E 435 28.74 34.06 31.72
N PHE E 436 27.52 34.58 31.58
CA PHE E 436 26.53 34.05 30.65
C PHE E 436 26.19 35.09 29.60
N ARG E 437 25.94 34.62 28.38
CA ARG E 437 25.56 35.43 27.24
C ARG E 437 24.32 34.85 26.58
N PRO E 438 23.55 35.66 25.83
CA PRO E 438 22.34 35.14 25.17
C PRO E 438 22.51 33.87 24.33
N GLY E 439 23.65 33.69 23.66
CA GLY E 439 23.81 32.51 22.82
C GLY E 439 22.76 32.46 21.72
N GLY E 440 22.13 31.30 21.56
CA GLY E 440 21.06 31.16 20.57
C GLY E 440 21.59 30.96 19.16
N GLY E 441 20.74 31.26 18.18
CA GLY E 441 21.06 31.09 16.79
C GLY E 441 20.58 29.79 16.15
N ASP E 442 19.84 28.95 16.86
CA ASP E 442 19.37 27.68 16.31
C ASP E 442 17.90 27.51 16.69
N MET E 443 17.01 27.60 15.69
CA MET E 443 15.58 27.53 15.94
C MET E 443 15.13 26.18 16.48
N ARG E 444 15.93 25.12 16.32
CA ARG E 444 15.49 23.85 16.85
C ARG E 444 15.49 23.86 18.36
N ASP E 445 16.29 24.74 18.98
CA ASP E 445 16.24 24.87 20.43
C ASP E 445 15.00 25.63 20.85
N ASN E 446 14.56 26.59 20.02
CA ASN E 446 13.37 27.36 20.35
C ASN E 446 12.14 26.47 20.29
N TRP E 447 12.11 25.56 19.32
CA TRP E 447 11.00 24.63 19.18
C TRP E 447 11.07 23.52 20.23
N ARG E 448 12.29 23.05 20.54
CA ARG E 448 12.46 22.07 21.59
C ARG E 448 11.98 22.62 22.93
N SER E 449 12.17 23.93 23.14
CA SER E 449 11.75 24.56 24.39
C SER E 449 10.23 24.48 24.59
N GLU E 450 9.48 24.19 23.53
CA GLU E 450 8.03 24.02 23.61
C GLU E 450 7.63 22.55 23.55
N LEU E 451 8.38 21.74 22.79
CA LEU E 451 8.07 20.33 22.63
C LEU E 451 8.65 19.45 23.73
N TYR E 452 9.35 20.03 24.72
CA TYR E 452 9.97 19.23 25.76
C TYR E 452 8.97 18.41 26.56
N LYS E 453 7.71 18.87 26.66
CA LYS E 453 6.73 18.17 27.47
C LYS E 453 6.13 16.94 26.81
N TYR E 454 6.30 16.77 25.49
CA TYR E 454 5.65 15.70 24.75
C TYR E 454 6.65 14.67 24.24
N LYS E 455 6.20 13.42 24.22
CA LYS E 455 6.94 12.27 23.69
C LYS E 455 6.00 11.46 22.82
N VAL E 456 6.53 10.88 21.73
CA VAL E 456 5.74 10.03 20.83
C VAL E 456 6.06 8.57 21.12
N VAL E 457 5.01 7.74 21.26
CA VAL E 457 5.17 6.32 21.48
C VAL E 457 4.28 5.54 20.52
N LYS E 458 4.67 4.29 20.28
CA LYS E 458 3.93 3.34 19.46
C LYS E 458 3.26 2.32 20.35
N ILE E 459 2.03 1.98 20.02
CA ILE E 459 1.23 1.04 20.78
C ILE E 459 1.58 -0.38 20.33
N GLU E 460 1.73 -1.27 21.32
CA GLU E 460 2.05 -2.68 21.10
C GLU E 460 0.84 -3.46 21.60
N PRO E 461 -0.22 -3.59 20.80
CA PRO E 461 -1.47 -4.14 21.31
C PRO E 461 -1.42 -5.61 21.68
N LEU E 462 -0.40 -6.34 21.22
CA LEU E 462 -0.29 -7.77 21.49
C LEU E 462 0.62 -8.04 22.66
N GLY E 463 0.26 -9.05 23.44
CA GLY E 463 1.10 -9.51 24.53
C GLY E 463 0.58 -10.86 24.99
N VAL E 464 1.36 -11.49 25.87
CA VAL E 464 1.03 -12.81 26.37
C VAL E 464 1.16 -12.80 27.89
N ALA E 465 0.51 -13.76 28.53
CA ALA E 465 0.66 -13.91 29.97
C ALA E 465 0.26 -15.33 30.37
N PRO E 466 0.81 -15.87 31.46
CA PRO E 466 0.34 -17.18 31.91
C PRO E 466 -1.04 -17.07 32.53
N THR E 467 -1.87 -18.07 32.24
CA THR E 467 -3.17 -18.23 32.89
C THR E 467 -3.42 -19.70 33.07
N ARG E 468 -4.39 -20.00 33.94
CA ARG E 468 -4.86 -21.37 34.13
C ARG E 468 -6.01 -21.63 33.15
N CYS E 469 -5.65 -21.74 31.88
CA CYS E 469 -6.64 -21.89 30.82
C CYS E 469 -6.06 -22.68 29.67
N LYS E 470 -6.80 -23.69 29.20
CA LYS E 470 -6.40 -24.49 28.04
C LYS E 470 -7.45 -24.38 26.95
N ARG E 471 -6.96 -24.41 25.71
CA ARG E 471 -7.86 -24.51 24.57
C ARG E 471 -8.39 -25.94 24.48
N ARG E 472 -9.65 -26.07 24.05
CA ARG E 472 -10.30 -27.36 23.81
C ARG E 472 -9.39 -28.37 23.11
N GLU F 1 -12.55 -10.31 60.24
CA GLU F 1 -12.74 -11.73 59.87
C GLU F 1 -13.93 -11.87 58.91
N VAL F 2 -13.91 -12.95 58.14
CA VAL F 2 -14.96 -13.21 57.15
C VAL F 2 -16.18 -13.78 57.87
N GLN F 3 -17.36 -13.25 57.54
CA GLN F 3 -18.61 -13.78 58.06
C GLN F 3 -19.63 -13.90 56.94
N LEU F 4 -20.35 -15.03 56.95
CA LEU F 4 -21.41 -15.33 55.99
C LEU F 4 -22.65 -15.68 56.80
N VAL F 5 -23.72 -14.90 56.66
CA VAL F 5 -24.93 -15.07 57.45
C VAL F 5 -26.10 -15.34 56.51
N GLU F 6 -26.65 -16.56 56.61
CA GLU F 6 -27.79 -16.97 55.80
C GLU F 6 -29.08 -16.47 56.46
N THR F 7 -29.98 -15.89 55.66
CA THR F 7 -31.31 -15.51 56.09
C THR F 7 -32.32 -16.04 55.09
N GLY F 8 -33.37 -16.68 55.58
CA GLY F 8 -34.40 -17.19 54.69
C GLY F 8 -35.42 -17.98 55.46
N GLY F 9 -36.48 -18.36 54.75
CA GLY F 9 -37.54 -19.12 55.37
C GLY F 9 -37.09 -20.54 55.65
N GLY F 10 -37.55 -21.09 56.77
CA GLY F 10 -37.23 -22.44 57.19
C GLY F 10 -38.31 -23.48 57.04
N LEU F 11 -39.47 -23.15 56.46
CA LEU F 11 -40.55 -24.12 56.32
C LEU F 11 -41.35 -23.79 55.07
N VAL F 12 -41.44 -24.76 54.16
CA VAL F 12 -42.22 -24.63 52.93
C VAL F 12 -42.94 -25.95 52.70
N GLN F 13 -44.09 -25.87 52.03
CA GLN F 13 -44.79 -27.07 51.62
C GLN F 13 -44.11 -27.67 50.40
N PRO F 14 -44.28 -28.97 50.15
CA PRO F 14 -43.77 -29.54 48.89
C PRO F 14 -44.33 -28.81 47.68
N GLY F 15 -43.45 -28.50 46.74
CA GLY F 15 -43.85 -27.79 45.55
C GLY F 15 -43.87 -26.28 45.66
N GLY F 16 -43.40 -25.72 46.77
CA GLY F 16 -43.42 -24.29 47.00
C GLY F 16 -42.18 -23.60 46.49
N SER F 17 -41.90 -22.44 47.08
CA SER F 17 -40.78 -21.61 46.65
C SER F 17 -40.17 -20.88 47.85
N LEU F 18 -38.83 -20.90 47.92
CA LEU F 18 -38.10 -20.21 48.98
C LEU F 18 -36.86 -19.55 48.39
N LYS F 19 -36.53 -18.35 48.87
CA LYS F 19 -35.28 -17.67 48.51
C LYS F 19 -34.44 -17.52 49.76
N LEU F 20 -33.26 -18.12 49.75
CA LEU F 20 -32.31 -18.06 50.86
C LEU F 20 -31.19 -17.10 50.45
N SER F 21 -30.93 -16.08 51.27
CA SER F 21 -29.99 -15.01 50.93
C SER F 21 -28.88 -14.93 51.98
N CYS F 22 -27.64 -15.03 51.51
CA CYS F 22 -26.44 -14.97 52.32
C CYS F 22 -25.80 -13.60 52.23
N ARG F 23 -25.61 -12.95 53.38
CA ARG F 23 -24.91 -11.68 53.48
C ARG F 23 -23.46 -11.96 53.85
N ALA F 24 -22.54 -11.27 53.18
CA ALA F 24 -21.12 -11.45 53.37
C ALA F 24 -20.49 -10.20 53.97
N SER F 25 -19.46 -10.41 54.79
CA SER F 25 -18.69 -9.30 55.34
C SER F 25 -17.26 -9.78 55.62
N GLY F 26 -16.36 -8.82 55.74
CA GLY F 26 -14.97 -9.08 56.10
C GLY F 26 -14.01 -9.27 54.95
N TYR F 27 -14.48 -9.23 53.71
CA TYR F 27 -13.61 -9.44 52.56
C TYR F 27 -14.29 -8.81 51.35
N THR F 28 -13.55 -8.76 50.24
CA THR F 28 -14.14 -8.25 49.00
C THR F 28 -14.99 -9.36 48.41
N PHE F 29 -16.31 -9.11 48.37
CA PHE F 29 -17.27 -10.12 47.92
C PHE F 29 -17.02 -10.50 46.47
N SER F 30 -16.86 -9.51 45.60
CA SER F 30 -16.71 -9.72 44.16
C SER F 30 -15.41 -10.42 43.77
N SER F 31 -14.47 -10.58 44.70
CA SER F 31 -13.18 -11.19 44.37
C SER F 31 -13.18 -12.71 44.46
N PHE F 32 -14.25 -13.32 44.97
CA PHE F 32 -14.32 -14.76 45.17
C PHE F 32 -15.56 -15.33 44.50
N ALA F 33 -15.40 -16.54 43.96
CA ALA F 33 -16.55 -17.34 43.57
C ALA F 33 -17.06 -18.04 44.82
N MET F 34 -18.34 -18.44 44.82
CA MET F 34 -18.88 -19.06 46.02
C MET F 34 -20.03 -19.98 45.68
N SER F 35 -20.50 -20.69 46.70
CA SER F 35 -21.43 -21.78 46.50
C SER F 35 -22.40 -21.95 47.66
N TRP F 36 -23.44 -22.73 47.38
CA TRP F 36 -24.38 -23.25 48.36
C TRP F 36 -24.16 -24.75 48.47
N VAL F 37 -24.15 -25.25 49.71
CA VAL F 37 -24.01 -26.67 49.99
C VAL F 37 -25.12 -27.02 50.97
N ARG F 38 -25.40 -28.30 51.14
CA ARG F 38 -26.42 -28.71 52.10
C ARG F 38 -26.04 -30.00 52.80
N GLN F 39 -26.57 -30.16 54.01
CA GLN F 39 -26.41 -31.35 54.82
C GLN F 39 -27.76 -31.73 55.40
N ALA F 40 -28.23 -32.94 55.10
CA ALA F 40 -29.46 -33.40 55.72
C ALA F 40 -29.20 -33.59 57.22
N PRO F 41 -30.24 -33.44 58.06
CA PRO F 41 -30.01 -33.54 59.52
C PRO F 41 -29.26 -34.79 59.98
N GLY F 42 -29.47 -35.94 59.35
CA GLY F 42 -28.82 -37.17 59.72
C GLY F 42 -27.79 -37.72 58.76
N LYS F 43 -27.41 -36.98 57.72
CA LYS F 43 -26.51 -37.45 56.68
C LYS F 43 -25.33 -36.49 56.57
N GLY F 44 -24.45 -36.76 55.61
CA GLY F 44 -23.32 -35.91 55.36
C GLY F 44 -23.70 -34.70 54.53
N LEU F 45 -22.70 -33.86 54.27
CA LEU F 45 -22.90 -32.61 53.55
C LEU F 45 -22.56 -32.81 52.08
N GLU F 46 -23.34 -32.18 51.20
CA GLU F 46 -23.14 -32.25 49.77
C GLU F 46 -23.21 -30.88 49.13
N TRP F 47 -22.54 -30.74 48.00
CA TRP F 47 -22.59 -29.51 47.21
C TRP F 47 -23.92 -29.40 46.49
N VAL F 48 -24.47 -28.18 46.42
CA VAL F 48 -25.73 -27.91 45.76
C VAL F 48 -25.53 -27.07 44.48
N SER F 49 -24.88 -25.91 44.60
CA SER F 49 -24.75 -25.05 43.43
C SER F 49 -23.54 -24.13 43.61
N LEU F 50 -22.94 -23.75 42.48
CA LEU F 50 -21.75 -22.92 42.45
C LEU F 50 -21.97 -21.74 41.50
N ILE F 51 -21.56 -20.54 41.94
CA ILE F 51 -21.66 -19.33 41.13
C ILE F 51 -20.29 -18.67 41.07
N ASN F 52 -19.97 -18.14 39.88
CA ASN F 52 -18.72 -17.47 39.60
C ASN F 52 -18.68 -16.10 40.28
N ASP F 53 -17.46 -15.58 40.43
CA ASP F 53 -17.27 -14.30 41.12
C ASP F 53 -18.08 -13.18 40.49
N ARG F 54 -18.23 -13.20 39.16
CA ARG F 54 -19.01 -12.19 38.45
C ARG F 54 -20.48 -12.56 38.32
N GLY F 55 -20.85 -13.80 38.62
CA GLY F 55 -22.22 -14.25 38.46
C GLY F 55 -22.58 -14.69 37.06
N GLY F 56 -21.63 -14.62 36.11
CA GLY F 56 -21.93 -14.98 34.74
C GLY F 56 -22.23 -16.45 34.55
N LEU F 57 -21.57 -17.31 35.32
CA LEU F 57 -21.68 -18.75 35.19
C LEU F 57 -22.28 -19.35 36.46
N THR F 58 -23.23 -20.26 36.28
CA THR F 58 -23.86 -20.98 37.38
C THR F 58 -23.83 -22.47 37.09
N PHE F 59 -23.66 -23.27 38.14
CA PHE F 59 -23.65 -24.72 38.04
C PHE F 59 -24.50 -25.29 39.15
N TYR F 60 -25.18 -26.40 38.85
CA TYR F 60 -26.08 -27.03 39.82
C TYR F 60 -25.90 -28.54 39.77
N VAL F 61 -26.24 -29.20 40.88
CA VAL F 61 -26.39 -30.64 40.86
C VAL F 61 -27.60 -30.98 39.98
N ASP F 62 -27.45 -31.99 39.12
CA ASP F 62 -28.49 -32.34 38.16
C ASP F 62 -29.84 -32.63 38.84
N SER F 63 -29.82 -33.19 40.05
CA SER F 63 -31.06 -33.49 40.76
C SER F 63 -31.82 -32.23 41.18
N VAL F 64 -31.16 -31.07 41.17
CA VAL F 64 -31.79 -29.80 41.52
C VAL F 64 -31.68 -28.77 40.39
N LYS F 65 -30.85 -29.03 39.38
CA LYS F 65 -30.57 -28.06 38.33
C LYS F 65 -31.83 -27.50 37.68
N GLY F 66 -32.85 -28.34 37.51
CA GLY F 66 -34.06 -27.88 36.85
C GLY F 66 -34.95 -26.99 37.70
N ARG F 67 -34.71 -26.91 39.01
CA ARG F 67 -35.56 -26.14 39.91
C ARG F 67 -34.85 -25.11 40.79
N PHE F 68 -33.52 -25.12 40.90
CA PHE F 68 -32.78 -24.16 41.70
C PHE F 68 -32.06 -23.16 40.80
N THR F 69 -32.00 -21.90 41.24
CA THR F 69 -31.22 -20.86 40.59
C THR F 69 -30.32 -20.17 41.61
N ILE F 70 -29.03 -20.05 41.29
CA ILE F 70 -28.06 -19.36 42.14
C ILE F 70 -27.76 -18.02 41.49
N SER F 71 -27.76 -16.94 42.28
CA SER F 71 -27.52 -15.61 41.77
C SER F 71 -26.78 -14.80 42.82
N ARG F 72 -26.18 -13.69 42.39
CA ARG F 72 -25.46 -12.83 43.31
C ARG F 72 -25.53 -11.38 42.85
N ASP F 73 -25.33 -10.47 43.80
CA ASP F 73 -25.23 -9.05 43.57
C ASP F 73 -23.96 -8.59 44.28
N ASN F 74 -22.93 -8.25 43.49
CA ASN F 74 -21.64 -7.89 44.06
C ASN F 74 -21.69 -6.53 44.74
N SER F 75 -22.58 -5.63 44.29
CA SER F 75 -22.62 -4.29 44.88
C SER F 75 -23.29 -4.33 46.26
N LYS F 76 -24.18 -5.29 46.47
CA LYS F 76 -24.85 -5.46 47.75
C LYS F 76 -24.19 -6.52 48.62
N ASN F 77 -23.09 -7.12 48.14
CA ASN F 77 -22.42 -8.22 48.86
C ASN F 77 -23.42 -9.30 49.24
N THR F 78 -24.29 -9.65 48.30
CA THR F 78 -25.38 -10.58 48.57
C THR F 78 -25.37 -11.76 47.61
N LEU F 79 -25.47 -12.97 48.18
CA LEU F 79 -25.60 -14.21 47.44
C LEU F 79 -27.01 -14.70 47.69
N SER F 80 -27.67 -15.29 46.69
CA SER F 80 -28.97 -15.87 46.93
C SER F 80 -29.17 -17.15 46.13
N LEU F 81 -30.03 -18.01 46.67
CA LEU F 81 -30.46 -19.24 46.03
C LEU F 81 -31.98 -19.24 46.02
N GLN F 82 -32.57 -19.27 44.83
CA GLN F 82 -34.01 -19.34 44.67
C GLN F 82 -34.36 -20.79 44.37
N MET F 83 -35.13 -21.40 45.26
CA MET F 83 -35.51 -22.80 45.19
C MET F 83 -36.99 -22.88 44.86
N HIS F 84 -37.32 -23.68 43.86
CA HIS F 84 -38.69 -23.94 43.44
C HIS F 84 -38.92 -25.45 43.46
N SER F 85 -40.19 -25.83 43.34
CA SER F 85 -40.64 -27.23 43.21
C SER F 85 -39.93 -28.16 44.19
N LEU F 86 -39.80 -27.73 45.44
CA LEU F 86 -39.03 -28.48 46.42
C LEU F 86 -39.62 -29.87 46.66
N ARG F 87 -38.75 -30.86 46.73
CA ARG F 87 -39.10 -32.25 47.01
C ARG F 87 -38.71 -32.58 48.45
N ASP F 88 -39.43 -33.57 49.02
CA ASP F 88 -39.17 -34.02 50.39
C ASP F 88 -37.69 -34.27 50.67
N GLY F 89 -36.94 -34.70 49.65
CA GLY F 89 -35.51 -34.92 49.80
C GLY F 89 -34.68 -33.66 49.92
N ASP F 90 -35.28 -32.48 49.77
CA ASP F 90 -34.56 -31.22 49.86
C ASP F 90 -34.54 -30.66 51.28
N THR F 91 -35.12 -31.34 52.26
CA THR F 91 -35.05 -30.87 53.64
C THR F 91 -33.60 -31.02 54.10
N ALA F 92 -33.01 -29.91 54.54
CA ALA F 92 -31.60 -29.95 54.95
C ALA F 92 -31.21 -28.60 55.52
N VAL F 93 -30.08 -28.57 56.21
CA VAL F 93 -29.46 -27.32 56.57
C VAL F 93 -28.56 -26.93 55.40
N TYR F 94 -28.79 -25.73 54.85
CA TYR F 94 -28.03 -25.20 53.74
C TYR F 94 -26.98 -24.25 54.30
N TYR F 95 -25.81 -24.26 53.68
CA TYR F 95 -24.70 -23.41 54.09
C TYR F 95 -24.18 -22.62 52.91
N CYS F 96 -23.84 -21.37 53.20
CA CYS F 96 -23.18 -20.45 52.29
C CYS F 96 -21.67 -20.60 52.48
N ALA F 97 -20.93 -20.84 51.39
CA ALA F 97 -19.49 -20.96 51.53
C ALA F 97 -18.77 -20.27 50.39
N THR F 98 -17.63 -19.66 50.73
CA THR F 98 -16.80 -18.93 49.77
C THR F 98 -15.57 -19.75 49.48
N GLY F 99 -15.31 -19.97 48.19
CA GLY F 99 -14.24 -20.78 47.64
C GLY F 99 -14.81 -21.75 46.64
N GLY F 100 -13.97 -22.69 46.20
CA GLY F 100 -14.37 -23.69 45.25
C GLY F 100 -14.09 -23.37 43.79
N MET F 101 -13.69 -22.14 43.46
CA MET F 101 -13.44 -21.82 42.06
C MET F 101 -12.60 -20.56 41.99
N SER F 102 -11.82 -20.46 40.91
CA SER F 102 -11.03 -19.27 40.59
C SER F 102 -11.24 -18.90 39.13
N SER F 103 -11.48 -17.62 38.86
CA SER F 103 -11.79 -17.15 37.51
C SER F 103 -10.51 -16.93 36.69
N ALA F 104 -9.76 -18.02 36.52
CA ALA F 104 -8.61 -18.11 35.62
C ALA F 104 -7.40 -17.23 35.94
N LEU F 105 -7.61 -15.98 36.39
CA LEU F 105 -6.46 -15.10 36.59
C LEU F 105 -5.74 -15.36 37.91
N GLN F 106 -6.47 -15.75 38.95
CA GLN F 106 -5.87 -16.06 40.25
C GLN F 106 -5.64 -17.56 40.37
N SER F 107 -4.80 -17.94 41.32
CA SER F 107 -4.50 -19.34 41.54
C SER F 107 -5.76 -20.13 41.85
N SER F 108 -5.74 -21.41 41.50
CA SER F 108 -6.91 -22.25 41.72
C SER F 108 -7.09 -22.57 43.19
N LYS F 109 -8.32 -23.00 43.52
CA LYS F 109 -8.63 -23.43 44.87
C LYS F 109 -9.30 -24.79 44.87
N TYR F 110 -10.49 -24.88 44.26
CA TYR F 110 -11.28 -26.12 44.27
C TYR F 110 -11.52 -26.59 45.70
N TYR F 111 -11.72 -25.64 46.61
CA TYR F 111 -12.03 -25.93 47.99
C TYR F 111 -12.91 -24.81 48.53
N PHE F 112 -13.60 -25.08 49.62
CA PHE F 112 -14.51 -24.12 50.23
C PHE F 112 -13.75 -23.54 51.41
N ASP F 113 -13.41 -22.25 51.34
CA ASP F 113 -12.53 -21.66 52.33
C ASP F 113 -13.27 -21.11 53.55
N PHE F 114 -14.29 -20.29 53.33
CA PHE F 114 -15.02 -19.63 54.41
C PHE F 114 -16.42 -20.20 54.47
N TRP F 115 -16.91 -20.43 55.69
CA TRP F 115 -18.22 -21.03 55.93
C TRP F 115 -19.09 -20.16 56.82
N GLY F 116 -20.39 -20.14 56.53
CA GLY F 116 -21.37 -19.46 57.36
C GLY F 116 -21.92 -20.36 58.44
N GLN F 117 -22.95 -19.87 59.12
CA GLN F 117 -23.57 -20.65 60.20
C GLN F 117 -24.54 -21.68 59.67
N GLY F 118 -25.23 -21.39 58.57
CA GLY F 118 -26.21 -22.28 57.99
C GLY F 118 -27.63 -21.94 58.40
N ALA F 119 -28.58 -22.44 57.61
CA ALA F 119 -30.00 -22.22 57.84
C ALA F 119 -30.76 -23.49 57.49
N LEU F 120 -31.73 -23.85 58.34
CA LEU F 120 -32.49 -25.07 58.15
C LEU F 120 -33.68 -24.81 57.23
N VAL F 121 -33.81 -25.63 56.19
CA VAL F 121 -34.92 -25.58 55.25
C VAL F 121 -35.72 -26.87 55.43
N THR F 122 -36.98 -26.73 55.84
CA THR F 122 -37.90 -27.84 56.03
C THR F 122 -38.91 -27.85 54.89
N VAL F 123 -39.09 -29.00 54.26
CA VAL F 123 -40.01 -29.15 53.14
C VAL F 123 -41.32 -29.71 53.68
N ALA G 1 -19.53 -42.42 44.18
CA ALA G 1 -19.31 -41.38 45.18
C ALA G 1 -18.10 -41.72 46.06
N LEU G 2 -17.80 -40.87 47.03
CA LEU G 2 -16.69 -41.08 47.94
C LEU G 2 -17.11 -41.93 49.12
N THR G 3 -16.23 -42.84 49.52
CA THR G 3 -16.42 -43.71 50.67
C THR G 3 -15.44 -43.28 51.75
N GLN G 4 -15.95 -43.12 52.98
CA GLN G 4 -15.16 -42.70 54.12
C GLN G 4 -15.58 -43.51 55.33
N PRO G 5 -14.67 -43.98 56.18
CA PRO G 5 -15.08 -44.78 57.34
C PRO G 5 -16.06 -44.03 58.23
N PRO G 6 -17.04 -44.71 58.83
CA PRO G 6 -17.95 -43.99 59.73
C PRO G 6 -17.30 -43.53 61.03
N SER G 7 -16.21 -44.17 61.47
CA SER G 7 -15.58 -43.73 62.70
C SER G 7 -14.15 -44.24 62.80
N VAL G 8 -13.34 -43.49 63.56
CA VAL G 8 -12.01 -43.88 63.97
C VAL G 8 -11.91 -43.58 65.47
N SER G 9 -10.87 -44.11 66.10
CA SER G 9 -10.66 -43.84 67.51
C SER G 9 -9.20 -43.99 67.87
N GLY G 10 -8.85 -43.52 69.06
CA GLY G 10 -7.50 -43.66 69.58
C GLY G 10 -7.38 -42.90 70.87
N SER G 11 -6.28 -43.17 71.58
CA SER G 11 -6.03 -42.53 72.85
C SER G 11 -5.53 -41.10 72.65
N PRO G 12 -5.63 -40.24 73.66
CA PRO G 12 -5.03 -38.91 73.57
C PRO G 12 -3.54 -38.98 73.29
N GLY G 13 -3.05 -38.07 72.46
CA GLY G 13 -1.65 -37.99 72.13
C GLY G 13 -1.19 -38.93 71.03
N GLN G 14 -2.08 -39.77 70.51
CA GLN G 14 -1.73 -40.76 69.50
C GLN G 14 -2.03 -40.24 68.10
N SER G 15 -1.38 -40.88 67.12
CA SER G 15 -1.60 -40.57 65.72
C SER G 15 -2.72 -41.45 65.18
N VAL G 16 -3.70 -40.82 64.54
CA VAL G 16 -4.82 -41.52 63.91
C VAL G 16 -4.90 -41.06 62.46
N THR G 17 -5.51 -41.90 61.63
CA THR G 17 -5.73 -41.57 60.24
C THR G 17 -7.17 -41.84 59.84
N ILE G 18 -7.67 -41.03 58.92
CA ILE G 18 -8.99 -41.18 58.32
C ILE G 18 -8.77 -41.34 56.82
N SER G 19 -9.25 -42.46 56.27
CA SER G 19 -9.14 -42.73 54.85
C SER G 19 -10.31 -42.12 54.08
N CYS G 20 -10.09 -41.86 52.80
CA CYS G 20 -11.11 -41.41 51.87
C CYS G 20 -10.85 -42.08 50.54
N THR G 21 -11.82 -42.84 50.06
CA THR G 21 -11.72 -43.58 48.81
C THR G 21 -12.95 -43.30 47.95
N GLY G 22 -12.90 -43.78 46.72
CA GLY G 22 -13.97 -43.58 45.78
C GLY G 22 -13.55 -44.07 44.41
N THR G 23 -14.34 -43.74 43.40
CA THR G 23 -14.01 -44.15 42.04
C THR G 23 -12.65 -43.58 41.65
N SER G 24 -11.88 -44.40 40.94
CA SER G 24 -10.52 -44.00 40.58
C SER G 24 -10.47 -42.77 39.67
N SER G 25 -11.50 -42.55 38.87
CA SER G 25 -11.50 -41.39 37.97
C SER G 25 -11.49 -40.08 38.76
N ASP G 26 -12.36 -39.98 39.77
CA ASP G 26 -12.56 -38.71 40.47
C ASP G 26 -11.36 -38.35 41.34
N ILE G 27 -10.72 -39.33 41.96
CA ILE G 27 -9.58 -39.04 42.83
C ILE G 27 -8.28 -39.01 42.03
N GLY G 28 -8.09 -39.99 41.14
CA GLY G 28 -6.86 -40.02 40.37
C GLY G 28 -6.72 -38.87 39.40
N SER G 29 -7.83 -38.44 38.78
CA SER G 29 -7.74 -37.41 37.76
C SER G 29 -7.37 -36.05 38.35
N TYR G 30 -7.99 -35.66 39.46
CA TYR G 30 -7.82 -34.33 40.02
C TYR G 30 -7.19 -34.41 41.41
N ASN G 31 -6.12 -33.64 41.60
CA ASN G 31 -5.43 -33.56 42.90
C ASN G 31 -5.99 -32.40 43.74
N TYR G 32 -7.29 -32.48 44.06
CA TYR G 32 -7.95 -31.47 44.89
C TYR G 32 -8.83 -32.17 45.93
N VAL G 33 -8.21 -32.75 46.96
CA VAL G 33 -8.91 -33.48 48.00
C VAL G 33 -8.78 -32.70 49.30
N SER G 34 -9.89 -32.12 49.76
CA SER G 34 -9.93 -31.32 50.97
C SER G 34 -10.56 -32.11 52.11
N TRP G 35 -10.28 -31.67 53.34
CA TRP G 35 -10.86 -32.22 54.55
C TRP G 35 -11.42 -31.11 55.43
N TYR G 36 -12.58 -31.40 56.06
CA TYR G 36 -13.26 -30.48 56.97
C TYR G 36 -13.54 -31.15 58.31
N GLN G 37 -13.48 -30.33 59.38
CA GLN G 37 -13.80 -30.71 60.75
C GLN G 37 -15.11 -30.04 61.15
N GLN G 38 -16.18 -30.82 61.26
CA GLN G 38 -17.50 -30.30 61.61
C GLN G 38 -17.83 -30.72 63.05
N HIS G 39 -17.65 -29.80 63.99
CA HIS G 39 -18.02 -30.10 65.36
C HIS G 39 -19.54 -30.16 65.42
N PRO G 40 -20.13 -31.04 66.25
CA PRO G 40 -21.60 -31.11 66.31
C PRO G 40 -22.22 -29.75 66.61
N GLY G 41 -23.24 -29.40 65.81
CA GLY G 41 -23.93 -28.15 65.97
C GLY G 41 -23.30 -26.98 65.22
N LYS G 42 -22.11 -27.17 64.66
CA LYS G 42 -21.37 -26.12 63.96
C LYS G 42 -21.26 -26.44 62.47
N ALA G 43 -21.06 -25.39 61.69
CA ALA G 43 -20.74 -25.58 60.28
C ALA G 43 -19.32 -26.13 60.13
N PRO G 44 -19.05 -26.92 59.08
CA PRO G 44 -17.68 -27.41 58.88
C PRO G 44 -16.72 -26.25 58.64
N LYS G 45 -15.48 -26.43 59.12
CA LYS G 45 -14.41 -25.49 58.87
C LYS G 45 -13.29 -26.21 58.11
N LEU G 46 -12.59 -25.46 57.26
CA LEU G 46 -11.56 -26.05 56.44
C LEU G 46 -10.39 -26.50 57.30
N MET G 47 -9.96 -27.74 57.10
CA MET G 47 -8.81 -28.32 57.77
C MET G 47 -7.66 -28.54 56.82
N ILE G 48 -7.93 -29.10 55.65
CA ILE G 48 -6.93 -29.34 54.63
C ILE G 48 -7.54 -28.99 53.28
N TYR G 49 -6.75 -28.36 52.42
CA TYR G 49 -7.16 -28.10 51.05
C TYR G 49 -6.01 -28.56 50.17
N ASP G 50 -6.35 -28.89 48.92
CA ASP G 50 -5.35 -29.46 48.00
C ASP G 50 -4.92 -30.80 48.61
N VAL G 51 -3.96 -31.50 48.01
CA VAL G 51 -3.64 -32.82 48.54
C VAL G 51 -2.99 -32.70 49.92
N THR G 52 -2.04 -31.78 50.10
CA THR G 52 -1.28 -31.65 51.34
C THR G 52 -1.32 -30.28 52.00
N GLN G 53 -1.66 -29.21 51.27
CA GLN G 53 -1.51 -27.87 51.83
C GLN G 53 -2.48 -27.62 52.98
N ARG G 54 -1.95 -27.03 54.05
CA ARG G 54 -2.66 -26.66 55.27
C ARG G 54 -3.09 -25.19 55.21
N PRO G 55 -4.32 -24.84 55.58
CA PRO G 55 -4.68 -23.42 55.66
C PRO G 55 -4.18 -22.78 56.94
N SER G 56 -4.12 -21.45 56.92
CA SER G 56 -3.77 -20.72 58.13
C SER G 56 -4.82 -20.96 59.21
N GLY G 57 -4.37 -21.08 60.44
CA GLY G 57 -5.24 -21.31 61.57
C GLY G 57 -5.34 -22.75 62.01
N VAL G 58 -4.86 -23.70 61.19
CA VAL G 58 -4.88 -25.12 61.50
C VAL G 58 -3.48 -25.50 62.00
N SER G 59 -3.45 -26.25 63.10
CA SER G 59 -2.18 -26.67 63.68
C SER G 59 -1.54 -27.77 62.86
N ASP G 60 -0.27 -28.03 63.16
CA ASP G 60 0.52 -29.03 62.43
C ASP G 60 0.03 -30.46 62.68
N ARG G 61 -0.89 -30.67 63.61
CA ARG G 61 -1.40 -32.01 63.88
C ARG G 61 -2.08 -32.60 62.65
N PHE G 62 -2.66 -31.77 61.80
CA PHE G 62 -3.44 -32.22 60.64
C PHE G 62 -2.56 -32.16 59.40
N SER G 63 -2.44 -33.30 58.71
CA SER G 63 -1.63 -33.39 57.50
C SER G 63 -2.29 -34.33 56.51
N GLY G 64 -2.39 -33.88 55.25
CA GLY G 64 -2.99 -34.71 54.23
C GLY G 64 -1.98 -35.59 53.53
N SER G 65 -2.49 -36.61 52.86
CA SER G 65 -1.66 -37.52 52.09
C SER G 65 -2.50 -38.15 50.99
N LYS G 66 -1.85 -38.52 49.89
CA LYS G 66 -2.51 -39.22 48.80
C LYS G 66 -1.57 -40.26 48.20
N SER G 67 -2.15 -41.41 47.84
CA SER G 67 -1.43 -42.44 47.11
C SER G 67 -2.45 -43.16 46.25
N GLY G 68 -2.14 -43.31 44.96
CA GLY G 68 -3.07 -43.97 44.07
C GLY G 68 -4.37 -43.20 44.05
N ASN G 69 -5.47 -43.91 44.33
CA ASN G 69 -6.80 -43.34 44.39
C ASN G 69 -7.31 -43.26 45.83
N THR G 70 -6.41 -43.35 46.81
CA THR G 70 -6.76 -43.27 48.23
C THR G 70 -6.11 -42.05 48.84
N ALA G 71 -6.91 -41.22 49.50
CA ALA G 71 -6.44 -40.04 50.20
C ALA G 71 -6.65 -40.26 51.69
N SER G 72 -5.87 -39.57 52.52
CA SER G 72 -6.07 -39.70 53.95
C SER G 72 -5.70 -38.40 54.66
N LEU G 73 -6.25 -38.27 55.85
CA LEU G 73 -5.92 -37.21 56.80
C LEU G 73 -5.30 -37.84 58.03
N THR G 74 -4.11 -37.38 58.40
CA THR G 74 -3.42 -37.84 59.58
C THR G 74 -3.54 -36.77 60.66
N ILE G 75 -3.97 -37.19 61.84
CA ILE G 75 -4.11 -36.33 63.01
C ILE G 75 -3.09 -36.85 64.02
N SER G 76 -1.98 -36.15 64.16
CA SER G 76 -0.93 -36.55 65.09
C SER G 76 -1.16 -35.86 66.42
N GLY G 77 -0.82 -36.55 67.50
CA GLY G 77 -0.96 -35.95 68.81
C GLY G 77 -2.41 -35.67 69.16
N LEU G 78 -3.31 -36.57 68.75
CA LEU G 78 -4.75 -36.38 68.87
C LEU G 78 -5.16 -35.95 70.28
N GLN G 79 -5.94 -34.89 70.36
CA GLN G 79 -6.46 -34.36 71.61
C GLN G 79 -7.90 -34.81 71.81
N ALA G 80 -8.31 -34.91 73.08
CA ALA G 80 -9.69 -35.26 73.39
C ALA G 80 -10.65 -34.20 72.85
N ASP G 81 -10.23 -32.94 72.82
CA ASP G 81 -11.09 -31.85 72.39
C ASP G 81 -11.16 -31.74 70.87
N ASP G 82 -10.47 -32.60 70.13
CA ASP G 82 -10.47 -32.61 68.67
C ASP G 82 -11.65 -33.38 68.08
N GLU G 83 -12.40 -34.13 68.90
CA GLU G 83 -13.46 -34.97 68.37
C GLU G 83 -14.48 -34.15 67.60
N ALA G 84 -14.76 -34.60 66.39
CA ALA G 84 -15.68 -33.91 65.48
C ALA G 84 -16.06 -34.88 64.38
N ASP G 85 -17.10 -34.52 63.63
CA ASP G 85 -17.44 -35.27 62.42
C ASP G 85 -16.52 -34.78 61.29
N TYR G 86 -15.61 -35.64 60.85
CA TYR G 86 -14.67 -35.28 59.80
C TYR G 86 -15.21 -35.72 58.45
N TYR G 87 -15.06 -34.86 57.45
CA TYR G 87 -15.51 -35.16 56.09
C TYR G 87 -14.39 -34.90 55.09
N CYS G 88 -14.33 -35.76 54.06
CA CYS G 88 -13.49 -35.55 52.90
C CYS G 88 -14.35 -35.09 51.73
N SER G 89 -13.74 -34.30 50.86
CA SER G 89 -14.41 -33.78 49.68
C SER G 89 -13.39 -33.68 48.56
N ALA G 90 -13.85 -33.93 47.33
CA ALA G 90 -12.94 -33.85 46.19
C ALA G 90 -13.65 -33.33 44.95
N TYR G 91 -12.86 -32.68 44.10
CA TYR G 91 -13.32 -32.22 42.80
C TYR G 91 -13.58 -33.42 41.90
N ALA G 92 -14.72 -33.42 41.20
CA ALA G 92 -15.13 -34.54 40.36
C ALA G 92 -15.26 -34.16 38.88
N GLY G 93 -14.60 -33.09 38.45
CA GLY G 93 -14.63 -32.69 37.05
C GLY G 93 -15.68 -31.63 36.75
N ARG G 94 -15.91 -31.45 35.45
CA ARG G 94 -16.79 -30.39 34.97
C ARG G 94 -18.27 -30.76 35.02
N GLN G 95 -18.61 -32.05 34.87
CA GLN G 95 -20.01 -32.45 34.89
C GLN G 95 -20.53 -32.53 36.32
N THR G 96 -19.70 -33.02 37.23
CA THR G 96 -19.99 -33.09 38.65
C THR G 96 -18.86 -32.33 39.31
N PHE G 97 -19.20 -31.30 40.08
CA PHE G 97 -18.15 -30.44 40.63
C PHE G 97 -17.51 -31.02 41.89
N TYR G 98 -18.30 -31.34 42.91
CA TYR G 98 -17.75 -31.84 44.16
C TYR G 98 -18.50 -33.07 44.64
N ILE G 99 -17.74 -33.99 45.22
CA ILE G 99 -18.28 -35.19 45.85
C ILE G 99 -17.77 -35.21 47.28
N PHE G 100 -18.67 -35.54 48.22
CA PHE G 100 -18.35 -35.64 49.63
C PHE G 100 -18.55 -37.07 50.12
N GLY G 101 -17.71 -37.45 51.09
CA GLY G 101 -17.85 -38.73 51.76
C GLY G 101 -18.70 -38.60 53.02
N GLY G 102 -18.80 -39.71 53.74
CA GLY G 102 -19.56 -39.71 54.99
C GLY G 102 -18.72 -39.13 56.11
N GLY G 103 -19.34 -39.00 57.28
CA GLY G 103 -18.66 -38.42 58.42
C GLY G 103 -17.96 -39.47 59.27
N THR G 104 -16.77 -39.10 59.77
CA THR G 104 -15.99 -39.94 60.67
C THR G 104 -16.08 -39.37 62.08
N ARG G 105 -16.46 -40.20 63.04
CA ARG G 105 -16.55 -39.80 64.44
C ARG G 105 -15.31 -40.27 65.20
N LEU G 106 -15.07 -39.63 66.35
CA LEU G 106 -13.94 -39.96 67.22
C LEU G 106 -14.40 -40.11 68.66
N GLY H 10 -11.06 4.60 29.37
CA GLY H 10 -10.42 5.48 28.42
C GLY H 10 -9.19 4.85 27.78
N PHE H 11 -8.75 5.42 26.66
CA PHE H 11 -7.61 4.88 25.93
C PHE H 11 -6.36 4.90 26.80
N LEU H 12 -5.79 3.71 27.00
CA LEU H 12 -4.63 3.50 27.86
C LEU H 12 -4.87 3.92 29.31
N GLY H 13 -6.13 4.09 29.72
CA GLY H 13 -6.42 4.48 31.09
C GLY H 13 -5.94 3.45 32.08
N ALA H 14 -5.96 2.18 31.70
CA ALA H 14 -5.55 1.08 32.56
C ALA H 14 -4.06 0.81 32.49
N ALA H 15 -3.29 1.64 31.76
CA ALA H 15 -1.86 1.38 31.59
C ALA H 15 -1.15 1.28 32.94
N GLY H 16 -1.59 2.07 33.92
CA GLY H 16 -1.03 2.01 35.25
C GLY H 16 -1.77 1.09 36.20
N SER H 17 -2.82 0.43 35.72
CA SER H 17 -3.63 -0.47 36.52
C SER H 17 -2.98 -1.84 36.52
N THR H 18 -3.47 -2.72 37.39
CA THR H 18 -2.92 -4.07 37.41
C THR H 18 -3.32 -4.79 36.12
N MET H 19 -2.57 -5.85 35.81
CA MET H 19 -2.83 -6.61 34.59
C MET H 19 -4.25 -7.17 34.57
N GLY H 20 -4.72 -7.67 35.72
CA GLY H 20 -6.07 -8.22 35.77
C GLY H 20 -7.12 -7.19 35.43
N ALA H 21 -7.09 -6.04 36.12
CA ALA H 21 -8.06 -4.99 35.83
C ALA H 21 -7.88 -4.47 34.41
N ALA H 22 -6.64 -4.35 33.95
CA ALA H 22 -6.37 -3.81 32.63
C ALA H 22 -6.85 -4.73 31.51
N SER H 23 -7.00 -6.03 31.77
CA SER H 23 -7.48 -6.93 30.74
C SER H 23 -8.91 -6.62 30.31
N MET H 24 -9.67 -5.89 31.12
CA MET H 24 -11.06 -5.57 30.82
C MET H 24 -11.22 -4.33 29.93
N THR H 25 -10.13 -3.67 29.55
CA THR H 25 -10.17 -2.45 28.73
C THR H 25 -9.63 -2.66 27.32
N LEU H 26 -9.41 -3.90 26.90
CA LEU H 26 -8.80 -4.17 25.60
C LEU H 26 -9.61 -3.59 24.44
N THR H 27 -10.94 -3.51 24.62
CA THR H 27 -11.80 -2.98 23.57
C THR H 27 -11.38 -1.58 23.14
N VAL H 28 -11.00 -0.74 24.12
CA VAL H 28 -10.73 0.66 23.79
C VAL H 28 -9.48 0.75 22.92
N GLN H 29 -8.43 0.01 23.28
CA GLN H 29 -7.21 0.10 22.49
C GLN H 29 -7.43 -0.52 21.12
N ALA H 30 -8.23 -1.61 21.06
CA ALA H 30 -8.50 -2.23 19.78
C ALA H 30 -9.21 -1.26 18.85
N ARG H 31 -10.15 -0.48 19.38
CA ARG H 31 -10.82 0.49 18.52
C ARG H 31 -9.90 1.67 18.21
N ASN H 32 -8.93 1.95 19.08
CA ASN H 32 -8.02 3.08 18.86
C ASN H 32 -6.77 2.72 18.07
N LEU H 33 -6.67 1.51 17.53
CA LEU H 33 -5.54 1.22 16.65
C LEU H 33 -5.75 1.74 15.23
N LEU H 34 -7.00 1.92 14.80
CA LEU H 34 -7.32 2.46 13.49
C LEU H 34 -7.85 3.88 13.53
N SER H 35 -8.52 4.27 14.62
CA SER H 35 -9.11 5.60 14.76
C SER H 35 -10.17 5.83 13.69
N GLY H 61 1.69 16.14 1.49
CA GLY H 61 0.77 15.15 2.00
C GLY H 61 1.18 13.70 1.74
N ILE H 62 2.33 13.51 1.08
CA ILE H 62 2.78 12.17 0.76
C ILE H 62 3.14 11.42 2.04
N LYS H 63 3.68 12.12 3.04
CA LYS H 63 4.05 11.46 4.28
C LYS H 63 2.83 11.15 5.14
N GLN H 64 1.72 11.87 4.96
CA GLN H 64 0.53 11.54 5.73
C GLN H 64 -0.08 10.25 5.22
N LEU H 65 -0.05 10.09 3.89
CA LEU H 65 -0.55 8.86 3.29
C LEU H 65 0.37 7.71 3.65
N GLN H 66 1.68 7.96 3.66
CA GLN H 66 2.64 6.93 4.07
C GLN H 66 2.39 6.51 5.51
N ALA H 67 2.12 7.48 6.39
CA ALA H 67 1.86 7.15 7.79
C ALA H 67 0.61 6.30 7.93
N ARG H 68 -0.44 6.63 7.17
CA ARG H 68 -1.65 5.81 7.24
C ARG H 68 -1.39 4.40 6.75
N VAL H 69 -0.61 4.28 5.66
CA VAL H 69 -0.30 2.95 5.14
C VAL H 69 0.50 2.16 6.15
N LEU H 70 1.47 2.80 6.83
CA LEU H 70 2.26 2.07 7.81
C LEU H 70 1.39 1.61 8.98
N ALA H 71 0.46 2.46 9.43
CA ALA H 71 -0.43 2.05 10.50
C ALA H 71 -1.26 0.86 10.08
N VAL H 72 -1.72 0.87 8.82
CA VAL H 72 -2.49 -0.26 8.30
C VAL H 72 -1.63 -1.51 8.25
N GLU H 73 -0.38 -1.38 7.80
CA GLU H 73 0.49 -2.54 7.74
C GLU H 73 0.72 -3.15 9.12
N HIS H 74 0.90 -2.30 10.14
CA HIS H 74 1.14 -2.84 11.48
C HIS H 74 -0.12 -3.53 11.99
N TYR H 75 -1.29 -2.93 11.75
CA TYR H 75 -2.54 -3.55 12.16
C TYR H 75 -2.69 -4.91 11.49
N LEU H 76 -2.45 -4.97 10.18
CA LEU H 76 -2.61 -6.23 9.47
C LEU H 76 -1.60 -7.27 9.92
N ARG H 77 -0.36 -6.86 10.24
CA ARG H 77 0.60 -7.83 10.75
C ARG H 77 0.11 -8.42 12.05
N ASP H 78 -0.47 -7.58 12.92
CA ASP H 78 -0.97 -8.11 14.19
C ASP H 78 -2.17 -9.03 13.96
N GLN H 79 -3.04 -8.68 13.02
CA GLN H 79 -4.21 -9.52 12.76
C GLN H 79 -3.80 -10.85 12.13
N GLN H 80 -2.80 -10.82 11.24
CA GLN H 80 -2.32 -12.07 10.65
C GLN H 80 -1.65 -12.92 11.71
N LEU H 81 -0.93 -12.28 12.63
CA LEU H 81 -0.25 -13.04 13.69
C LEU H 81 -1.29 -13.70 14.59
N LEU H 82 -2.39 -13.01 14.87
CA LEU H 82 -3.47 -13.66 15.61
C LEU H 82 -4.09 -14.78 14.78
N GLY H 83 -4.20 -14.57 13.46
CA GLY H 83 -4.76 -15.60 12.59
C GLY H 83 -3.98 -16.90 12.64
N ILE H 84 -2.66 -16.81 12.47
CA ILE H 84 -1.81 -18.00 12.53
C ILE H 84 -1.92 -18.69 13.88
N TRP H 85 -2.25 -17.96 14.93
CA TRP H 85 -2.46 -18.53 16.25
C TRP H 85 -3.89 -19.04 16.44
N GLY H 86 -4.77 -18.85 15.46
CA GLY H 86 -6.15 -19.25 15.60
C GLY H 86 -6.97 -18.34 16.49
N CYS H 87 -6.56 -17.08 16.62
CA CYS H 87 -7.20 -16.11 17.50
C CYS H 87 -7.74 -14.89 16.74
N SER H 88 -8.01 -15.05 15.44
CA SER H 88 -8.38 -13.90 14.61
C SER H 88 -9.65 -13.22 15.07
N GLY H 89 -10.57 -13.94 15.71
CA GLY H 89 -11.84 -13.39 16.15
C GLY H 89 -11.97 -13.05 17.62
N LYS H 90 -10.90 -13.09 18.40
CA LYS H 90 -10.99 -12.92 19.84
C LYS H 90 -9.95 -11.91 20.33
N LEU H 91 -10.29 -11.24 21.45
CA LEU H 91 -9.33 -10.39 22.14
C LEU H 91 -8.48 -11.23 23.09
N ILE H 92 -9.12 -12.22 23.72
CA ILE H 92 -8.48 -13.12 24.67
C ILE H 92 -8.72 -14.52 24.14
N CYS H 93 -7.65 -15.27 23.93
CA CYS H 93 -7.75 -16.65 23.48
C CYS H 93 -6.75 -17.50 24.24
N CYS H 94 -7.14 -18.72 24.55
CA CYS H 94 -6.27 -19.68 25.21
C CYS H 94 -5.74 -20.64 24.15
N THR H 95 -4.53 -21.13 24.38
CA THR H 95 -3.89 -22.13 23.54
C THR H 95 -3.55 -23.38 24.35
N ASN H 96 -2.86 -24.31 23.70
CA ASN H 96 -2.38 -25.55 24.30
C ASN H 96 -0.89 -25.52 24.62
N VAL H 97 -0.21 -24.40 24.38
CA VAL H 97 1.22 -24.29 24.66
C VAL H 97 1.43 -24.11 26.16
N PRO H 98 2.21 -24.98 26.83
CA PRO H 98 2.41 -24.79 28.26
C PRO H 98 3.36 -23.64 28.54
N TRP H 99 3.28 -23.13 29.77
CA TRP H 99 4.21 -22.11 30.23
C TRP H 99 5.51 -22.79 30.66
N ASN H 100 6.64 -22.24 30.20
CA ASN H 100 7.93 -22.86 30.48
C ASN H 100 8.31 -22.75 31.96
N SER H 101 7.92 -21.65 32.60
CA SER H 101 8.23 -21.30 33.99
C SER H 101 9.65 -20.75 34.14
N SER H 102 10.51 -20.95 33.13
CA SER H 102 11.83 -20.33 33.16
C SER H 102 11.76 -18.90 32.67
N TRP H 103 10.76 -18.61 31.83
CA TRP H 103 10.53 -17.27 31.33
C TRP H 103 10.17 -16.34 32.47
N SER H 104 9.35 -16.83 33.40
CA SER H 104 8.98 -16.08 34.59
C SER H 104 8.46 -17.11 35.59
N ASN H 105 9.01 -17.09 36.80
CA ASN H 105 8.62 -18.02 37.86
C ASN H 105 7.71 -17.38 38.88
N ARG H 106 7.09 -16.24 38.54
CA ARG H 106 6.16 -15.60 39.44
C ARG H 106 4.85 -16.37 39.45
N ASN H 107 4.14 -16.31 40.56
CA ASN H 107 2.83 -16.94 40.62
C ASN H 107 1.79 -16.03 39.97
N LEU H 108 0.63 -16.60 39.67
CA LEU H 108 -0.41 -15.84 38.99
C LEU H 108 -0.87 -14.64 39.81
N SER H 109 -0.89 -14.77 41.14
CA SER H 109 -1.33 -13.64 41.95
C SER H 109 -0.35 -12.49 41.83
N GLU H 110 0.95 -12.78 41.84
CA GLU H 110 1.95 -11.73 41.72
C GLU H 110 1.91 -11.09 40.34
N ILE H 111 1.74 -11.90 39.30
CA ILE H 111 1.76 -11.37 37.94
C ILE H 111 0.53 -10.51 37.69
N TRP H 112 -0.65 -11.01 38.07
CA TRP H 112 -1.87 -10.30 37.72
C TRP H 112 -2.24 -9.17 38.68
N ASP H 113 -1.86 -9.25 39.96
CA ASP H 113 -2.25 -8.22 40.92
C ASP H 113 -1.13 -7.23 41.27
N ASN H 114 0.12 -7.64 41.25
CA ASN H 114 1.24 -6.80 41.70
C ASN H 114 2.12 -6.29 40.56
N MET H 115 1.71 -6.45 39.30
CA MET H 115 2.48 -6.00 38.16
C MET H 115 1.60 -5.25 37.18
N THR H 116 2.23 -4.32 36.47
CA THR H 116 1.61 -3.62 35.36
C THR H 116 1.98 -4.33 34.08
N TRP H 117 1.27 -4.00 33.00
CA TRP H 117 1.60 -4.63 31.73
C TRP H 117 2.95 -4.17 31.20
N LEU H 118 3.37 -2.95 31.52
CA LEU H 118 4.68 -2.49 31.06
C LEU H 118 5.79 -3.30 31.72
N GLN H 119 5.64 -3.57 33.02
CA GLN H 119 6.66 -4.34 33.74
C GLN H 119 6.68 -5.77 33.23
N TRP H 120 5.51 -6.34 32.98
CA TRP H 120 5.46 -7.70 32.47
C TRP H 120 6.11 -7.78 31.11
N ASP H 121 5.80 -6.83 30.22
CA ASP H 121 6.39 -6.80 28.89
C ASP H 121 7.91 -6.72 28.99
N LYS H 122 8.42 -5.92 29.92
CA LYS H 122 9.87 -5.84 30.09
C LYS H 122 10.45 -7.17 30.57
N GLU H 123 9.77 -7.83 31.53
CA GLU H 123 10.34 -9.06 32.09
C GLU H 123 10.44 -10.21 31.09
N ILE H 124 9.60 -10.24 30.04
CA ILE H 124 9.65 -11.30 29.05
C ILE H 124 10.07 -10.78 27.67
N SER H 125 10.78 -9.65 27.63
CA SER H 125 11.20 -9.09 26.35
C SER H 125 12.13 -10.02 25.57
N ASN H 126 12.86 -10.89 26.27
CA ASN H 126 13.80 -11.81 25.62
C ASN H 126 13.17 -13.12 25.17
N TYR H 127 11.89 -13.36 25.46
CA TYR H 127 11.22 -14.63 25.18
C TYR H 127 10.08 -14.52 24.17
N THR H 128 9.58 -13.32 23.90
CA THR H 128 8.38 -13.12 23.08
C THR H 128 8.42 -13.86 21.75
N GLN H 129 9.55 -13.82 21.03
CA GLN H 129 9.58 -14.50 19.74
C GLN H 129 9.59 -16.02 19.89
N ILE H 130 10.01 -16.53 21.04
CA ILE H 130 10.02 -17.96 21.24
C ILE H 130 8.59 -18.41 21.47
N ILE H 131 7.86 -17.64 22.26
CA ILE H 131 6.46 -17.93 22.53
C ILE H 131 5.69 -17.88 21.21
N TYR H 132 5.99 -16.87 20.38
CA TYR H 132 5.30 -16.77 19.10
C TYR H 132 5.55 -18.00 18.23
N GLY H 133 6.80 -18.48 18.19
CA GLY H 133 7.08 -19.68 17.42
C GLY H 133 6.34 -20.90 17.95
N LEU H 134 6.29 -21.04 19.28
CA LEU H 134 5.59 -22.17 19.86
C LEU H 134 4.09 -22.10 19.56
N LEU H 135 3.54 -20.87 19.57
CA LEU H 135 2.13 -20.72 19.26
C LEU H 135 1.84 -21.12 17.83
N GLU H 136 2.74 -20.76 16.90
CA GLU H 136 2.52 -21.13 15.51
C GLU H 136 2.57 -22.64 15.34
N GLU H 137 3.52 -23.30 16.01
CA GLU H 137 3.62 -24.75 15.89
C GLU H 137 2.38 -25.41 16.49
N SER H 138 1.90 -24.88 17.62
CA SER H 138 0.72 -25.46 18.25
C SER H 138 -0.49 -25.33 17.34
N GLN H 139 -0.66 -24.17 16.70
CA GLN H 139 -1.82 -24.04 15.82
C GLN H 139 -1.69 -24.97 14.62
N ASN H 140 -0.47 -25.16 14.10
CA ASN H 140 -0.32 -26.08 12.98
C ASN H 140 -0.72 -27.49 13.38
N GLN H 141 -0.32 -27.91 14.58
CA GLN H 141 -0.68 -29.24 15.03
C GLN H 141 -2.18 -29.35 15.26
N GLN H 142 -2.80 -28.30 15.78
CA GLN H 142 -4.24 -28.33 16.00
C GLN H 142 -5.00 -28.39 14.68
N GLU H 143 -4.54 -27.65 13.67
CA GLU H 143 -5.23 -27.67 12.40
C GLU H 143 -5.10 -29.03 11.72
N LYS H 144 -3.92 -29.64 11.79
CA LYS H 144 -3.78 -30.95 11.16
C LYS H 144 -4.59 -32.00 11.92
N ASN H 145 -4.62 -31.92 13.24
CA ASN H 145 -5.39 -32.88 14.02
C ASN H 145 -6.88 -32.69 13.78
N GLU H 146 -7.32 -31.44 13.64
CA GLU H 146 -8.72 -31.18 13.36
C GLU H 146 -9.10 -31.73 12.00
N GLN H 147 -8.23 -31.53 11.00
CA GLN H 147 -8.51 -32.06 9.67
C GLN H 147 -8.62 -33.56 9.72
N ASP H 148 -7.76 -34.23 10.50
CA ASP H 148 -7.81 -35.68 10.55
C ASP H 148 -9.04 -36.16 11.30
N LEU H 149 -9.46 -35.44 12.34
CA LEU H 149 -10.68 -35.82 13.05
C LEU H 149 -11.91 -35.65 12.16
N LEU H 150 -11.93 -34.57 11.38
CA LEU H 150 -13.05 -34.36 10.47
C LEU H 150 -13.08 -35.43 9.38
N ALA H 151 -11.91 -35.98 9.03
CA ALA H 151 -11.84 -37.01 8.01
C ALA H 151 -12.52 -38.30 8.42
N LEU H 152 -12.77 -38.51 9.71
CA LEU H 152 -13.40 -39.75 10.16
C LEU H 152 -14.90 -39.68 9.92
N ASP H 153 -15.46 -40.79 9.46
CA ASP H 153 -16.90 -40.86 9.23
C ASP H 153 -17.62 -41.35 10.47
N ASN I 3 -38.65 -11.24 22.94
CA ASN I 3 -38.25 -12.50 22.33
C ASN I 3 -37.44 -12.33 21.03
N LEU I 4 -36.93 -11.12 20.81
CA LEU I 4 -36.11 -10.80 19.64
C LEU I 4 -34.72 -10.38 20.10
N TRP I 5 -33.72 -10.69 19.28
CA TRP I 5 -32.34 -10.31 19.54
C TRP I 5 -31.73 -9.61 18.33
N VAL I 6 -30.70 -8.83 18.60
CA VAL I 6 -29.99 -8.10 17.56
C VAL I 6 -29.20 -9.07 16.71
N THR I 7 -29.39 -9.01 15.39
CA THR I 7 -28.59 -9.74 14.44
C THR I 7 -27.86 -8.72 13.57
N VAL I 8 -26.55 -8.90 13.43
CA VAL I 8 -25.69 -8.00 12.70
C VAL I 8 -25.50 -8.56 11.30
N TYR I 9 -25.72 -7.71 10.30
CA TYR I 9 -25.58 -8.07 8.90
C TYR I 9 -24.47 -7.22 8.29
N TYR I 10 -23.64 -7.87 7.48
CA TYR I 10 -22.61 -7.21 6.68
C TYR I 10 -22.92 -7.49 5.22
N GLY I 11 -22.97 -6.42 4.42
CA GLY I 11 -23.32 -6.49 3.03
C GLY I 11 -24.69 -5.90 2.78
N VAL I 12 -25.17 -5.03 3.65
CA VAL I 12 -26.49 -4.43 3.54
C VAL I 12 -26.50 -3.43 2.39
N PRO I 13 -27.47 -3.50 1.44
CA PRO I 13 -27.48 -2.53 0.32
C PRO I 13 -28.05 -1.17 0.72
N VAL I 14 -27.37 -0.49 1.63
CA VAL I 14 -27.75 0.82 2.14
C VAL I 14 -26.59 1.78 1.90
N TRP I 15 -26.92 3.00 1.50
CA TRP I 15 -25.92 4.02 1.22
C TRP I 15 -26.33 5.35 1.84
N LYS I 16 -25.33 6.20 2.00
CA LYS I 16 -25.50 7.57 2.50
C LYS I 16 -24.77 8.53 1.58
N ASP I 17 -25.29 9.75 1.48
CA ASP I 17 -24.66 10.77 0.65
C ASP I 17 -23.24 11.04 1.13
N ALA I 18 -22.30 11.14 0.18
CA ALA I 18 -20.92 11.38 0.51
C ALA I 18 -20.21 12.04 -0.67
N GLU I 19 -19.12 12.75 -0.37
CA GLU I 19 -18.25 13.37 -1.35
C GLU I 19 -16.88 12.71 -1.27
N THR I 20 -16.45 12.11 -2.38
CA THR I 20 -15.14 11.48 -2.44
C THR I 20 -14.50 11.74 -3.80
N THR I 21 -13.28 11.25 -3.96
CA THR I 21 -12.53 11.37 -5.20
C THR I 21 -12.99 10.31 -6.19
N LEU I 22 -13.24 10.74 -7.43
CA LEU I 22 -13.60 9.83 -8.52
C LEU I 22 -12.43 9.57 -9.45
N PHE I 23 -12.44 8.37 -10.04
CA PHE I 23 -11.41 7.93 -10.97
C PHE I 23 -11.75 8.27 -12.41
N CYS I 24 -10.69 8.54 -13.18
CA CYS I 24 -10.78 8.77 -14.62
C CYS I 24 -10.70 7.44 -15.35
N ALA I 25 -11.60 7.23 -16.31
CA ALA I 25 -11.53 6.10 -17.21
C ALA I 25 -11.76 6.60 -18.63
N SER I 26 -10.92 6.13 -19.55
CA SER I 26 -11.04 6.49 -20.96
C SER I 26 -10.36 5.40 -21.78
N ASP I 27 -11.07 4.88 -22.78
CA ASP I 27 -10.52 3.82 -23.62
C ASP I 27 -9.37 4.35 -24.47
N HIS I 36 -0.43 13.41 -28.97
CA HIS I 36 -1.05 13.50 -27.65
C HIS I 36 -2.26 14.43 -27.72
N ASN I 37 -3.18 14.27 -26.77
CA ASN I 37 -4.38 15.09 -26.68
C ASN I 37 -4.45 15.66 -25.27
N VAL I 38 -4.62 16.98 -25.16
CA VAL I 38 -4.60 17.65 -23.87
C VAL I 38 -5.69 17.14 -22.93
N TRP I 39 -6.73 16.51 -23.47
CA TRP I 39 -7.82 16.00 -22.67
C TRP I 39 -7.57 14.58 -22.18
N ALA I 40 -6.46 13.95 -22.60
CA ALA I 40 -6.13 12.60 -22.20
C ALA I 40 -5.30 12.68 -20.91
N THR I 41 -5.89 12.24 -19.81
CA THR I 41 -5.22 12.31 -18.52
C THR I 41 -4.29 11.13 -18.37
N HIS I 42 -3.04 11.39 -17.98
CA HIS I 42 -2.07 10.31 -17.82
C HIS I 42 -2.44 9.42 -16.63
N ALA I 43 -3.03 9.99 -15.59
CA ALA I 43 -3.49 9.22 -14.44
C ALA I 43 -4.94 8.77 -14.68
N CYS I 44 -5.08 7.93 -15.71
CA CYS I 44 -6.38 7.51 -16.21
C CYS I 44 -6.19 6.11 -16.77
N VAL I 45 -7.21 5.26 -16.62
CA VAL I 45 -7.13 3.86 -17.04
C VAL I 45 -8.13 3.58 -18.14
N PRO I 46 -8.01 2.45 -18.86
CA PRO I 46 -9.05 2.11 -19.85
C PRO I 46 -10.40 1.91 -19.19
N THR I 47 -11.46 2.12 -19.96
CA THR I 47 -12.80 1.89 -19.45
C THR I 47 -13.08 0.39 -19.43
N ASP I 48 -14.11 0.02 -18.69
CA ASP I 48 -14.51 -1.38 -18.66
C ASP I 48 -14.91 -1.83 -20.07
N PRO I 49 -14.54 -3.04 -20.50
CA PRO I 49 -14.99 -3.49 -21.82
C PRO I 49 -16.49 -3.75 -21.86
N ASN I 50 -17.12 -3.92 -20.71
CA ASN I 50 -18.56 -4.19 -20.64
C ASN I 50 -19.09 -3.54 -19.36
N PRO I 51 -19.32 -2.23 -19.38
CA PRO I 51 -19.78 -1.56 -18.16
C PRO I 51 -21.19 -2.02 -17.82
N GLN I 52 -21.47 -2.10 -16.53
CA GLN I 52 -22.76 -2.57 -16.04
C GLN I 52 -23.66 -1.41 -15.64
N GLU I 53 -24.94 -1.56 -15.96
CA GLU I 53 -26.00 -0.66 -15.51
C GLU I 53 -27.06 -1.56 -14.91
N ILE I 54 -27.31 -1.41 -13.61
CA ILE I 54 -28.24 -2.26 -12.88
C ILE I 54 -29.38 -1.38 -12.41
N HIS I 55 -30.55 -1.54 -13.02
CA HIS I 55 -31.71 -0.75 -12.62
C HIS I 55 -32.12 -1.17 -11.22
N LEU I 56 -32.45 -0.18 -10.38
CA LEU I 56 -32.91 -0.44 -9.02
C LEU I 56 -34.42 -0.36 -9.01
N GLU I 57 -35.07 -1.51 -8.95
CA GLU I 57 -36.51 -1.58 -8.97
C GLU I 57 -37.06 -1.12 -7.62
N ASN I 58 -38.13 -0.34 -7.65
CA ASN I 58 -38.80 0.15 -6.44
C ASN I 58 -37.83 0.93 -5.55
N VAL I 59 -36.96 1.72 -6.18
CA VAL I 59 -36.02 2.59 -5.47
C VAL I 59 -36.20 4.00 -6.01
N THR I 60 -36.38 4.97 -5.10
CA THR I 60 -36.45 6.38 -5.44
C THR I 60 -35.36 7.11 -4.68
N GLU I 61 -34.58 7.93 -5.39
CA GLU I 61 -33.47 8.67 -4.77
C GLU I 61 -33.61 10.15 -5.08
N GLU I 62 -33.34 10.99 -4.08
CA GLU I 62 -33.41 12.43 -4.26
C GLU I 62 -32.10 12.95 -4.85
N PHE I 63 -32.20 13.60 -6.01
CA PHE I 63 -31.06 14.17 -6.71
C PHE I 63 -31.12 15.70 -6.60
N ASN I 64 -29.95 16.32 -6.68
CA ASN I 64 -29.88 17.78 -6.69
C ASN I 64 -28.66 18.19 -7.52
N MET I 65 -28.91 18.64 -8.76
CA MET I 65 -27.80 18.97 -9.65
C MET I 65 -27.00 20.15 -9.14
N TRP I 66 -27.57 20.97 -8.25
CA TRP I 66 -26.92 22.18 -7.75
C TRP I 66 -26.06 21.91 -6.52
N LYS I 67 -26.10 20.70 -5.98
CA LYS I 67 -25.31 20.28 -4.82
C LYS I 67 -24.43 19.09 -5.19
N ASN I 68 -24.25 18.86 -6.50
CA ASN I 68 -23.49 17.73 -7.01
C ASN I 68 -22.01 18.07 -6.98
N ASN I 69 -21.25 17.29 -6.23
CA ASN I 69 -19.83 17.55 -6.06
C ASN I 69 -18.99 16.88 -7.14
N MET I 70 -19.62 16.23 -8.13
CA MET I 70 -18.89 15.65 -9.24
C MET I 70 -18.41 16.74 -10.18
N VAL I 71 -19.14 17.86 -10.23
CA VAL I 71 -18.77 18.96 -11.12
C VAL I 71 -17.50 19.62 -10.63
N GLU I 72 -17.37 19.78 -9.31
CA GLU I 72 -16.16 20.39 -8.77
C GLU I 72 -14.95 19.53 -9.05
N GLN I 73 -15.12 18.20 -8.98
CA GLN I 73 -14.02 17.32 -9.32
C GLN I 73 -13.67 17.41 -10.80
N MET I 74 -14.68 17.49 -11.68
CA MET I 74 -14.38 17.63 -13.10
C MET I 74 -13.65 18.94 -13.37
N HIS I 75 -14.06 20.02 -12.72
CA HIS I 75 -13.40 21.30 -12.86
C HIS I 75 -11.94 21.20 -12.43
N GLU I 76 -11.69 20.64 -11.25
CA GLU I 76 -10.32 20.56 -10.76
C GLU I 76 -9.48 19.67 -11.67
N ASP I 77 -10.09 18.60 -12.20
CA ASP I 77 -9.36 17.69 -13.06
C ASP I 77 -8.96 18.37 -14.36
N ILE I 78 -9.87 19.18 -14.93
CA ILE I 78 -9.55 19.87 -16.18
C ILE I 78 -8.48 20.93 -15.94
N ILE I 79 -8.60 21.70 -14.86
CA ILE I 79 -7.61 22.74 -14.59
C ILE I 79 -6.24 22.11 -14.37
N SER I 80 -6.18 21.06 -13.56
CA SER I 80 -4.91 20.39 -13.31
C SER I 80 -4.33 19.80 -14.58
N LEU I 81 -5.17 19.17 -15.40
CA LEU I 81 -4.69 18.55 -16.63
C LEU I 81 -4.11 19.60 -17.59
N TRP I 82 -4.82 20.71 -17.77
CA TRP I 82 -4.32 21.74 -18.67
C TRP I 82 -3.05 22.39 -18.13
N ASP I 83 -2.96 22.62 -16.82
CA ASP I 83 -1.75 23.23 -16.30
C ASP I 83 -0.57 22.28 -16.45
N GLN I 84 -0.79 20.99 -16.19
CA GLN I 84 0.29 20.03 -16.33
C GLN I 84 0.71 19.88 -17.79
N SER I 85 -0.25 19.98 -18.70
CA SER I 85 0.06 19.88 -20.12
C SER I 85 0.80 21.11 -20.63
N LEU I 86 0.48 22.29 -20.10
CA LEU I 86 1.15 23.51 -20.55
C LEU I 86 2.51 23.72 -19.93
N LYS I 87 2.78 23.16 -18.74
CA LYS I 87 4.11 23.30 -18.14
C LYS I 87 5.25 22.90 -19.09
N PRO I 88 5.26 21.69 -19.69
CA PRO I 88 6.36 21.33 -20.60
C PRO I 88 6.18 21.90 -22.00
N CYS I 89 6.09 23.22 -22.10
CA CYS I 89 5.95 23.92 -23.38
C CYS I 89 6.73 25.23 -23.29
N VAL I 90 6.92 25.86 -24.44
CA VAL I 90 7.74 27.07 -24.50
C VAL I 90 6.99 28.24 -23.88
N LYS I 91 7.62 28.91 -22.92
CA LYS I 91 7.08 30.10 -22.29
C LYS I 91 7.54 31.32 -23.08
N LEU I 92 6.58 32.09 -23.60
CA LEU I 92 6.90 33.20 -24.51
C LEU I 92 7.17 34.49 -23.73
N THR I 93 8.32 34.52 -23.06
CA THR I 93 8.71 35.72 -22.34
C THR I 93 9.33 36.79 -23.26
N PRO I 94 10.12 36.46 -24.30
CA PRO I 94 10.68 37.56 -25.12
C PRO I 94 9.68 38.18 -26.07
N LEU I 95 8.46 37.66 -26.16
CA LEU I 95 7.47 38.16 -27.11
C LEU I 95 6.90 39.52 -26.75
N CYS I 96 6.90 39.91 -25.47
CA CYS I 96 6.32 41.20 -25.07
C CYS I 96 7.30 42.32 -25.41
N VAL I 97 7.27 42.74 -26.67
CA VAL I 97 8.17 43.73 -27.23
C VAL I 97 7.35 44.78 -27.98
N THR I 98 8.00 45.88 -28.33
CA THR I 98 7.33 46.88 -29.13
C THR I 98 7.08 46.30 -30.52
N LEU I 99 5.87 46.47 -31.02
CA LEU I 99 5.45 45.95 -32.31
C LEU I 99 5.23 47.12 -33.26
N GLN I 100 5.93 47.11 -34.40
CA GLN I 100 5.73 48.13 -35.42
C GLN I 100 4.71 47.54 -36.40
N CYS I 101 3.46 48.01 -36.32
CA CYS I 101 2.35 47.37 -37.00
C CYS I 101 1.73 48.29 -38.04
N THR I 102 1.28 47.67 -39.13
CA THR I 102 0.47 48.30 -40.16
C THR I 102 -0.70 47.38 -40.47
N ASN I 103 -1.53 47.76 -41.43
CA ASN I 103 -2.63 46.91 -41.86
C ASN I 103 -2.12 45.89 -42.88
N TYR I 104 -2.44 44.62 -42.66
CA TYR I 104 -1.96 43.56 -43.55
C TYR I 104 -2.45 43.76 -44.98
N ALA I 105 -3.75 43.95 -45.16
CA ALA I 105 -4.37 44.06 -46.48
C ALA I 105 -5.42 45.16 -46.46
N PRO I 106 -4.99 46.42 -46.47
CA PRO I 106 -5.98 47.51 -46.43
C PRO I 106 -6.80 47.63 -47.71
N LYS I 107 -6.32 47.07 -48.83
CA LYS I 107 -7.01 47.19 -50.11
C LYS I 107 -8.02 46.05 -50.30
N LEU I 108 -8.99 46.02 -49.39
CA LEU I 108 -10.05 45.02 -49.38
C LEU I 108 -11.40 45.73 -49.24
N ARG I 109 -12.44 45.07 -49.75
CA ARG I 109 -13.82 45.52 -49.55
C ARG I 109 -14.64 44.58 -48.69
N SER I 110 -14.04 43.53 -48.13
CA SER I 110 -14.75 42.63 -47.23
C SER I 110 -14.78 43.23 -45.83
N MET I 111 -15.61 42.66 -44.97
CA MET I 111 -15.73 43.17 -43.60
C MET I 111 -14.59 42.71 -42.70
N MET I 112 -13.69 41.86 -43.20
CA MET I 112 -12.53 41.45 -42.41
C MET I 112 -11.43 42.50 -42.38
N ARG I 113 -11.45 43.47 -43.30
CA ARG I 113 -10.37 44.45 -43.41
C ARG I 113 -10.21 45.23 -42.12
N GLY I 114 -8.95 45.35 -41.68
CA GLY I 114 -8.60 46.03 -40.46
C GLY I 114 -8.49 45.12 -39.26
N GLU I 115 -8.97 43.88 -39.36
CA GLU I 115 -8.90 42.94 -38.26
C GLU I 115 -7.51 42.34 -38.09
N ILE I 116 -6.77 42.18 -39.18
CA ILE I 116 -5.46 41.53 -39.17
C ILE I 116 -4.40 42.62 -39.33
N LYS I 117 -3.47 42.67 -38.38
CA LYS I 117 -2.37 43.62 -38.36
C LYS I 117 -1.08 42.89 -38.72
N ASN I 118 -0.25 43.55 -39.52
CA ASN I 118 1.07 43.06 -39.91
C ASN I 118 2.13 43.78 -39.08
N CYS I 119 2.71 43.07 -38.11
CA CYS I 119 3.62 43.62 -37.12
C CYS I 119 5.03 43.11 -37.32
N SER I 120 6.00 43.97 -37.06
CA SER I 120 7.43 43.67 -37.11
C SER I 120 8.05 43.89 -35.75
N PHE I 121 9.00 43.03 -35.38
CA PHE I 121 9.60 43.15 -34.05
C PHE I 121 10.98 42.51 -34.13
N ASN I 122 11.55 42.18 -32.96
CA ASN I 122 12.78 41.42 -32.82
C ASN I 122 12.46 40.27 -31.87
N MET I 123 13.21 39.16 -31.99
CA MET I 123 12.90 37.93 -31.26
C MET I 123 14.04 37.33 -30.45
N THR I 124 15.21 37.96 -30.39
CA THR I 124 16.36 37.56 -29.58
C THR I 124 17.16 36.43 -30.23
N THR I 125 16.64 35.87 -31.32
CA THR I 125 17.31 34.74 -32.00
C THR I 125 17.58 33.65 -30.95
N GLU I 126 18.71 32.94 -31.06
CA GLU I 126 19.06 31.95 -30.07
C GLU I 126 20.22 32.43 -29.23
N LEU I 127 21.27 32.93 -29.90
CA LEU I 127 22.39 33.51 -29.21
C LEU I 127 21.92 34.78 -28.50
N ARG I 128 22.43 35.00 -27.28
CA ARG I 128 22.03 36.19 -26.53
C ARG I 128 22.54 37.49 -27.13
N ASP I 129 23.57 37.44 -27.97
CA ASP I 129 24.20 38.63 -28.52
C ASP I 129 23.62 39.06 -29.87
N LYS I 130 22.64 38.32 -30.40
CA LYS I 130 22.08 38.59 -31.72
C LYS I 130 20.59 38.83 -31.62
N LYS I 131 20.06 39.54 -32.62
CA LYS I 131 18.63 39.79 -32.74
C LYS I 131 18.18 39.44 -34.15
N GLN I 132 16.95 38.94 -34.27
CA GLN I 132 16.37 38.58 -35.56
C GLN I 132 15.10 39.40 -35.78
N LYS I 133 15.12 40.26 -36.79
CA LYS I 133 13.91 41.01 -37.11
C LYS I 133 12.91 40.05 -37.73
N VAL I 134 11.68 40.07 -37.22
CA VAL I 134 10.63 39.14 -37.65
C VAL I 134 9.36 39.90 -38.00
N TYR I 135 8.68 39.43 -39.06
CA TYR I 135 7.38 39.93 -39.49
C TYR I 135 6.32 38.85 -39.29
N SER I 136 5.17 39.23 -38.76
CA SER I 136 4.09 38.27 -38.53
C SER I 136 2.75 38.99 -38.54
N LEU I 137 1.68 38.21 -38.68
CA LEU I 137 0.32 38.73 -38.61
C LEU I 137 -0.34 38.37 -37.28
N PHE I 138 -1.11 39.31 -36.74
CA PHE I 138 -1.87 39.13 -35.51
C PHE I 138 -3.30 39.60 -35.74
N TYR I 139 -4.22 39.07 -34.96
CA TYR I 139 -5.60 39.56 -35.00
C TYR I 139 -5.72 40.84 -34.17
N ARG I 140 -6.62 41.73 -34.61
CA ARG I 140 -6.85 43.00 -33.94
C ARG I 140 -7.15 42.81 -32.46
N LEU I 141 -7.92 41.78 -32.13
CA LEU I 141 -8.36 41.58 -30.75
C LEU I 141 -7.22 41.15 -29.83
N ASP I 142 -6.08 40.72 -30.37
CA ASP I 142 -4.94 40.28 -29.58
C ASP I 142 -3.88 41.37 -29.40
N VAL I 143 -4.03 42.53 -30.04
CA VAL I 143 -3.01 43.56 -30.08
C VAL I 143 -3.63 44.88 -29.64
N VAL I 144 -2.97 45.57 -28.71
CA VAL I 144 -3.45 46.84 -28.17
C VAL I 144 -2.38 47.90 -28.38
N GLN I 145 -2.79 49.09 -28.81
CA GLN I 145 -1.84 50.17 -29.05
C GLN I 145 -1.20 50.62 -27.74
N ILE I 146 0.11 50.87 -27.80
CA ILE I 146 0.84 51.32 -26.62
C ILE I 146 0.44 52.75 -26.27
N ASN I 147 0.36 53.61 -27.28
CA ASN I 147 -0.01 55.02 -27.10
C ASN I 147 0.99 55.74 -26.19
N LYS I 159 2.30 52.02 -36.53
CA LYS I 159 2.27 52.52 -35.16
C LYS I 159 2.81 51.47 -34.19
N GLU I 160 2.99 51.87 -32.93
CA GLU I 160 3.55 51.02 -31.89
C GLU I 160 2.45 50.35 -31.07
N TYR I 161 2.44 49.02 -31.07
CA TYR I 161 1.46 48.21 -30.36
C TYR I 161 2.18 47.18 -29.49
N ARG I 162 1.44 46.62 -28.54
CA ARG I 162 1.93 45.55 -27.69
C ARG I 162 0.88 44.44 -27.62
N LEU I 163 1.34 43.26 -27.17
CA LEU I 163 0.43 42.14 -27.00
C LEU I 163 -0.52 42.44 -25.84
N ILE I 164 -1.77 42.01 -25.99
CA ILE I 164 -2.81 42.31 -25.01
C ILE I 164 -2.46 41.75 -23.64
N ASN I 165 -1.76 40.62 -23.58
CA ASN I 165 -1.41 39.98 -22.32
C ASN I 165 -0.26 40.61 -21.57
N CYS I 166 0.45 41.58 -22.18
CA CYS I 166 1.68 42.10 -21.56
C CYS I 166 1.47 42.66 -20.16
N ASN I 167 0.30 43.25 -19.88
CA ASN I 167 0.05 43.85 -18.57
C ASN I 167 -0.73 42.94 -17.63
N THR I 168 -0.82 41.64 -17.96
CA THR I 168 -1.50 40.65 -17.13
C THR I 168 -0.52 39.60 -16.63
N SER I 169 0.18 38.91 -17.52
CA SER I 169 1.11 37.85 -17.14
C SER I 169 1.96 37.50 -18.34
N ALA I 170 3.00 36.71 -18.10
CA ALA I 170 3.69 36.06 -19.20
C ALA I 170 2.74 35.05 -19.84
N ILE I 171 2.89 34.89 -21.15
CA ILE I 171 2.02 34.00 -21.92
C ILE I 171 2.83 32.78 -22.36
N THR I 172 2.26 31.60 -22.13
CA THR I 172 2.88 30.34 -22.49
C THR I 172 2.34 29.86 -23.82
N GLN I 173 3.23 29.40 -24.68
CA GLN I 173 2.83 28.82 -25.96
C GLN I 173 2.41 27.38 -25.75
N ALA I 174 1.20 27.04 -26.17
CA ALA I 174 0.77 25.66 -26.08
C ALA I 174 1.59 24.83 -27.07
N CYS I 175 1.89 23.59 -26.70
CA CYS I 175 2.65 22.74 -27.60
C CYS I 175 1.77 22.39 -28.80
N PRO I 176 2.18 22.70 -30.04
CA PRO I 176 1.28 22.44 -31.18
C PRO I 176 1.03 20.97 -31.47
N LYS I 177 1.83 20.07 -30.90
CA LYS I 177 1.67 18.65 -31.13
C LYS I 177 0.52 18.04 -30.33
N VAL I 178 -0.08 18.80 -29.41
CA VAL I 178 -1.11 18.28 -28.52
C VAL I 178 -2.46 18.72 -29.07
N SER I 179 -3.32 17.76 -29.39
CA SER I 179 -4.65 18.05 -29.89
C SER I 179 -5.55 18.55 -28.76
N PHE I 180 -6.48 19.43 -29.12
CA PHE I 180 -7.48 19.97 -28.19
C PHE I 180 -8.87 19.41 -28.44
N GLU I 181 -9.01 18.34 -29.22
CA GLU I 181 -10.32 17.79 -29.51
C GLU I 181 -10.86 17.05 -28.28
N PRO I 182 -12.03 17.43 -27.73
CA PRO I 182 -12.52 16.75 -26.52
C PRO I 182 -12.66 15.23 -26.70
N ILE I 183 -12.22 14.51 -25.68
CA ILE I 183 -12.29 13.06 -25.59
C ILE I 183 -13.30 12.74 -24.48
N PRO I 184 -14.35 11.95 -24.72
CA PRO I 184 -15.28 11.62 -23.64
C PRO I 184 -14.55 10.95 -22.47
N ILE I 185 -14.77 11.48 -21.27
CA ILE I 185 -14.16 10.97 -20.05
C ILE I 185 -15.26 10.34 -19.20
N HIS I 186 -15.00 9.12 -18.74
CA HIS I 186 -15.91 8.37 -17.89
C HIS I 186 -15.43 8.51 -16.45
N TYR I 187 -16.34 8.88 -15.54
CA TYR I 187 -16.00 8.96 -14.13
C TYR I 187 -16.46 7.70 -13.41
N CYS I 188 -15.54 7.06 -12.70
CA CYS I 188 -15.76 5.78 -12.04
C CYS I 188 -15.66 5.94 -10.54
N ALA I 189 -16.53 5.26 -9.82
CA ALA I 189 -16.50 5.32 -8.36
C ALA I 189 -15.28 4.55 -7.82
N PRO I 190 -14.69 5.02 -6.71
CA PRO I 190 -13.72 4.18 -6.02
C PRO I 190 -14.43 3.04 -5.30
N ALA I 191 -13.67 1.99 -4.99
CA ALA I 191 -14.25 0.87 -4.25
C ALA I 191 -14.83 1.38 -2.94
N GLY I 192 -16.02 0.89 -2.61
CA GLY I 192 -16.74 1.32 -1.42
C GLY I 192 -17.80 2.37 -1.70
N PHE I 193 -17.81 2.94 -2.90
CA PHE I 193 -18.75 3.97 -3.31
C PHE I 193 -19.45 3.51 -4.59
N ALA I 194 -20.57 4.16 -4.90
CA ALA I 194 -21.31 3.86 -6.11
C ALA I 194 -21.91 5.13 -6.70
N ILE I 195 -22.13 5.10 -8.02
CA ILE I 195 -22.75 6.20 -8.76
C ILE I 195 -24.17 5.79 -9.12
N LEU I 196 -25.12 6.64 -8.74
CA LEU I 196 -26.52 6.47 -9.07
C LEU I 196 -26.88 7.43 -10.19
N LYS I 197 -27.66 6.94 -11.16
CA LYS I 197 -28.14 7.70 -12.29
C LYS I 197 -29.65 7.87 -12.15
N CYS I 198 -30.12 9.11 -12.29
CA CYS I 198 -31.55 9.39 -12.20
C CYS I 198 -32.32 8.61 -13.24
N LYS I 199 -31.87 8.65 -14.50
CA LYS I 199 -32.45 7.89 -15.60
C LYS I 199 -33.97 8.08 -15.66
N ASP I 200 -34.40 9.35 -15.64
CA ASP I 200 -35.81 9.69 -15.55
C ASP I 200 -36.14 10.78 -16.57
N LYS I 201 -37.03 10.46 -17.50
CA LYS I 201 -37.41 11.38 -18.56
C LYS I 201 -38.02 12.64 -17.96
N LYS I 202 -37.59 13.81 -18.47
CA LYS I 202 -38.10 15.12 -18.06
C LYS I 202 -37.73 15.47 -16.62
N PHE I 203 -36.68 14.87 -16.07
CA PHE I 203 -36.21 15.26 -14.75
C PHE I 203 -35.67 16.69 -14.81
N ASN I 204 -36.11 17.54 -13.88
CA ASN I 204 -35.77 18.95 -13.90
C ASN I 204 -34.47 19.29 -13.16
N GLY I 205 -33.72 18.27 -12.72
CA GLY I 205 -32.46 18.47 -12.05
C GLY I 205 -32.50 18.37 -10.54
N THR I 206 -33.68 18.47 -9.93
CA THR I 206 -33.83 18.35 -8.49
C THR I 206 -35.02 17.47 -8.17
N GLY I 207 -34.98 16.87 -6.98
CA GLY I 207 -36.09 16.11 -6.47
C GLY I 207 -35.94 14.61 -6.65
N PRO I 208 -36.95 13.86 -6.22
CA PRO I 208 -36.89 12.40 -6.32
C PRO I 208 -36.88 11.91 -7.76
N CYS I 209 -36.09 10.86 -7.99
CA CYS I 209 -36.02 10.13 -9.25
C CYS I 209 -36.49 8.71 -8.96
N PRO I 210 -37.62 8.24 -9.51
CA PRO I 210 -38.09 6.88 -9.23
C PRO I 210 -37.46 5.79 -10.11
N SER I 211 -36.52 6.14 -10.99
CA SER I 211 -35.94 5.24 -11.97
C SER I 211 -34.44 5.11 -11.78
N VAL I 212 -34.02 5.08 -10.52
CA VAL I 212 -32.60 5.10 -10.19
C VAL I 212 -31.93 3.84 -10.71
N SER I 213 -30.77 4.00 -11.35
CA SER I 213 -29.98 2.88 -11.82
C SER I 213 -28.55 3.04 -11.32
N THR I 214 -27.94 1.95 -10.89
CA THR I 214 -26.57 2.00 -10.38
C THR I 214 -25.61 1.69 -11.52
N VAL I 215 -24.61 2.55 -11.69
CA VAL I 215 -23.58 2.38 -12.71
C VAL I 215 -22.22 2.41 -12.02
N GLN I 216 -21.30 1.56 -12.49
CA GLN I 216 -19.94 1.61 -11.96
C GLN I 216 -19.23 2.87 -12.45
N CYS I 217 -19.49 3.25 -13.69
CA CYS I 217 -18.89 4.43 -14.31
C CYS I 217 -19.96 5.16 -15.10
N THR I 218 -19.79 6.46 -15.22
CA THR I 218 -20.70 7.26 -16.03
C THR I 218 -20.41 7.06 -17.52
N HIS I 219 -21.30 7.56 -18.36
CA HIS I 219 -21.01 7.56 -19.78
C HIS I 219 -19.93 8.58 -20.05
N GLY I 220 -19.45 8.63 -21.29
CA GLY I 220 -18.35 9.53 -21.60
C GLY I 220 -18.87 10.94 -21.69
N ILE I 221 -18.21 11.84 -20.95
CA ILE I 221 -18.54 13.26 -20.95
C ILE I 221 -17.50 13.98 -21.78
N LYS I 222 -17.91 14.60 -22.87
CA LYS I 222 -16.95 15.34 -23.66
C LYS I 222 -16.62 16.62 -22.91
N PRO I 223 -15.33 16.92 -22.62
CA PRO I 223 -15.05 18.20 -21.94
C PRO I 223 -15.05 19.37 -22.91
N VAL I 224 -16.23 19.68 -23.43
CA VAL I 224 -16.39 20.73 -24.42
C VAL I 224 -16.41 22.09 -23.72
N VAL I 225 -15.63 23.01 -24.24
CA VAL I 225 -15.55 24.37 -23.69
C VAL I 225 -16.35 25.28 -24.60
N SER I 226 -17.35 25.95 -24.04
CA SER I 226 -18.17 26.88 -24.81
C SER I 226 -18.91 27.80 -23.86
N THR I 227 -19.46 28.88 -24.42
CA THR I 227 -20.35 29.78 -23.72
C THR I 227 -21.67 29.90 -24.47
N GLN I 228 -22.71 30.26 -23.72
CA GLN I 228 -24.06 30.54 -24.23
C GLN I 228 -24.79 29.36 -24.85
N LEU I 229 -24.15 28.63 -25.77
CA LEU I 229 -24.71 27.45 -26.40
C LEU I 229 -23.99 26.21 -25.89
N LEU I 230 -24.76 25.16 -25.59
CA LEU I 230 -24.18 23.89 -25.15
C LEU I 230 -23.99 23.01 -26.37
N LEU I 231 -22.73 22.70 -26.69
CA LEU I 231 -22.38 21.95 -27.88
C LEU I 231 -21.91 20.54 -27.55
N ASN I 232 -22.17 19.62 -28.48
CA ASN I 232 -21.69 18.24 -28.44
C ASN I 232 -22.02 17.58 -27.10
N GLY I 233 -23.22 17.87 -26.58
CA GLY I 233 -23.70 17.33 -25.33
C GLY I 233 -24.80 16.31 -25.53
N SER I 234 -25.51 16.02 -24.44
CA SER I 234 -26.63 15.10 -24.46
C SER I 234 -27.91 15.83 -24.83
N LEU I 235 -28.88 15.08 -25.33
CA LEU I 235 -30.21 15.58 -25.62
C LEU I 235 -31.23 15.10 -24.58
N ALA I 236 -32.28 15.90 -24.41
CA ALA I 236 -33.39 15.49 -23.58
C ALA I 236 -34.12 14.32 -24.23
N GLU I 237 -34.64 13.43 -23.38
CA GLU I 237 -35.25 12.20 -23.90
C GLU I 237 -36.53 12.50 -24.69
N GLU I 238 -37.37 13.43 -24.23
CA GLU I 238 -38.66 13.68 -24.86
C GLU I 238 -38.86 15.13 -25.29
N GLU I 239 -38.71 16.09 -24.37
CA GLU I 239 -39.05 17.48 -24.62
C GLU I 239 -37.92 18.38 -24.14
N VAL I 240 -38.07 19.68 -24.38
CA VAL I 240 -37.09 20.65 -23.90
C VAL I 240 -37.22 20.75 -22.39
N ILE I 241 -36.08 20.70 -21.70
CA ILE I 241 -36.03 20.74 -20.24
C ILE I 241 -35.32 22.03 -19.82
N ILE I 242 -35.98 22.83 -18.98
CA ILE I 242 -35.41 24.07 -18.46
C ILE I 242 -35.06 23.81 -17.00
N ARG I 243 -33.77 23.91 -16.67
CA ARG I 243 -33.27 23.63 -15.34
C ARG I 243 -32.74 24.91 -14.71
N SER I 244 -33.10 25.14 -13.45
CA SER I 244 -32.60 26.29 -12.72
C SER I 244 -32.61 25.96 -11.24
N GLU I 245 -31.63 26.51 -10.51
CA GLU I 245 -31.65 26.39 -9.05
C GLU I 245 -32.89 27.06 -8.49
N ASN I 246 -33.31 28.17 -9.09
CA ASN I 246 -34.52 28.87 -8.70
C ASN I 246 -35.05 29.56 -9.95
N ILE I 247 -36.11 29.01 -10.52
CA ILE I 247 -36.58 29.48 -11.83
C ILE I 247 -37.07 30.92 -11.74
N THR I 248 -37.54 31.36 -10.58
CA THR I 248 -38.03 32.72 -10.40
C THR I 248 -36.94 33.70 -9.95
N ASN I 249 -35.71 33.25 -9.75
CA ASN I 249 -34.61 34.11 -9.33
C ASN I 249 -33.82 34.48 -10.58
N ASN I 250 -33.86 35.76 -10.94
CA ASN I 250 -33.21 36.21 -12.16
C ASN I 250 -31.69 36.04 -12.12
N ALA I 251 -31.12 35.97 -10.93
CA ALA I 251 -29.67 35.85 -10.77
C ALA I 251 -29.14 34.44 -11.00
N LYS I 252 -30.00 33.43 -11.06
CA LYS I 252 -29.56 32.05 -11.27
C LYS I 252 -29.50 31.73 -12.75
N ASN I 253 -28.51 30.93 -13.14
CA ASN I 253 -28.37 30.55 -14.53
C ASN I 253 -29.41 29.50 -14.91
N ILE I 254 -29.95 29.66 -16.12
CA ILE I 254 -30.99 28.80 -16.68
C ILE I 254 -30.33 27.94 -17.75
N LEU I 255 -30.36 26.62 -17.57
CA LEU I 255 -29.77 25.68 -18.52
C LEU I 255 -30.89 24.95 -19.25
N VAL I 256 -30.93 25.12 -20.57
CA VAL I 256 -32.01 24.58 -21.40
C VAL I 256 -31.41 23.42 -22.20
N GLN I 257 -31.98 22.23 -22.03
CA GLN I 257 -31.56 21.05 -22.76
C GLN I 257 -32.59 20.76 -23.85
N LEU I 258 -32.09 20.62 -25.08
CA LEU I 258 -32.93 20.37 -26.24
C LEU I 258 -33.10 18.88 -26.48
N ASN I 259 -34.23 18.53 -27.10
CA ASN I 259 -34.50 17.16 -27.54
C ASN I 259 -34.33 17.00 -29.05
N THR I 260 -33.99 18.08 -29.76
CA THR I 260 -33.86 18.07 -31.21
C THR I 260 -32.58 18.82 -31.57
N PRO I 261 -31.48 18.14 -31.86
CA PRO I 261 -30.19 18.85 -32.04
C PRO I 261 -30.26 19.77 -33.24
N VAL I 262 -29.57 20.90 -33.13
CA VAL I 262 -29.50 21.88 -34.23
C VAL I 262 -28.06 21.90 -34.73
N GLN I 263 -27.88 21.66 -36.02
CA GLN I 263 -26.54 21.68 -36.59
C GLN I 263 -26.12 23.11 -36.86
N ILE I 264 -24.86 23.41 -36.52
CA ILE I 264 -24.25 24.71 -36.79
C ILE I 264 -23.00 24.48 -37.62
N ASN I 265 -22.95 25.11 -38.80
CA ASN I 265 -21.83 24.99 -39.73
C ASN I 265 -20.89 26.17 -39.53
N CYS I 266 -19.73 25.96 -38.90
CA CYS I 266 -18.81 27.04 -38.58
C CYS I 266 -17.55 26.91 -39.42
N THR I 267 -16.99 28.04 -39.83
CA THR I 267 -15.79 28.01 -40.64
C THR I 267 -14.95 29.27 -40.49
N ARG I 268 -13.67 29.10 -40.80
CA ARG I 268 -12.69 30.17 -40.98
C ARG I 268 -12.31 29.97 -42.45
N PRO I 269 -13.01 30.65 -43.38
CA PRO I 269 -12.81 30.35 -44.80
C PRO I 269 -11.47 30.79 -45.34
N SER I 270 -10.78 31.71 -44.66
CA SER I 270 -9.50 32.18 -45.15
C SER I 270 -8.46 31.07 -45.04
N ASN I 271 -7.52 31.08 -45.98
CA ASN I 271 -6.41 30.15 -45.94
C ASN I 271 -5.30 30.70 -45.04
N ASN I 272 -4.37 29.82 -44.67
CA ASN I 272 -3.29 30.22 -43.78
C ASN I 272 -2.06 29.35 -44.02
N THR I 273 -0.92 29.91 -43.63
CA THR I 273 0.36 29.22 -43.59
C THR I 273 0.99 29.60 -42.26
N VAL I 274 1.86 28.74 -41.75
CA VAL I 274 2.51 28.95 -40.47
C VAL I 274 4.01 28.94 -40.66
N LYS I 275 4.67 29.97 -40.14
CA LYS I 275 6.10 30.14 -40.17
C LYS I 275 6.65 29.68 -38.82
N SER I 276 7.91 29.27 -38.81
CA SER I 276 8.55 28.80 -37.58
C SER I 276 9.96 29.32 -37.49
N ILE I 277 10.29 29.90 -36.34
CA ILE I 277 11.60 30.44 -36.04
C ILE I 277 12.05 29.90 -34.68
N ARG I 278 13.36 29.94 -34.45
CA ARG I 278 13.91 29.59 -33.13
C ARG I 278 14.11 30.87 -32.34
N ILE I 279 13.65 30.86 -31.09
CA ILE I 279 13.77 32.01 -30.19
C ILE I 279 14.70 31.75 -29.01
N GLY I 280 15.12 30.50 -28.80
CA GLY I 280 15.98 30.17 -27.68
C GLY I 280 16.65 28.84 -27.90
N PRO I 281 17.37 28.34 -26.90
CA PRO I 281 18.13 27.11 -27.10
C PRO I 281 17.23 25.89 -27.19
N GLY I 282 16.64 25.70 -28.38
CA GLY I 282 15.71 24.62 -28.62
C GLY I 282 14.25 24.99 -28.48
N GLN I 283 13.94 26.28 -28.34
CA GLN I 283 12.56 26.76 -28.15
C GLN I 283 12.10 27.39 -29.46
N ALA I 284 11.18 26.73 -30.14
CA ALA I 284 10.67 27.20 -31.42
C ALA I 284 9.38 27.98 -31.20
N PHE I 285 9.21 29.05 -31.99
CA PHE I 285 8.02 29.88 -31.99
C PHE I 285 7.38 29.84 -33.37
N TYR I 286 6.07 29.60 -33.39
CA TYR I 286 5.29 29.49 -34.61
C TYR I 286 4.39 30.71 -34.73
N TYR I 287 4.22 31.21 -35.95
CA TYR I 287 3.38 32.39 -36.14
C TYR I 287 2.67 32.38 -37.49
N PHE I 288 1.60 33.16 -37.52
CA PHE I 288 0.73 33.28 -38.69
C PHE I 288 1.48 33.97 -39.82
N GLY I 289 1.39 33.38 -41.03
CA GLY I 289 2.05 33.94 -42.20
C GLY I 289 1.11 34.55 -43.22
N ASP I 290 1.51 34.58 -44.48
CA ASP I 290 0.69 35.21 -45.51
C ASP I 290 -0.63 34.48 -45.69
N VAL I 291 -1.70 35.23 -45.91
CA VAL I 291 -3.00 34.68 -46.23
C VAL I 291 -3.05 34.44 -47.73
N LEU I 292 -3.52 33.27 -48.13
CA LEU I 292 -3.63 32.90 -49.54
C LEU I 292 -5.09 33.07 -49.98
N GLY I 293 -5.28 33.49 -51.23
CA GLY I 293 -6.63 33.71 -51.71
C GLY I 293 -7.24 34.94 -51.08
N HIS I 294 -8.56 34.92 -50.91
CA HIS I 294 -9.28 36.06 -50.39
C HIS I 294 -9.20 36.08 -48.86
N VAL I 295 -9.33 37.28 -48.30
CA VAL I 295 -9.39 37.48 -46.86
C VAL I 295 -10.87 37.63 -46.50
N ARG I 296 -11.40 36.69 -45.72
CA ARG I 296 -12.80 36.66 -45.35
C ARG I 296 -12.92 36.35 -43.87
N MET I 297 -13.99 36.87 -43.26
CA MET I 297 -14.22 36.68 -41.84
C MET I 297 -14.85 35.33 -41.55
N ALA I 298 -14.46 34.74 -40.43
CA ALA I 298 -15.04 33.48 -40.00
C ALA I 298 -16.52 33.68 -39.65
N HIS I 299 -17.31 32.64 -39.83
CA HIS I 299 -18.74 32.76 -39.55
C HIS I 299 -19.33 31.38 -39.34
N CYS I 300 -20.52 31.36 -38.75
CA CYS I 300 -21.32 30.14 -38.58
C CYS I 300 -22.66 30.29 -39.30
N ASN I 301 -23.21 29.15 -39.71
CA ASN I 301 -24.47 29.07 -40.43
C ASN I 301 -25.47 28.23 -39.65
N ILE I 302 -26.65 28.79 -39.37
CA ILE I 302 -27.77 28.03 -38.81
C ILE I 302 -29.00 28.27 -39.67
N SER I 303 -29.67 27.20 -40.09
CA SER I 303 -30.89 27.34 -40.86
C SER I 303 -31.94 28.07 -40.04
N LYS I 304 -32.69 28.97 -40.69
CA LYS I 304 -33.64 29.80 -39.95
C LYS I 304 -34.84 29.00 -39.45
N ALA I 305 -35.38 28.08 -40.28
CA ALA I 305 -36.56 27.34 -39.86
C ALA I 305 -36.27 26.43 -38.67
N THR I 306 -35.10 25.79 -38.66
CA THR I 306 -34.75 24.90 -37.56
C THR I 306 -34.66 25.69 -36.26
N TRP I 307 -33.98 26.83 -36.29
CA TRP I 307 -33.87 27.66 -35.10
C TRP I 307 -35.24 28.17 -34.67
N ASN I 308 -36.08 28.59 -35.61
CA ASN I 308 -37.39 29.11 -35.27
C ASN I 308 -38.21 28.04 -34.54
N GLU I 309 -38.18 26.80 -35.05
CA GLU I 309 -38.96 25.74 -34.40
C GLU I 309 -38.37 25.36 -33.03
N THR I 310 -37.04 25.30 -32.93
CA THR I 310 -36.42 24.96 -31.65
C THR I 310 -36.72 26.04 -30.63
N LEU I 311 -36.65 27.30 -31.05
CA LEU I 311 -36.88 28.40 -30.14
C LEU I 311 -38.34 28.40 -29.73
N GLY I 312 -39.24 28.07 -30.65
CA GLY I 312 -40.64 27.96 -30.30
C GLY I 312 -40.87 26.90 -29.24
N LYS I 313 -40.13 25.79 -29.31
CA LYS I 313 -40.26 24.77 -28.27
C LYS I 313 -39.76 25.29 -26.93
N VAL I 314 -38.67 26.07 -26.95
CA VAL I 314 -38.16 26.65 -25.71
C VAL I 314 -39.20 27.62 -25.15
N VAL I 315 -39.82 28.39 -26.03
CA VAL I 315 -40.86 29.33 -25.60
C VAL I 315 -42.03 28.57 -25.01
N LYS I 316 -42.42 27.44 -25.59
CA LYS I 316 -43.51 26.64 -25.01
C LYS I 316 -43.19 26.22 -23.58
N GLN I 317 -41.93 25.83 -23.33
CA GLN I 317 -41.57 25.48 -21.96
C GLN I 317 -41.60 26.71 -21.07
N LEU I 318 -41.22 27.86 -21.63
CA LEU I 318 -41.30 29.10 -20.87
C LEU I 318 -42.75 29.45 -20.56
N ARG I 319 -43.67 29.17 -21.48
CA ARG I 319 -45.08 29.43 -21.21
C ARG I 319 -45.55 28.54 -20.07
N LYS I 320 -45.12 27.28 -20.09
CA LYS I 320 -45.45 26.35 -19.01
C LYS I 320 -45.01 26.90 -17.66
N HIS I 321 -43.84 27.52 -17.60
CA HIS I 321 -43.34 28.03 -16.31
C HIS I 321 -43.83 29.43 -15.94
N PHE I 322 -44.01 30.32 -16.91
CA PHE I 322 -44.28 31.74 -16.66
C PHE I 322 -45.65 32.20 -17.12
N GLY I 323 -46.45 31.36 -17.76
CA GLY I 323 -47.77 31.74 -18.22
C GLY I 323 -47.84 31.85 -19.74
N ASN I 324 -49.03 31.55 -20.27
CA ASN I 324 -49.26 31.53 -21.71
C ASN I 324 -49.38 32.91 -22.33
N ASN I 325 -49.89 33.90 -21.58
CA ASN I 325 -50.13 35.25 -22.09
C ASN I 325 -49.06 36.26 -21.68
N THR I 326 -47.94 35.80 -21.12
CA THR I 326 -46.86 36.70 -20.75
C THR I 326 -45.98 36.95 -21.97
N ILE I 327 -45.52 38.20 -22.12
CA ILE I 327 -44.71 38.56 -23.28
C ILE I 327 -43.29 38.08 -22.98
N ILE I 328 -42.72 37.32 -23.91
CA ILE I 328 -41.36 36.78 -23.80
C ILE I 328 -40.46 37.51 -24.79
N ARG I 329 -39.34 38.05 -24.28
CA ARG I 329 -38.38 38.79 -25.08
C ARG I 329 -36.97 38.23 -24.89
N PHE I 330 -36.27 38.07 -26.00
CA PHE I 330 -34.89 37.63 -26.03
C PHE I 330 -34.00 38.83 -26.35
N ALA I 331 -32.82 38.86 -25.76
CA ALA I 331 -31.87 39.93 -26.06
C ALA I 331 -30.46 39.39 -25.93
N GLN I 332 -29.51 40.10 -26.53
CA GLN I 332 -28.11 39.73 -26.46
C GLN I 332 -27.44 40.29 -25.20
N SER I 333 -26.53 39.51 -24.63
CA SER I 333 -25.71 39.92 -23.50
C SER I 333 -24.52 40.73 -24.02
N SER I 334 -24.82 41.93 -24.50
CA SER I 334 -23.80 42.75 -25.13
C SER I 334 -22.79 43.30 -24.13
N GLY I 335 -23.17 43.44 -22.86
CA GLY I 335 -22.23 43.92 -21.87
C GLY I 335 -21.39 42.79 -21.29
N GLY I 336 -20.15 43.14 -20.94
CA GLY I 336 -19.20 42.21 -20.37
C GLY I 336 -18.04 41.95 -21.30
N ASP I 337 -17.15 41.06 -20.86
CA ASP I 337 -15.97 40.73 -21.64
C ASP I 337 -16.36 39.98 -22.91
N LEU I 338 -15.51 40.10 -23.93
CA LEU I 338 -15.79 39.45 -25.21
C LEU I 338 -15.91 37.94 -25.03
N GLU I 339 -15.14 37.35 -24.10
CA GLU I 339 -15.23 35.92 -23.85
C GLU I 339 -16.59 35.51 -23.32
N VAL I 340 -17.40 36.46 -22.85
CA VAL I 340 -18.73 36.20 -22.32
C VAL I 340 -19.80 36.69 -23.29
N THR I 341 -19.61 37.87 -23.88
CA THR I 341 -20.64 38.44 -24.73
C THR I 341 -20.78 37.69 -26.04
N THR I 342 -19.72 37.02 -26.49
CA THR I 342 -19.77 36.19 -27.69
C THR I 342 -19.69 34.72 -27.31
N HIS I 343 -20.04 33.88 -28.28
CA HIS I 343 -19.91 32.44 -28.16
C HIS I 343 -18.47 32.00 -28.38
N SER I 344 -17.92 31.26 -27.42
CA SER I 344 -16.58 30.71 -27.50
C SER I 344 -16.67 29.30 -28.08
N PHE I 345 -16.04 29.07 -29.24
CA PHE I 345 -16.18 27.80 -29.95
C PHE I 345 -14.82 27.28 -30.40
N ASN I 346 -14.50 26.05 -30.02
CA ASN I 346 -13.26 25.40 -30.47
C ASN I 346 -13.59 24.63 -31.76
N CYS I 347 -13.18 25.19 -32.89
CA CYS I 347 -13.46 24.65 -34.22
C CYS I 347 -12.13 24.18 -34.81
N GLY I 348 -11.90 22.87 -34.81
CA GLY I 348 -10.67 22.36 -35.39
C GLY I 348 -9.44 22.66 -34.59
N GLY I 349 -9.60 23.09 -33.34
CA GLY I 349 -8.50 23.53 -32.51
C GLY I 349 -8.35 25.03 -32.43
N GLU I 350 -9.09 25.79 -33.24
CA GLU I 350 -8.98 27.26 -33.22
C GLU I 350 -10.16 27.85 -32.46
N PHE I 351 -9.88 28.94 -31.75
CA PHE I 351 -10.84 29.57 -30.85
C PHE I 351 -11.61 30.68 -31.57
N PHE I 352 -12.91 30.46 -31.77
CA PHE I 352 -13.80 31.39 -32.45
C PHE I 352 -14.62 32.15 -31.41
N TYR I 353 -14.84 33.44 -31.64
CA TYR I 353 -15.68 34.29 -30.81
C TYR I 353 -16.80 34.85 -31.69
N CYS I 354 -17.96 34.20 -31.64
CA CYS I 354 -19.07 34.46 -32.55
C CYS I 354 -20.11 35.37 -31.91
N ASN I 355 -20.49 36.43 -32.63
CA ASN I 355 -21.52 37.35 -32.17
C ASN I 355 -22.86 36.64 -31.99
N THR I 356 -23.44 36.17 -33.10
CA THR I 356 -24.67 35.36 -33.07
C THR I 356 -25.83 36.11 -32.43
N SER I 357 -25.92 37.41 -32.68
CA SER I 357 -26.97 38.18 -32.03
C SER I 357 -28.34 37.84 -32.60
N GLY I 358 -28.41 37.45 -33.88
CA GLY I 358 -29.67 37.14 -34.52
C GLY I 358 -30.42 35.95 -33.94
N LEU I 359 -29.77 35.17 -33.06
CA LEU I 359 -30.40 34.01 -32.46
C LEU I 359 -31.28 34.37 -31.28
N PHE I 360 -31.05 35.52 -30.65
CA PHE I 360 -31.77 35.94 -29.45
C PHE I 360 -32.30 37.35 -29.67
N ASN I 361 -33.13 37.47 -30.72
CA ASN I 361 -33.68 38.75 -31.17
C ASN I 361 -35.20 38.73 -31.32
N SER I 362 -35.86 37.61 -31.03
CA SER I 362 -37.30 37.51 -31.23
C SER I 362 -38.09 38.00 -30.01
N THR I 363 -39.36 38.30 -30.26
CA THR I 363 -40.34 38.62 -29.24
C THR I 363 -41.53 37.70 -29.47
N TRP I 364 -42.01 37.07 -28.40
CA TRP I 364 -43.08 36.09 -28.48
C TRP I 364 -44.26 36.54 -27.64
N ILE I 365 -45.47 36.45 -28.24
CA ILE I 365 -46.72 36.79 -27.59
C ILE I 365 -47.71 35.65 -27.82
N SER I 366 -48.76 35.65 -27.00
CA SER I 366 -49.86 34.67 -27.12
C SER I 366 -50.34 34.45 -28.55
N ASP I 380 -33.15 32.29 -45.84
CA ASP I 380 -33.04 30.83 -45.84
C ASP I 380 -32.29 30.37 -44.60
N SER I 381 -31.10 30.93 -44.40
CA SER I 381 -30.25 30.59 -43.26
C SER I 381 -29.66 31.87 -42.70
N LEU I 382 -29.30 31.83 -41.43
CA LEU I 382 -28.72 32.96 -40.72
C LEU I 382 -27.21 32.80 -40.63
N ILE I 383 -26.51 33.88 -41.04
CA ILE I 383 -25.06 33.97 -40.99
C ILE I 383 -24.67 34.67 -39.70
N LEU I 384 -23.80 34.03 -38.93
CA LEU I 384 -23.40 34.47 -37.59
C LEU I 384 -21.92 34.90 -37.64
N PRO I 385 -21.62 36.20 -37.74
CA PRO I 385 -20.21 36.61 -37.87
C PRO I 385 -19.39 36.18 -36.65
N CYS I 386 -18.13 35.80 -36.91
CA CYS I 386 -17.21 35.38 -35.87
C CYS I 386 -15.85 36.04 -36.04
N TRP I 387 -15.23 36.39 -34.91
CA TRP I 387 -13.89 36.90 -34.85
C TRP I 387 -12.96 35.80 -34.36
N ILE I 388 -11.69 35.88 -34.76
CA ILE I 388 -10.67 34.90 -34.39
C ILE I 388 -9.67 35.58 -33.47
N LYS I 389 -9.35 34.91 -32.36
CA LYS I 389 -8.33 35.35 -31.42
C LYS I 389 -7.29 34.25 -31.28
N GLN I 390 -6.03 34.65 -31.18
CA GLN I 390 -4.93 33.73 -30.95
C GLN I 390 -4.50 33.69 -29.49
N ILE I 391 -4.68 34.79 -28.76
CA ILE I 391 -4.35 34.89 -27.35
C ILE I 391 -5.65 34.80 -26.55
N ILE I 392 -5.75 33.80 -25.68
CA ILE I 392 -6.94 33.53 -24.90
C ILE I 392 -6.59 33.38 -23.43
N ASN I 393 -7.61 33.51 -22.58
CA ASN I 393 -7.50 33.33 -21.13
C ASN I 393 -8.68 32.44 -20.74
N MET I 394 -8.39 31.17 -20.48
CA MET I 394 -9.42 30.17 -20.22
C MET I 394 -9.84 30.15 -18.75
N TRP I 395 -11.11 29.82 -18.54
CA TRP I 395 -11.72 29.66 -17.22
C TRP I 395 -11.67 30.94 -16.38
N GLN I 396 -11.61 32.09 -17.05
CA GLN I 396 -11.62 33.40 -16.39
C GLN I 396 -10.53 33.52 -15.33
N ARG I 397 -9.38 32.88 -15.56
CA ARG I 397 -8.27 32.92 -14.62
C ARG I 397 -7.33 34.04 -15.04
N ILE I 398 -7.35 35.14 -14.31
CA ILE I 398 -6.53 36.29 -14.67
C ILE I 398 -5.13 36.05 -14.13
N GLY I 399 -4.13 36.19 -14.99
CA GLY I 399 -2.75 35.93 -14.64
C GLY I 399 -2.15 34.71 -15.31
N GLN I 400 -2.94 33.90 -16.04
CA GLN I 400 -2.43 32.72 -16.75
C GLN I 400 -2.89 32.76 -18.21
N ALA I 401 -2.24 33.59 -19.01
CA ALA I 401 -2.56 33.71 -20.43
C ALA I 401 -1.99 32.52 -21.18
N MET I 402 -2.65 32.13 -22.26
CA MET I 402 -2.17 31.07 -23.14
C MET I 402 -2.22 31.54 -24.59
N TYR I 403 -1.18 31.18 -25.34
CA TYR I 403 -1.05 31.53 -26.76
C TYR I 403 -1.40 30.31 -27.60
N ALA I 404 -2.40 30.45 -28.46
CA ALA I 404 -2.78 29.31 -29.30
C ALA I 404 -1.92 29.30 -30.56
N PRO I 405 -1.29 28.18 -30.94
CA PRO I 405 -0.59 28.15 -32.22
C PRO I 405 -1.56 28.35 -33.37
N PRO I 406 -1.10 28.91 -34.48
CA PRO I 406 -1.96 28.99 -35.67
C PRO I 406 -2.11 27.64 -36.33
N ILE I 407 -3.19 27.48 -37.09
CA ILE I 407 -3.49 26.26 -37.82
C ILE I 407 -3.49 26.56 -39.32
N GLN I 408 -2.75 25.74 -40.08
CA GLN I 408 -2.64 25.89 -41.53
C GLN I 408 -3.95 25.57 -42.23
N GLY I 409 -4.14 26.17 -43.41
CA GLY I 409 -5.28 25.86 -44.24
C GLY I 409 -6.54 26.61 -43.88
N VAL I 410 -7.65 26.04 -44.36
CA VAL I 410 -8.98 26.59 -44.22
C VAL I 410 -9.73 25.65 -43.29
N ILE I 411 -10.45 26.21 -42.31
CA ILE I 411 -11.09 25.40 -41.29
C ILE I 411 -12.60 25.41 -41.49
N ARG I 412 -13.19 24.22 -41.50
CA ARG I 412 -14.63 24.08 -41.51
C ARG I 412 -14.97 22.95 -40.54
N CYS I 413 -16.03 23.15 -39.76
CA CYS I 413 -16.49 22.16 -38.81
C CYS I 413 -18.00 22.27 -38.71
N VAL I 414 -18.63 21.19 -38.25
CA VAL I 414 -20.06 21.14 -37.99
C VAL I 414 -20.22 20.60 -36.57
N SER I 415 -21.00 21.29 -35.75
CA SER I 415 -21.25 20.84 -34.39
C SER I 415 -22.74 20.80 -34.12
N ASN I 416 -23.11 20.03 -33.09
CA ASN I 416 -24.49 19.90 -32.66
C ASN I 416 -24.74 20.83 -31.48
N ILE I 417 -25.78 21.66 -31.60
CA ILE I 417 -26.26 22.48 -30.50
C ILE I 417 -27.31 21.63 -29.80
N THR I 418 -27.00 21.24 -28.56
CA THR I 418 -27.84 20.38 -27.76
C THR I 418 -28.47 21.12 -26.59
N GLY I 419 -28.08 22.36 -26.35
CA GLY I 419 -28.67 23.13 -25.26
C GLY I 419 -28.23 24.58 -25.33
N LEU I 420 -28.85 25.37 -24.46
CA LEU I 420 -28.64 26.81 -24.37
C LEU I 420 -28.38 27.19 -22.92
N ILE I 421 -27.68 28.31 -22.74
CA ILE I 421 -27.53 28.97 -21.45
C ILE I 421 -28.30 30.27 -21.56
N LEU I 422 -29.16 30.54 -20.58
CA LEU I 422 -29.92 31.79 -20.51
C LEU I 422 -29.79 32.38 -19.12
N THR I 423 -29.82 33.70 -19.04
CA THR I 423 -29.95 34.42 -17.79
C THR I 423 -31.01 35.50 -17.99
N ARG I 424 -31.62 35.92 -16.89
CA ARG I 424 -32.72 36.89 -16.92
C ARG I 424 -32.36 38.13 -16.12
N ASP I 425 -32.98 39.25 -16.51
CA ASP I 425 -32.77 40.55 -15.89
C ASP I 425 -32.92 40.51 -14.36
N SER I 431 -44.44 40.54 -13.66
CA SER I 431 -44.08 41.46 -14.73
C SER I 431 -44.88 41.17 -16.00
N THR I 432 -45.26 42.23 -16.71
CA THR I 432 -46.01 42.06 -17.95
C THR I 432 -45.15 41.39 -19.01
N THR I 433 -43.88 41.77 -19.09
CA THR I 433 -42.94 41.25 -20.09
C THR I 433 -41.72 40.72 -19.37
N GLU I 434 -41.27 39.55 -19.80
CA GLU I 434 -40.08 38.87 -19.28
C GLU I 434 -39.01 38.88 -20.35
N THR I 435 -37.99 39.71 -20.14
CA THR I 435 -36.87 39.86 -21.07
C THR I 435 -35.66 39.15 -20.46
N PHE I 436 -34.99 38.32 -21.26
CA PHE I 436 -33.83 37.59 -20.76
C PHE I 436 -32.82 37.41 -21.89
N ARG I 437 -31.60 37.07 -21.50
CA ARG I 437 -30.44 37.04 -22.37
C ARG I 437 -29.65 35.75 -22.21
N PRO I 438 -28.87 35.35 -23.23
CA PRO I 438 -28.02 34.15 -23.08
C PRO I 438 -27.12 34.12 -21.85
N GLY I 439 -26.58 35.25 -21.41
CA GLY I 439 -25.72 35.26 -20.24
C GLY I 439 -24.52 34.34 -20.43
N GLY I 440 -24.29 33.45 -19.48
CA GLY I 440 -23.17 32.52 -19.56
C GLY I 440 -21.90 33.08 -18.96
N GLY I 441 -20.82 32.35 -19.17
CA GLY I 441 -19.51 32.69 -18.65
C GLY I 441 -18.99 31.87 -17.48
N ASP I 442 -19.57 30.69 -17.21
CA ASP I 442 -19.11 29.83 -16.13
C ASP I 442 -19.14 28.40 -16.64
N MET I 443 -17.96 27.77 -16.70
CA MET I 443 -17.85 26.42 -17.22
C MET I 443 -18.45 25.34 -16.33
N ARG I 444 -18.58 25.58 -15.02
CA ARG I 444 -19.10 24.53 -14.16
C ARG I 444 -20.51 24.13 -14.56
N ASP I 445 -21.29 25.10 -15.05
CA ASP I 445 -22.67 24.80 -15.42
C ASP I 445 -22.70 23.83 -16.59
N ASN I 446 -21.72 23.93 -17.50
CA ASN I 446 -21.77 23.05 -18.65
C ASN I 446 -21.53 21.63 -18.21
N TRP I 447 -20.61 21.46 -17.27
CA TRP I 447 -20.34 20.12 -16.80
C TRP I 447 -21.51 19.67 -15.96
N ARG I 448 -22.11 20.60 -15.24
CA ARG I 448 -23.29 20.28 -14.46
C ARG I 448 -24.41 19.85 -15.38
N SER I 449 -24.51 20.50 -16.56
CA SER I 449 -25.54 20.13 -17.52
C SER I 449 -25.40 18.67 -17.91
N GLU I 450 -24.16 18.22 -18.11
CA GLU I 450 -23.97 16.82 -18.47
C GLU I 450 -24.07 15.92 -17.24
N LEU I 451 -23.64 16.41 -16.07
CA LEU I 451 -23.63 15.60 -14.85
C LEU I 451 -24.88 15.75 -13.99
N TYR I 452 -25.91 16.45 -14.48
CA TYR I 452 -27.09 16.71 -13.66
C TYR I 452 -27.76 15.44 -13.17
N LYS I 453 -27.63 14.33 -13.90
CA LYS I 453 -28.33 13.10 -13.57
C LYS I 453 -27.56 12.12 -12.70
N TYR I 454 -26.34 12.44 -12.27
CA TYR I 454 -25.53 11.53 -11.45
C TYR I 454 -25.32 12.02 -10.03
N LYS I 455 -25.26 11.05 -9.11
CA LYS I 455 -24.98 11.28 -7.70
C LYS I 455 -24.01 10.21 -7.23
N VAL I 456 -23.13 10.59 -6.29
CA VAL I 456 -22.17 9.67 -5.68
C VAL I 456 -22.63 9.39 -4.26
N VAL I 457 -22.70 8.10 -3.90
CA VAL I 457 -23.09 7.69 -2.56
C VAL I 457 -22.07 6.70 -2.01
N LYS I 458 -21.91 6.73 -0.68
CA LYS I 458 -21.05 5.80 0.05
C LYS I 458 -21.89 4.62 0.50
N ILE I 459 -21.33 3.41 0.39
CA ILE I 459 -22.03 2.20 0.76
C ILE I 459 -21.73 1.88 2.22
N GLU I 460 -22.79 1.55 2.98
CA GLU I 460 -22.70 1.27 4.40
C GLU I 460 -23.04 -0.22 4.57
N PRO I 461 -22.06 -1.12 4.47
CA PRO I 461 -22.39 -2.56 4.46
C PRO I 461 -22.92 -3.10 5.76
N LEU I 462 -22.77 -2.38 6.87
CA LEU I 462 -23.19 -2.87 8.17
C LEU I 462 -24.59 -2.39 8.52
N GLY I 463 -25.31 -3.25 9.22
CA GLY I 463 -26.62 -2.90 9.74
C GLY I 463 -27.05 -3.97 10.72
N VAL I 464 -28.16 -3.70 11.39
CA VAL I 464 -28.69 -4.60 12.39
C VAL I 464 -30.18 -4.79 12.13
N ALA I 465 -30.72 -5.88 12.67
CA ALA I 465 -32.16 -6.09 12.61
C ALA I 465 -32.56 -7.08 13.70
N PRO I 466 -33.79 -7.00 14.21
CA PRO I 466 -34.23 -8.01 15.17
C PRO I 466 -34.50 -9.33 14.47
N THR I 467 -34.10 -10.43 15.12
CA THR I 467 -34.43 -11.76 14.65
C THR I 467 -34.69 -12.66 15.85
N ARG I 468 -35.39 -13.76 15.58
CA ARG I 468 -35.63 -14.79 16.59
C ARG I 468 -34.48 -15.81 16.58
N CYS I 469 -33.33 -15.35 17.05
CA CYS I 469 -32.19 -16.25 17.23
C CYS I 469 -31.41 -15.74 18.43
N LYS I 470 -30.60 -16.63 19.01
CA LYS I 470 -29.69 -16.23 20.07
C LYS I 470 -28.41 -17.01 19.93
N ARG I 471 -27.28 -16.33 20.12
CA ARG I 471 -25.99 -17.00 20.12
C ARG I 471 -25.92 -17.97 21.28
N ARG I 472 -25.29 -19.12 21.05
CA ARG I 472 -25.11 -20.13 22.10
C ARG I 472 -24.48 -19.52 23.35
N GLU J 1 -59.38 -21.76 -1.72
CA GLU J 1 -58.87 -22.00 -0.33
C GLU J 1 -57.61 -22.87 -0.37
N VAL J 2 -57.06 -23.12 0.81
CA VAL J 2 -55.85 -23.93 0.94
C VAL J 2 -56.24 -25.40 0.88
N GLN J 3 -55.47 -26.18 0.11
CA GLN J 3 -55.65 -27.63 0.02
C GLN J 3 -54.32 -28.31 0.20
N LEU J 4 -54.37 -29.51 0.77
CA LEU J 4 -53.20 -30.37 0.94
C LEU J 4 -53.71 -31.81 0.85
N VAL J 5 -53.18 -32.56 -0.11
CA VAL J 5 -53.67 -33.91 -0.40
C VAL J 5 -52.52 -34.91 -0.32
N GLU J 6 -52.66 -35.88 0.58
CA GLU J 6 -51.74 -37.01 0.70
C GLU J 6 -51.99 -38.05 -0.38
N THR J 7 -50.92 -38.53 -1.00
CA THR J 7 -50.95 -39.62 -1.96
C THR J 7 -49.81 -40.58 -1.62
N GLY J 8 -49.82 -41.73 -2.27
CA GLY J 8 -48.78 -42.73 -2.07
C GLY J 8 -49.36 -44.12 -2.21
N GLY J 9 -48.53 -45.10 -1.85
CA GLY J 9 -48.90 -46.50 -1.95
C GLY J 9 -49.76 -46.95 -0.79
N GLY J 10 -50.21 -48.20 -0.89
CA GLY J 10 -51.11 -48.80 0.08
C GLY J 10 -50.49 -49.86 0.96
N LEU J 11 -50.68 -51.13 0.58
CA LEU J 11 -50.21 -52.25 1.38
C LEU J 11 -48.73 -52.47 1.17
N VAL J 12 -47.99 -52.61 2.28
CA VAL J 12 -46.56 -52.89 2.27
C VAL J 12 -46.32 -54.10 3.15
N GLN J 13 -45.15 -54.71 2.96
CA GLN J 13 -44.69 -55.84 3.77
C GLN J 13 -43.51 -55.40 4.66
N PRO J 14 -43.28 -56.09 5.78
CA PRO J 14 -42.10 -55.76 6.60
C PRO J 14 -40.81 -55.90 5.79
N GLY J 15 -39.92 -54.92 5.97
CA GLY J 15 -38.64 -54.91 5.29
C GLY J 15 -38.60 -54.18 3.96
N GLY J 16 -39.74 -53.66 3.51
CA GLY J 16 -39.81 -52.95 2.24
C GLY J 16 -39.60 -51.47 2.39
N SER J 17 -40.14 -50.72 1.43
CA SER J 17 -40.00 -49.27 1.40
C SER J 17 -41.26 -48.68 0.79
N LEU J 18 -41.49 -47.40 1.10
CA LEU J 18 -42.69 -46.72 0.62
C LEU J 18 -42.44 -45.23 0.55
N LYS J 19 -42.79 -44.62 -0.59
CA LYS J 19 -42.71 -43.19 -0.77
C LYS J 19 -44.12 -42.59 -0.78
N LEU J 20 -44.34 -41.61 0.08
CA LEU J 20 -45.58 -40.84 0.14
C LEU J 20 -45.30 -39.47 -0.43
N SER J 21 -46.34 -38.84 -0.99
CA SER J 21 -46.19 -37.53 -1.60
C SER J 21 -47.43 -36.67 -1.39
N CYS J 22 -47.23 -35.43 -0.95
CA CYS J 22 -48.29 -34.48 -0.68
C CYS J 22 -48.25 -33.35 -1.69
N ARG J 23 -49.40 -33.08 -2.30
CA ARG J 23 -49.56 -31.93 -3.19
C ARG J 23 -50.26 -30.82 -2.43
N ALA J 24 -49.71 -29.62 -2.53
CA ALA J 24 -50.19 -28.42 -1.86
C ALA J 24 -50.74 -27.43 -2.87
N SER J 25 -51.78 -26.69 -2.48
CA SER J 25 -52.30 -25.62 -3.32
C SER J 25 -52.96 -24.56 -2.45
N GLY J 26 -53.11 -23.37 -3.02
CA GLY J 26 -53.78 -22.26 -2.38
C GLY J 26 -52.86 -21.34 -1.59
N TYR J 27 -51.57 -21.62 -1.55
CA TYR J 27 -50.61 -20.80 -0.82
C TYR J 27 -49.23 -21.04 -1.44
N THR J 28 -48.27 -20.20 -1.07
CA THR J 28 -46.91 -20.38 -1.55
C THR J 28 -46.27 -21.52 -0.76
N PHE J 29 -45.90 -22.58 -1.46
CA PHE J 29 -45.34 -23.77 -0.82
C PHE J 29 -44.07 -23.44 -0.06
N SER J 30 -43.13 -22.76 -0.73
CA SER J 30 -41.83 -22.46 -0.16
C SER J 30 -41.87 -21.48 1.01
N SER J 31 -43.00 -20.86 1.28
CA SER J 31 -43.11 -19.89 2.37
C SER J 31 -43.42 -20.53 3.71
N PHE J 32 -43.77 -21.82 3.75
CA PHE J 32 -44.17 -22.50 4.98
C PHE J 32 -43.29 -23.72 5.22
N ALA J 33 -42.96 -23.94 6.50
CA ALA J 33 -42.35 -25.18 6.93
C ALA J 33 -43.44 -26.25 6.97
N MET J 34 -43.02 -27.52 6.88
CA MET J 34 -43.99 -28.61 6.86
C MET J 34 -43.48 -29.79 7.69
N SER J 35 -44.40 -30.72 7.95
CA SER J 35 -44.09 -31.89 8.74
C SER J 35 -44.93 -33.07 8.30
N TRP J 36 -44.50 -34.25 8.71
CA TRP J 36 -45.27 -35.48 8.63
C TRP J 36 -45.59 -35.97 10.04
N VAL J 37 -46.86 -36.35 10.23
CA VAL J 37 -47.41 -36.84 11.49
C VAL J 37 -48.20 -38.09 11.14
N ARG J 38 -48.51 -38.90 12.16
CA ARG J 38 -49.33 -40.08 11.93
C ARG J 38 -50.31 -40.29 13.08
N GLN J 39 -51.44 -40.91 12.73
CA GLN J 39 -52.50 -41.29 13.64
C GLN J 39 -52.80 -42.78 13.44
N ALA J 40 -52.40 -43.63 14.43
CA ALA J 40 -52.73 -45.03 14.29
C ALA J 40 -54.13 -45.28 14.87
N PRO J 41 -54.87 -46.29 14.38
CA PRO J 41 -56.20 -46.57 14.95
C PRO J 41 -56.22 -46.74 16.47
N GLY J 42 -55.16 -47.29 17.05
CA GLY J 42 -55.07 -47.51 18.48
C GLY J 42 -54.26 -46.50 19.24
N LYS J 43 -53.86 -45.39 18.60
CA LYS J 43 -53.00 -44.37 19.20
C LYS J 43 -53.68 -43.01 19.01
N GLY J 44 -53.04 -41.98 19.54
CA GLY J 44 -53.41 -40.61 19.31
C GLY J 44 -52.54 -40.01 18.22
N LEU J 45 -52.46 -38.68 18.21
CA LEU J 45 -51.62 -38.03 17.23
C LEU J 45 -50.16 -38.12 17.68
N GLU J 46 -49.26 -38.25 16.72
CA GLU J 46 -47.84 -38.17 17.01
C GLU J 46 -47.11 -37.52 15.85
N TRP J 47 -45.99 -36.88 16.17
CA TRP J 47 -45.13 -36.26 15.17
C TRP J 47 -44.05 -37.25 14.73
N VAL J 48 -43.77 -37.27 13.43
CA VAL J 48 -42.78 -38.16 12.84
C VAL J 48 -41.56 -37.39 12.34
N SER J 49 -41.79 -36.36 11.53
CA SER J 49 -40.66 -35.63 10.93
C SER J 49 -41.04 -34.19 10.64
N LEU J 50 -40.02 -33.34 10.61
CA LEU J 50 -40.18 -31.90 10.37
C LEU J 50 -39.17 -31.44 9.32
N ILE J 51 -39.62 -30.65 8.35
CA ILE J 51 -38.77 -30.08 7.33
C ILE J 51 -38.97 -28.56 7.30
N ASN J 52 -37.88 -27.85 7.04
CA ASN J 52 -37.85 -26.40 7.00
C ASN J 52 -38.50 -25.91 5.70
N ASP J 53 -38.56 -24.58 5.56
CA ASP J 53 -39.17 -24.00 4.37
C ASP J 53 -38.30 -24.22 3.14
N ARG J 54 -36.98 -24.15 3.30
CA ARG J 54 -36.07 -24.40 2.19
C ARG J 54 -35.88 -25.88 1.93
N GLY J 55 -35.88 -26.69 2.99
CA GLY J 55 -35.64 -28.12 2.90
C GLY J 55 -34.26 -28.54 3.34
N GLY J 56 -33.36 -27.57 3.60
CA GLY J 56 -32.01 -27.90 4.01
C GLY J 56 -31.94 -28.67 5.33
N LEU J 57 -32.86 -28.39 6.25
CA LEU J 57 -32.87 -29.00 7.57
C LEU J 57 -34.04 -29.97 7.70
N THR J 58 -33.74 -31.14 8.26
CA THR J 58 -34.74 -32.16 8.54
C THR J 58 -34.55 -32.68 9.95
N PHE J 59 -35.65 -33.04 10.60
CA PHE J 59 -35.64 -33.60 11.95
C PHE J 59 -36.59 -34.77 11.99
N TYR J 60 -36.25 -35.78 12.81
CA TYR J 60 -37.05 -36.98 12.93
C TYR J 60 -37.15 -37.39 14.38
N VAL J 61 -38.18 -38.18 14.72
CA VAL J 61 -38.21 -38.81 16.03
C VAL J 61 -37.14 -39.89 16.07
N ASP J 62 -36.60 -40.12 17.28
CA ASP J 62 -35.52 -41.08 17.49
C ASP J 62 -35.86 -42.46 16.91
N SER J 63 -37.12 -42.86 17.00
CA SER J 63 -37.53 -44.18 16.54
C SER J 63 -37.44 -44.39 15.03
N VAL J 64 -37.30 -43.32 14.24
CA VAL J 64 -37.21 -43.44 12.78
C VAL J 64 -35.99 -42.77 12.19
N LYS J 65 -35.12 -42.14 12.99
CA LYS J 65 -33.97 -41.40 12.45
C LYS J 65 -33.12 -42.22 11.49
N GLY J 66 -33.01 -43.52 11.71
CA GLY J 66 -32.20 -44.36 10.87
C GLY J 66 -32.91 -44.96 9.67
N ARG J 67 -34.18 -44.60 9.43
CA ARG J 67 -34.95 -45.21 8.35
C ARG J 67 -35.72 -44.22 7.47
N PHE J 68 -36.24 -43.13 8.04
CA PHE J 68 -37.12 -42.23 7.31
C PHE J 68 -36.36 -41.02 6.79
N THR J 69 -36.77 -40.52 5.62
CA THR J 69 -36.26 -39.29 5.04
C THR J 69 -37.42 -38.40 4.62
N ILE J 70 -37.37 -37.13 5.03
CA ILE J 70 -38.34 -36.12 4.62
C ILE J 70 -37.66 -35.18 3.64
N SER J 71 -38.32 -34.88 2.53
CA SER J 71 -37.73 -34.00 1.51
C SER J 71 -38.85 -33.22 0.86
N ARG J 72 -38.49 -32.16 0.15
CA ARG J 72 -39.47 -31.33 -0.53
C ARG J 72 -38.93 -30.83 -1.86
N ASP J 73 -39.82 -30.75 -2.84
CA ASP J 73 -39.58 -30.18 -4.16
C ASP J 73 -40.39 -28.89 -4.22
N ASN J 74 -39.71 -27.76 -4.08
CA ASN J 74 -40.40 -26.48 -4.01
C ASN J 74 -40.98 -26.09 -5.36
N SER J 75 -40.30 -26.46 -6.44
CA SER J 75 -40.77 -26.07 -7.77
C SER J 75 -42.04 -26.83 -8.14
N LYS J 76 -42.21 -28.04 -7.62
CA LYS J 76 -43.41 -28.83 -7.85
C LYS J 76 -44.45 -28.67 -6.75
N ASN J 77 -44.16 -27.86 -5.73
CA ASN J 77 -45.03 -27.70 -4.58
C ASN J 77 -45.38 -29.05 -3.98
N THR J 78 -44.40 -29.94 -3.89
CA THR J 78 -44.63 -31.32 -3.47
C THR J 78 -43.73 -31.71 -2.31
N LEU J 79 -44.32 -32.27 -1.27
CA LEU J 79 -43.60 -32.79 -0.11
C LEU J 79 -43.51 -34.30 -0.25
N SER J 80 -42.34 -34.88 0.03
CA SER J 80 -42.15 -36.33 -0.08
C SER J 80 -41.62 -36.90 1.24
N LEU J 81 -42.01 -38.15 1.50
CA LEU J 81 -41.53 -38.91 2.64
C LEU J 81 -41.16 -40.32 2.20
N GLN J 82 -39.89 -40.69 2.37
CA GLN J 82 -39.41 -42.03 2.05
C GLN J 82 -39.24 -42.81 3.34
N MET J 83 -39.92 -43.96 3.45
CA MET J 83 -39.87 -44.81 4.63
C MET J 83 -39.31 -46.17 4.26
N HIS J 84 -38.61 -46.78 5.22
CA HIS J 84 -38.05 -48.12 5.06
C HIS J 84 -38.38 -48.99 6.26
N SER J 85 -38.34 -50.30 6.01
CA SER J 85 -38.59 -51.42 6.92
C SER J 85 -40.08 -51.59 7.20
N LEU J 86 -40.80 -50.51 7.45
CA LEU J 86 -42.26 -50.48 7.54
C LEU J 86 -42.79 -51.56 8.47
N ARG J 87 -42.44 -51.40 9.74
CA ARG J 87 -42.77 -52.42 10.74
C ARG J 87 -44.27 -52.40 11.05
N ASP J 88 -44.74 -53.50 11.65
CA ASP J 88 -46.16 -53.61 12.00
C ASP J 88 -46.61 -52.45 12.89
N GLY J 89 -45.72 -51.95 13.74
CA GLY J 89 -46.07 -50.83 14.60
C GLY J 89 -46.17 -49.50 13.87
N ASP J 90 -45.80 -49.45 12.59
CA ASP J 90 -45.86 -48.25 11.77
C ASP J 90 -47.16 -48.13 10.99
N THR J 91 -48.09 -49.08 11.13
CA THR J 91 -49.37 -48.97 10.43
C THR J 91 -50.16 -47.81 11.02
N ALA J 92 -50.58 -46.88 10.16
CA ALA J 92 -51.30 -45.72 10.64
C ALA J 92 -51.76 -44.92 9.43
N VAL J 93 -52.66 -43.97 9.68
CA VAL J 93 -52.97 -42.96 8.67
C VAL J 93 -51.93 -41.86 8.84
N TYR J 94 -51.22 -41.56 7.77
CA TYR J 94 -50.19 -40.54 7.77
C TYR J 94 -50.75 -39.26 7.16
N TYR J 95 -50.34 -38.14 7.73
CA TYR J 95 -50.73 -36.83 7.29
C TYR J 95 -49.49 -35.98 7.14
N CYS J 96 -49.55 -35.05 6.21
CA CYS J 96 -48.59 -33.97 6.10
C CYS J 96 -49.32 -32.70 6.49
N ALA J 97 -48.57 -31.74 7.05
CA ALA J 97 -49.21 -30.49 7.44
C ALA J 97 -48.25 -29.32 7.31
N THR J 98 -48.85 -28.14 7.12
CA THR J 98 -48.11 -26.90 7.06
C THR J 98 -48.07 -26.27 8.45
N GLY J 99 -46.92 -25.68 8.76
CA GLY J 99 -46.59 -25.04 10.01
C GLY J 99 -45.61 -25.89 10.79
N GLY J 100 -45.42 -25.53 12.06
CA GLY J 100 -44.51 -26.24 12.94
C GLY J 100 -43.11 -25.68 13.05
N MET J 101 -42.71 -24.73 12.19
CA MET J 101 -41.36 -24.20 12.25
C MET J 101 -41.34 -22.89 11.46
N SER J 102 -40.31 -22.09 11.67
CA SER J 102 -40.20 -20.81 10.97
C SER J 102 -38.73 -20.43 10.77
N SER J 103 -38.51 -19.71 9.67
CA SER J 103 -37.21 -19.31 9.14
C SER J 103 -36.42 -18.34 10.01
N ALA J 104 -37.02 -17.76 11.05
CA ALA J 104 -36.45 -16.73 11.95
C ALA J 104 -36.51 -15.35 11.31
N LEU J 105 -37.09 -15.22 10.12
CA LEU J 105 -37.48 -13.94 9.55
C LEU J 105 -39.00 -13.79 9.58
N GLN J 106 -39.72 -14.88 9.84
CA GLN J 106 -41.16 -14.94 10.00
C GLN J 106 -41.41 -15.23 11.48
N SER J 107 -42.61 -14.92 11.94
CA SER J 107 -42.88 -15.08 13.36
C SER J 107 -42.86 -16.55 13.76
N SER J 108 -42.77 -16.78 15.07
CA SER J 108 -42.70 -18.14 15.60
C SER J 108 -43.98 -18.89 15.28
N LYS J 109 -43.82 -20.17 14.92
CA LYS J 109 -44.98 -21.01 14.67
C LYS J 109 -45.00 -22.15 15.68
N TYR J 110 -44.32 -23.25 15.39
CA TYR J 110 -44.33 -24.46 16.22
C TYR J 110 -45.72 -25.09 16.30
N TYR J 111 -46.60 -24.77 15.34
CA TYR J 111 -47.94 -25.33 15.27
C TYR J 111 -48.17 -25.88 13.88
N PHE J 112 -49.11 -26.80 13.78
CA PHE J 112 -49.46 -27.39 12.50
C PHE J 112 -50.74 -26.69 12.08
N ASP J 113 -50.62 -25.73 11.17
CA ASP J 113 -51.76 -24.88 10.86
C ASP J 113 -52.72 -25.51 9.87
N PHE J 114 -52.22 -26.26 8.88
CA PHE J 114 -53.12 -26.83 7.87
C PHE J 114 -52.82 -28.31 7.71
N TRP J 115 -53.87 -29.13 7.80
CA TRP J 115 -53.79 -30.58 7.74
C TRP J 115 -54.43 -31.08 6.45
N GLY J 116 -53.81 -32.10 5.86
CA GLY J 116 -54.36 -32.73 4.67
C GLY J 116 -55.40 -33.79 5.02
N GLN J 117 -55.91 -34.44 3.97
CA GLN J 117 -56.95 -35.45 4.17
C GLN J 117 -56.39 -36.70 4.85
N GLY J 118 -55.16 -37.07 4.52
CA GLY J 118 -54.50 -38.23 5.07
C GLY J 118 -54.54 -39.42 4.13
N ALA J 119 -53.59 -40.34 4.33
CA ALA J 119 -53.50 -41.56 3.55
C ALA J 119 -53.13 -42.70 4.48
N LEU J 120 -53.73 -43.87 4.27
CA LEU J 120 -53.51 -45.00 5.17
C LEU J 120 -52.34 -45.85 4.69
N VAL J 121 -51.35 -46.04 5.57
CA VAL J 121 -50.23 -46.92 5.35
C VAL J 121 -50.49 -48.18 6.16
N THR J 122 -50.67 -49.29 5.45
CA THR J 122 -50.99 -50.59 6.04
C THR J 122 -49.84 -51.54 5.77
N VAL J 123 -49.34 -52.18 6.81
CA VAL J 123 -48.26 -53.15 6.69
C VAL J 123 -48.86 -54.54 6.60
N ALA K 1 -44.66 -37.77 26.85
CA ALA K 1 -46.04 -37.78 26.36
C ALA K 1 -46.93 -36.91 27.22
N LEU K 2 -48.11 -36.59 26.71
CA LEU K 2 -49.10 -35.76 27.39
C LEU K 2 -50.28 -36.62 27.80
N THR K 3 -50.90 -36.27 28.92
CA THR K 3 -52.07 -36.97 29.45
C THR K 3 -53.30 -36.11 29.26
N GLN K 4 -54.34 -36.70 28.67
CA GLN K 4 -55.64 -36.09 28.45
C GLN K 4 -56.72 -37.02 28.98
N PRO K 5 -57.89 -36.51 29.37
CA PRO K 5 -58.96 -37.40 29.77
C PRO K 5 -59.46 -38.20 28.58
N PRO K 6 -59.90 -39.45 28.78
CA PRO K 6 -60.54 -40.17 27.67
C PRO K 6 -61.75 -39.47 27.08
N SER K 7 -62.55 -38.79 27.90
CA SER K 7 -63.74 -38.14 27.37
C SER K 7 -64.24 -37.09 28.36
N VAL K 8 -65.00 -36.14 27.82
CA VAL K 8 -65.75 -35.15 28.59
C VAL K 8 -67.15 -35.09 27.98
N SER K 9 -68.09 -34.52 28.73
CA SER K 9 -69.43 -34.31 28.20
C SER K 9 -70.13 -33.21 28.98
N GLY K 10 -71.27 -32.79 28.44
CA GLY K 10 -72.08 -31.79 29.10
C GLY K 10 -73.31 -31.50 28.28
N SER K 11 -74.21 -30.73 28.89
CA SER K 11 -75.46 -30.38 28.23
C SER K 11 -75.20 -29.41 27.08
N PRO K 12 -76.05 -29.40 26.05
CA PRO K 12 -75.93 -28.36 25.02
C PRO K 12 -75.97 -26.96 25.64
N GLY K 13 -75.04 -26.11 25.21
CA GLY K 13 -74.92 -24.77 25.73
C GLY K 13 -74.03 -24.66 26.95
N GLN K 14 -73.63 -25.79 27.53
CA GLN K 14 -72.78 -25.81 28.71
C GLN K 14 -71.34 -25.51 28.34
N SER K 15 -70.62 -24.89 29.26
CA SER K 15 -69.18 -24.68 29.13
C SER K 15 -68.44 -25.82 29.83
N VAL K 16 -67.50 -26.43 29.10
CA VAL K 16 -66.68 -27.52 29.61
C VAL K 16 -65.22 -27.23 29.32
N THR K 17 -64.33 -27.93 30.03
CA THR K 17 -62.90 -27.84 29.79
C THR K 17 -62.29 -29.23 29.65
N ILE K 18 -61.20 -29.29 28.89
CA ILE K 18 -60.40 -30.50 28.71
C ILE K 18 -58.98 -30.15 29.15
N SER K 19 -58.46 -30.92 30.11
CA SER K 19 -57.11 -30.72 30.62
C SER K 19 -56.07 -31.46 29.78
N CYS K 20 -54.82 -31.02 29.93
CA CYS K 20 -53.65 -31.64 29.31
C CYS K 20 -52.49 -31.48 30.28
N THR K 21 -51.91 -32.60 30.71
CA THR K 21 -50.79 -32.60 31.65
C THR K 21 -49.57 -33.22 30.98
N GLY K 22 -48.45 -32.49 31.04
CA GLY K 22 -47.18 -32.97 30.53
C GLY K 22 -46.10 -32.79 31.59
N THR K 23 -44.85 -33.02 31.23
CA THR K 23 -43.77 -32.80 32.19
C THR K 23 -43.57 -31.31 32.39
N SER K 24 -43.25 -30.92 33.62
CA SER K 24 -43.14 -29.49 33.95
C SER K 24 -42.01 -28.80 33.18
N SER K 25 -40.96 -29.53 32.81
CA SER K 25 -39.85 -28.88 32.11
C SER K 25 -40.30 -28.36 30.75
N ASP K 26 -40.95 -29.20 29.96
CA ASP K 26 -41.31 -28.83 28.60
C ASP K 26 -42.50 -27.88 28.56
N ILE K 27 -43.52 -28.13 29.39
CA ILE K 27 -44.69 -27.27 29.36
C ILE K 27 -44.36 -25.92 30.00
N GLY K 28 -43.67 -25.94 31.14
CA GLY K 28 -43.27 -24.70 31.78
C GLY K 28 -42.36 -23.85 30.93
N SER K 29 -41.24 -24.43 30.47
CA SER K 29 -40.27 -23.66 29.71
C SER K 29 -40.83 -23.14 28.39
N TYR K 30 -41.55 -23.99 27.65
CA TYR K 30 -41.99 -23.68 26.30
C TYR K 30 -43.45 -23.25 26.32
N ASN K 31 -43.70 -22.01 25.92
CA ASN K 31 -45.06 -21.48 25.83
C ASN K 31 -45.66 -21.71 24.46
N TYR K 32 -45.63 -22.96 23.99
CA TYR K 32 -46.13 -23.34 22.68
C TYR K 32 -47.01 -24.59 22.83
N VAL K 33 -48.22 -24.38 23.37
CA VAL K 33 -49.17 -25.46 23.63
C VAL K 33 -50.40 -25.16 22.80
N SER K 34 -50.77 -26.12 21.94
CA SER K 34 -51.90 -25.98 21.04
C SER K 34 -52.89 -27.13 21.22
N TRP K 35 -54.13 -26.87 20.79
CA TRP K 35 -55.22 -27.84 20.79
C TRP K 35 -55.82 -27.95 19.40
N TYR K 36 -56.16 -29.20 19.03
CA TYR K 36 -56.78 -29.55 17.76
C TYR K 36 -58.08 -30.29 18.02
N GLN K 37 -59.06 -30.02 17.17
CA GLN K 37 -60.37 -30.67 17.19
C GLN K 37 -60.51 -31.54 15.95
N GLN K 38 -60.53 -32.87 16.14
CA GLN K 38 -60.62 -33.84 15.05
C GLN K 38 -62.00 -34.49 15.03
N HIS K 39 -62.84 -34.07 14.08
CA HIS K 39 -64.13 -34.70 13.95
C HIS K 39 -63.93 -36.10 13.37
N PRO K 40 -64.77 -37.08 13.74
CA PRO K 40 -64.59 -38.43 13.17
C PRO K 40 -64.73 -38.40 11.66
N GLY K 41 -63.81 -39.06 10.98
CA GLY K 41 -63.81 -39.10 9.54
C GLY K 41 -63.08 -37.94 8.90
N LYS K 42 -62.61 -36.97 9.67
CA LYS K 42 -61.93 -35.78 9.19
C LYS K 42 -60.56 -35.68 9.81
N ALA K 43 -59.68 -34.95 9.14
CA ALA K 43 -58.37 -34.64 9.69
C ALA K 43 -58.48 -33.64 10.84
N PRO K 44 -57.54 -33.64 11.79
CA PRO K 44 -57.57 -32.65 12.86
C PRO K 44 -57.53 -31.22 12.33
N LYS K 45 -58.29 -30.34 12.98
CA LYS K 45 -58.31 -28.92 12.67
C LYS K 45 -57.78 -28.13 13.87
N LEU K 46 -56.87 -27.21 13.61
CA LEU K 46 -56.30 -26.39 14.67
C LEU K 46 -57.36 -25.45 15.22
N MET K 47 -57.50 -25.44 16.54
CA MET K 47 -58.44 -24.57 17.23
C MET K 47 -57.77 -23.57 18.16
N ILE K 48 -56.75 -23.95 18.93
CA ILE K 48 -56.10 -23.04 19.86
C ILE K 48 -54.60 -23.15 19.73
N TYR K 49 -53.92 -22.01 19.60
CA TYR K 49 -52.47 -21.95 19.48
C TYR K 49 -51.99 -20.82 20.37
N ASP K 50 -50.71 -20.88 20.76
CA ASP K 50 -50.11 -19.86 21.63
C ASP K 50 -50.89 -19.73 22.93
N VAL K 51 -51.36 -20.86 23.46
CA VAL K 51 -52.03 -20.91 24.76
C VAL K 51 -53.41 -20.25 24.70
N THR K 52 -53.49 -18.98 24.25
CA THR K 52 -54.75 -18.24 24.24
C THR K 52 -55.13 -17.68 22.87
N GLN K 53 -54.44 -18.02 21.79
CA GLN K 53 -54.70 -17.37 20.49
C GLN K 53 -55.61 -18.28 19.67
N ARG K 54 -56.55 -17.67 18.96
CA ARG K 54 -57.51 -18.36 18.10
C ARG K 54 -57.21 -18.13 16.62
N PRO K 55 -57.09 -19.17 15.79
CA PRO K 55 -56.94 -18.92 14.35
C PRO K 55 -58.20 -18.29 13.77
N SER K 56 -58.05 -17.69 12.59
CA SER K 56 -59.24 -17.20 11.93
C SER K 56 -60.08 -18.39 11.46
N GLY K 57 -61.38 -18.14 11.28
CA GLY K 57 -62.26 -19.20 10.86
C GLY K 57 -62.68 -20.14 11.98
N VAL K 58 -62.40 -19.77 13.23
CA VAL K 58 -62.67 -20.60 14.40
C VAL K 58 -63.61 -19.85 15.32
N SER K 59 -64.59 -20.56 15.87
CA SER K 59 -65.59 -19.96 16.73
C SER K 59 -64.96 -19.25 17.92
N ASP K 60 -65.51 -18.09 18.27
CA ASP K 60 -64.99 -17.29 19.37
C ASP K 60 -65.17 -18.01 20.71
N ARG K 61 -66.15 -18.90 20.80
CA ARG K 61 -66.41 -19.63 22.03
C ARG K 61 -65.29 -20.60 22.40
N PHE K 62 -64.32 -20.84 21.52
CA PHE K 62 -63.21 -21.73 21.80
C PHE K 62 -62.07 -20.90 22.38
N SER K 63 -61.50 -21.35 23.50
CA SER K 63 -60.43 -20.63 24.16
C SER K 63 -59.55 -21.64 24.88
N GLY K 64 -58.48 -21.16 25.49
CA GLY K 64 -57.59 -22.06 26.21
C GLY K 64 -56.68 -21.28 27.12
N SER K 65 -55.90 -22.02 27.91
CA SER K 65 -55.01 -21.38 28.86
C SER K 65 -53.93 -22.38 29.28
N LYS K 66 -52.93 -21.85 30.00
CA LYS K 66 -51.83 -22.62 30.56
C LYS K 66 -51.69 -22.27 32.03
N SER K 67 -51.30 -23.25 32.84
CA SER K 67 -51.00 -23.01 34.24
C SER K 67 -50.04 -24.08 34.72
N GLY K 68 -48.91 -23.65 35.31
CA GLY K 68 -47.95 -24.60 35.84
C GLY K 68 -47.44 -25.52 34.75
N ASN K 69 -47.56 -26.82 35.00
CA ASN K 69 -47.14 -27.85 34.05
C ASN K 69 -48.31 -28.41 33.27
N THR K 70 -49.47 -27.75 33.29
CA THR K 70 -50.67 -28.18 32.61
C THR K 70 -51.21 -27.08 31.73
N ALA K 71 -52.16 -27.46 30.88
CA ALA K 71 -52.84 -26.54 29.98
C ALA K 71 -54.25 -27.06 29.82
N SER K 72 -55.15 -26.19 29.36
CA SER K 72 -56.53 -26.63 29.15
C SER K 72 -57.15 -25.90 27.97
N LEU K 73 -58.14 -26.56 27.41
CA LEU K 73 -59.01 -26.04 26.36
C LEU K 73 -60.38 -25.81 26.98
N THR K 74 -60.94 -24.63 26.77
CA THR K 74 -62.27 -24.30 27.28
C THR K 74 -63.19 -24.13 26.09
N ILE K 75 -64.29 -24.88 26.08
CA ILE K 75 -65.30 -24.82 25.05
C ILE K 75 -66.58 -24.36 25.72
N SER K 76 -66.95 -23.11 25.48
CA SER K 76 -68.18 -22.54 26.03
C SER K 76 -69.30 -22.80 25.05
N GLY K 77 -70.53 -22.89 25.56
CA GLY K 77 -71.66 -22.97 24.65
C GLY K 77 -71.72 -24.22 23.80
N LEU K 78 -71.45 -25.40 24.38
CA LEU K 78 -71.36 -26.65 23.63
C LEU K 78 -72.53 -26.85 22.69
N GLN K 79 -72.22 -27.15 21.43
CA GLN K 79 -73.18 -27.42 20.38
C GLN K 79 -73.14 -28.91 20.04
N ALA K 80 -74.23 -29.38 19.42
CA ALA K 80 -74.23 -30.74 18.91
C ALA K 80 -73.14 -30.95 17.87
N ASP K 81 -72.79 -29.89 17.12
CA ASP K 81 -71.78 -29.95 16.09
C ASP K 81 -70.36 -29.93 16.63
N ASP K 82 -70.18 -29.86 17.95
CA ASP K 82 -68.87 -29.83 18.60
C ASP K 82 -68.38 -31.21 19.00
N GLU K 83 -69.09 -32.28 18.62
CA GLU K 83 -68.66 -33.63 18.97
C GLU K 83 -67.44 -34.00 18.15
N ALA K 84 -66.30 -34.16 18.82
CA ALA K 84 -65.03 -34.40 18.16
C ALA K 84 -64.05 -34.96 19.18
N ASP K 85 -62.97 -35.53 18.66
CA ASP K 85 -61.85 -35.97 19.48
C ASP K 85 -60.85 -34.81 19.61
N TYR K 86 -60.62 -34.36 20.84
CA TYR K 86 -59.74 -33.24 21.10
C TYR K 86 -58.34 -33.74 21.48
N TYR K 87 -57.32 -33.09 20.92
CA TYR K 87 -55.93 -33.45 21.18
C TYR K 87 -55.16 -32.21 21.59
N CYS K 88 -54.22 -32.38 22.51
CA CYS K 88 -53.27 -31.34 22.88
C CYS K 88 -51.89 -31.70 22.34
N SER K 89 -51.09 -30.67 22.08
CA SER K 89 -49.74 -30.83 21.56
C SER K 89 -48.88 -29.72 22.12
N ALA K 90 -47.63 -30.04 22.42
CA ALA K 90 -46.71 -29.04 22.97
C ALA K 90 -45.30 -29.24 22.43
N TYR K 91 -44.60 -28.11 22.29
CA TYR K 91 -43.20 -28.12 21.92
C TYR K 91 -42.37 -28.63 23.09
N ALA K 92 -41.41 -29.53 22.80
CA ALA K 92 -40.57 -30.13 23.83
C ALA K 92 -39.08 -29.90 23.60
N GLY K 93 -38.70 -28.85 22.87
CA GLY K 93 -37.30 -28.53 22.68
C GLY K 93 -36.71 -29.10 21.41
N ARG K 94 -35.37 -29.11 21.37
CA ARG K 94 -34.64 -29.50 20.18
C ARG K 94 -34.48 -31.02 20.06
N GLN K 95 -34.42 -31.73 21.18
CA GLN K 95 -34.23 -33.18 21.12
C GLN K 95 -35.54 -33.87 20.76
N THR K 96 -36.64 -33.40 21.32
CA THR K 96 -37.98 -33.85 20.99
C THR K 96 -38.74 -32.62 20.55
N PHE K 97 -39.18 -32.59 19.29
CA PHE K 97 -39.84 -31.39 18.80
C PHE K 97 -41.27 -31.26 19.30
N TYR K 98 -42.05 -32.33 19.24
CA TYR K 98 -43.45 -32.26 19.66
C TYR K 98 -43.81 -33.47 20.52
N ILE K 99 -44.68 -33.21 21.50
CA ILE K 99 -45.28 -34.23 22.34
C ILE K 99 -46.79 -34.07 22.24
N PHE K 100 -47.49 -35.20 22.23
CA PHE K 100 -48.94 -35.23 22.06
C PHE K 100 -49.62 -36.08 23.11
N GLY K 101 -50.88 -35.76 23.36
CA GLY K 101 -51.76 -36.57 24.17
C GLY K 101 -52.70 -37.40 23.31
N GLY K 102 -53.57 -38.16 23.98
CA GLY K 102 -54.57 -38.96 23.29
C GLY K 102 -55.80 -38.11 23.03
N GLY K 103 -56.82 -38.73 22.44
CA GLY K 103 -58.03 -38.01 22.09
C GLY K 103 -59.02 -38.00 23.25
N THR K 104 -59.70 -36.86 23.39
CA THR K 104 -60.79 -36.69 24.35
C THR K 104 -62.09 -36.54 23.56
N ARG K 105 -63.03 -37.45 23.77
CA ARG K 105 -64.30 -37.40 23.06
C ARG K 105 -65.32 -36.60 23.85
N LEU K 106 -66.08 -35.76 23.14
CA LEU K 106 -67.12 -34.97 23.78
C LEU K 106 -68.32 -35.87 24.11
N GLY L 10 -26.37 -8.91 -8.90
CA GLY L 10 -25.87 -7.59 -9.25
C GLY L 10 -25.62 -6.73 -8.04
N PHE L 11 -24.70 -5.77 -8.16
CA PHE L 11 -24.40 -4.88 -7.06
C PHE L 11 -25.60 -3.99 -6.76
N LEU L 12 -26.06 -4.01 -5.51
CA LEU L 12 -27.26 -3.30 -5.06
C LEU L 12 -28.51 -3.73 -5.83
N GLY L 13 -28.48 -4.87 -6.53
CA GLY L 13 -29.66 -5.29 -7.27
C GLY L 13 -30.85 -5.53 -6.38
N ALA L 14 -30.60 -6.00 -5.16
CA ALA L 14 -31.65 -6.24 -4.17
C ALA L 14 -31.91 -5.01 -3.30
N ALA L 15 -31.28 -3.87 -3.60
CA ALA L 15 -31.42 -2.69 -2.76
C ALA L 15 -32.88 -2.28 -2.61
N GLY L 16 -33.67 -2.46 -3.66
CA GLY L 16 -35.08 -2.14 -3.61
C GLY L 16 -35.96 -3.29 -3.18
N SER L 17 -35.37 -4.46 -2.91
CA SER L 17 -36.11 -5.63 -2.51
C SER L 17 -36.41 -5.53 -1.02
N THR L 18 -37.29 -6.41 -0.54
CA THR L 18 -37.57 -6.39 0.88
C THR L 18 -36.34 -6.88 1.64
N MET L 19 -36.31 -6.58 2.94
CA MET L 19 -35.15 -6.96 3.75
C MET L 19 -34.91 -8.46 3.72
N GLY L 20 -35.97 -9.24 3.76
CA GLY L 20 -35.82 -10.69 3.71
C GLY L 20 -35.16 -11.14 2.43
N ALA L 21 -35.72 -10.73 1.29
CA ALA L 21 -35.15 -11.10 0.00
C ALA L 21 -33.75 -10.53 -0.15
N ALA L 22 -33.52 -9.31 0.33
CA ALA L 22 -32.22 -8.68 0.19
C ALA L 22 -31.15 -9.34 1.04
N SER L 23 -31.52 -10.05 2.10
CA SER L 23 -30.55 -10.72 2.93
C SER L 23 -29.81 -11.85 2.22
N MET L 24 -30.27 -12.28 1.05
CA MET L 24 -29.66 -13.38 0.32
C MET L 24 -28.57 -12.93 -0.65
N THR L 25 -28.27 -11.63 -0.74
CA THR L 25 -27.27 -11.11 -1.67
C THR L 25 -26.11 -10.42 -0.95
N LEU L 26 -25.87 -10.75 0.32
CA LEU L 26 -24.81 -10.09 1.08
C LEU L 26 -23.44 -10.34 0.47
N THR L 27 -23.24 -11.50 -0.17
CA THR L 27 -21.93 -11.79 -0.73
C THR L 27 -21.64 -10.97 -1.97
N VAL L 28 -22.66 -10.46 -2.65
CA VAL L 28 -22.42 -9.63 -3.83
C VAL L 28 -21.80 -8.33 -3.37
N GLN L 29 -22.37 -7.74 -2.31
CA GLN L 29 -21.85 -6.49 -1.79
C GLN L 29 -20.48 -6.71 -1.19
N ALA L 30 -20.31 -7.81 -0.44
CA ALA L 30 -19.02 -8.07 0.19
C ALA L 30 -17.92 -8.20 -0.87
N ARG L 31 -18.20 -8.92 -1.96
CA ARG L 31 -17.19 -9.08 -2.99
C ARG L 31 -16.91 -7.78 -3.72
N ASN L 32 -17.96 -7.03 -4.06
CA ASN L 32 -17.79 -5.82 -4.86
C ASN L 32 -17.20 -4.64 -4.09
N LEU L 33 -17.31 -4.59 -2.76
CA LEU L 33 -16.76 -3.45 -2.03
C LEU L 33 -15.24 -3.34 -2.07
N LEU L 34 -14.51 -4.38 -2.47
CA LEU L 34 -13.07 -4.29 -2.66
C LEU L 34 -12.66 -4.19 -4.13
N SER L 35 -13.63 -4.04 -5.04
CA SER L 35 -13.31 -3.98 -6.47
C SER L 35 -12.52 -2.71 -6.79
N GLY L 61 -2.66 12.79 -9.16
CA GLY L 61 -2.61 11.35 -9.08
C GLY L 61 -2.61 10.82 -7.66
N ILE L 62 -2.05 11.61 -6.75
CA ILE L 62 -1.98 11.21 -5.34
C ILE L 62 -3.38 11.07 -4.74
N LYS L 63 -4.35 11.84 -5.24
CA LYS L 63 -5.71 11.76 -4.71
C LYS L 63 -6.32 10.38 -4.94
N GLN L 64 -5.89 9.67 -5.98
CA GLN L 64 -6.49 8.35 -6.24
C GLN L 64 -5.94 7.34 -5.26
N LEU L 65 -4.65 7.47 -4.92
CA LEU L 65 -4.08 6.57 -3.94
C LEU L 65 -4.66 6.87 -2.56
N GLN L 66 -4.94 8.15 -2.29
CA GLN L 66 -5.59 8.51 -1.04
C GLN L 66 -6.99 7.90 -0.97
N ALA L 67 -7.71 7.93 -2.09
CA ALA L 67 -9.04 7.32 -2.11
C ALA L 67 -8.96 5.83 -1.86
N ARG L 68 -7.97 5.17 -2.43
CA ARG L 68 -7.84 3.72 -2.23
C ARG L 68 -7.50 3.41 -0.78
N VAL L 69 -6.59 4.19 -0.18
CA VAL L 69 -6.21 3.97 1.20
C VAL L 69 -7.40 4.22 2.12
N LEU L 70 -8.18 5.27 1.86
CA LEU L 70 -9.34 5.53 2.71
C LEU L 70 -10.38 4.43 2.57
N ALA L 71 -10.59 3.91 1.36
CA ALA L 71 -11.49 2.79 1.19
C ALA L 71 -11.03 1.59 2.00
N VAL L 72 -9.71 1.35 2.01
CA VAL L 72 -9.16 0.25 2.80
C VAL L 72 -9.39 0.51 4.28
N GLU L 73 -9.15 1.74 4.74
CA GLU L 73 -9.35 2.03 6.15
C GLU L 73 -10.81 1.84 6.56
N HIS L 74 -11.75 2.23 5.71
CA HIS L 74 -13.15 2.03 6.06
C HIS L 74 -13.48 0.55 6.13
N TYR L 75 -12.97 -0.23 5.18
CA TYR L 75 -13.17 -1.67 5.21
C TYR L 75 -12.61 -2.28 6.49
N LEU L 76 -11.38 -1.91 6.83
CA LEU L 76 -10.74 -2.48 8.02
C LEU L 76 -11.44 -2.05 9.29
N ARG L 77 -11.93 -0.82 9.36
CA ARG L 77 -12.67 -0.41 10.54
C ARG L 77 -13.95 -1.23 10.67
N ASP L 78 -14.61 -1.52 9.54
CA ASP L 78 -15.82 -2.33 9.62
C ASP L 78 -15.49 -3.76 10.04
N GLN L 79 -14.38 -4.29 9.54
CA GLN L 79 -14.00 -5.65 9.93
C GLN L 79 -13.58 -5.70 11.39
N GLN L 80 -12.91 -4.66 11.87
CA GLN L 80 -12.54 -4.61 13.28
C GLN L 80 -13.78 -4.52 14.14
N LEU L 81 -14.78 -3.77 13.66
CA LEU L 81 -16.02 -3.63 14.42
C LEU L 81 -16.74 -4.96 14.52
N LEU L 82 -16.76 -5.73 13.43
CA LEU L 82 -17.32 -7.07 13.50
C LEU L 82 -16.49 -7.97 14.42
N GLY L 83 -15.15 -7.82 14.38
CA GLY L 83 -14.28 -8.61 15.23
C GLY L 83 -14.53 -8.40 16.71
N ILE L 84 -14.59 -7.14 17.13
CA ILE L 84 -14.80 -6.81 18.54
C ILE L 84 -16.15 -7.36 19.01
N TRP L 85 -17.12 -7.49 18.11
CA TRP L 85 -18.40 -8.07 18.45
C TRP L 85 -18.35 -9.59 18.50
N GLY L 86 -17.24 -10.21 18.09
CA GLY L 86 -17.12 -11.64 18.06
C GLY L 86 -17.81 -12.32 16.90
N CYS L 87 -17.99 -11.61 15.79
CA CYS L 87 -18.67 -12.17 14.63
C CYS L 87 -17.70 -12.80 13.64
N SER L 88 -16.38 -12.63 13.83
CA SER L 88 -15.33 -13.16 12.96
C SER L 88 -15.67 -12.80 11.51
N GLY L 89 -15.67 -13.76 10.58
CA GLY L 89 -15.99 -13.52 9.19
C GLY L 89 -17.42 -13.77 8.78
N LYS L 90 -18.33 -13.97 9.74
CA LYS L 90 -19.70 -14.31 9.37
C LYS L 90 -20.39 -13.10 8.78
N LEU L 91 -21.23 -13.35 7.77
CA LEU L 91 -22.00 -12.27 7.17
C LEU L 91 -23.29 -12.01 7.93
N ILE L 92 -23.94 -13.05 8.44
CA ILE L 92 -25.13 -12.94 9.26
C ILE L 92 -24.72 -13.43 10.64
N CYS L 93 -24.53 -12.50 11.57
CA CYS L 93 -24.03 -12.79 12.90
C CYS L 93 -25.14 -12.64 13.93
N CYS L 94 -25.50 -13.76 14.57
CA CYS L 94 -26.52 -13.74 15.62
C CYS L 94 -25.81 -13.52 16.95
N THR L 95 -26.42 -12.69 17.81
CA THR L 95 -25.81 -12.27 19.06
C THR L 95 -26.73 -12.59 20.24
N ASN L 96 -26.25 -12.23 21.44
CA ASN L 96 -26.96 -12.42 22.70
C ASN L 96 -27.62 -11.15 23.23
N VAL L 97 -27.66 -10.07 22.45
CA VAL L 97 -28.21 -8.80 22.91
C VAL L 97 -29.70 -8.79 22.59
N PRO L 98 -30.59 -8.63 23.57
CA PRO L 98 -32.02 -8.62 23.26
C PRO L 98 -32.43 -7.33 22.55
N TRP L 99 -33.52 -7.42 21.79
CA TRP L 99 -34.09 -6.24 21.18
C TRP L 99 -34.95 -5.53 22.22
N ASN L 100 -34.71 -4.23 22.41
CA ASN L 100 -35.38 -3.49 23.46
C ASN L 100 -36.83 -3.14 23.14
N SER L 101 -37.20 -3.09 21.87
CA SER L 101 -38.51 -2.72 21.33
C SER L 101 -38.74 -1.21 21.33
N SER L 102 -37.93 -0.42 22.04
CA SER L 102 -38.04 1.03 21.97
C SER L 102 -37.35 1.56 20.73
N TRP L 103 -36.40 0.81 20.20
CA TRP L 103 -35.70 1.18 18.97
C TRP L 103 -36.66 1.16 17.79
N SER L 104 -37.51 0.14 17.74
CA SER L 104 -38.54 0.01 16.72
C SER L 104 -39.55 -1.00 17.25
N ASN L 105 -40.84 -0.63 17.23
CA ASN L 105 -41.89 -1.48 17.75
C ASN L 105 -42.63 -2.26 16.67
N ARG L 106 -42.08 -2.33 15.47
CA ARG L 106 -42.70 -3.10 14.41
C ARG L 106 -42.54 -4.58 14.69
N ASN L 107 -43.51 -5.39 14.25
CA ASN L 107 -43.37 -6.83 14.37
C ASN L 107 -42.42 -7.35 13.30
N LEU L 108 -41.88 -8.54 13.55
CA LEU L 108 -40.89 -9.16 12.68
C LEU L 108 -41.38 -9.28 11.24
N SER L 109 -42.64 -9.67 11.05
CA SER L 109 -43.17 -9.86 9.71
C SER L 109 -43.25 -8.54 8.96
N GLU L 110 -43.68 -7.48 9.64
CA GLU L 110 -43.77 -6.18 9.00
C GLU L 110 -42.39 -5.67 8.62
N ILE L 111 -41.41 -5.89 9.49
CA ILE L 111 -40.06 -5.39 9.23
C ILE L 111 -39.46 -6.08 8.02
N TRP L 112 -39.52 -7.42 7.99
CA TRP L 112 -38.83 -8.14 6.94
C TRP L 112 -39.60 -8.21 5.62
N ASP L 113 -40.92 -8.19 5.63
CA ASP L 113 -41.69 -8.37 4.40
C ASP L 113 -42.20 -7.07 3.77
N ASN L 114 -42.44 -6.01 4.55
CA ASN L 114 -43.04 -4.78 4.02
C ASN L 114 -42.13 -3.57 4.16
N MET L 115 -40.82 -3.77 4.31
CA MET L 115 -39.91 -2.64 4.43
C MET L 115 -38.57 -2.98 3.78
N THR L 116 -37.93 -1.96 3.23
CA THR L 116 -36.62 -2.09 2.61
C THR L 116 -35.52 -1.76 3.62
N TRP L 117 -34.28 -2.11 3.26
CA TRP L 117 -33.17 -1.82 4.15
C TRP L 117 -32.91 -0.33 4.27
N LEU L 118 -33.20 0.46 3.23
CA LEU L 118 -32.98 1.90 3.33
C LEU L 118 -33.92 2.51 4.35
N GLN L 119 -35.20 2.11 4.30
CA GLN L 119 -36.18 2.66 5.22
C GLN L 119 -35.89 2.20 6.64
N TRP L 120 -35.52 0.92 6.79
CA TRP L 120 -35.21 0.41 8.11
C TRP L 120 -34.00 1.12 8.70
N ASP L 121 -32.94 1.27 7.90
CA ASP L 121 -31.73 1.94 8.39
C ASP L 121 -32.02 3.37 8.81
N LYS L 122 -32.87 4.07 8.06
CA LYS L 122 -33.25 5.42 8.45
C LYS L 122 -34.07 5.40 9.74
N GLU L 123 -34.98 4.42 9.86
CA GLU L 123 -35.86 4.33 11.01
C GLU L 123 -35.10 4.26 12.34
N ILE L 124 -33.99 3.51 12.37
CA ILE L 124 -33.24 3.29 13.60
C ILE L 124 -31.87 4.00 13.59
N SER L 125 -31.72 5.05 12.80
CA SER L 125 -30.45 5.75 12.73
C SER L 125 -30.05 6.37 14.07
N ASN L 126 -31.02 6.68 14.94
CA ASN L 126 -30.72 7.28 16.23
C ASN L 126 -30.29 6.29 17.30
N TYR L 127 -30.35 4.98 17.03
CA TYR L 127 -30.07 3.95 18.01
C TYR L 127 -28.83 3.13 17.71
N THR L 128 -28.26 3.26 16.51
CA THR L 128 -27.13 2.43 16.06
C THR L 128 -25.97 2.42 17.05
N GLN L 129 -25.58 3.58 17.60
CA GLN L 129 -24.43 3.57 18.50
C GLN L 129 -24.74 2.91 19.85
N ILE L 130 -26.02 2.83 20.21
CA ILE L 130 -26.37 2.19 21.47
C ILE L 130 -26.27 0.69 21.29
N ILE L 131 -26.76 0.21 20.14
CA ILE L 131 -26.68 -1.20 19.83
C ILE L 131 -25.22 -1.61 19.75
N TYR L 132 -24.39 -0.78 19.12
CA TYR L 132 -22.97 -1.11 19.00
C TYR L 132 -22.32 -1.22 20.37
N GLY L 133 -22.64 -0.30 21.29
CA GLY L 133 -22.08 -0.39 22.63
C GLY L 133 -22.53 -1.64 23.35
N LEU L 134 -23.81 -1.99 23.21
CA LEU L 134 -24.32 -3.19 23.87
C LEU L 134 -23.64 -4.44 23.31
N LEU L 135 -23.39 -4.45 22.00
CA LEU L 135 -22.74 -5.60 21.39
C LEU L 135 -21.32 -5.76 21.92
N GLU L 136 -20.60 -4.64 22.07
CA GLU L 136 -19.24 -4.75 22.58
C GLU L 136 -19.23 -5.24 24.02
N GLU L 137 -20.17 -4.76 24.85
CA GLU L 137 -20.19 -5.19 26.24
C GLU L 137 -20.55 -6.67 26.33
N SER L 138 -21.51 -7.10 25.50
CA SER L 138 -21.93 -8.49 25.51
C SER L 138 -20.78 -9.40 25.10
N GLN L 139 -20.02 -9.00 24.08
CA GLN L 139 -18.91 -9.85 23.65
C GLN L 139 -17.83 -9.90 24.73
N ASN L 140 -17.57 -8.78 25.42
CA ASN L 140 -16.55 -8.84 26.47
C ASN L 140 -16.97 -9.79 27.58
N GLN L 141 -18.26 -9.78 27.94
CA GLN L 141 -18.71 -10.71 28.97
C GLN L 141 -18.66 -12.15 28.48
N GLN L 142 -19.02 -12.37 27.21
CA GLN L 142 -18.97 -13.72 26.67
C GLN L 142 -17.55 -14.26 26.68
N GLU L 143 -16.58 -13.43 26.27
CA GLU L 143 -15.20 -13.90 26.24
C GLU L 143 -14.67 -14.19 27.63
N LYS L 144 -15.02 -13.35 28.62
CA LYS L 144 -14.58 -13.65 29.98
C LYS L 144 -15.22 -14.94 30.49
N ASN L 145 -16.50 -15.16 30.17
CA ASN L 145 -17.16 -16.37 30.61
C ASN L 145 -16.53 -17.60 29.96
N GLU L 146 -16.18 -17.49 28.68
CA GLU L 146 -15.54 -18.62 28.01
C GLU L 146 -14.17 -18.89 28.61
N GLN L 147 -13.42 -17.83 28.93
CA GLN L 147 -12.11 -18.03 29.54
C GLN L 147 -12.26 -18.74 30.88
N ASP L 148 -13.26 -18.36 31.67
CA ASP L 148 -13.43 -19.01 32.96
C ASP L 148 -13.90 -20.44 32.82
N LEU L 149 -14.74 -20.73 31.81
CA LEU L 149 -15.16 -22.12 31.59
C LEU L 149 -13.97 -22.97 31.17
N LEU L 150 -13.11 -22.44 30.30
CA LEU L 150 -11.95 -23.20 29.87
C LEU L 150 -10.99 -23.44 31.03
N ALA L 151 -10.95 -22.53 32.00
CA ALA L 151 -10.09 -22.68 33.16
C ALA L 151 -10.49 -23.85 34.05
N LEU L 152 -11.69 -24.38 33.91
CA LEU L 152 -12.13 -25.47 34.77
C LEU L 152 -11.48 -26.77 34.31
N ASP L 153 -10.98 -27.54 35.26
CA ASP L 153 -10.30 -28.79 34.96
C ASP L 153 -11.31 -29.90 34.70
N UNK M 1 54.22 42.09 -42.88
CA UNK M 1 55.26 42.13 -41.81
C UNK M 1 56.65 41.86 -42.38
N UNK M 2 56.76 40.78 -43.14
CA UNK M 2 58.02 40.30 -43.68
C UNK M 2 57.93 40.47 -45.20
N UNK M 3 58.84 41.24 -45.79
CA UNK M 3 58.92 41.35 -47.25
C UNK M 3 60.21 40.90 -47.89
N UNK M 4 61.39 41.41 -47.45
CA UNK M 4 62.67 40.97 -48.04
C UNK M 4 63.65 40.30 -47.10
N UNK M 5 63.58 40.52 -45.79
CA UNK M 5 64.43 39.82 -44.83
C UNK M 5 65.88 40.28 -44.99
N UNK M 6 66.81 39.61 -44.32
CA UNK M 6 68.25 39.84 -44.45
C UNK M 6 68.96 38.53 -44.73
N UNK M 7 69.89 38.52 -45.68
CA UNK M 7 70.52 37.27 -46.09
C UNK M 7 71.93 37.52 -46.60
N UNK M 8 72.72 36.45 -46.62
CA UNK M 8 74.08 36.44 -47.15
C UNK M 8 74.11 35.69 -48.48
N UNK M 9 74.80 36.27 -49.47
CA UNK M 9 74.72 35.81 -50.85
C UNK M 9 76.10 35.78 -51.49
N UNK M 10 76.15 35.20 -52.69
CA UNK M 10 77.36 35.13 -53.52
C UNK M 10 78.49 34.33 -52.85
N UNK M 11 78.16 33.21 -52.23
CA UNK M 11 79.14 32.38 -51.53
C UNK M 11 79.39 31.08 -52.30
N UNK M 12 80.68 30.74 -52.44
CA UNK M 12 81.10 29.51 -53.12
C UNK M 12 80.60 28.28 -52.37
N UNK M 13 80.29 27.23 -53.12
CA UNK M 13 79.61 26.07 -52.56
C UNK M 13 80.45 25.44 -51.45
N UNK M 14 79.78 25.05 -50.37
CA UNK M 14 80.27 24.38 -49.17
C UNK M 14 80.91 25.39 -48.21
N UNK M 15 81.03 26.66 -48.59
CA UNK M 15 81.48 27.69 -47.67
C UNK M 15 80.39 27.99 -46.65
N UNK M 16 80.81 28.38 -45.45
CA UNK M 16 79.83 28.71 -44.43
C UNK M 16 79.01 29.91 -44.89
N UNK M 17 77.69 29.78 -44.83
CA UNK M 17 76.79 30.88 -45.13
C UNK M 17 75.48 30.66 -44.41
N UNK M 18 74.82 31.76 -44.06
CA UNK M 18 73.52 31.72 -43.42
C UNK M 18 72.70 32.91 -43.88
N UNK M 19 71.37 32.77 -43.78
CA UNK M 19 70.44 33.85 -44.04
C UNK M 19 69.85 34.29 -42.71
N UNK M 20 70.11 35.55 -42.35
CA UNK M 20 69.66 36.12 -41.09
C UNK M 20 68.28 36.76 -41.24
N UNK M 21 67.30 35.93 -41.54
CA UNK M 21 65.96 36.42 -41.84
C UNK M 21 65.36 37.09 -40.60
N UNK M 22 64.73 38.24 -40.81
CA UNK M 22 64.05 38.95 -39.74
C UNK M 22 62.62 39.28 -40.17
N UNK M 23 61.68 38.90 -39.31
CA UNK M 23 60.26 39.24 -39.46
C UNK M 23 59.67 39.47 -38.08
N UNK M 24 58.82 40.48 -37.96
CA UNK M 24 58.08 40.72 -36.72
C UNK M 24 56.59 40.88 -37.03
N UNK M 25 55.79 39.98 -36.45
CA UNK M 25 54.33 40.10 -36.45
C UNK M 25 53.88 39.57 -35.10
N UNK M 26 53.32 40.44 -34.26
CA UNK M 26 52.96 40.06 -32.88
C UNK M 26 54.26 39.64 -32.18
N UNK M 27 54.26 38.56 -31.41
CA UNK M 27 55.48 38.02 -30.82
C UNK M 27 55.91 36.81 -31.63
N UNK M 28 57.11 36.88 -32.21
CA UNK M 28 57.60 35.82 -33.07
C UNK M 28 57.79 34.52 -32.30
N UNK M 29 58.29 34.59 -31.06
CA UNK M 29 58.69 33.38 -30.35
C UNK M 29 57.49 32.45 -30.14
N UNK M 30 56.34 33.00 -29.75
CA UNK M 30 55.15 32.17 -29.62
C UNK M 30 54.67 31.74 -31.00
N UNK M 31 54.35 30.45 -31.14
CA UNK M 31 53.75 29.88 -32.36
C UNK M 31 54.66 30.24 -33.53
N UNK M 32 54.12 30.77 -34.65
CA UNK M 32 54.92 31.27 -35.77
C UNK M 32 55.88 30.20 -36.27
N UNK M 33 55.38 28.98 -36.41
CA UNK M 33 56.23 27.91 -36.95
C UNK M 33 56.72 28.22 -38.35
N UNK M 34 58.02 28.01 -38.58
CA UNK M 34 58.69 28.37 -39.81
C UNK M 34 59.41 27.19 -40.45
N UNK M 35 59.13 26.97 -41.73
CA UNK M 35 59.88 26.05 -42.57
C UNK M 35 60.56 26.88 -43.64
N UNK M 36 61.89 26.81 -43.74
CA UNK M 36 62.60 27.67 -44.66
C UNK M 36 62.28 27.26 -46.10
N UNK M 37 61.99 28.25 -46.93
CA UNK M 37 61.61 28.00 -48.32
C UNK M 37 62.80 27.64 -49.20
N UNK M 38 62.49 26.97 -50.30
CA UNK M 38 63.42 26.64 -51.37
C UNK M 38 63.01 27.43 -52.61
N UNK M 39 63.95 28.16 -53.21
CA UNK M 39 63.67 28.90 -54.43
C UNK M 39 64.72 28.66 -55.51
N UNK M 40 65.29 27.46 -55.55
CA UNK M 40 66.37 27.15 -56.48
C UNK M 40 65.73 26.79 -57.82
N UNK M 41 65.10 27.80 -58.44
CA UNK M 41 64.45 27.73 -59.74
C UNK M 41 63.19 26.86 -59.73
N UNK M 42 62.76 26.37 -58.56
CA UNK M 42 61.56 25.57 -58.40
C UNK M 42 60.52 26.18 -57.47
N UNK M 43 60.91 27.11 -56.59
CA UNK M 43 60.03 27.70 -55.59
C UNK M 43 59.39 26.63 -54.71
N UNK M 44 60.15 25.59 -54.39
CA UNK M 44 59.66 24.50 -53.54
C UNK M 44 59.58 24.96 -52.09
N UNK M 45 58.67 24.34 -51.34
CA UNK M 45 58.56 24.55 -49.90
C UNK M 45 58.88 23.23 -49.20
N UNK M 46 59.81 23.28 -48.26
CA UNK M 46 60.22 22.11 -47.51
C UNK M 46 60.77 22.61 -46.19
N UNK M 47 60.82 21.71 -45.19
CA UNK M 47 61.41 22.05 -43.90
C UNK M 47 62.93 21.91 -43.92
N UNK M 48 63.56 22.85 -44.59
CA UNK M 48 65.01 22.95 -44.50
C UNK M 48 65.43 23.33 -43.08
N UNK M 49 64.68 24.22 -42.44
CA UNK M 49 64.94 24.72 -41.09
C UNK M 49 64.14 24.07 -39.97
N UNK M 50 62.82 23.89 -40.13
CA UNK M 50 61.93 23.25 -39.13
C UNK M 50 62.14 23.78 -37.72
N UNK M 51 62.54 25.04 -37.56
CA UNK M 51 62.64 25.56 -36.20
C UNK M 51 61.28 25.54 -35.55
N UNK M 52 60.25 25.93 -36.29
CA UNK M 52 58.85 25.85 -35.88
C UNK M 52 58.69 26.64 -34.58
N UNK M 53 58.08 26.07 -33.55
CA UNK M 53 57.94 26.72 -32.25
C UNK M 53 59.29 26.87 -31.58
N UNK M 54 59.42 27.89 -30.75
CA UNK M 54 60.69 28.18 -30.10
C UNK M 54 61.10 26.99 -29.22
N UNK M 55 62.40 26.71 -29.17
CA UNK M 55 63.07 25.59 -28.49
C UNK M 55 63.07 24.30 -29.32
N UNK M 56 62.57 24.34 -30.55
CA UNK M 56 62.65 23.24 -31.51
C UNK M 56 63.62 23.70 -32.59
N UNK M 57 64.71 22.97 -32.78
CA UNK M 57 65.81 23.41 -33.64
C UNK M 57 66.23 22.52 -34.81
N UNK M 58 65.61 21.36 -35.07
CA UNK M 58 66.14 20.42 -36.07
C UNK M 58 65.10 20.13 -37.15
N UNK M 59 65.56 19.65 -38.31
CA UNK M 59 64.63 19.43 -39.44
C UNK M 59 64.84 18.11 -40.19
N UNK M 60 66.03 17.86 -40.76
CA UNK M 60 66.24 16.72 -41.64
C UNK M 60 67.63 16.72 -42.26
N UNK M 61 67.88 15.76 -43.15
CA UNK M 61 69.14 15.61 -43.87
C UNK M 61 69.09 16.19 -45.28
N UNK M 62 68.06 16.98 -45.62
CA UNK M 62 67.88 17.45 -47.00
C UNK M 62 69.08 18.24 -47.49
N UNK M 63 69.59 19.17 -46.68
CA UNK M 63 70.87 19.80 -46.95
C UNK M 63 72.03 19.06 -46.28
N UNK M 64 71.72 18.21 -45.29
CA UNK M 64 72.63 17.40 -44.51
C UNK M 64 73.49 18.24 -43.56
N UNK M 65 74.20 19.25 -44.08
CA UNK M 65 74.89 20.16 -43.18
C UNK M 65 73.90 21.00 -42.38
N UNK M 66 72.87 21.51 -43.04
CA UNK M 66 71.84 22.32 -42.40
C UNK M 66 70.72 21.41 -41.90
N UNK M 67 71.02 20.67 -40.84
CA UNK M 67 70.00 19.86 -40.18
C UNK M 67 69.33 20.62 -39.04
N UNK M 68 69.78 21.84 -38.73
CA UNK M 68 69.19 22.61 -37.65
C UNK M 68 69.19 24.09 -38.01
N UNK M 69 68.25 24.82 -37.42
CA UNK M 69 68.15 26.28 -37.54
C UNK M 69 68.38 26.93 -36.19
N UNK M 70 69.38 27.80 -36.11
CA UNK M 70 69.66 28.59 -34.90
C UNK M 70 68.90 29.91 -34.96
N UNK M 71 67.57 29.82 -34.92
CA UNK M 71 66.77 31.04 -34.98
C UNK M 71 66.94 31.87 -33.70
N UNK M 72 67.01 33.19 -33.88
CA UNK M 72 67.04 34.10 -32.74
C UNK M 72 65.72 34.10 -31.98
N UNK M 73 65.79 34.09 -30.66
CA UNK M 73 64.61 34.02 -29.81
C UNK M 73 64.14 35.38 -29.32
N UNK M 74 64.83 36.47 -29.68
CA UNK M 74 64.58 37.80 -29.12
C UNK M 74 64.45 38.84 -30.22
N UNK M 75 63.78 39.94 -29.88
CA UNK M 75 63.61 41.15 -30.69
C UNK M 75 62.51 40.99 -31.73
N UNK M 76 61.73 39.91 -31.67
CA UNK M 76 60.72 39.61 -32.68
C UNK M 76 61.36 39.51 -34.07
N UNK M 77 62.58 38.98 -34.09
CA UNK M 77 63.34 38.70 -35.30
C UNK M 77 64.00 37.35 -35.09
N UNK M 78 64.26 36.63 -36.19
CA UNK M 78 64.79 35.26 -36.08
C UNK M 78 66.01 35.09 -36.98
N UNK M 79 67.14 35.64 -36.55
CA UNK M 79 68.39 35.39 -37.25
C UNK M 79 68.70 33.90 -37.15
N UNK M 80 69.10 33.29 -38.26
CA UNK M 80 69.26 31.84 -38.33
C UNK M 80 70.59 31.48 -38.94
N UNK M 81 71.10 30.31 -38.54
CA UNK M 81 72.40 29.80 -38.97
C UNK M 81 72.21 28.36 -39.46
N UNK M 82 71.62 28.23 -40.65
CA UNK M 82 71.51 26.91 -41.27
C UNK M 82 72.88 26.36 -41.60
N UNK M 83 73.76 27.23 -42.11
CA UNK M 83 75.16 26.99 -42.46
C UNK M 83 75.25 26.40 -43.87
N UNK M 84 76.48 26.25 -44.37
CA UNK M 84 76.82 25.60 -45.64
C UNK M 84 76.55 26.56 -46.80
N UNK M 85 76.95 26.16 -48.01
CA UNK M 85 76.66 26.90 -49.22
C UNK M 85 76.36 25.91 -50.34
N UNK M 86 75.53 26.35 -51.28
CA UNK M 86 75.14 25.54 -52.43
C UNK M 86 75.10 26.47 -53.63
N UNK M 87 76.17 26.44 -54.45
CA UNK M 87 76.30 27.38 -55.58
C UNK M 87 75.24 27.08 -56.65
N UNK M 88 74.83 25.82 -56.77
CA UNK M 88 73.89 25.41 -57.83
C UNK M 88 72.53 26.10 -57.67
N UNK M 89 72.06 26.24 -56.43
CA UNK M 89 70.68 26.74 -56.23
C UNK M 89 70.60 28.08 -55.50
N UNK M 90 69.86 29.04 -56.04
CA UNK M 90 69.62 30.30 -55.31
C UNK M 90 68.77 29.93 -54.10
N UNK M 91 68.96 30.54 -52.94
CA UNK M 91 68.19 30.07 -51.76
C UNK M 91 67.20 31.10 -51.20
N UNK M 92 65.94 30.70 -51.07
CA UNK M 92 64.93 31.56 -50.40
C UNK M 92 65.10 31.46 -48.88
N UNK M 93 64.63 32.46 -48.11
CA UNK M 93 64.68 32.38 -46.63
C UNK M 93 63.26 32.57 -46.07
N UNK M 94 62.26 32.49 -46.94
CA UNK M 94 60.87 32.68 -46.54
C UNK M 94 60.44 31.64 -45.52
N UNK M 95 59.64 32.09 -44.55
CA UNK M 95 59.28 31.32 -43.37
C UNK M 95 57.78 31.03 -43.39
N UNK M 96 57.43 29.81 -42.97
CA UNK M 96 56.02 29.45 -42.86
C UNK M 96 55.30 30.32 -41.84
N UNK M 97 55.91 30.52 -40.67
CA UNK M 97 55.42 31.45 -39.63
C UNK M 97 53.96 31.20 -39.32
N UNK M 98 53.63 29.93 -39.03
CA UNK M 98 52.25 29.45 -39.08
C UNK M 98 51.31 30.27 -38.21
N UNK M 99 51.69 30.54 -36.95
CA UNK M 99 51.00 31.50 -36.08
C UNK M 99 49.49 31.27 -36.05
N UNK M 100 49.09 30.01 -35.83
CA UNK M 100 47.70 29.52 -35.89
C UNK M 100 47.24 29.24 -37.31
N UNK M 101 48.17 29.12 -38.26
CA UNK M 101 48.01 28.85 -39.69
C UNK M 101 47.71 30.12 -40.49
N UNK M 102 47.69 31.29 -39.86
CA UNK M 102 47.58 32.57 -40.55
C UNK M 102 48.99 33.16 -40.55
N UNK M 103 49.53 33.44 -41.74
CA UNK M 103 50.94 33.79 -41.80
C UNK M 103 51.26 34.63 -43.02
N UNK M 104 52.43 35.27 -42.94
CA UNK M 104 53.03 36.04 -44.03
C UNK M 104 54.35 35.39 -44.41
N UNK M 105 54.53 35.15 -45.71
CA UNK M 105 55.79 34.66 -46.27
C UNK M 105 56.46 35.79 -47.04
N UNK M 106 57.68 36.13 -46.65
CA UNK M 106 58.38 37.25 -47.25
C UNK M 106 58.80 36.95 -48.68
N UNK M 107 58.90 38.00 -49.50
CA UNK M 107 59.51 37.81 -50.81
C UNK M 107 60.94 37.33 -50.66
N UNK M 108 61.67 37.90 -49.70
CA UNK M 108 62.97 37.42 -49.23
C UNK M 108 64.06 37.82 -50.22
N UNK M 109 65.30 37.46 -49.95
CA UNK M 109 66.42 37.60 -50.87
C UNK M 109 66.93 36.22 -51.24
N UNK M 110 66.86 35.89 -52.54
CA UNK M 110 67.42 34.61 -52.97
C UNK M 110 68.94 34.63 -52.94
N UNK M 111 69.52 33.55 -52.45
CA UNK M 111 70.97 33.45 -52.38
C UNK M 111 71.56 33.38 -53.78
N UNK M 112 72.57 34.22 -54.03
CA UNK M 112 73.28 34.16 -55.30
C UNK M 112 74.21 32.95 -55.29
N UNK M 113 74.47 32.41 -56.48
CA UNK M 113 75.41 31.31 -56.77
C UNK M 113 76.52 31.05 -55.73
N UNK N 1 56.65 15.77 -46.42
CA UNK N 1 57.28 14.44 -46.52
C UNK N 1 57.18 13.98 -47.96
N UNK N 2 56.00 13.50 -48.35
CA UNK N 2 55.81 12.99 -49.70
C UNK N 2 55.98 14.12 -50.70
N UNK N 3 56.56 13.79 -51.86
CA UNK N 3 56.88 14.83 -52.85
C UNK N 3 55.62 15.53 -53.34
N UNK N 4 54.56 14.78 -53.59
CA UNK N 4 53.27 15.34 -53.99
C UNK N 4 53.36 16.20 -55.24
N UNK N 5 54.22 15.82 -56.18
CA UNK N 5 54.42 16.63 -57.37
C UNK N 5 53.14 16.68 -58.20
N UNK N 6 52.83 17.87 -58.75
CA UNK N 6 51.55 18.11 -59.41
C UNK N 6 51.69 18.43 -60.90
N UNK N 7 51.02 17.63 -61.72
CA UNK N 7 50.73 17.87 -63.14
C UNK N 7 52.01 18.22 -63.91
N UNK N 8 51.94 19.23 -64.76
CA UNK N 8 53.16 19.70 -65.44
C UNK N 8 53.42 21.12 -64.94
N UNK N 9 53.96 21.98 -65.78
CA UNK N 9 54.12 23.39 -65.40
C UNK N 9 53.29 24.28 -66.35
N UNK N 10 52.32 23.74 -67.09
CA UNK N 10 51.56 24.48 -68.10
C UNK N 10 50.11 24.74 -67.69
N UNK N 11 49.65 25.98 -67.87
CA UNK N 11 48.24 26.34 -67.71
C UNK N 11 47.71 26.81 -69.06
N UNK N 12 46.63 26.19 -69.52
CA UNK N 12 46.10 26.44 -70.87
C UNK N 12 45.00 27.49 -70.94
N UNK N 13 44.57 28.10 -69.83
CA UNK N 13 43.44 29.02 -69.84
C UNK N 13 43.89 30.45 -69.58
N UNK N 14 43.52 31.37 -70.49
CA UNK N 14 43.86 32.77 -70.29
C UNK N 14 43.18 33.18 -68.99
N UNK N 15 41.85 33.09 -68.95
CA UNK N 15 41.00 33.49 -67.82
C UNK N 15 39.54 33.25 -68.19
N UNK N 16 38.66 33.37 -67.21
CA UNK N 16 37.20 33.17 -67.30
C UNK N 16 36.83 31.72 -67.59
N UNK N 17 37.79 30.78 -67.60
CA UNK N 17 37.55 29.36 -67.81
C UNK N 17 38.05 28.62 -66.58
N UNK N 18 37.24 27.70 -66.05
CA UNK N 18 37.65 27.05 -64.81
C UNK N 18 38.90 26.22 -65.06
N UNK N 19 39.87 26.33 -64.15
CA UNK N 19 41.07 25.51 -64.24
C UNK N 19 41.58 25.17 -62.85
N UNK N 20 42.17 23.99 -62.74
CA UNK N 20 42.86 23.56 -61.54
C UNK N 20 43.98 22.63 -61.98
N UNK N 21 45.05 22.57 -61.18
CA UNK N 21 46.12 21.61 -61.44
C UNK N 21 46.08 20.56 -60.32
N UNK N 22 45.81 19.32 -60.69
CA UNK N 22 45.73 18.24 -59.72
C UNK N 22 47.12 17.87 -59.22
N UNK N 23 47.20 17.41 -57.98
CA UNK N 23 48.48 17.10 -57.35
C UNK N 23 48.49 15.65 -56.89
N UNK N 24 49.68 15.03 -56.99
CA UNK N 24 49.85 13.69 -56.44
C UNK N 24 49.41 13.63 -54.98
N UNK N 25 49.82 14.63 -54.19
CA UNK N 25 49.28 14.94 -52.86
C UNK N 25 49.18 13.69 -52.00
N UNK N 26 50.29 12.96 -51.86
CA UNK N 26 50.28 11.70 -51.13
C UNK N 26 50.32 12.00 -49.63
N UNK N 27 49.19 12.55 -49.17
CA UNK N 27 48.97 12.98 -47.81
C UNK N 27 47.53 12.65 -47.45
N UNK N 28 47.26 12.53 -46.16
CA UNK N 28 45.93 12.17 -45.68
C UNK N 28 45.60 13.04 -44.48
N UNK N 29 44.30 13.13 -44.19
CA UNK N 29 43.81 14.03 -43.16
C UNK N 29 43.33 13.23 -41.95
N UNK N 30 43.63 13.77 -40.78
CA UNK N 30 43.21 13.23 -39.49
C UNK N 30 42.56 14.42 -38.77
N UNK N 31 42.41 14.32 -37.46
CA UNK N 31 41.92 15.44 -36.65
C UNK N 31 42.96 16.56 -36.44
N UNK N 32 43.85 16.75 -37.43
CA UNK N 32 44.95 17.68 -37.44
C UNK N 32 44.85 18.41 -38.76
N UNK N 33 45.61 19.50 -38.91
CA UNK N 33 45.47 20.36 -40.08
C UNK N 33 45.70 19.53 -41.34
N UNK N 34 44.90 19.84 -42.36
CA UNK N 34 44.90 19.17 -43.65
C UNK N 34 45.46 20.11 -44.70
N UNK N 35 46.36 19.58 -45.54
CA UNK N 35 47.10 20.36 -46.53
C UNK N 35 46.20 21.26 -47.35
N UNK N 36 46.79 22.30 -47.94
CA UNK N 36 46.04 23.20 -48.78
C UNK N 36 46.88 23.65 -49.96
N UNK N 37 46.19 24.07 -51.01
CA UNK N 37 46.83 24.48 -52.23
C UNK N 37 47.67 25.74 -52.04
N UNK N 38 48.78 25.83 -52.78
CA UNK N 38 49.72 26.93 -52.64
C UNK N 38 50.14 27.46 -54.01
N UNK N 39 50.52 28.73 -54.00
CA UNK N 39 50.87 29.48 -55.20
C UNK N 39 52.14 28.99 -55.89
N UNK N 40 52.18 29.13 -57.22
CA UNK N 40 53.41 28.80 -58.00
C UNK N 40 54.08 30.12 -58.37
N UNK N 41 53.79 31.19 -57.62
CA UNK N 41 54.29 32.54 -57.82
C UNK N 41 55.81 32.65 -57.70
N UNK N 42 56.38 33.64 -58.39
CA UNK N 42 57.80 33.91 -58.37
C UNK N 42 58.04 35.38 -58.09
N UNK N 43 59.29 35.70 -57.77
CA UNK N 43 59.80 37.00 -57.35
C UNK N 43 59.39 37.25 -55.90
N UNK N 44 58.68 36.33 -55.27
CA UNK N 44 58.27 36.42 -53.88
C UNK N 44 57.95 35.01 -53.41
N UNK N 45 57.86 34.81 -52.10
CA UNK N 45 57.41 33.52 -51.61
C UNK N 45 55.99 33.27 -52.07
N UNK N 46 55.67 32.01 -52.36
CA UNK N 46 54.33 31.65 -52.74
C UNK N 46 53.28 32.13 -51.75
N UNK N 47 52.15 32.58 -52.28
CA UNK N 47 51.05 33.09 -51.48
C UNK N 47 50.36 31.93 -50.77
N UNK N 48 49.81 32.21 -49.60
CA UNK N 48 49.00 31.23 -48.87
C UNK N 48 47.59 31.34 -49.43
N UNK N 49 47.43 30.83 -50.66
CA UNK N 49 46.13 30.90 -51.33
C UNK N 49 45.07 30.12 -50.59
N UNK N 50 45.39 28.94 -50.07
CA UNK N 50 44.40 28.08 -49.44
C UNK N 50 44.91 27.65 -48.06
N UNK N 51 43.99 27.60 -47.08
CA UNK N 51 44.33 27.30 -45.70
C UNK N 51 43.37 26.26 -45.13
N UNK N 52 43.89 25.11 -44.73
CA UNK N 52 43.14 23.99 -44.12
C UNK N 52 42.35 23.20 -45.16
N UNK N 53 42.51 23.54 -46.44
CA UNK N 53 41.90 22.98 -47.64
C UNK N 53 40.55 23.59 -47.97
N UNK N 54 39.96 24.44 -47.11
CA UNK N 54 38.71 25.12 -47.48
C UNK N 54 38.70 26.64 -47.27
N UNK N 55 39.81 27.27 -46.88
CA UNK N 55 39.81 28.69 -46.53
C UNK N 55 40.72 29.43 -47.49
N UNK N 56 40.27 30.56 -48.01
CA UNK N 56 40.98 31.32 -49.02
C UNK N 56 41.51 32.61 -48.41
N UNK N 57 42.80 32.90 -48.68
CA UNK N 57 43.54 34.08 -48.24
C UNK N 57 42.67 35.33 -48.06
N UNK N 58 42.83 36.03 -46.94
CA UNK N 58 42.03 37.22 -46.68
C UNK N 58 42.07 38.18 -47.86
N UNK N 59 40.89 38.69 -48.24
CA UNK N 59 40.69 39.59 -49.37
C UNK N 59 41.03 38.95 -50.72
N UNK N 60 41.03 37.63 -50.82
CA UNK N 60 41.45 36.97 -52.04
C UNK N 60 40.32 36.93 -53.06
N UNK N 61 40.68 36.62 -54.30
CA UNK N 61 39.71 36.60 -55.38
C UNK N 61 38.72 35.46 -55.15
N UNK N 62 37.47 35.72 -55.50
CA UNK N 62 36.41 34.73 -55.47
C UNK N 62 36.50 33.84 -56.70
N UNK N 63 35.70 32.76 -56.70
CA UNK N 63 35.51 31.78 -57.77
C UNK N 63 36.48 30.59 -57.73
N UNK N 64 37.34 30.45 -56.72
CA UNK N 64 38.17 29.26 -56.58
C UNK N 64 37.78 28.51 -55.31
N UNK N 65 37.48 27.22 -55.48
CA UNK N 65 36.98 26.36 -54.41
C UNK N 65 38.02 25.29 -54.10
N UNK N 66 38.41 25.21 -52.83
CA UNK N 66 39.46 24.32 -52.35
C UNK N 66 38.83 23.12 -51.65
N UNK N 67 39.19 21.90 -52.08
CA UNK N 67 38.69 20.67 -51.46
C UNK N 67 39.25 19.40 -52.09
N UNK N 68 40.07 18.66 -51.33
CA UNK N 68 40.56 17.34 -51.72
C UNK N 68 40.14 16.32 -50.66
N UNK N 69 39.41 15.27 -51.07
CA UNK N 69 38.90 14.32 -50.09
C UNK N 69 40.00 13.51 -49.41
N UNK N 70 40.91 12.93 -50.21
CA UNK N 70 42.06 12.20 -49.68
C UNK N 70 43.05 11.94 -50.80
N UNK N 71 44.30 11.69 -50.42
CA UNK N 71 45.37 11.28 -51.33
C UNK N 71 45.51 12.31 -52.45
N UNK N 72 45.65 11.91 -53.72
CA UNK N 72 45.66 12.91 -54.79
C UNK N 72 44.34 13.67 -54.76
N UNK N 73 43.21 12.96 -54.92
CA UNK N 73 41.86 13.54 -54.95
C UNK N 73 42.07 14.58 -56.06
N UNK N 74 41.67 15.83 -55.79
CA UNK N 74 41.88 16.95 -56.68
C UNK N 74 42.28 18.21 -55.92
N UNK N 75 43.26 18.96 -56.43
CA UNK N 75 43.58 20.28 -55.90
C UNK N 75 42.61 21.25 -56.59
N UNK N 76 41.36 21.15 -56.15
CA UNK N 76 40.23 21.77 -56.80
C UNK N 76 40.31 23.30 -56.82
N UNK N 77 39.92 23.84 -57.96
CA UNK N 77 39.74 25.27 -58.20
C UNK N 77 38.75 25.37 -59.35
N UNK N 78 38.13 26.54 -59.50
CA UNK N 78 37.08 26.72 -60.50
C UNK N 78 37.37 27.94 -61.38
N UNK N 79 36.41 28.85 -61.59
CA UNK N 79 36.62 29.91 -62.58
C UNK N 79 37.78 30.82 -62.19
N UNK N 80 38.50 31.25 -63.22
CA UNK N 80 39.73 32.02 -63.06
C UNK N 80 39.50 33.38 -62.42
N UNK N 81 40.39 33.81 -61.53
CA UNK N 81 40.28 35.19 -60.99
C UNK N 81 40.74 36.16 -62.09
N UNK N 82 41.62 35.69 -62.98
CA UNK N 82 42.15 36.44 -64.14
C UNK N 82 43.41 37.22 -63.78
N UNK N 83 43.93 37.01 -62.57
CA UNK N 83 45.22 37.52 -62.16
C UNK N 83 46.03 36.40 -61.49
N UNK N 84 45.50 35.17 -61.49
CA UNK N 84 46.10 34.04 -60.80
C UNK N 84 47.14 33.35 -61.69
N UNK N 85 48.29 34.01 -61.84
CA UNK N 85 49.39 33.34 -62.53
C UNK N 85 49.79 32.12 -61.71
N UNK N 86 49.75 32.27 -60.39
CA UNK N 86 50.06 31.21 -59.43
C UNK N 86 49.06 30.06 -59.50
N UNK N 87 49.65 28.87 -59.30
CA UNK N 87 48.82 27.66 -59.35
C UNK N 87 48.36 27.28 -57.95
N UNK N 88 47.48 26.31 -57.86
CA UNK N 88 46.94 25.77 -56.63
C UNK N 88 47.66 24.42 -56.62
N UNK N 89 48.75 24.34 -55.87
CA UNK N 89 49.44 23.04 -55.74
C UNK N 89 49.12 22.48 -54.35
N UNK N 90 50.13 22.02 -53.60
CA UNK N 90 49.85 21.40 -52.28
C UNK N 90 51.09 21.15 -51.39
N UNK N 91 51.07 21.62 -50.13
CA UNK N 91 52.09 21.33 -49.14
C UNK N 91 51.45 20.50 -48.04
N UNK N 92 52.07 19.37 -47.66
CA UNK N 92 51.40 18.51 -46.69
C UNK N 92 51.32 19.19 -45.33
N UNK N 93 50.10 19.29 -44.78
CA UNK N 93 49.93 19.89 -43.46
C UNK N 93 50.52 19.03 -42.34
N UNK N 94 50.25 17.72 -42.36
CA UNK N 94 50.72 16.85 -41.30
C UNK N 94 52.23 16.74 -41.29
N UNK N 95 52.84 16.59 -42.46
CA UNK N 95 54.27 16.32 -42.54
C UNK N 95 55.06 17.54 -42.09
N UNK N 96 56.07 17.31 -41.26
CA UNK N 96 56.97 18.41 -40.90
C UNK N 96 57.70 18.94 -42.12
N UNK N 97 58.18 18.03 -42.98
CA UNK N 97 58.82 18.46 -44.22
C UNK N 97 57.85 19.19 -45.12
N UNK N 98 56.61 18.70 -45.23
CA UNK N 98 55.53 19.38 -45.95
C UNK N 98 55.93 19.78 -47.37
N UNK N 99 56.52 18.83 -48.10
CA UNK N 99 57.10 19.16 -49.40
C UNK N 99 56.02 19.67 -50.35
N UNK N 100 56.34 20.74 -51.06
CA UNK N 100 55.38 21.33 -52.00
C UNK N 100 55.29 20.52 -53.29
N UNK N 101 54.16 20.67 -53.96
CA UNK N 101 53.98 20.10 -55.28
C UNK N 101 54.81 20.89 -56.29
N UNK N 102 55.05 20.30 -57.46
CA UNK N 102 55.93 20.91 -58.45
C UNK N 102 55.44 22.29 -58.87
N UNK N 103 54.13 22.44 -59.07
CA UNK N 103 53.45 23.74 -59.27
C UNK N 103 53.52 24.09 -60.75
N UNK N 104 52.58 24.91 -61.24
CA UNK N 104 52.62 25.40 -62.62
C UNK N 104 52.38 26.90 -62.70
N UNK N 105 53.32 27.62 -63.29
CA UNK N 105 53.07 29.03 -63.59
C UNK N 105 52.10 29.11 -64.76
N UNK N 106 51.28 30.17 -64.77
CA UNK N 106 50.25 30.34 -65.78
C UNK N 106 50.53 31.57 -66.61
N UNK N 107 50.53 31.40 -67.92
CA UNK N 107 50.68 32.49 -68.90
C UNK N 107 49.47 32.43 -69.81
N UNK N 108 48.83 33.57 -70.02
CA UNK N 108 47.60 33.59 -70.80
C UNK N 108 47.87 33.22 -72.27
N UNK N 109 46.93 32.45 -72.83
CA UNK N 109 46.99 32.01 -74.22
C UNK N 109 45.74 32.50 -74.94
N UNK N 110 45.93 33.14 -76.10
CA UNK N 110 44.85 33.69 -76.92
C UNK N 110 45.44 34.46 -78.09
C1 NAG O . 49.70 2.66 -22.77
C2 NAG O . 50.02 3.38 -21.46
C3 NAG O . 51.03 4.49 -21.72
C4 NAG O . 52.28 3.92 -22.36
C5 NAG O . 51.88 3.20 -23.65
C6 NAG O . 53.04 2.52 -24.33
C7 NAG O . 48.02 3.25 -20.02
C8 NAG O . 46.82 3.98 -19.50
N2 NAG O . 48.80 3.93 -20.87
O3 NAG O . 51.36 5.12 -20.48
O4 NAG O . 53.17 4.96 -22.68
O5 NAG O . 50.92 2.17 -23.35
O6 NAG O . 54.16 3.40 -24.43
O7 NAG O . 48.28 2.10 -19.68
C1 NAG O . 54.20 5.06 -21.69
C2 NAG O . 55.15 6.17 -22.12
C3 NAG O . 56.26 6.34 -21.09
C4 NAG O . 55.63 6.64 -19.73
C5 NAG O . 54.69 5.50 -19.36
C6 NAG O . 53.96 5.74 -18.06
C7 NAG O . 56.11 6.85 -24.28
C8 NAG O . 56.66 6.36 -25.59
N2 NAG O . 55.71 5.89 -23.43
O3 NAG O . 57.11 7.42 -21.47
O4 NAG O . 56.65 6.74 -18.75
O5 NAG O . 53.67 5.36 -20.38
O6 NAG O . 52.66 5.15 -18.07
O7 NAG O . 56.04 8.03 -24.00
C1 NAG P . 43.68 32.47 -25.21
C2 NAG P . 44.81 32.26 -24.20
C3 NAG P . 44.97 33.53 -23.37
C4 NAG P . 45.22 34.73 -24.28
C5 NAG P . 44.07 34.84 -25.28
C6 NAG P . 44.26 35.95 -26.28
C7 NAG P . 45.49 30.51 -22.64
C8 NAG P . 45.05 29.35 -21.80
N2 NAG P . 44.55 31.12 -23.34
O3 NAG P . 46.07 33.38 -22.47
O4 NAG P . 45.27 35.92 -23.51
O5 NAG P . 43.96 33.61 -26.02
O6 NAG P . 43.50 35.72 -27.46
O7 NAG P . 46.67 30.87 -22.67
C1 NAG P . 46.45 36.70 -23.78
C2 NAG P . 46.39 37.95 -22.92
C3 NAG P . 47.62 38.80 -23.19
C4 NAG P . 48.87 37.98 -22.89
C5 NAG P . 48.85 36.71 -23.74
C6 NAG P . 50.01 35.78 -23.44
C7 NAG P . 44.13 38.75 -22.35
C8 NAG P . 42.97 39.59 -22.79
N2 NAG P . 45.18 38.71 -23.18
O3 NAG P . 47.59 39.96 -22.36
O4 NAG P . 50.04 38.74 -23.18
O5 NAG P . 47.65 35.97 -23.48
O6 NAG P . 50.20 34.85 -24.49
O7 NAG P . 44.12 38.12 -21.30
C1 NAG Q . 34.78 0.09 -12.48
C2 NAG Q . 34.65 1.55 -12.89
C3 NAG Q . 35.92 2.31 -12.50
C4 NAG Q . 36.16 2.16 -11.00
C5 NAG Q . 36.26 0.67 -10.65
C6 NAG Q . 36.41 0.43 -9.17
C7 NAG Q . 33.52 2.53 -14.84
C8 NAG Q . 33.40 2.52 -16.33
N2 NAG Q . 34.39 1.67 -14.31
O3 NAG Q . 35.78 3.68 -12.84
O4 NAG Q . 37.36 2.82 -10.63
O5 NAG Q . 35.06 0.00 -11.06
O6 NAG Q . 35.50 -0.55 -8.71
O7 NAG Q . 32.85 3.28 -14.14
C1 NAG Q . 37.09 3.82 -9.61
C2 NAG Q . 38.34 4.03 -8.75
C3 NAG Q . 38.04 5.07 -7.69
C4 NAG Q . 37.60 6.37 -8.36
C5 NAG Q . 36.37 6.10 -9.22
C6 NAG Q . 35.91 7.31 -9.99
C7 NAG Q . 40.00 2.60 -7.65
C8 NAG Q . 40.26 1.26 -7.04
N2 NAG Q . 38.77 2.78 -8.14
O3 NAG Q . 39.21 5.31 -6.90
O4 NAG Q . 37.28 7.35 -7.38
O5 NAG Q . 36.67 5.08 -10.19
O6 NAG Q . 36.99 8.01 -10.59
O7 NAG Q . 40.85 3.48 -7.67
C1 BMA Q . 38.39 8.25 -7.21
C2 BMA Q . 37.85 9.55 -6.58
C3 BMA Q . 39.03 10.50 -6.40
C4 BMA Q . 40.08 9.84 -5.51
C5 BMA Q . 40.57 8.54 -6.19
C6 BMA Q . 41.58 7.82 -5.33
O2 BMA Q . 37.30 9.31 -5.29
O3 BMA Q . 38.62 11.73 -5.81
O4 BMA Q . 41.18 10.72 -5.34
O5 BMA Q . 39.42 7.66 -6.39
O6 BMA Q . 42.58 8.75 -4.93
C1 MAN Q . 38.22 12.64 -6.84
C2 MAN Q . 38.50 14.07 -6.33
C3 MAN Q . 37.61 14.36 -5.13
C4 MAN Q . 36.15 14.15 -5.53
C5 MAN Q . 35.96 12.71 -6.02
C6 MAN Q . 34.54 12.42 -6.49
O2 MAN Q . 38.19 15.07 -7.31
O3 MAN Q . 37.79 15.68 -4.64
O4 MAN Q . 35.30 14.38 -4.40
O5 MAN Q . 36.85 12.48 -7.14
O6 MAN Q . 33.68 12.51 -5.36
C1 NAG R . 8.92 53.75 25.05
C2 NAG R . 7.74 54.18 24.18
C3 NAG R . 8.03 55.55 23.57
C4 NAG R . 8.34 56.55 24.68
C5 NAG R . 9.49 56.02 25.54
C6 NAG R . 9.79 56.91 26.72
C7 NAG R . 6.54 52.24 23.26
C8 NAG R . 6.40 51.33 22.08
N2 NAG R . 7.47 53.20 23.15
O3 NAG R . 6.91 55.98 22.82
O4 NAG R . 8.74 57.78 24.09
O5 NAG R . 9.16 54.73 26.06
O6 NAG R . 10.07 56.15 27.88
O7 NAG R . 5.83 52.13 24.26
C1 NAG R . 7.67 58.74 24.16
C2 NAG R . 8.27 60.14 24.02
C3 NAG R . 7.15 61.17 24.04
C4 NAG R . 6.16 60.87 22.92
C5 NAG R . 5.62 59.46 23.10
C6 NAG R . 4.68 59.04 21.99
C7 NAG R . 10.48 59.94 25.08
C8 NAG R . 11.32 60.32 26.26
N2 NAG R . 9.23 60.41 25.09
O3 NAG R . 7.71 62.48 23.86
O4 NAG R . 5.09 61.81 22.96
O5 NAG R . 6.71 58.52 23.11
O6 NAG R . 3.92 60.14 21.52
O7 NAG R . 10.90 59.23 24.17
C1 NAG S . 16.19 60.05 -4.23
C2 NAG S . 14.92 60.73 -3.70
C3 NAG S . 14.14 61.32 -4.86
C4 NAG S . 15.01 62.29 -5.64
C5 NAG S . 16.25 61.55 -6.14
C6 NAG S . 17.22 62.44 -6.86
C7 NAG S . 13.35 60.15 -1.91
C8 NAG S . 12.55 59.06 -1.27
N2 NAG S . 14.11 59.80 -2.95
O3 NAG S . 12.99 61.99 -4.36
O4 NAG S . 14.28 62.78 -6.76
O5 NAG S . 16.95 61.00 -5.01
O6 NAG S . 17.58 63.57 -6.08
O7 NAG S . 13.32 61.31 -1.50
C1 NAG S . 14.45 64.20 -6.92
C2 NAG S . 13.70 64.64 -8.18
C3 NAG S . 13.84 66.13 -8.37
C4 NAG S . 13.32 66.85 -7.13
C5 NAG S . 14.08 66.36 -5.90
C6 NAG S . 13.57 66.96 -4.61
C7 NAG S . 13.83 62.67 -9.66
C8 NAG S . 14.44 62.09 -10.90
N2 NAG S . 14.19 63.92 -9.35
O3 NAG S . 13.12 66.54 -9.52
O4 NAG S . 13.50 68.25 -7.27
O5 NAG S . 13.93 64.94 -5.79
O6 NAG S . 14.11 66.28 -3.49
O7 NAG S . 13.03 62.04 -8.97
C1 NAG T . 2.77 37.13 20.56
C2 NAG T . 3.26 37.65 19.21
C3 NAG T . 2.76 39.07 19.00
C4 NAG T . 1.25 39.10 19.10
C5 NAG T . 0.82 38.55 20.46
C6 NAG T . -0.68 38.47 20.63
C7 NAG T . 5.37 37.50 17.98
C8 NAG T . 6.87 37.46 18.08
N2 NAG T . 4.71 37.60 19.14
O3 NAG T . 3.17 39.53 17.72
O4 NAG T . 0.75 40.42 18.94
O5 NAG T . 1.33 37.22 20.63
O6 NAG T . -1.34 38.17 19.41
O7 NAG T . 4.79 37.43 16.90
C1 NAG T . -0.15 40.45 17.82
C2 NAG T . -1.10 41.63 17.97
C3 NAG T . -2.05 41.69 16.79
C4 NAG T . -1.25 41.76 15.50
C5 NAG T . -0.30 40.57 15.41
C6 NAG T . 0.60 40.62 14.20
C7 NAG T . -2.31 42.63 19.87
C8 NAG T . -3.06 42.35 21.13
N2 NAG T . -1.84 41.55 19.22
O3 NAG T . -2.90 42.81 16.91
O4 NAG T . -2.13 41.75 14.38
O5 NAG T . 0.56 40.55 16.57
O6 NAG T . 1.30 41.85 14.13
O7 NAG T . -2.14 43.76 19.44
C1 BMA T . -2.02 42.98 13.64
C2 BMA T . -2.90 42.85 12.39
C3 BMA T . -2.82 44.13 11.60
C4 BMA T . -3.24 45.29 12.51
C5 BMA T . -2.31 45.35 13.73
C6 BMA T . -2.64 46.51 14.65
O2 BMA T . -4.28 42.65 12.75
O3 BMA T . -3.64 44.08 10.45
O4 BMA T . -3.19 46.52 11.80
O5 BMA T . -2.39 44.10 14.44
O6 BMA T . -2.30 47.72 14.00
C1 MAN T . -3.02 44.81 9.37
C2 MAN T . -4.15 45.25 8.41
C3 MAN T . -4.78 44.01 7.79
C4 MAN T . -3.69 43.19 7.09
C5 MAN T . -2.60 42.80 8.11
C6 MAN T . -1.44 42.04 7.49
O2 MAN T . -3.65 46.04 7.33
O3 MAN T . -5.80 44.34 6.86
O4 MAN T . -4.26 42.01 6.52
O5 MAN T . -2.06 44.00 8.69
O6 MAN T . -0.52 41.71 8.52
C1 NAG U . -23.09 29.75 -45.17
C2 NAG U . -21.98 28.95 -45.84
C3 NAG U . -21.36 29.77 -46.96
C4 NAG U . -22.45 30.17 -47.96
C5 NAG U . -23.56 30.92 -47.22
C6 NAG U . -24.73 31.27 -48.12
C7 NAG U . -20.91 27.33 -44.33
C8 NAG U . -19.79 27.10 -43.36
N2 NAG U . -20.96 28.55 -44.88
O3 NAG U . -20.36 29.02 -47.61
O4 NAG U . -21.89 31.01 -48.95
O5 NAG U . -24.08 30.12 -46.15
O6 NAG U . -25.31 32.50 -47.76
O7 NAG U . -21.72 26.45 -44.60
C1 NAG U . -21.63 30.28 -50.17
C2 NAG U . -21.39 31.28 -51.28
C3 NAG U . -21.07 30.55 -52.57
C4 NAG U . -19.86 29.64 -52.36
C5 NAG U . -20.14 28.68 -51.22
C6 NAG U . -18.96 27.80 -50.88
C7 NAG U . -22.79 33.22 -50.71
C8 NAG U . -24.03 33.99 -51.03
N2 NAG U . -22.56 32.14 -51.47
O3 NAG U . -20.81 31.49 -53.61
O4 NAG U . -19.58 28.92 -53.55
O5 NAG U . -20.47 29.41 -50.03
O6 NAG U . -18.38 27.25 -52.06
O7 NAG U . -22.03 33.54 -49.79
C1 NAG V . 4.48 43.41 -43.46
C2 NAG V . 4.51 42.40 -44.61
C3 NAG V . 5.92 42.34 -45.18
C4 NAG V . 6.36 43.72 -45.63
C5 NAG V . 6.26 44.69 -44.45
C6 NAG V . 6.59 46.12 -44.82
C7 NAG V . 3.19 40.34 -44.79
C8 NAG V . 2.92 38.99 -44.18
N2 NAG V . 4.10 41.09 -44.15
O3 NAG V . 5.94 41.45 -46.29
O4 NAG V . 7.71 43.66 -46.07
O5 NAG V . 4.92 44.69 -43.94
O6 NAG V . 5.74 47.03 -44.14
O7 NAG V . 2.62 40.71 -45.81
C1 NAG V . 7.86 44.06 -47.45
C2 NAG V . 9.31 43.82 -47.83
C3 NAG V . 9.53 44.23 -49.28
C4 NAG V . 8.58 43.43 -50.17
C5 NAG V . 7.15 43.68 -49.72
C6 NAG V . 6.14 42.85 -50.49
C7 NAG V . 10.93 43.98 -45.98
C8 NAG V . 11.81 44.89 -45.18
N2 NAG V . 10.22 44.56 -46.95
O3 NAG V . 10.88 43.97 -49.66
O4 NAG V . 8.73 43.84 -51.53
O5 NAG V . 7.00 43.32 -48.34
O6 NAG V . 6.54 42.68 -51.84
O7 NAG V . 10.87 42.77 -45.75
C1 NAG W . -18.21 18.00 -31.95
C2 NAG W . -16.87 18.73 -32.00
C3 NAG W . -16.42 18.90 -33.44
C4 NAG W . -16.34 17.54 -34.11
C5 NAG W . -17.70 16.86 -34.02
C6 NAG W . -17.70 15.47 -34.61
C7 NAG W . -16.25 20.34 -30.24
C8 NAG W . -16.48 21.72 -29.70
N2 NAG W . -16.96 20.01 -31.33
O3 NAG W . -15.13 19.53 -33.46
O4 NAG W . -16.02 17.74 -35.50
O5 NAG W . -18.09 16.73 -32.64
O6 NAG W . -16.59 14.71 -34.15
O7 NAG W . -15.48 19.56 -29.71
C1 NAG W . -14.90 16.93 -35.93
C2 NAG W . -14.86 17.02 -37.44
C3 NAG W . -13.71 16.17 -37.97
C4 NAG W . -12.41 16.67 -37.35
C5 NAG W . -12.52 16.60 -35.83
C6 NAG W . -11.31 17.16 -35.13
C7 NAG W . -17.15 17.43 -38.23
C8 NAG W . -18.36 16.81 -38.86
N2 NAG W . -16.11 16.60 -38.03
O3 NAG W . -13.64 16.29 -39.38
O4 NAG W . -11.33 15.84 -37.78
O5 NAG W . -13.64 17.38 -35.38
O6 NAG W . -10.13 16.99 -35.92
O7 NAG W . -17.10 18.61 -37.93
C1 NAG X . 48.67 19.20 -11.96
C2 NAG X . 50.04 18.80 -11.40
C3 NAG X . 50.04 18.91 -9.88
C4 NAG X . 49.66 20.33 -9.49
C5 NAG X . 48.30 20.68 -10.08
C6 NAG X . 47.88 22.10 -9.79
C7 NAG X . 51.23 17.17 -12.82
C8 NAG X . 51.48 15.72 -13.09
N2 NAG X . 50.40 17.45 -11.81
O3 NAG X . 51.33 18.58 -9.38
O4 NAG X . 49.61 20.44 -8.07
O5 NAG X . 48.35 20.53 -11.51
O6 NAG X . 46.53 22.32 -10.21
O7 NAG X . 51.76 18.06 -13.48
C1 NAG Y . 13.17 -33.36 -5.26
C2 NAG Y . 12.74 -33.13 -3.82
C3 NAG Y . 13.61 -33.98 -2.90
C4 NAG Y . 13.47 -35.44 -3.29
C5 NAG Y . 13.86 -35.62 -4.76
C6 NAG Y . 13.66 -37.03 -5.26
C7 NAG Y . 12.05 -31.16 -2.55
C8 NAG Y . 12.29 -29.69 -2.31
N2 NAG Y . 12.84 -31.73 -3.47
O3 NAG Y . 13.19 -33.78 -1.55
O4 NAG Y . 14.32 -36.24 -2.48
O5 NAG Y . 13.04 -34.77 -5.59
O6 NAG Y . 13.69 -37.96 -4.18
O7 NAG Y . 11.20 -31.78 -1.94
C1 NAG Z . 32.36 41.58 -25.85
C2 NAG Z . 32.83 40.90 -27.13
C3 NAG Z . 33.51 41.93 -28.03
C4 NAG Z . 32.53 43.05 -28.33
C5 NAG Z . 32.06 43.68 -27.01
C6 NAG Z . 31.02 44.75 -27.21
C7 NAG Z . 33.64 38.59 -27.41
C8 NAG Z . 34.66 37.58 -26.98
N2 NAG Z . 33.74 39.80 -26.85
O3 NAG Z . 33.91 41.30 -29.24
O4 NAG Z . 33.16 44.05 -29.13
O5 NAG Z . 31.46 42.66 -26.19
O6 NAG Z . 30.49 45.19 -25.97
O7 NAG Z . 32.76 38.32 -28.23
C1 NAG AA . 21.95 21.35 -36.37
C2 NAG AA . 23.09 20.51 -36.97
C3 NAG AA . 22.75 20.17 -38.42
C4 NAG AA . 21.42 19.43 -38.46
C5 NAG AA . 20.35 20.32 -37.84
C6 NAG AA . 18.99 19.64 -37.77
C7 NAG AA . 25.54 20.60 -36.96
C8 NAG AA . 26.74 21.48 -36.87
N2 NAG AA . 24.35 21.22 -36.89
O3 NAG AA . 23.78 19.34 -38.96
O4 NAG AA . 21.07 19.15 -39.81
O5 NAG AA . 20.72 20.63 -36.48
O6 NAG AA . 17.97 20.57 -37.45
O7 NAG AA . 25.63 19.39 -37.10
C1 NAG BA . 18.19 -20.89 -26.10
C2 NAG BA . 17.90 -20.58 -27.56
C3 NAG BA . 16.52 -21.07 -27.93
C4 NAG BA . 16.44 -22.57 -27.66
C5 NAG BA . 16.78 -22.84 -26.19
C6 NAG BA . 16.82 -24.32 -25.85
C7 NAG BA . 19.15 -18.56 -28.22
C8 NAG BA . 19.08 -17.08 -28.44
N2 NAG BA . 18.01 -19.15 -27.82
O3 NAG BA . 16.26 -20.82 -29.30
O4 NAG BA . 15.13 -23.05 -27.92
O5 NAG BA . 18.09 -22.32 -25.89
O6 NAG BA . 15.72 -25.00 -26.44
O7 NAG BA . 20.19 -19.20 -28.39
C1 NAG CA . 13.95 -14.52 -36.69
C2 NAG CA . 12.47 -14.84 -36.47
C3 NAG CA . 11.98 -15.74 -37.60
C4 NAG CA . 12.21 -15.06 -38.94
C5 NAG CA . 13.70 -14.74 -39.08
C6 NAG CA . 14.02 -13.98 -40.35
C7 NAG CA . 11.95 -14.78 -34.07
C8 NAG CA . 11.76 -15.58 -32.83
N2 NAG CA . 12.26 -15.46 -35.18
O3 NAG CA . 10.59 -16.01 -37.41
O4 NAG CA . 11.81 -15.91 -40.00
O5 NAG CA . 14.13 -13.91 -37.98
O6 NAG CA . 13.42 -14.61 -41.48
O7 NAG CA . 11.84 -13.55 -34.08
C1 NAG DA . 46.75 -1.59 -16.10
C2 NAG DA . 47.78 -2.45 -16.83
C3 NAG DA . 48.21 -3.60 -15.95
C4 NAG DA . 48.75 -3.06 -14.63
C5 NAG DA . 47.67 -2.22 -13.96
C6 NAG DA . 48.14 -1.58 -12.68
C7 NAG DA . 47.46 -2.31 -19.27
C8 NAG DA . 46.85 -2.96 -20.47
N2 NAG DA . 47.26 -2.93 -18.10
O3 NAG DA . 49.21 -4.37 -16.61
O4 NAG DA . 49.11 -4.13 -13.78
O5 NAG DA . 47.30 -1.14 -14.84
O6 NAG DA . 48.31 -2.54 -11.65
O7 NAG DA . 48.11 -1.27 -19.35
C1 NAG EA . 38.49 5.27 -36.36
C2 NAG EA . 37.48 6.21 -36.98
C3 NAG EA . 37.27 5.82 -38.43
C4 NAG EA . 38.60 5.88 -39.17
C5 NAG EA . 39.60 4.96 -38.48
C6 NAG EA . 40.98 5.03 -39.10
C7 NAG EA . 35.75 7.20 -35.54
C8 NAG EA . 34.42 6.98 -34.89
N2 NAG EA . 36.21 6.18 -36.27
O3 NAG EA . 36.33 6.71 -39.03
O4 NAG EA . 38.42 5.46 -40.52
O5 NAG EA . 39.73 5.34 -37.10
O6 NAG EA . 40.90 5.03 -40.51
O7 NAG EA . 36.36 8.27 -35.42
C1 NAG FA . 38.49 -7.40 -12.54
C2 NAG FA . 38.10 -6.95 -11.13
C3 NAG FA . 39.11 -7.48 -10.13
C4 NAG FA . 39.17 -9.00 -10.24
C5 NAG FA . 39.53 -9.39 -11.67
C6 NAG FA . 39.52 -10.89 -11.90
C7 NAG FA . 36.88 -4.82 -11.25
C8 NAG FA . 36.98 -3.33 -11.12
N2 NAG FA . 38.02 -5.50 -11.05
O3 NAG FA . 38.74 -7.11 -8.81
O4 NAG FA . 40.15 -9.52 -9.35
O5 NAG FA . 38.56 -8.83 -12.58
O6 NAG FA . 40.08 -11.57 -10.79
O7 NAG FA . 35.83 -5.38 -11.52
C1 NAG GA . 31.40 -28.50 -35.04
C2 NAG GA . 30.56 -29.67 -35.55
C3 NAG GA . 29.84 -30.33 -34.39
C4 NAG GA . 30.86 -30.78 -33.35
C5 NAG GA . 31.69 -29.57 -32.90
C6 NAG GA . 32.79 -29.95 -31.93
C7 NAG GA . 29.83 -29.35 -37.88
C8 NAG GA . 28.74 -28.85 -38.77
N2 NAG GA . 29.61 -29.24 -36.56
O3 NAG GA . 29.09 -31.44 -34.85
O4 NAG GA . 30.20 -31.35 -32.23
O5 NAG GA . 32.32 -28.96 -34.03
O6 NAG GA . 32.47 -31.15 -31.23
O7 NAG GA . 30.87 -29.82 -38.33
C1 NAG HA . -19.38 -32.54 -12.78
C2 NAG HA . -20.77 -32.57 -12.15
C3 NAG HA . -21.82 -32.67 -13.24
C4 NAG HA . -21.66 -31.47 -14.18
C5 NAG HA . -20.24 -31.46 -14.75
C6 NAG HA . -19.97 -30.25 -15.61
C7 NAG HA . -20.91 -33.55 -9.89
C8 NAG HA . -21.04 -34.81 -9.10
N2 NAG HA . -20.90 -33.69 -11.22
O3 NAG HA . -23.11 -32.66 -12.67
O4 NAG HA . -22.59 -31.57 -15.25
O5 NAG HA . -19.28 -31.42 -13.69
O6 NAG HA . -20.88 -30.18 -16.70
O7 NAG HA . -20.80 -32.45 -9.35
C1 NAG IA . -3.25 -43.11 -8.80
C2 NAG IA . -3.27 -44.62 -9.00
C3 NAG IA . -1.84 -45.12 -9.14
C4 NAG IA . -1.17 -44.42 -10.31
C5 NAG IA . -1.24 -42.91 -10.08
C6 NAG IA . -0.67 -42.12 -11.24
C7 NAG IA . -5.24 -45.63 -7.93
C8 NAG IA . -5.77 -46.31 -6.70
N2 NAG IA . -3.94 -45.29 -7.89
O3 NAG IA . -1.85 -46.53 -9.36
O4 NAG IA . 0.18 -44.83 -10.43
O5 NAG IA . -2.60 -42.48 -9.92
O6 NAG IA . 0.33 -42.86 -11.93
O7 NAG IA . -5.95 -45.38 -8.89
C1 NAG JA . -8.44 -24.71 -20.50
C2 NAG JA . -7.69 -26.02 -20.69
C3 NAG JA . -6.85 -25.94 -21.95
C4 NAG JA . -7.74 -25.63 -23.14
C5 NAG JA . -8.48 -24.32 -22.88
C6 NAG JA . -9.46 -23.96 -23.98
C7 NAG JA . -7.28 -27.08 -18.51
C8 NAG JA . -6.28 -27.28 -17.42
N2 NAG JA . -6.86 -26.33 -19.54
O3 NAG JA . -6.19 -27.19 -22.16
O4 NAG JA . -6.95 -25.49 -24.32
O5 NAG JA . -9.23 -24.43 -21.67
O6 NAG JA . -10.42 -23.02 -23.52
O7 NAG JA . -8.40 -27.57 -18.48
C1 NAG KA . 0.99 57.95 7.73
C2 NAG KA . 0.00 58.68 8.63
C3 NAG KA . -1.42 58.28 8.26
C4 NAG KA . -1.67 58.57 6.79
C5 NAG KA . -0.64 57.83 5.94
C6 NAG KA . -0.76 58.13 4.47
C7 NAG KA . 0.98 59.22 10.82
C8 NAG KA . 1.15 58.77 12.24
N2 NAG KA . 0.26 58.41 10.03
O3 NAG KA . -2.35 58.99 9.07
O4 NAG KA . -2.97 58.14 6.42
O5 NAG KA . 0.69 58.22 6.34
O6 NAG KA . -2.07 58.58 4.15
O7 NAG KA . 1.49 60.25 10.39
C1 NAG LA . -2.47 3.70 42.36
C2 NAG LA . -3.62 2.73 42.12
C3 NAG LA . -4.64 2.87 43.23
C4 NAG LA . -3.98 2.63 44.57
C5 NAG LA . -2.81 3.60 44.74
C6 NAG LA . -2.04 3.36 46.02
C7 NAG LA . -3.80 2.35 39.70
C8 NAG LA . -4.55 2.68 38.45
N2 NAG LA . -4.23 2.93 40.83
O3 NAG LA . -5.70 1.94 43.03
O4 NAG LA . -4.92 2.82 45.63
O5 NAG LA . -1.88 3.45 43.65
O6 NAG LA . -2.87 3.42 47.16
O7 NAG LA . -2.84 1.59 39.69
C1 NAG MA . 21.16 54.17 -16.22
C2 NAG MA . 22.25 54.59 -15.23
C3 NAG MA . 22.89 55.89 -15.71
C4 NAG MA . 23.45 55.69 -17.10
C5 NAG MA . 22.33 55.24 -18.03
C6 NAG MA . 22.80 54.95 -19.44
C7 NAG MA . 22.31 54.37 -12.77
C8 NAG MA . 21.59 54.66 -11.50
N2 NAG MA . 21.70 54.77 -13.89
O3 NAG MA . 23.94 56.25 -14.81
O4 NAG MA . 24.00 56.91 -17.58
O5 NAG MA . 21.73 54.05 -17.53
O6 NAG MA . 23.58 56.01 -19.96
O7 NAG MA . 23.39 53.80 -12.80
C1 NAG NA . 30.27 38.33 0.51
C2 NAG NA . 30.56 39.55 1.37
C3 NAG NA . 31.95 39.41 2.00
C4 NAG NA . 32.00 38.13 2.81
C5 NAG NA . 31.68 36.95 1.90
C6 NAG NA . 31.64 35.63 2.65
C7 NAG NA . 30.27 41.98 1.14
C8 NAG NA . 30.19 43.13 0.19
N2 NAG NA . 30.48 40.78 0.60
O3 NAG NA . 32.21 40.52 2.84
O4 NAG NA . 33.31 37.96 3.37
O5 NAG NA . 30.38 37.13 1.32
O6 NAG NA . 32.32 35.72 3.88
O7 NAG NA . 30.14 42.12 2.35
C1 NAG OA . 16.94 16.46 35.68
C2 NAG OA . 18.45 16.27 35.75
C3 NAG OA . 18.76 14.85 36.18
C4 NAG OA . 18.09 14.57 37.51
C5 NAG OA . 16.59 14.81 37.38
C6 NAG OA . 15.84 14.63 38.69
C7 NAG OA . 19.49 17.78 34.11
C8 NAG OA . 20.12 17.90 32.76
N2 NAG OA . 19.08 16.56 34.47
O3 NAG OA . 20.16 14.67 36.29
O4 NAG OA . 18.31 13.21 37.91
O5 NAG OA . 16.35 16.16 36.96
O6 NAG OA . 16.28 13.47 39.37
O7 NAG OA . 19.35 18.76 34.85
C1 NAG PA . 29.17 16.85 30.97
C2 NAG PA . 29.87 15.58 30.51
C3 NAG PA . 31.05 15.28 31.43
C4 NAG PA . 32.00 16.48 31.42
C5 NAG PA . 31.23 17.73 31.86
C6 NAG PA . 32.08 18.98 31.80
C7 NAG PA . 28.21 14.13 29.42
C8 NAG PA . 27.31 12.94 29.57
N2 NAG PA . 28.95 14.45 30.48
O3 NAG PA . 31.73 14.13 30.98
O4 NAG PA . 33.08 16.25 32.32
O5 NAG PA . 30.12 17.94 30.99
O6 NAG PA . 33.47 18.67 31.76
O7 NAG PA . 28.26 14.78 28.38
C1 NAG QA . 2.76 48.25 26.34
C2 NAG QA . 3.27 48.72 27.70
C3 NAG QA . 2.13 48.66 28.72
C4 NAG QA . 0.97 49.51 28.23
C5 NAG QA . 0.52 48.99 26.86
C6 NAG QA . -0.59 49.82 26.26
C7 NAG QA . 5.37 48.37 28.92
C8 NAG QA . 6.45 47.39 29.28
N2 NAG QA . 4.39 47.90 28.14
O3 NAG QA . 2.59 49.15 29.97
O4 NAG QA . -0.12 49.43 29.14
O5 NAG QA . 1.62 49.05 25.95
O6 NAG QA . -1.45 50.33 27.26
O7 NAG QA . 5.39 49.54 29.32
C1 NAG RA . 16.52 44.51 41.76
C2 NAG RA . 17.91 43.90 41.65
C3 NAG RA . 18.68 44.14 42.95
C4 NAG RA . 18.74 45.63 43.21
C5 NAG RA . 17.33 46.21 43.27
C6 NAG RA . 17.30 47.71 43.44
C7 NAG RA . 18.26 41.90 40.25
C8 NAG RA . 18.09 40.43 40.16
N2 NAG RA . 17.83 42.47 41.38
O3 NAG RA . 19.99 43.61 42.84
O4 NAG RA . 19.39 45.89 44.45
O5 NAG RA . 16.64 45.92 42.05
O6 NAG RA . 18.04 48.11 44.59
O7 NAG RA . 18.77 42.56 39.33
C1 NAG SA . 24.98 47.41 21.18
C2 NAG SA . 25.67 47.48 19.83
C3 NAG SA . 27.18 47.31 20.03
C4 NAG SA . 27.67 48.40 20.97
C5 NAG SA . 26.91 48.32 22.29
C6 NAG SA . 27.29 49.42 23.25
C7 NAG SA . 24.64 46.74 17.72
C8 NAG SA . 24.16 45.56 16.93
N2 NAG SA . 25.16 46.47 18.92
O3 NAG SA . 27.84 47.41 18.77
O4 NAG SA . 29.07 48.23 21.22
O5 NAG SA . 25.50 48.45 22.05
O6 NAG SA . 28.69 49.64 23.27
O7 NAG SA . 24.55 47.90 17.29
C1 NAG TA . 1.17 37.81 28.57
C2 NAG TA . 0.02 37.22 27.77
C3 NAG TA . -1.31 37.68 28.34
C4 NAG TA . -1.39 37.30 29.81
C5 NAG TA . -0.20 37.91 30.55
C6 NAG TA . -0.16 37.51 32.01
C7 NAG TA . 0.77 36.81 25.45
C8 NAG TA . 0.76 37.33 24.05
N2 NAG TA . 0.11 37.56 26.35
O3 NAG TA . -2.38 37.07 27.62
O4 NAG TA . -2.60 37.77 30.38
O5 NAG TA . 1.03 37.46 29.95
O6 NAG TA . -1.41 37.68 32.63
O7 NAG TA . 1.34 35.77 25.77
C1 NAG UA . 27.40 47.43 31.45
C2 NAG UA . 26.84 48.83 31.19
C3 NAG UA . 27.83 49.87 31.66
C4 NAG UA . 28.11 49.66 33.14
C5 NAG UA . 28.62 48.24 33.36
C6 NAG UA . 28.84 47.92 34.82
C7 NAG UA . 25.30 48.85 29.27
C8 NAG UA . 25.16 49.09 27.79
N2 NAG UA . 26.53 49.01 29.78
O3 NAG UA . 27.30 51.17 31.43
O4 NAG UA . 29.07 50.61 33.60
O5 NAG UA . 27.67 47.29 32.86
O6 NAG UA . 29.62 46.74 34.98
O7 NAG UA . 24.34 48.53 29.96
C1 NAG VA . 12.12 -24.24 30.37
C2 NAG VA . 11.96 -25.56 29.64
C3 NAG VA . 13.28 -26.33 29.68
C4 NAG VA . 14.37 -25.49 29.05
C5 NAG VA . 14.47 -24.15 29.78
C6 NAG VA . 15.47 -23.20 29.16
C7 NAG VA . 9.65 -26.41 29.73
C8 NAG VA . 8.69 -27.28 30.47
N2 NAG VA . 10.89 -26.36 30.23
O3 NAG VA . 13.14 -27.56 28.97
O4 NAG VA . 15.63 -26.16 29.13
O5 NAG VA . 13.19 -23.48 29.75
O6 NAG VA . 16.59 -23.91 28.64
O7 NAG VA . 9.33 -25.79 28.72
C1 NAG WA . 3.98 -15.34 44.90
C2 NAG WA . 3.40 -15.71 46.25
C3 NAG WA . 3.81 -14.67 47.29
C4 NAG WA . 5.32 -14.60 47.34
C5 NAG WA . 5.86 -14.25 45.96
C6 NAG WA . 7.37 -14.24 45.89
C7 NAG WA . 1.32 -16.96 45.93
C8 NAG WA . -0.19 -16.90 45.91
N2 NAG WA . 1.95 -15.82 46.19
O3 NAG WA . 3.30 -15.05 48.56
O4 NAG WA . 5.73 -13.60 48.28
O5 NAG WA . 5.41 -15.23 45.00
O6 NAG WA . 7.83 -14.45 44.57
O7 NAG WA . 1.92 -18.01 45.72
C1 NAG XA . 17.70 -10.02 28.03
C2 NAG XA . 17.65 -9.82 29.54
C3 NAG XA . 18.45 -8.58 29.91
C4 NAG XA . 19.88 -8.76 29.44
C5 NAG XA . 19.88 -9.00 27.93
C6 NAG XA . 21.26 -9.27 27.37
C7 NAG XA . 15.56 -10.75 30.43
C8 NAG XA . 14.17 -10.45 30.88
N2 NAG XA . 16.28 -9.71 30.01
O3 NAG XA . 18.43 -8.42 31.33
O4 NAG XA . 20.64 -7.59 29.73
O5 NAG XA . 19.07 -10.15 27.61
O6 NAG XA . 22.24 -8.49 28.03
O7 NAG XA . 16.02 -11.89 30.44
C1 NAG YA . -4.40 26.78 -48.88
C2 NAG YA . -4.70 26.19 -50.25
C3 NAG YA . -3.98 24.87 -50.42
C4 NAG YA . -2.48 25.09 -50.22
C5 NAG YA . -2.24 25.69 -48.85
C6 NAG YA . -0.79 26.01 -48.59
C7 NAG YA . -6.92 26.96 -50.98
C8 NAG YA . -8.38 26.60 -51.09
N2 NAG YA . -6.13 26.02 -50.45
O3 NAG YA . -4.23 24.35 -51.73
O4 NAG YA . -1.79 23.84 -50.32
O5 NAG YA . -2.96 26.93 -48.72
O6 NAG YA . -0.03 24.82 -48.37
O7 NAG YA . -6.50 28.05 -51.35
C1 NAG ZA . -41.41 -4.04 -6.69
C2 NAG ZA . -40.96 -5.47 -6.43
C3 NAG ZA . -41.77 -6.43 -7.30
C4 NAG ZA . -43.25 -6.23 -7.00
C5 NAG ZA . -43.63 -4.77 -7.24
C6 NAG ZA . -45.07 -4.48 -6.88
C7 NAG ZA . -38.61 -5.41 -5.72
C8 NAG ZA . -37.20 -5.65 -6.12
N2 NAG ZA . -39.54 -5.65 -6.65
O3 NAG ZA . -41.38 -7.76 -7.03
O4 NAG ZA . -44.03 -7.07 -7.85
O5 NAG ZA . -42.82 -3.91 -6.43
O6 NAG ZA . -45.83 -5.68 -6.81
O7 NAG ZA . -38.91 -5.04 -4.59
C1 NAG AB . 15.26 45.60 -33.65
C2 NAG AB . 14.11 46.61 -33.79
C3 NAG AB . 14.66 47.95 -34.26
C4 NAG AB . 15.72 48.43 -33.29
C5 NAG AB . 16.83 47.39 -33.17
C6 NAG AB . 17.89 47.75 -32.16
C7 NAG AB . 11.81 46.51 -34.64
C8 NAG AB . 10.91 45.93 -35.68
N2 NAG AB . 13.10 46.13 -34.70
O3 NAG AB . 13.60 48.89 -34.35
O4 NAG AB . 16.27 49.66 -33.75
O5 NAG AB . 16.27 46.14 -32.76
O6 NAG AB . 18.97 46.84 -32.20
O7 NAG AB . 11.42 47.30 -33.80
C1 NAG BB . -3.95 46.84 -17.88
C2 NAG BB . -4.98 46.42 -18.90
C3 NAG BB . -6.34 47.01 -18.51
C4 NAG BB . -6.71 46.51 -17.11
C5 NAG BB . -5.61 46.89 -16.13
C6 NAG BB . -5.84 46.34 -14.74
C7 NAG BB . -5.11 46.29 -21.35
C8 NAG BB . -4.62 46.86 -22.64
N2 NAG BB . -4.61 46.85 -20.23
O3 NAG BB . -7.33 46.62 -19.44
O4 NAG BB . -7.94 47.09 -16.70
O5 NAG BB . -4.35 46.36 -16.56
O6 NAG BB . -4.62 46.21 -14.03
O7 NAG BB . -5.92 45.37 -21.30
C1 NAG CB . -38.67 20.30 -10.05
C2 NAG CB . -38.92 21.74 -9.60
C3 NAG CB . -39.32 21.77 -8.14
C4 NAG CB . -40.56 20.90 -7.94
C5 NAG CB . -40.27 19.48 -8.42
C6 NAG CB . -41.46 18.57 -8.33
C7 NAG CB . -37.49 23.21 -10.97
C8 NAG CB . -36.23 24.02 -11.01
N2 NAG CB . -37.73 22.56 -9.83
O3 NAG CB . -39.59 23.10 -7.74
O4 NAG CB . -40.92 20.87 -6.57
O5 NAG CB . -39.86 19.51 -9.80
O6 NAG CB . -42.08 18.66 -7.06
O7 NAG CB . -38.25 23.14 -11.92
C1 NAG DB . -36.53 31.95 -5.39
C2 NAG DB . -36.20 32.39 -3.97
C3 NAG DB . -37.43 33.03 -3.33
C4 NAG DB . -37.88 34.21 -4.19
C5 NAG DB . -38.16 33.72 -5.61
C6 NAG DB . -38.53 34.84 -6.55
C7 NAG DB . -34.44 30.94 -3.06
C8 NAG DB . -34.14 29.75 -2.19
N2 NAG DB . -35.73 31.29 -3.17
O3 NAG DB . -37.12 33.48 -2.02
O4 NAG DB . -39.06 34.78 -3.65
O5 NAG DB . -36.99 33.09 -6.16
O6 NAG DB . -38.84 36.03 -5.85
O7 NAG DB . -33.56 31.54 -3.66
C1 NAG EB . -23.69 21.52 -41.88
C2 NAG EB . -25.01 21.59 -42.64
C3 NAG EB . -25.39 20.21 -43.15
C4 NAG EB . -24.26 19.69 -44.05
C5 NAG EB . -22.96 19.68 -43.26
C6 NAG EB . -21.78 19.25 -44.10
C7 NAG EB . -26.42 23.41 -41.75
C8 NAG EB . -27.53 23.77 -40.81
N2 NAG EB . -26.07 22.12 -41.78
O3 NAG EB . -26.60 20.29 -43.88
O4 NAG EB . -24.57 18.39 -44.51
O5 NAG EB . -22.66 20.99 -42.76
O6 NAG EB . -22.19 18.59 -45.28
O7 NAG EB . -25.85 24.25 -42.44
C1 NAG FB . -41.91 29.58 -36.71
C2 NAG FB . -42.59 29.41 -35.35
C3 NAG FB . -44.03 29.91 -35.44
C4 NAG FB . -44.04 31.36 -35.91
C5 NAG FB . -43.32 31.46 -37.26
C6 NAG FB . -43.21 32.89 -37.76
C7 NAG FB . -42.89 27.62 -33.69
C8 NAG FB . -42.86 26.15 -33.43
N2 NAG FB . -42.58 28.01 -34.93
O3 NAG FB . -44.68 29.83 -34.18
O4 NAG FB . -45.37 31.83 -36.05
O5 NAG FB . -41.98 30.96 -37.13
O6 NAG FB . -43.35 32.96 -39.17
O7 NAG FB . -43.19 28.43 -32.81
C1 NAG GB . -23.13 41.99 -32.81
C2 NAG GB . -22.47 42.79 -31.68
C3 NAG GB . -23.34 43.98 -31.33
C4 NAG GB . -23.55 44.84 -32.57
C5 NAG GB . -24.19 43.98 -33.66
C6 NAG GB . -24.38 44.73 -34.96
C7 NAG GB . -21.05 41.54 -30.10
C8 NAG GB . -21.03 40.69 -28.87
N2 NAG GB . -22.25 41.95 -30.51
O3 NAG GB . -22.70 44.75 -30.32
O4 NAG GB . -24.41 45.93 -32.26
O5 NAG GB . -23.35 42.86 -33.95
O6 NAG GB . -24.86 46.05 -34.74
O7 NAG GB . -20.02 41.84 -30.70
C1 NAG HB . -25.34 15.20 -34.06
C2 NAG HB . -24.04 14.44 -34.29
C3 NAG HB . -24.27 13.31 -35.28
C4 NAG HB . -25.38 12.40 -34.76
C5 NAG HB . -26.65 13.22 -34.55
C6 NAG HB . -27.78 12.41 -33.96
C7 NAG HB . -22.17 15.98 -33.94
C8 NAG HB . -21.14 16.86 -34.60
N2 NAG HB . -22.99 15.33 -34.75
O3 NAG HB . -23.07 12.57 -35.44
O4 NAG HB . -25.64 11.36 -35.71
O5 NAG HB . -26.37 14.29 -33.62
O6 NAG HB . -27.88 11.14 -34.58
O7 NAG HB . -22.25 15.89 -32.72
C1 NAG IB . -51.81 28.18 -19.55
C2 NAG IB . -52.57 28.56 -18.28
C3 NAG IB . -52.59 27.38 -17.34
C4 NAG IB . -53.24 26.20 -18.03
C5 NAG IB . -52.48 25.89 -19.32
C6 NAG IB . -53.12 24.78 -20.12
C7 NAG IB . -52.37 30.98 -17.85
C8 NAG IB . -51.63 32.04 -17.11
N2 NAG IB . -51.96 29.72 -17.64
O3 NAG IB . -53.32 27.72 -16.15
O4 NAG IB . -53.22 25.06 -17.18
O5 NAG IB . -52.45 27.05 -20.16
O6 NAG IB . -52.23 24.29 -21.12
O7 NAG IB . -53.30 31.24 -18.60
C1 NAG JB . -34.10 41.92 -34.79
C2 NAG JB . -32.93 42.49 -35.58
C3 NAG JB . -33.31 43.84 -36.15
C4 NAG JB . -34.54 43.68 -37.04
C5 NAG JB . -35.68 43.08 -36.22
C6 NAG JB . -36.91 42.80 -37.04
C7 NAG JB . -30.80 41.67 -34.68
C8 NAG JB . -29.65 41.96 -33.76
N2 NAG JB . -31.75 42.60 -34.74
O3 NAG JB . -32.23 44.36 -36.92
O4 NAG JB . -34.94 44.94 -37.54
O5 NAG JB . -35.26 41.82 -35.66
O6 NAG JB . -37.81 41.95 -36.34
O7 NAG JB . -30.85 40.63 -35.34
C1 NAG KB . -35.00 0.30 26.58
C2 NAG KB . -33.78 0.24 27.50
C3 NAG KB . -34.11 0.93 28.81
C4 NAG KB . -34.53 2.36 28.54
C5 NAG KB . -35.72 2.37 27.59
C6 NAG KB . -36.15 3.77 27.18
C7 NAG KB . -32.29 -1.69 27.12
C8 NAG KB . -32.01 -3.12 27.50
N2 NAG KB . -33.35 -1.13 27.73
O3 NAG KB . -32.96 0.90 29.65
O4 NAG KB . -34.89 3.01 29.75
O5 NAG KB . -35.39 1.67 26.37
O6 NAG KB . -35.71 4.73 28.13
O7 NAG KB . -31.60 -1.08 26.33
C1 NAG LB . -47.71 -6.03 12.59
C2 NAG LB . -48.86 -7.02 12.53
C3 NAG LB . -49.93 -6.52 11.57
C4 NAG LB . -50.41 -5.15 12.03
C5 NAG LB . -49.22 -4.20 12.10
C6 NAG LB . -49.58 -2.84 12.64
C7 NAG LB . -48.11 -9.32 13.00
C8 NAG LB . -47.64 -10.62 12.41
N2 NAG LB . -48.40 -8.34 12.13
O3 NAG LB . -51.01 -7.44 11.55
O4 NAG LB . -51.37 -4.64 11.12
O5 NAG LB . -48.22 -4.74 12.99
O6 NAG LB . -50.95 -2.54 12.41
O7 NAG LB . -48.21 -9.16 14.22
C1 NAG MB . -33.62 11.04 15.24
C2 NAG MB . -35.14 10.94 15.29
C3 NAG MB . -35.75 11.94 14.33
C4 NAG MB . -35.28 13.35 14.70
C5 NAG MB . -33.76 13.38 14.67
C6 NAG MB . -33.19 14.72 15.11
C7 NAG MB . -35.83 8.65 15.88
C8 NAG MB . -36.27 7.32 15.36
N2 NAG MB . -35.59 9.59 14.97
O3 NAG MB . -37.17 11.87 14.40
O4 NAG MB . -35.80 14.30 13.77
O5 NAG MB . -33.22 12.40 15.57
O6 NAG MB . -31.78 14.66 15.26
O7 NAG MB . -35.67 8.86 17.09
#